data_7WYT
#
_entry.id   7WYT
#
_cell.length_a   115.621
_cell.length_b   117.810
_cell.length_c   493.203
_cell.angle_alpha   90.000
_cell.angle_beta   90.000
_cell.angle_gamma   90.000
#
_symmetry.space_group_name_H-M   'P 21 21 21'
#
loop_
_entity.id
_entity.type
_entity.pdbx_description
1 polymer 'Sodium/potassium-transporting ATPase subunit alpha-1'
2 polymer 'Sodium/potassium-transporting ATPase subunit beta-1'
3 polymer 'FXYD domain-containing ion transport regulator'
4 branched 2-acetamido-2-deoxy-beta-D-glucopyranose-(1-4)-2-acetamido-2-deoxy-beta-D-glucopyranose
5 non-polymer 'MAGNESIUM ION'
6 non-polymer 'SODIUM ION'
7 non-polymer CHOLESTEROL
8 non-polymer 1,2-DIOLEOYL-SN-GLYCERO-3-PHOSPHOCHOLINE
9 non-polymer OUABAIN
10 non-polymer 2-acetamido-2-deoxy-beta-D-glucopyranose
11 water water
#
loop_
_entity_poly.entity_id
_entity_poly.type
_entity_poly.pdbx_seq_one_letter_code
_entity_poly.pdbx_strand_id
1 'polypeptide(L)'
;GRDKYEPAAVSEHGDKKKAKKERDMDELKKEVSMDDHKLSLDELHRKYGTDLSRGLTPARAAEILARDGPNALTPPPTTP
EWVKFCRQLFGGFSMLLWIGAILCFLAYGIQAATEEEPQNDNLYLGVVLSAVVIITGCFSYYQEAKSSKIMESFKNMVPQ
QALVIRNGEKMSINAEEVVVGDLVEVKGGDRIPADLRIISANGCKVDNSSLTGESEPQTRSPDFTNENPLETRNIAFFST
NCVEGTARGIVVYTGDRTVMGRIATLASGLEGGQTPIAAEIEHFIHIITGVAVFLGVSFFILSLILEYTWLEAVIFLIGI
IVANVPEGLLATVTVCLTLTAKRMARKNCLVKNLEAVETLGSTSTICS(PHD)KTGTLTQNRMTVAHMWSDNQIHEADTT
ENQSGVSFDKTSATWLALSRIAGLCNRAVFQANQENLPILKRAVAGDASESALLKCIELCCGSVKEMRERYTKIVEIPFN
STNKYQLSIHKNPNTAEPRHLLVMKGAPERILDRCSSILIHGKEQPLDEELKDAFQNAYLELGGLGERVLGFCHLFLPDE
QFPEGFQFDTDDVNFPLDNLCFVGLISMIDPPRAAVPDAVGKCRSAGIKVIMVTGDHPITAKAIAKGVGIISEGNETVED
IAARLNIPVSQVNPRDAKACVVHGSDLKDMTSEQLDDILKYHTEIVFARTSPQQKLIIVEGCQRQGAIVAVTGDGVNDSP
ASKKADIGVAMGIAGSDVSKQAADMILLDDNFASIVTGVEEGRLIFDNLKKSIAYTLTSNIPEITPFLIFIIANIPLPLG
TVTILCIDLGTDMVPAISLAYEQAESDIMKRQPRNPKTDKLVNEQLISMAYGQIGMIQALGGFFTYFVILAENGFLPIHL
LGLRVNWDDRWINDVEDSYGQQWTYEQRKIVEFTCHTPFFVTIVVVQWADLVICKTRRNSVFQQGMKNKILIFGLFEETA
LAAFLSYCPGMGVALRMYPLKPTWWFCAFPYSLLIFVYDEVRKLIIRRRPGGWVEKETYY
;
A,C
2 'polypeptide(L)'
;MARGKAKEEGSWKKFIWNSEKKEFLGRTGGSWFKILLFYVIFYGCLAGIFIGTIQVMLLTISEFKPTYQDRVAPPGLTQI
PQSQKTEISFRPNDPQSYESYVVSIVRFLEKYKDLAQKDDMIFEDCGNVPSELKERGEYNNERGERKVCRFRLEWLGNCS
GLNDETYGYKDGKPCVIIKLNRVLGFKPKPPKNESLETYPVMKYNPYVLPVHCTGKRDEDKEKVGTMEYFGLGGYPGFPL
QYYPYYGKLLQPKYLQPLMAVQFTNLTMDTEIRIECKAYGENIGYSEKDRFQGRFDVKIEVKS
;
B,D
3 'polypeptide(L)' MAGLSTDDGGSPKGDVDPFYYDYETVRNGGLIFAALAFIVGLIIILSKRLRCGGKKHRPINEDEL G,E
#
# COMPACT_ATOMS: atom_id res chain seq x y z
N LYS A 21 -18.79 -12.33 65.26
CA LYS A 21 -18.10 -11.68 66.36
C LYS A 21 -16.60 -11.64 66.08
N GLU A 22 -16.24 -11.72 64.79
CA GLU A 22 -14.85 -11.70 64.38
C GLU A 22 -14.21 -10.33 64.51
N ARG A 23 -15.01 -9.26 64.67
CA ARG A 23 -14.46 -7.91 64.83
C ARG A 23 -13.59 -7.83 66.07
N ASP A 24 -14.09 -8.35 67.20
CA ASP A 24 -13.33 -8.34 68.44
C ASP A 24 -12.08 -9.22 68.32
N MET A 25 -12.21 -10.33 67.60
CA MET A 25 -11.07 -11.23 67.41
C MET A 25 -9.95 -10.53 66.66
N ASP A 26 -10.29 -9.74 65.64
CA ASP A 26 -9.25 -9.02 64.89
C ASP A 26 -8.71 -7.84 65.69
N GLU A 27 -9.56 -7.20 66.49
CA GLU A 27 -9.10 -6.08 67.30
C GLU A 27 -8.13 -6.53 68.37
N LEU A 28 -8.35 -7.71 68.97
CA LEU A 28 -7.39 -8.20 69.96
C LEU A 28 -6.10 -8.67 69.30
N LYS A 29 -6.04 -8.66 67.97
CA LYS A 29 -4.84 -9.04 67.23
C LYS A 29 -4.11 -7.83 66.66
N LYS A 30 -4.77 -6.67 66.62
CA LYS A 30 -4.09 -5.47 66.18
C LYS A 30 -3.26 -4.85 67.31
N GLU A 31 -3.42 -5.35 68.53
CA GLU A 31 -2.69 -4.87 69.70
C GLU A 31 -1.37 -5.60 69.85
N VAL A 32 -0.33 -4.87 70.30
CA VAL A 32 0.97 -5.49 70.52
C VAL A 32 0.84 -6.48 71.67
N SER A 33 1.60 -7.56 71.60
CA SER A 33 1.50 -8.64 72.57
C SER A 33 1.91 -8.25 73.99
N MET A 34 1.40 -9.05 74.93
CA MET A 34 1.65 -8.98 76.36
C MET A 34 2.38 -10.26 76.74
N ASP A 35 2.85 -10.35 77.98
CA ASP A 35 3.57 -11.56 78.38
C ASP A 35 3.69 -11.63 79.89
N ASP A 36 4.31 -12.73 80.33
CA ASP A 36 4.61 -13.04 81.73
C ASP A 36 6.06 -13.49 81.84
N HIS A 37 6.92 -12.98 80.95
CA HIS A 37 8.33 -13.37 80.94
C HIS A 37 9.04 -12.94 82.22
N LYS A 38 8.68 -11.78 82.76
CA LYS A 38 9.29 -11.24 83.98
C LYS A 38 8.80 -12.06 85.17
N LEU A 39 9.38 -13.25 85.32
CA LEU A 39 9.04 -14.16 86.40
C LEU A 39 10.26 -14.94 86.84
N SER A 40 10.37 -15.15 88.16
CA SER A 40 11.47 -15.93 88.70
C SER A 40 11.34 -17.37 88.21
N LEU A 41 12.47 -18.09 88.18
CA LEU A 41 12.45 -19.47 87.69
C LEU A 41 11.50 -20.34 88.51
N ASP A 42 11.35 -20.03 89.81
CA ASP A 42 10.44 -20.80 90.64
C ASP A 42 8.98 -20.45 90.32
N GLU A 43 8.69 -19.16 90.13
CA GLU A 43 7.32 -18.76 89.80
C GLU A 43 6.93 -19.32 88.43
N LEU A 44 7.88 -19.38 87.50
CA LEU A 44 7.61 -19.92 86.18
C LEU A 44 7.32 -21.42 86.27
N HIS A 45 8.20 -22.15 86.96
CA HIS A 45 8.00 -23.59 87.10
C HIS A 45 6.74 -23.90 87.90
N ARG A 46 6.31 -23.01 88.80
CA ARG A 46 5.08 -23.24 89.55
C ARG A 46 3.85 -22.95 88.70
N LYS A 47 3.93 -21.93 87.84
CA LYS A 47 2.80 -21.61 86.98
C LYS A 47 2.59 -22.69 85.92
N TYR A 48 3.68 -23.18 85.32
CA TYR A 48 3.56 -24.19 84.27
C TYR A 48 3.66 -25.63 84.78
N GLY A 49 4.29 -25.87 85.92
CA GLY A 49 4.42 -27.23 86.39
C GLY A 49 5.36 -28.02 85.50
N THR A 50 6.65 -27.67 85.54
CA THR A 50 7.65 -28.34 84.71
C THR A 50 8.99 -28.36 85.42
N ASP A 51 9.70 -29.48 85.32
CA ASP A 51 11.02 -29.60 85.92
C ASP A 51 11.99 -28.79 85.06
N LEU A 52 12.81 -27.97 85.71
CA LEU A 52 13.74 -27.11 84.97
C LEU A 52 14.88 -27.88 84.31
N SER A 53 15.19 -29.09 84.77
CA SER A 53 16.26 -29.89 84.18
C SER A 53 15.78 -31.22 83.62
N ARG A 54 14.52 -31.59 83.85
CA ARG A 54 13.96 -32.83 83.35
C ARG A 54 12.72 -32.63 82.50
N GLY A 55 12.20 -31.40 82.42
CA GLY A 55 11.01 -31.17 81.63
C GLY A 55 9.79 -31.78 82.29
N LEU A 56 9.09 -32.64 81.57
CA LEU A 56 7.91 -33.30 82.08
C LEU A 56 7.84 -34.72 81.54
N THR A 57 6.94 -35.50 82.12
CA THR A 57 6.75 -36.87 81.66
C THR A 57 6.15 -36.86 80.26
N PRO A 58 6.53 -37.80 79.39
CA PRO A 58 5.97 -37.82 78.03
C PRO A 58 4.46 -37.94 77.99
N ALA A 59 3.86 -38.56 79.01
CA ALA A 59 2.40 -38.68 79.04
C ALA A 59 1.77 -37.30 79.18
N ARG A 60 2.39 -36.42 79.97
CA ARG A 60 1.89 -35.07 80.12
C ARG A 60 2.02 -34.31 78.79
N ALA A 61 3.12 -34.57 78.07
CA ALA A 61 3.32 -33.93 76.78
C ALA A 61 2.24 -34.33 75.80
N ALA A 62 1.92 -35.63 75.73
CA ALA A 62 0.86 -36.06 74.83
C ALA A 62 -0.50 -35.56 75.32
N GLU A 63 -0.67 -35.39 76.63
CA GLU A 63 -1.91 -34.89 77.18
C GLU A 63 -2.17 -33.46 76.74
N ILE A 64 -1.11 -32.69 76.54
CA ILE A 64 -1.28 -31.32 76.04
C ILE A 64 -1.35 -31.30 74.52
N LEU A 65 -0.56 -32.18 73.88
CA LEU A 65 -0.54 -32.29 72.42
C LEU A 65 -1.92 -32.58 71.89
N ALA A 66 -2.67 -33.44 72.58
CA ALA A 66 -4.03 -33.77 72.19
C ALA A 66 -5.05 -32.91 72.94
N ARG A 67 -4.60 -31.78 73.49
CA ARG A 67 -5.46 -30.86 74.23
C ARG A 67 -5.63 -29.53 73.52
N ASP A 68 -4.54 -28.91 73.05
CA ASP A 68 -4.67 -27.61 72.40
C ASP A 68 -4.22 -27.55 70.94
N GLY A 69 -3.54 -28.57 70.42
CA GLY A 69 -3.11 -28.55 69.05
C GLY A 69 -1.60 -28.57 68.87
N PRO A 70 -1.14 -29.20 67.79
CA PRO A 70 0.30 -29.28 67.53
C PRO A 70 0.93 -27.91 67.31
N ASN A 71 2.22 -27.83 67.59
CA ASN A 71 2.99 -26.59 67.45
C ASN A 71 3.24 -26.30 65.97
N ALA A 72 2.23 -25.71 65.34
CA ALA A 72 2.28 -25.32 63.93
C ALA A 72 1.09 -24.43 63.66
N LEU A 73 1.30 -23.41 62.82
CA LEU A 73 0.21 -22.50 62.50
C LEU A 73 -0.85 -23.24 61.70
N THR A 74 -2.10 -22.84 61.90
CA THR A 74 -3.18 -23.44 61.15
C THR A 74 -2.91 -23.17 59.68
N PRO A 75 -3.05 -24.16 58.80
CA PRO A 75 -2.78 -23.94 57.38
C PRO A 75 -3.59 -22.78 56.83
N PRO A 76 -3.18 -22.20 55.72
CA PRO A 76 -3.92 -21.07 55.15
C PRO A 76 -5.32 -21.51 54.75
N PRO A 77 -6.21 -20.56 54.48
CA PRO A 77 -7.57 -20.92 54.05
C PRO A 77 -7.52 -21.39 52.61
N THR A 78 -7.82 -22.66 52.39
CA THR A 78 -7.77 -23.21 51.03
C THR A 78 -8.81 -22.53 50.16
N THR A 79 -8.39 -22.21 48.93
CA THR A 79 -9.22 -21.52 47.94
C THR A 79 -9.55 -22.49 46.82
N PRO A 80 -10.73 -23.13 46.85
CA PRO A 80 -11.07 -24.08 45.78
C PRO A 80 -11.04 -23.40 44.43
N GLU A 81 -10.75 -24.18 43.39
CA GLU A 81 -10.60 -23.63 42.06
C GLU A 81 -11.91 -23.22 41.42
N TRP A 82 -13.04 -23.79 41.80
CA TRP A 82 -14.27 -23.34 41.19
C TRP A 82 -14.68 -21.98 41.74
N VAL A 83 -14.22 -21.66 42.96
CA VAL A 83 -14.56 -20.36 43.54
C VAL A 83 -13.89 -19.25 42.77
N LYS A 84 -12.59 -19.36 42.49
CA LYS A 84 -11.93 -18.29 41.76
C LYS A 84 -12.26 -18.31 40.27
N PHE A 85 -12.79 -19.41 39.75
CA PHE A 85 -13.23 -19.38 38.35
C PHE A 85 -14.54 -18.61 38.28
N CYS A 86 -15.41 -18.83 39.26
CA CYS A 86 -16.64 -18.06 39.32
C CYS A 86 -16.31 -16.59 39.60
N ARG A 87 -15.19 -16.35 40.32
CA ARG A 87 -14.75 -14.98 40.57
C ARG A 87 -14.37 -14.30 39.27
N GLN A 88 -13.61 -15.01 38.42
CA GLN A 88 -13.22 -14.43 37.14
C GLN A 88 -14.42 -14.24 36.21
N LEU A 89 -15.49 -15.00 36.43
CA LEU A 89 -16.68 -14.84 35.60
C LEU A 89 -17.48 -13.60 35.97
N PHE A 90 -17.21 -13.02 37.15
CA PHE A 90 -17.87 -11.80 37.64
C PHE A 90 -16.90 -10.62 37.68
N GLY A 91 -17.27 -9.58 38.44
CA GLY A 91 -16.45 -8.40 38.55
C GLY A 91 -17.26 -7.16 38.26
N GLY A 92 -16.67 -6.20 37.54
CA GLY A 92 -17.41 -5.01 37.21
C GLY A 92 -17.66 -4.89 35.72
N PHE A 93 -16.65 -5.22 34.92
CA PHE A 93 -16.79 -5.15 33.47
C PHE A 93 -17.59 -6.33 32.96
N SER A 94 -17.22 -7.54 33.40
CA SER A 94 -17.94 -8.74 32.98
C SER A 94 -19.38 -8.66 33.46
N MET A 95 -19.63 -7.93 34.55
CA MET A 95 -21.00 -7.78 35.03
C MET A 95 -21.79 -6.88 34.09
N LEU A 96 -21.16 -5.83 33.55
CA LEU A 96 -21.86 -4.99 32.59
C LEU A 96 -22.21 -5.81 31.35
N LEU A 97 -21.28 -6.68 30.93
CA LEU A 97 -21.61 -7.53 29.79
C LEU A 97 -22.68 -8.56 30.16
N TRP A 98 -22.76 -8.93 31.44
CA TRP A 98 -23.80 -9.86 31.87
C TRP A 98 -25.17 -9.21 31.81
N ILE A 99 -25.27 -7.98 32.32
CA ILE A 99 -26.56 -7.28 32.25
C ILE A 99 -26.90 -7.01 30.79
N GLY A 100 -25.89 -6.87 29.93
CA GLY A 100 -26.17 -6.69 28.52
C GLY A 100 -26.78 -7.95 27.93
N ALA A 101 -26.22 -9.12 28.29
CA ALA A 101 -26.77 -10.38 27.80
C ALA A 101 -28.20 -10.58 28.32
N ILE A 102 -28.42 -10.24 29.59
CA ILE A 102 -29.75 -10.37 30.18
C ILE A 102 -30.74 -9.49 29.43
N LEU A 103 -30.37 -8.24 29.17
CA LEU A 103 -31.25 -7.34 28.43
C LEU A 103 -31.48 -7.86 27.02
N CYS A 104 -30.50 -8.56 26.44
CA CYS A 104 -30.68 -9.12 25.10
C CYS A 104 -31.74 -10.21 25.11
N PHE A 105 -31.70 -11.09 26.11
CA PHE A 105 -32.70 -12.16 26.15
C PHE A 105 -34.07 -11.61 26.57
N LEU A 106 -34.11 -10.52 27.35
CA LEU A 106 -35.40 -9.93 27.70
C LEU A 106 -36.04 -9.31 26.47
N ALA A 107 -35.24 -8.56 25.69
CA ALA A 107 -35.75 -7.97 24.46
C ALA A 107 -36.15 -9.05 23.47
N TYR A 108 -35.40 -10.16 23.44
CA TYR A 108 -35.74 -11.24 22.54
C TYR A 108 -37.04 -11.92 22.95
N GLY A 109 -37.28 -12.05 24.26
CA GLY A 109 -38.53 -12.64 24.70
C GLY A 109 -39.72 -11.76 24.34
N ILE A 110 -39.54 -10.43 24.49
CA ILE A 110 -40.59 -9.50 24.13
C ILE A 110 -40.88 -9.58 22.63
N GLN A 111 -39.81 -9.52 21.81
CA GLN A 111 -39.96 -9.60 20.36
C GLN A 111 -40.53 -10.93 19.91
N ALA A 112 -40.28 -11.99 20.68
CA ALA A 112 -40.77 -13.31 20.31
C ALA A 112 -42.26 -13.42 20.57
N ALA A 113 -42.67 -13.23 21.82
CA ALA A 113 -44.08 -13.36 22.16
C ALA A 113 -44.97 -12.29 21.55
N THR A 114 -44.45 -11.12 21.17
CA THR A 114 -45.37 -10.11 20.67
C THR A 114 -45.53 -10.01 19.14
N GLU A 115 -44.50 -10.27 18.34
CA GLU A 115 -44.68 -10.08 16.89
C GLU A 115 -44.47 -11.35 16.08
N GLU A 116 -44.92 -11.26 14.81
CA GLU A 116 -44.82 -12.34 13.85
C GLU A 116 -43.38 -12.51 13.37
N GLU A 117 -42.99 -13.77 13.12
CA GLU A 117 -41.66 -14.23 12.68
C GLU A 117 -40.55 -13.39 13.31
N PRO A 118 -40.39 -13.46 14.63
CA PRO A 118 -39.36 -12.67 15.30
C PRO A 118 -37.96 -12.99 14.78
N GLN A 119 -37.08 -12.01 14.88
CA GLN A 119 -35.71 -12.16 14.43
C GLN A 119 -34.82 -12.65 15.56
N ASN A 120 -33.79 -13.38 15.19
CA ASN A 120 -32.85 -13.97 16.12
C ASN A 120 -31.63 -13.11 16.40
N ASP A 121 -31.62 -11.86 15.92
CA ASP A 121 -30.54 -10.91 16.16
C ASP A 121 -30.21 -10.79 17.65
N ASN A 122 -31.20 -10.38 18.44
CA ASN A 122 -31.01 -10.18 19.88
C ASN A 122 -30.55 -11.46 20.58
N LEU A 123 -31.05 -12.62 20.15
CA LEU A 123 -30.65 -13.87 20.80
C LEU A 123 -29.20 -14.22 20.49
N TYR A 124 -28.81 -14.12 19.22
CA TYR A 124 -27.42 -14.42 18.88
C TYR A 124 -26.49 -13.42 19.54
N LEU A 125 -26.93 -12.16 19.66
CA LEU A 125 -26.11 -11.14 20.32
C LEU A 125 -25.93 -11.46 21.80
N GLY A 126 -27.01 -11.92 22.45
CA GLY A 126 -26.91 -12.26 23.85
C GLY A 126 -25.99 -13.45 24.10
N VAL A 127 -26.10 -14.49 23.27
CA VAL A 127 -25.22 -15.63 23.47
C VAL A 127 -23.78 -15.24 23.14
N VAL A 128 -23.58 -14.30 22.22
CA VAL A 128 -22.21 -13.86 21.91
C VAL A 128 -21.63 -13.11 23.11
N LEU A 129 -22.42 -12.23 23.73
CA LEU A 129 -21.92 -11.49 24.91
C LEU A 129 -21.61 -12.45 26.05
N SER A 130 -22.46 -13.48 26.24
CA SER A 130 -22.20 -14.46 27.28
C SER A 130 -20.91 -15.21 26.99
N ALA A 131 -20.69 -15.55 25.72
CA ALA A 131 -19.46 -16.24 25.34
C ALA A 131 -18.25 -15.36 25.59
N VAL A 132 -18.40 -14.04 25.35
CA VAL A 132 -17.30 -13.10 25.58
C VAL A 132 -16.91 -13.11 27.05
N VAL A 133 -17.90 -13.05 27.93
CA VAL A 133 -17.62 -13.06 29.37
C VAL A 133 -16.96 -14.37 29.78
N ILE A 134 -17.48 -15.50 29.29
CA ILE A 134 -16.93 -16.80 29.66
C ILE A 134 -15.49 -16.96 29.17
N ILE A 135 -15.21 -16.57 27.93
CA ILE A 135 -13.86 -16.70 27.38
C ILE A 135 -12.88 -15.81 28.12
N THR A 136 -13.28 -14.56 28.40
CA THR A 136 -12.39 -13.68 29.16
C THR A 136 -12.12 -14.28 30.53
N GLY A 137 -13.14 -14.90 31.14
CA GLY A 137 -12.94 -15.54 32.42
C GLY A 137 -11.97 -16.69 32.31
N CYS A 138 -12.07 -17.49 31.25
CA CYS A 138 -11.17 -18.63 31.06
C CYS A 138 -9.73 -18.17 30.93
N PHE A 139 -9.49 -17.11 30.15
CA PHE A 139 -8.13 -16.62 29.96
C PHE A 139 -7.56 -16.02 31.24
N SER A 140 -8.32 -15.11 31.87
CA SER A 140 -7.84 -14.47 33.08
C SER A 140 -7.62 -15.49 34.20
N TYR A 141 -8.51 -16.47 34.30
CA TYR A 141 -8.38 -17.50 35.31
C TYR A 141 -7.14 -18.35 35.03
N TYR A 142 -6.89 -18.66 33.76
CA TYR A 142 -5.71 -19.46 33.42
C TYR A 142 -4.44 -18.71 33.80
N GLN A 143 -4.43 -17.39 33.65
CA GLN A 143 -3.26 -16.61 34.01
C GLN A 143 -3.04 -16.56 35.52
N GLU A 144 -4.09 -16.24 36.28
CA GLU A 144 -3.93 -16.19 37.74
C GLU A 144 -3.60 -17.56 38.31
N ALA A 145 -4.16 -18.63 37.70
CA ALA A 145 -3.84 -19.97 38.14
C ALA A 145 -2.38 -20.30 37.82
N LYS A 146 -1.87 -19.79 36.69
CA LYS A 146 -0.47 -20.03 36.37
C LYS A 146 0.45 -19.36 37.39
N SER A 147 0.07 -18.15 37.81
CA SER A 147 0.86 -17.45 38.82
C SER A 147 0.88 -18.24 40.14
N SER A 148 -0.30 -18.68 40.59
CA SER A 148 -0.35 -19.45 41.84
C SER A 148 0.37 -20.79 41.71
N LYS A 149 0.29 -21.45 40.56
CA LYS A 149 0.98 -22.72 40.40
C LYS A 149 2.49 -22.53 40.47
N ILE A 150 3.04 -21.56 39.73
CA ILE A 150 4.47 -21.34 39.80
C ILE A 150 4.86 -20.85 41.20
N MET A 151 3.88 -20.35 41.98
CA MET A 151 4.16 -19.95 43.35
C MET A 151 4.24 -21.17 44.28
N GLU A 152 3.42 -22.19 44.01
CA GLU A 152 3.48 -23.40 44.85
C GLU A 152 4.80 -24.14 44.70
N SER A 153 5.50 -23.94 43.58
CA SER A 153 6.78 -24.60 43.35
C SER A 153 7.91 -23.96 44.15
N PHE A 154 7.58 -23.02 45.04
CA PHE A 154 8.56 -22.35 45.90
C PHE A 154 8.40 -22.76 47.36
N LYS A 155 7.36 -23.51 47.71
CA LYS A 155 7.19 -23.94 49.09
C LYS A 155 8.05 -25.17 49.29
N ASN A 156 9.26 -24.95 49.81
CA ASN A 156 10.17 -26.04 50.09
C ASN A 156 10.26 -26.15 51.60
N MET A 157 9.11 -26.46 52.20
CA MET A 157 8.97 -26.58 53.63
C MET A 157 9.58 -27.92 54.04
N VAL A 158 10.79 -27.86 54.59
CA VAL A 158 11.50 -29.04 55.05
C VAL A 158 11.18 -29.20 56.53
N PRO A 159 10.71 -30.37 56.96
CA PRO A 159 10.41 -30.55 58.39
C PRO A 159 11.66 -30.36 59.22
N GLN A 160 11.50 -29.72 60.37
CA GLN A 160 12.62 -29.43 61.27
C GLN A 160 12.29 -29.96 62.66
N GLN A 161 13.05 -30.95 63.11
CA GLN A 161 12.86 -31.55 64.42
C GLN A 161 13.61 -30.79 65.51
N ALA A 162 12.93 -30.57 66.62
CA ALA A 162 13.46 -29.87 67.78
C ALA A 162 14.02 -30.83 68.81
N LEU A 163 14.97 -30.33 69.61
CA LEU A 163 15.59 -31.10 70.68
C LEU A 163 14.89 -30.71 71.98
N VAL A 164 14.08 -31.64 72.50
CA VAL A 164 13.30 -31.44 73.71
C VAL A 164 13.77 -32.39 74.79
N ILE A 165 13.87 -31.88 76.02
CA ILE A 165 14.29 -32.67 77.17
C ILE A 165 13.04 -32.97 77.99
N ARG A 166 12.65 -34.24 78.02
CA ARG A 166 11.46 -34.66 78.75
C ARG A 166 11.80 -35.86 79.62
N ASN A 167 11.21 -35.88 80.82
CA ASN A 167 11.40 -36.94 81.81
C ASN A 167 12.87 -37.14 82.16
N GLY A 168 13.70 -36.12 81.96
CA GLY A 168 15.10 -36.22 82.26
C GLY A 168 15.97 -36.74 81.14
N GLU A 169 15.44 -36.85 79.92
CA GLU A 169 16.23 -37.36 78.80
C GLU A 169 16.06 -36.47 77.58
N LYS A 170 17.11 -36.42 76.76
CA LYS A 170 17.14 -35.62 75.55
C LYS A 170 16.60 -36.43 74.37
N MET A 171 15.62 -35.88 73.66
CA MET A 171 15.04 -36.55 72.51
C MET A 171 14.72 -35.52 71.44
N SER A 172 14.87 -35.90 70.18
CA SER A 172 14.61 -35.00 69.05
C SER A 172 13.31 -35.43 68.39
N ILE A 173 12.29 -34.60 68.49
CA ILE A 173 10.97 -34.89 67.95
C ILE A 173 10.55 -33.83 66.93
N ASN A 174 9.50 -34.15 66.18
CA ASN A 174 8.98 -33.22 65.18
C ASN A 174 8.55 -31.93 65.86
N ALA A 175 8.68 -30.81 65.15
CA ALA A 175 8.33 -29.51 65.73
C ALA A 175 6.85 -29.41 66.10
N GLU A 176 5.99 -30.17 65.43
CA GLU A 176 4.57 -30.11 65.76
C GLU A 176 4.25 -30.86 67.03
N GLU A 177 5.10 -31.80 67.44
CA GLU A 177 4.83 -32.56 68.66
C GLU A 177 5.29 -31.82 69.91
N VAL A 178 5.75 -30.58 69.79
CA VAL A 178 6.18 -29.80 70.93
C VAL A 178 4.96 -29.16 71.58
N VAL A 179 4.93 -29.14 72.91
CA VAL A 179 3.80 -28.59 73.64
C VAL A 179 4.24 -27.46 74.56
N VAL A 180 3.30 -26.90 75.30
CA VAL A 180 3.56 -25.82 76.23
C VAL A 180 4.21 -26.35 77.49
N GLY A 181 5.07 -25.54 78.09
CA GLY A 181 5.73 -25.88 79.33
C GLY A 181 6.61 -27.11 79.41
N ASP A 182 7.64 -27.19 78.56
CA ASP A 182 8.56 -28.31 78.59
C ASP A 182 9.93 -27.80 78.20
N LEU A 183 10.96 -28.40 78.79
CA LEU A 183 12.33 -27.98 78.53
C LEU A 183 12.71 -28.25 77.08
N VAL A 184 13.31 -27.25 76.43
CA VAL A 184 13.74 -27.34 75.05
C VAL A 184 15.14 -26.76 74.96
N GLU A 185 16.04 -27.47 74.29
CA GLU A 185 17.42 -27.07 74.11
C GLU A 185 17.67 -26.73 72.65
N VAL A 186 18.46 -25.68 72.41
CA VAL A 186 18.79 -25.24 71.07
C VAL A 186 20.30 -25.06 70.94
N LYS A 187 20.82 -25.42 69.76
CA LYS A 187 22.23 -25.34 69.40
C LYS A 187 22.39 -24.35 68.25
N GLY A 188 23.56 -23.70 68.19
CA GLY A 188 23.86 -22.75 67.14
C GLY A 188 23.65 -23.34 65.76
N GLY A 189 22.60 -22.88 65.08
CA GLY A 189 22.27 -23.38 63.76
C GLY A 189 20.83 -23.85 63.76
N ASP A 190 20.41 -24.44 64.87
CA ASP A 190 19.05 -24.93 64.99
C ASP A 190 18.07 -23.76 65.05
N ARG A 191 16.84 -24.03 64.66
CA ARG A 191 15.79 -23.03 64.64
C ARG A 191 14.98 -23.10 65.93
N ILE A 192 14.64 -21.94 66.48
CA ILE A 192 13.85 -21.86 67.70
C ILE A 192 12.47 -22.42 67.36
N PRO A 193 12.04 -23.54 67.98
CA PRO A 193 10.73 -24.12 67.62
C PRO A 193 9.52 -23.25 67.88
N ALA A 194 9.20 -23.05 69.15
CA ALA A 194 8.09 -22.24 69.61
C ALA A 194 8.65 -21.03 70.34
N ASP A 195 7.79 -20.29 71.03
CA ASP A 195 8.23 -19.14 71.80
C ASP A 195 8.74 -19.67 73.12
N LEU A 196 10.03 -19.56 73.35
CA LEU A 196 10.66 -20.06 74.56
C LEU A 196 10.88 -18.96 75.58
N ARG A 197 11.10 -19.40 76.82
CA ARG A 197 11.41 -18.54 77.95
C ARG A 197 12.74 -19.13 78.40
N ILE A 198 13.84 -18.45 78.03
CA ILE A 198 15.18 -18.93 78.33
C ILE A 198 15.36 -19.10 79.83
N ILE A 199 16.08 -20.16 80.21
CA ILE A 199 16.34 -20.42 81.63
C ILE A 199 17.85 -20.49 81.89
N SER A 200 18.61 -20.87 80.88
CA SER A 200 20.07 -20.99 81.03
C SER A 200 20.71 -20.87 79.66
N ALA A 201 21.61 -19.91 79.49
CA ALA A 201 22.28 -19.69 78.23
C ALA A 201 23.79 -19.80 78.38
N ASN A 202 24.47 -20.04 77.25
CA ASN A 202 25.93 -20.15 77.19
C ASN A 202 26.40 -19.37 75.97
N GLY A 203 26.49 -18.04 76.11
CA GLY A 203 26.91 -17.19 75.01
C GLY A 203 26.05 -17.40 73.79
N CYS A 204 24.74 -17.45 73.99
CA CYS A 204 23.78 -17.73 72.92
C CYS A 204 23.27 -16.48 72.21
N LYS A 205 23.34 -16.48 70.89
CA LYS A 205 22.87 -15.37 70.05
C LYS A 205 21.83 -15.90 69.07
N VAL A 206 20.64 -15.30 69.08
CA VAL A 206 19.57 -15.68 68.18
C VAL A 206 19.45 -14.63 67.08
N ASP A 207 18.66 -14.94 66.06
CA ASP A 207 18.44 -14.06 64.91
C ASP A 207 16.96 -13.65 64.82
N ASN A 208 16.67 -12.43 65.29
CA ASN A 208 15.32 -11.87 65.28
C ASN A 208 15.06 -11.03 64.03
N SER A 209 15.68 -11.36 62.90
CA SER A 209 15.51 -10.57 61.68
C SER A 209 14.18 -10.81 60.98
N SER A 210 13.78 -12.06 60.79
CA SER A 210 12.53 -12.31 60.10
C SER A 210 11.31 -11.88 60.91
N LEU A 211 11.42 -11.76 62.23
CA LEU A 211 10.28 -11.38 63.05
C LEU A 211 10.28 -9.91 63.48
N THR A 212 11.28 -9.50 64.25
CA THR A 212 11.34 -8.12 64.72
C THR A 212 12.21 -7.21 63.85
N GLY A 213 12.78 -7.73 62.77
CA GLY A 213 13.60 -6.92 61.91
C GLY A 213 14.95 -6.52 62.48
N GLU A 214 15.32 -7.04 63.64
CA GLU A 214 16.62 -6.71 64.25
C GLU A 214 17.72 -7.39 63.44
N SER A 215 18.50 -6.59 62.71
CA SER A 215 19.55 -7.10 61.83
C SER A 215 20.64 -7.91 62.53
N GLU A 216 21.43 -7.29 63.39
CA GLU A 216 22.51 -8.00 64.06
C GLU A 216 21.95 -9.07 64.99
N PRO A 217 22.60 -10.23 65.08
CA PRO A 217 22.12 -11.31 65.95
C PRO A 217 22.03 -10.89 67.41
N GLN A 218 20.80 -10.79 67.91
CA GLN A 218 20.58 -10.37 69.30
C GLN A 218 20.81 -11.56 70.22
N THR A 219 21.63 -11.37 71.24
CA THR A 219 21.89 -12.46 72.17
C THR A 219 20.67 -12.70 73.07
N ARG A 220 20.66 -13.86 73.71
CA ARG A 220 19.57 -14.27 74.60
C ARG A 220 20.15 -14.67 75.95
N SER A 221 19.81 -13.91 76.99
CA SER A 221 20.26 -14.17 78.35
C SER A 221 19.07 -14.52 79.23
N PRO A 222 19.25 -15.40 80.23
CA PRO A 222 18.11 -15.78 81.08
C PRO A 222 17.56 -14.64 81.93
N ASP A 223 18.33 -13.58 82.17
CA ASP A 223 17.87 -12.47 82.98
C ASP A 223 16.96 -11.55 82.19
N PHE A 224 15.85 -11.15 82.80
CA PHE A 224 14.90 -10.24 82.15
C PHE A 224 15.55 -8.86 82.03
N THR A 225 15.52 -8.29 80.82
CA THR A 225 16.15 -7.00 80.58
C THR A 225 15.20 -5.87 80.21
N ASN A 226 14.20 -6.11 79.37
CA ASN A 226 13.28 -5.05 78.96
C ASN A 226 11.82 -5.45 79.16
N GLU A 227 11.00 -4.45 79.47
CA GLU A 227 9.57 -4.66 79.68
C GLU A 227 8.89 -5.14 78.42
N ASN A 228 9.47 -4.88 77.24
CA ASN A 228 8.90 -5.33 75.98
C ASN A 228 9.35 -6.75 75.72
N PRO A 229 8.44 -7.71 75.54
CA PRO A 229 8.86 -9.10 75.28
C PRO A 229 9.74 -9.25 74.05
N LEU A 230 9.61 -8.36 73.07
CA LEU A 230 10.42 -8.45 71.86
C LEU A 230 11.86 -7.99 72.10
N GLU A 231 12.04 -6.94 72.90
CA GLU A 231 13.37 -6.42 73.15
C GLU A 231 14.15 -7.22 74.19
N THR A 232 13.48 -7.77 75.19
CA THR A 232 14.15 -8.53 76.24
C THR A 232 14.88 -9.76 75.67
N ARG A 233 15.83 -10.26 76.45
CA ARG A 233 16.67 -11.38 76.06
C ARG A 233 16.26 -12.72 76.66
N ASN A 234 15.23 -12.77 77.50
CA ASN A 234 14.81 -14.02 78.11
C ASN A 234 13.73 -14.73 77.28
N ILE A 235 13.54 -14.34 76.02
CA ILE A 235 12.52 -14.94 75.18
C ILE A 235 13.09 -15.25 73.80
N ALA A 236 12.99 -16.49 73.37
CA ALA A 236 13.37 -16.91 72.04
C ALA A 236 12.05 -16.91 71.27
N PHE A 237 12.10 -16.68 69.96
CA PHE A 237 10.86 -16.56 69.20
C PHE A 237 10.69 -17.59 68.10
N PHE A 238 9.41 -17.83 67.77
CA PHE A 238 9.05 -18.74 66.70
C PHE A 238 9.62 -18.24 65.38
N SER A 239 10.20 -19.17 64.61
CA SER A 239 10.83 -18.99 63.31
C SER A 239 12.15 -18.25 63.36
N THR A 240 12.69 -17.97 64.55
CA THR A 240 13.99 -17.33 64.68
C THR A 240 15.04 -18.43 64.74
N ASN A 241 16.27 -18.08 64.37
CA ASN A 241 17.35 -19.05 64.34
C ASN A 241 18.45 -18.73 65.34
N CYS A 242 18.78 -19.71 66.18
CA CYS A 242 19.86 -19.57 67.15
C CYS A 242 21.15 -19.54 66.34
N VAL A 243 21.77 -18.37 66.22
CA VAL A 243 22.98 -18.23 65.41
C VAL A 243 24.15 -18.98 66.02
N GLU A 244 24.56 -18.58 67.22
CA GLU A 244 25.70 -19.20 67.90
C GLU A 244 25.36 -19.43 69.37
N GLY A 245 26.10 -20.34 69.97
CA GLY A 245 25.89 -20.69 71.37
C GLY A 245 24.75 -21.68 71.52
N THR A 246 24.53 -22.09 72.77
CA THR A 246 23.48 -23.04 73.09
C THR A 246 22.66 -22.51 74.25
N ALA A 247 21.38 -22.89 74.29
CA ALA A 247 20.53 -22.40 75.37
C ALA A 247 19.40 -23.37 75.68
N ARG A 248 18.76 -23.12 76.82
CA ARG A 248 17.63 -23.91 77.32
C ARG A 248 16.43 -23.00 77.54
N GLY A 249 15.23 -23.58 77.56
CA GLY A 249 14.05 -22.76 77.79
C GLY A 249 12.74 -23.53 77.86
N ILE A 250 11.78 -22.91 78.53
CA ILE A 250 10.44 -23.47 78.71
C ILE A 250 9.52 -22.85 77.66
N VAL A 251 8.80 -23.70 76.94
CA VAL A 251 7.89 -23.24 75.89
C VAL A 251 6.71 -22.50 76.54
N VAL A 252 6.61 -21.20 76.30
CA VAL A 252 5.52 -20.40 76.84
C VAL A 252 4.34 -20.35 75.88
N TYR A 253 4.60 -20.10 74.61
CA TYR A 253 3.57 -20.03 73.58
C TYR A 253 3.79 -21.11 72.54
N THR A 254 2.70 -21.69 72.05
CA THR A 254 2.76 -22.76 71.06
C THR A 254 1.71 -22.55 69.99
N GLY A 255 1.98 -23.09 68.81
CA GLY A 255 1.07 -23.03 67.67
C GLY A 255 0.74 -21.62 67.20
N ASP A 256 -0.55 -21.40 66.96
CA ASP A 256 -1.04 -20.11 66.48
C ASP A 256 -1.01 -19.04 67.56
N ARG A 257 -0.94 -19.44 68.83
CA ARG A 257 -0.89 -18.48 69.93
C ARG A 257 0.45 -17.77 70.03
N THR A 258 1.43 -18.17 69.21
CA THR A 258 2.76 -17.59 69.22
C THR A 258 2.75 -16.17 68.64
N VAL A 259 3.91 -15.50 68.78
CA VAL A 259 4.06 -14.14 68.29
C VAL A 259 3.89 -14.08 66.78
N MET A 260 4.74 -14.81 66.04
CA MET A 260 4.62 -14.83 64.60
C MET A 260 3.31 -15.47 64.18
N GLY A 261 2.71 -16.28 65.05
CA GLY A 261 1.44 -16.88 64.73
C GLY A 261 0.33 -15.86 64.75
N ARG A 262 0.34 -14.98 65.77
CA ARG A 262 -0.66 -13.92 65.83
C ARG A 262 -0.46 -12.95 64.68
N ILE A 263 0.80 -12.74 64.28
CA ILE A 263 1.07 -11.84 63.16
C ILE A 263 0.54 -12.43 61.85
N ALA A 264 0.80 -13.72 61.62
CA ALA A 264 0.34 -14.38 60.40
C ALA A 264 -1.19 -14.47 60.35
N THR A 265 -1.81 -14.81 61.48
CA THR A 265 -3.27 -14.90 61.52
C THR A 265 -3.88 -13.53 61.30
N LEU A 266 -3.20 -12.47 61.75
CA LEU A 266 -3.70 -11.13 61.48
C LEU A 266 -3.59 -10.83 60.00
N ALA A 267 -2.48 -11.24 59.38
CA ALA A 267 -2.24 -11.01 57.96
C ALA A 267 -3.33 -11.65 57.10
N SER A 268 -3.67 -12.92 57.39
CA SER A 268 -4.71 -13.58 56.60
C SER A 268 -6.07 -12.92 56.77
N GLY A 269 -6.40 -12.49 57.98
CA GLY A 269 -7.69 -11.88 58.23
C GLY A 269 -7.79 -10.38 58.06
N LEU A 270 -7.10 -9.83 57.05
CA LEU A 270 -7.11 -8.40 56.76
C LEU A 270 -7.78 -8.15 55.41
N GLU A 271 -8.11 -6.87 55.18
CA GLU A 271 -8.78 -6.46 53.96
C GLU A 271 -7.78 -6.13 52.85
N GLY A 272 -8.13 -6.53 51.63
CA GLY A 272 -7.28 -6.27 50.48
C GLY A 272 -7.45 -4.89 49.89
N GLY A 273 -8.65 -4.32 49.98
CA GLY A 273 -8.92 -3.01 49.44
C GLY A 273 -9.39 -3.07 48.01
N GLN A 274 -9.37 -1.90 47.37
CA GLN A 274 -9.74 -1.75 45.96
C GLN A 274 -8.57 -1.14 45.22
N THR A 275 -8.02 -1.89 44.27
CA THR A 275 -6.88 -1.42 43.48
C THR A 275 -7.29 -0.19 42.68
N PRO A 276 -6.34 0.70 42.35
CA PRO A 276 -6.70 1.91 41.60
C PRO A 276 -7.23 1.62 40.21
N ILE A 277 -6.66 0.63 39.51
CA ILE A 277 -7.12 0.29 38.18
C ILE A 277 -8.58 -0.16 38.21
N ALA A 278 -8.96 -0.91 39.25
CA ALA A 278 -10.34 -1.36 39.39
C ALA A 278 -11.28 -0.17 39.59
N ALA A 279 -10.88 0.79 40.42
CA ALA A 279 -11.72 1.97 40.64
C ALA A 279 -11.86 2.77 39.36
N GLU A 280 -10.81 2.77 38.53
CA GLU A 280 -10.87 3.48 37.27
C GLU A 280 -11.83 2.80 36.31
N ILE A 281 -11.80 1.47 36.26
CA ILE A 281 -12.71 0.71 35.40
C ILE A 281 -14.15 0.91 35.86
N GLU A 282 -14.35 0.98 37.18
CA GLU A 282 -15.68 1.18 37.73
C GLU A 282 -16.24 2.55 37.34
N HIS A 283 -15.44 3.61 37.52
CA HIS A 283 -15.93 4.92 37.10
C HIS A 283 -16.11 4.99 35.58
N PHE A 284 -15.28 4.23 34.85
CA PHE A 284 -15.41 4.17 33.40
C PHE A 284 -16.78 3.64 33.03
N ILE A 285 -17.19 2.54 33.68
CA ILE A 285 -18.51 1.97 33.42
C ILE A 285 -19.58 2.96 33.84
N HIS A 286 -19.30 3.78 34.86
CA HIS A 286 -20.29 4.77 35.29
C HIS A 286 -20.60 5.72 34.14
N ILE A 287 -19.56 6.15 33.42
CA ILE A 287 -19.78 7.07 32.29
C ILE A 287 -20.37 6.35 31.08
N ILE A 288 -19.92 5.11 30.83
CA ILE A 288 -20.42 4.34 29.69
C ILE A 288 -21.93 4.16 29.80
N THR A 289 -22.36 3.57 30.93
CA THR A 289 -23.79 3.37 31.12
C THR A 289 -24.53 4.69 31.31
N GLY A 290 -23.86 5.75 31.80
CA GLY A 290 -24.54 7.02 31.96
C GLY A 290 -25.03 7.53 30.63
N VAL A 291 -24.11 7.66 29.68
CA VAL A 291 -24.55 8.14 28.36
C VAL A 291 -25.42 7.09 27.67
N ALA A 292 -25.18 5.80 27.94
CA ALA A 292 -25.97 4.74 27.29
C ALA A 292 -27.43 4.84 27.67
N VAL A 293 -27.73 4.95 28.97
CA VAL A 293 -29.12 5.05 29.39
C VAL A 293 -29.69 6.42 29.12
N PHE A 294 -28.85 7.46 29.05
CA PHE A 294 -29.39 8.77 28.70
C PHE A 294 -29.91 8.74 27.27
N LEU A 295 -29.11 8.20 26.36
CA LEU A 295 -29.52 8.07 24.96
C LEU A 295 -30.72 7.14 24.84
N GLY A 296 -30.68 6.00 25.53
CA GLY A 296 -31.78 5.06 25.45
C GLY A 296 -33.09 5.63 25.91
N VAL A 297 -33.10 6.31 27.06
CA VAL A 297 -34.34 6.88 27.59
C VAL A 297 -34.83 8.05 26.74
N SER A 298 -33.92 8.97 26.39
CA SER A 298 -34.34 10.11 25.58
C SER A 298 -34.87 9.66 24.23
N PHE A 299 -34.30 8.59 23.66
CA PHE A 299 -34.80 8.09 22.39
C PHE A 299 -36.04 7.24 22.59
N PHE A 300 -36.24 6.68 23.78
CA PHE A 300 -37.46 5.94 24.06
C PHE A 300 -38.63 6.91 24.05
N ILE A 301 -38.44 8.05 24.70
CA ILE A 301 -39.46 9.09 24.72
C ILE A 301 -39.63 9.68 23.32
N LEU A 302 -38.52 9.85 22.59
CA LEU A 302 -38.60 10.39 21.24
C LEU A 302 -39.39 9.46 20.31
N SER A 303 -39.14 8.15 20.40
CA SER A 303 -39.84 7.19 19.57
C SER A 303 -41.31 7.12 19.93
N LEU A 304 -41.64 7.24 21.23
CA LEU A 304 -43.05 7.24 21.60
C LEU A 304 -43.73 8.51 21.10
N ILE A 305 -42.99 9.63 21.09
CA ILE A 305 -43.54 10.89 20.59
C ILE A 305 -43.75 10.79 19.09
N LEU A 306 -42.96 9.99 18.39
CA LEU A 306 -43.20 9.91 16.96
C LEU A 306 -44.44 9.09 16.62
N GLU A 307 -44.33 7.76 16.60
CA GLU A 307 -45.50 6.94 16.29
C GLU A 307 -45.46 5.53 16.87
N TYR A 308 -44.24 5.03 17.10
CA TYR A 308 -44.05 3.66 17.54
C TYR A 308 -44.72 3.35 18.88
N THR A 309 -45.31 2.16 18.95
CA THR A 309 -46.00 1.69 20.13
C THR A 309 -45.01 1.38 21.24
N TRP A 310 -45.55 1.14 22.44
CA TRP A 310 -44.72 0.81 23.59
C TRP A 310 -43.92 -0.46 23.30
N LEU A 311 -44.51 -1.39 22.56
CA LEU A 311 -43.81 -2.62 22.18
C LEU A 311 -42.55 -2.32 21.39
N GLU A 312 -42.65 -1.40 20.42
CA GLU A 312 -41.49 -1.05 19.60
C GLU A 312 -40.53 -0.15 20.35
N ALA A 313 -41.04 0.86 21.06
CA ALA A 313 -40.18 1.77 21.79
C ALA A 313 -39.35 1.06 22.85
N VAL A 314 -39.91 0.02 23.48
CA VAL A 314 -39.14 -0.71 24.49
C VAL A 314 -37.96 -1.40 23.82
N ILE A 315 -38.19 -1.97 22.63
CA ILE A 315 -37.12 -2.63 21.90
C ILE A 315 -36.10 -1.59 21.48
N PHE A 316 -36.54 -0.37 21.18
CA PHE A 316 -35.61 0.70 20.82
C PHE A 316 -34.74 1.09 22.00
N LEU A 317 -35.36 1.17 23.19
CA LEU A 317 -34.63 1.52 24.41
C LEU A 317 -33.55 0.49 24.69
N ILE A 318 -33.92 -0.79 24.64
CA ILE A 318 -32.95 -1.86 24.89
C ILE A 318 -31.88 -1.87 23.80
N GLY A 319 -32.28 -1.67 22.54
CA GLY A 319 -31.30 -1.69 21.46
C GLY A 319 -30.27 -0.59 21.58
N ILE A 320 -30.70 0.62 21.95
CA ILE A 320 -29.76 1.73 22.09
C ILE A 320 -28.86 1.53 23.30
N ILE A 321 -29.40 1.03 24.41
CA ILE A 321 -28.56 0.84 25.59
C ILE A 321 -27.56 -0.29 25.38
N VAL A 322 -28.02 -1.42 24.84
CA VAL A 322 -27.13 -2.56 24.60
C VAL A 322 -26.08 -2.20 23.56
N ALA A 323 -26.45 -1.40 22.56
CA ALA A 323 -25.50 -1.02 21.51
C ALA A 323 -24.34 -0.20 22.05
N ASN A 324 -24.55 0.54 23.14
CA ASN A 324 -23.53 1.39 23.75
C ASN A 324 -22.68 0.66 24.79
N VAL A 325 -22.52 -0.65 24.65
CA VAL A 325 -21.74 -1.46 25.58
C VAL A 325 -20.53 -2.00 24.83
N PRO A 326 -19.30 -1.59 25.17
CA PRO A 326 -18.12 -2.11 24.46
C PRO A 326 -17.99 -3.60 24.74
N GLU A 327 -18.41 -4.39 23.76
CA GLU A 327 -18.40 -5.85 23.90
C GLU A 327 -16.98 -6.43 23.92
N GLY A 328 -16.07 -5.86 23.14
CA GLY A 328 -14.73 -6.38 23.08
C GLY A 328 -13.70 -5.69 23.95
N LEU A 329 -14.05 -4.54 24.53
CA LEU A 329 -13.10 -3.82 25.37
C LEU A 329 -12.68 -4.67 26.57
N LEU A 330 -13.48 -5.67 26.95
CA LEU A 330 -13.12 -6.55 28.04
C LEU A 330 -11.92 -7.42 27.67
N ALA A 331 -11.99 -8.07 26.50
CA ALA A 331 -10.90 -8.91 26.06
C ALA A 331 -9.65 -8.09 25.78
N THR A 332 -9.81 -6.88 25.24
CA THR A 332 -8.65 -6.04 24.97
C THR A 332 -7.98 -5.59 26.25
N VAL A 333 -8.77 -5.16 27.25
CA VAL A 333 -8.18 -4.72 28.51
C VAL A 333 -7.48 -5.89 29.21
N THR A 334 -8.10 -7.08 29.19
CA THR A 334 -7.48 -8.24 29.82
C THR A 334 -6.16 -8.57 29.15
N VAL A 335 -6.13 -8.59 27.81
CA VAL A 335 -4.88 -8.87 27.11
C VAL A 335 -3.85 -7.78 27.39
N CYS A 336 -4.29 -6.52 27.51
CA CYS A 336 -3.38 -5.41 27.81
C CYS A 336 -2.65 -5.66 29.12
N LEU A 337 -3.44 -5.91 30.17
CA LEU A 337 -2.88 -6.18 31.49
C LEU A 337 -2.00 -7.41 31.45
N THR A 338 -2.43 -8.45 30.74
CA THR A 338 -1.66 -9.68 30.65
C THR A 338 -0.32 -9.44 29.97
N LEU A 339 -0.29 -8.62 28.92
CA LEU A 339 0.97 -8.34 28.24
C LEU A 339 1.96 -7.65 29.16
N THR A 340 1.49 -6.63 29.89
CA THR A 340 2.42 -5.97 30.81
C THR A 340 2.86 -6.93 31.92
N ALA A 341 1.94 -7.79 32.40
CA ALA A 341 2.32 -8.76 33.42
C ALA A 341 3.31 -9.77 32.86
N LYS A 342 3.24 -10.04 31.55
CA LYS A 342 4.21 -10.94 30.91
C LYS A 342 5.58 -10.31 31.02
N ARG A 343 5.68 -9.01 30.69
CA ARG A 343 6.96 -8.33 30.81
C ARG A 343 7.45 -8.33 32.26
N MET A 344 6.52 -8.28 33.21
CA MET A 344 6.90 -8.34 34.62
C MET A 344 7.52 -9.69 34.95
N ALA A 345 6.88 -10.77 34.46
CA ALA A 345 7.40 -12.12 34.71
C ALA A 345 8.69 -12.38 33.95
N ARG A 346 8.98 -11.58 32.92
CA ARG A 346 10.23 -11.76 32.18
C ARG A 346 11.42 -11.34 33.04
N LYS A 347 11.26 -10.27 33.83
CA LYS A 347 12.30 -9.76 34.71
C LYS A 347 12.20 -10.36 36.12
N ASN A 348 11.61 -11.55 36.25
CA ASN A 348 11.43 -12.27 37.52
C ASN A 348 10.62 -11.48 38.54
N CYS A 349 9.75 -10.58 38.08
CA CYS A 349 8.89 -9.79 38.95
C CYS A 349 7.48 -10.30 38.72
N LEU A 350 7.14 -11.40 39.39
CA LEU A 350 5.83 -12.00 39.21
C LEU A 350 4.75 -11.29 40.02
N VAL A 351 3.57 -11.17 39.43
CA VAL A 351 2.43 -10.55 40.10
C VAL A 351 1.39 -11.65 40.31
N LYS A 352 0.82 -11.72 41.51
CA LYS A 352 -0.20 -12.74 41.76
C LYS A 352 -1.55 -12.30 41.22
N ASN A 353 -1.90 -11.04 41.43
CA ASN A 353 -3.15 -10.49 40.91
C ASN A 353 -2.80 -9.85 39.58
N LEU A 354 -3.68 -10.01 38.60
CA LEU A 354 -3.39 -9.48 37.27
C LEU A 354 -3.38 -7.94 37.26
N GLU A 355 -4.43 -7.31 37.79
CA GLU A 355 -4.50 -5.85 37.80
C GLU A 355 -3.42 -5.24 38.68
N ALA A 356 -2.74 -6.04 39.51
CA ALA A 356 -1.66 -5.54 40.33
C ALA A 356 -0.52 -5.02 39.48
N VAL A 357 -0.48 -5.38 38.19
CA VAL A 357 0.58 -4.89 37.32
C VAL A 357 0.50 -3.37 37.15
N GLU A 358 -0.69 -2.79 37.33
CA GLU A 358 -0.83 -1.35 37.15
C GLU A 358 -0.55 -0.52 38.40
N THR A 359 -0.80 -1.08 39.58
CA THR A 359 -0.72 -0.34 40.84
C THR A 359 0.64 0.32 41.13
N LEU A 360 1.76 -0.26 40.70
CA LEU A 360 3.05 0.36 41.01
C LEU A 360 3.17 1.76 40.41
N GLY A 361 2.70 1.95 39.17
CA GLY A 361 2.80 3.26 38.54
C GLY A 361 1.99 4.34 39.24
N SER A 362 0.80 3.97 39.75
CA SER A 362 -0.06 4.93 40.42
C SER A 362 0.35 5.20 41.86
N THR A 363 1.35 4.48 42.37
CA THR A 363 1.80 4.68 43.74
C THR A 363 2.44 6.06 43.93
N SER A 364 2.24 6.64 45.11
CA SER A 364 2.81 7.95 45.42
C SER A 364 3.46 7.99 46.79
N THR A 365 3.54 6.86 47.50
CA THR A 365 4.18 6.78 48.81
C THR A 365 4.60 5.33 49.02
N ILE A 366 5.90 5.06 49.03
CA ILE A 366 6.39 3.70 49.22
C ILE A 366 6.90 3.53 50.65
N CYS A 367 6.31 2.59 51.38
CA CYS A 367 6.72 2.28 52.73
C CYS A 367 7.61 1.05 52.60
N SER A 368 8.90 1.20 52.93
CA SER A 368 9.82 0.09 52.78
C SER A 368 10.32 -0.47 54.09
N LYS A 370 13.71 -2.22 56.16
CA LYS A 370 15.16 -2.14 56.16
C LYS A 370 15.86 -3.50 56.04
N THR A 371 15.71 -4.32 57.09
CA THR A 371 16.35 -5.63 57.14
C THR A 371 15.76 -6.58 56.09
N GLY A 372 16.59 -7.00 55.14
CA GLY A 372 16.18 -7.93 54.11
C GLY A 372 15.55 -7.29 52.89
N THR A 373 15.10 -6.04 52.97
CA THR A 373 14.51 -5.37 51.81
C THR A 373 15.41 -4.23 51.38
N LEU A 374 15.58 -3.21 52.21
CA LEU A 374 16.48 -2.11 51.87
C LEU A 374 17.93 -2.58 51.95
N THR A 375 18.20 -3.56 52.81
CA THR A 375 19.53 -4.10 53.04
C THR A 375 19.62 -5.56 52.61
N GLN A 376 20.84 -6.09 52.69
CA GLN A 376 21.10 -7.48 52.33
C GLN A 376 20.88 -8.44 53.48
N ASN A 377 20.63 -7.93 54.69
CA ASN A 377 20.44 -8.76 55.88
C ASN A 377 21.58 -9.78 56.00
N ARG A 378 22.78 -9.22 56.11
CA ARG A 378 24.00 -10.00 56.21
C ARG A 378 25.14 -9.11 56.65
N MET A 379 25.84 -9.48 57.72
CA MET A 379 26.96 -8.68 58.20
C MET A 379 28.05 -8.66 57.14
N THR A 380 28.56 -7.46 56.84
CA THR A 380 29.61 -7.35 55.83
C THR A 380 30.63 -6.31 56.28
N VAL A 381 31.91 -6.59 56.04
CA VAL A 381 33.00 -5.69 56.39
C VAL A 381 32.79 -4.40 55.62
N ALA A 382 32.44 -3.32 56.34
CA ALA A 382 32.17 -2.05 55.69
C ALA A 382 33.43 -1.24 55.42
N HIS A 383 34.12 -0.82 56.47
CA HIS A 383 35.32 0.00 56.33
C HIS A 383 36.47 -0.56 57.15
N MET A 384 37.68 -0.22 56.74
CA MET A 384 38.91 -0.63 57.41
C MET A 384 39.76 0.59 57.68
N TRP A 385 40.67 0.46 58.63
CA TRP A 385 41.56 1.52 59.05
C TRP A 385 42.99 1.04 58.87
N SER A 386 43.82 1.88 58.24
CA SER A 386 45.22 1.54 58.01
C SER A 386 45.96 2.81 57.64
N ASP A 387 47.13 3.02 58.25
CA ASP A 387 47.95 4.22 58.00
C ASP A 387 47.18 5.48 58.35
N ASN A 388 46.37 5.41 59.42
CA ASN A 388 45.53 6.52 59.88
C ASN A 388 44.61 6.98 58.76
N GLN A 389 44.29 6.05 57.86
CA GLN A 389 43.47 6.32 56.69
C GLN A 389 42.33 5.31 56.59
N ILE A 390 41.14 5.83 56.27
CA ILE A 390 39.94 5.02 56.12
C ILE A 390 39.88 4.44 54.71
N HIS A 391 39.68 3.14 54.61
CA HIS A 391 39.59 2.43 53.34
C HIS A 391 38.23 1.74 53.28
N GLU A 392 37.38 2.16 52.34
CA GLU A 392 36.05 1.57 52.22
C GLU A 392 36.11 0.33 51.32
N ALA A 393 35.63 -0.79 51.85
CA ALA A 393 35.61 -2.03 51.08
C ALA A 393 34.32 -2.10 50.26
N ASP A 394 34.37 -2.92 49.21
CA ASP A 394 33.19 -3.09 48.36
C ASP A 394 32.18 -3.94 49.12
N THR A 395 30.98 -3.41 49.31
CA THR A 395 29.93 -4.11 50.05
C THR A 395 28.72 -4.46 49.19
N THR A 396 28.89 -4.54 47.88
CA THR A 396 27.79 -4.89 47.00
C THR A 396 27.50 -6.39 47.10
N GLU A 397 26.25 -6.76 46.83
CA GLU A 397 25.85 -8.16 46.91
C GLU A 397 26.49 -9.01 45.82
N ASN A 398 26.81 -8.43 44.67
CA ASN A 398 27.43 -9.15 43.57
C ASN A 398 28.87 -8.74 43.29
N GLN A 399 29.46 -7.90 44.15
CA GLN A 399 30.85 -7.42 44.01
C GLN A 399 31.09 -6.71 42.67
N SER A 400 30.49 -5.52 42.55
CA SER A 400 30.61 -4.68 41.36
C SER A 400 30.90 -3.24 41.77
N GLY A 401 31.90 -3.06 42.63
CA GLY A 401 32.25 -1.74 43.11
C GLY A 401 33.73 -1.42 43.15
N VAL A 402 34.10 -0.33 43.82
CA VAL A 402 35.49 0.07 43.89
C VAL A 402 36.26 -0.82 44.84
N SER A 403 37.45 -1.24 44.42
CA SER A 403 38.33 -2.08 45.21
C SER A 403 39.39 -1.19 45.85
N PHE A 404 39.59 -1.33 47.16
CA PHE A 404 40.57 -0.54 47.87
C PHE A 404 41.98 -0.92 47.45
N ASP A 405 42.96 -0.19 47.97
CA ASP A 405 44.37 -0.45 47.66
C ASP A 405 44.84 -1.61 48.51
N LYS A 406 45.26 -2.69 47.85
CA LYS A 406 45.70 -3.90 48.54
C LYS A 406 47.15 -4.24 48.23
N THR A 407 48.05 -3.25 48.31
CA THR A 407 49.46 -3.45 48.05
C THR A 407 50.36 -2.95 49.18
N SER A 408 49.78 -2.49 50.29
CA SER A 408 50.56 -1.97 51.42
C SER A 408 50.87 -3.09 52.41
N ALA A 409 51.90 -2.83 53.23
CA ALA A 409 52.29 -3.81 54.26
C ALA A 409 51.29 -3.82 55.40
N THR A 410 50.65 -2.66 55.65
CA THR A 410 49.65 -2.59 56.71
C THR A 410 48.49 -3.52 56.39
N TRP A 411 48.12 -3.58 55.11
CA TRP A 411 47.05 -4.49 54.70
C TRP A 411 47.51 -5.94 54.79
N LEU A 412 48.73 -6.23 54.35
CA LEU A 412 49.24 -7.60 54.42
C LEU A 412 49.34 -8.10 55.85
N ALA A 413 49.43 -7.19 56.83
CA ALA A 413 49.47 -7.60 58.23
C ALA A 413 48.06 -7.70 58.81
N LEU A 414 47.22 -6.70 58.54
CA LEU A 414 45.85 -6.68 59.03
C LEU A 414 45.05 -7.86 58.49
N SER A 415 45.25 -8.19 57.22
CA SER A 415 44.54 -9.32 56.60
C SER A 415 44.91 -10.63 57.26
N ARG A 416 46.17 -10.78 57.68
CA ARG A 416 46.54 -12.02 58.36
C ARG A 416 46.00 -12.04 59.78
N ILE A 417 45.93 -10.88 60.43
CA ILE A 417 45.37 -10.82 61.77
C ILE A 417 43.92 -11.26 61.74
N ALA A 418 43.17 -10.80 60.73
CA ALA A 418 41.76 -11.17 60.63
C ALA A 418 41.57 -12.60 60.13
N GLY A 419 42.32 -13.01 59.10
CA GLY A 419 42.17 -14.36 58.56
C GLY A 419 42.61 -15.46 59.51
N LEU A 420 43.51 -15.15 60.43
CA LEU A 420 43.99 -16.17 61.37
C LEU A 420 43.19 -16.15 62.67
N CYS A 421 43.17 -15.02 63.36
CA CYS A 421 42.46 -14.87 64.63
C CYS A 421 40.98 -14.67 64.38
N ASN A 422 40.30 -15.79 64.07
CA ASN A 422 38.87 -15.78 63.81
C ASN A 422 38.34 -17.21 63.82
N ARG A 423 37.23 -17.42 64.54
CA ARG A 423 36.59 -18.72 64.63
C ARG A 423 35.50 -18.84 63.56
N ALA A 424 35.94 -18.74 62.30
CA ALA A 424 35.03 -18.81 61.17
C ALA A 424 35.64 -19.65 60.06
N VAL A 425 34.85 -20.62 59.56
CA VAL A 425 35.29 -21.51 58.49
C VAL A 425 34.11 -21.84 57.59
N PHE A 426 34.42 -22.16 56.34
CA PHE A 426 33.41 -22.56 55.39
C PHE A 426 32.98 -24.00 55.71
N GLN A 427 31.84 -24.40 55.17
CA GLN A 427 31.30 -25.72 55.43
C GLN A 427 31.65 -26.68 54.28
N ALA A 428 30.96 -27.81 54.21
CA ALA A 428 31.22 -28.84 53.21
C ALA A 428 30.91 -28.46 51.76
N ASN A 429 29.64 -28.22 51.44
CA ASN A 429 29.27 -27.90 50.07
C ASN A 429 29.68 -26.49 49.63
N GLN A 430 30.35 -25.72 50.49
CA GLN A 430 30.77 -24.37 50.13
C GLN A 430 31.95 -24.43 49.18
N GLU A 431 31.66 -24.79 47.91
CA GLU A 431 32.70 -24.86 46.89
C GLU A 431 32.32 -24.09 45.63
N ASN A 432 31.22 -24.52 44.99
CA ASN A 432 30.76 -23.89 43.76
C ASN A 432 30.07 -22.56 44.01
N LEU A 433 29.56 -22.34 45.22
CA LEU A 433 28.87 -21.11 45.56
C LEU A 433 29.84 -19.93 45.56
N PRO A 434 29.34 -18.71 45.34
CA PRO A 434 30.23 -17.53 45.36
C PRO A 434 30.80 -17.31 46.75
N ILE A 435 31.76 -16.37 46.82
CA ILE A 435 32.43 -16.09 48.09
C ILE A 435 31.48 -15.45 49.11
N LEU A 436 30.48 -14.70 48.66
CA LEU A 436 29.57 -14.03 49.59
C LEU A 436 28.32 -14.83 49.95
N LYS A 437 27.57 -15.30 48.95
CA LYS A 437 26.34 -16.04 49.21
C LYS A 437 26.55 -17.40 49.88
N ARG A 438 27.78 -17.90 49.95
CA ARG A 438 28.03 -19.19 50.57
C ARG A 438 27.83 -19.11 52.09
N ALA A 439 27.55 -20.26 52.70
CA ALA A 439 27.31 -20.34 54.13
C ALA A 439 28.62 -20.46 54.92
N VAL A 440 28.70 -19.72 56.02
CA VAL A 440 29.87 -19.70 56.90
C VAL A 440 29.43 -20.14 58.28
N ALA A 441 30.23 -20.98 58.93
CA ALA A 441 29.91 -21.49 60.26
C ALA A 441 30.59 -20.66 61.35
N GLY A 442 29.77 -20.06 62.22
CA GLY A 442 30.28 -19.27 63.32
C GLY A 442 29.56 -17.95 63.48
N ASP A 443 30.25 -17.02 64.14
CA ASP A 443 29.72 -15.69 64.41
C ASP A 443 29.50 -14.92 63.11
N ALA A 444 28.52 -14.02 63.13
CA ALA A 444 28.23 -13.21 61.95
C ALA A 444 29.39 -12.26 61.65
N SER A 445 29.99 -11.69 62.70
CA SER A 445 31.13 -10.80 62.51
C SER A 445 32.31 -11.56 61.91
N GLU A 446 32.60 -12.74 62.48
CA GLU A 446 33.69 -13.57 61.97
C GLU A 446 33.38 -14.04 60.55
N SER A 447 32.09 -14.21 60.23
CA SER A 447 31.72 -14.62 58.87
C SER A 447 32.01 -13.50 57.89
N ALA A 448 31.68 -12.26 58.26
CA ALA A 448 31.96 -11.12 57.39
C ALA A 448 33.46 -10.97 57.18
N LEU A 449 34.24 -11.14 58.25
CA LEU A 449 35.69 -11.03 58.13
C LEU A 449 36.25 -12.13 57.23
N LEU A 450 35.78 -13.37 57.42
CA LEU A 450 36.26 -14.47 56.60
C LEU A 450 35.94 -14.24 55.12
N LYS A 451 34.74 -13.76 54.84
CA LYS A 451 34.37 -13.50 53.44
C LYS A 451 35.20 -12.37 52.84
N CYS A 452 35.46 -11.31 53.62
CA CYS A 452 36.24 -10.20 53.08
C CYS A 452 37.68 -10.62 52.81
N ILE A 453 38.26 -11.46 53.68
CA ILE A 453 39.63 -11.90 53.45
C ILE A 453 39.68 -12.88 52.27
N GLU A 454 38.68 -13.78 52.19
CA GLU A 454 38.62 -14.72 51.08
C GLU A 454 38.35 -14.03 49.75
N LEU A 455 37.83 -12.81 49.79
CA LEU A 455 37.51 -12.06 48.59
C LEU A 455 38.58 -11.07 48.13
N CYS A 456 39.12 -10.26 49.04
CA CYS A 456 40.13 -9.27 48.68
C CYS A 456 41.55 -9.68 49.04
N CYS A 457 41.75 -10.88 49.57
CA CYS A 457 43.10 -11.31 49.93
C CYS A 457 43.33 -12.78 49.58
N GLY A 458 42.96 -13.16 48.35
CA GLY A 458 43.16 -14.53 47.91
C GLY A 458 42.29 -15.60 48.53
N SER A 459 42.88 -16.40 49.41
CA SER A 459 42.16 -17.48 50.08
C SER A 459 42.64 -17.60 51.52
N VAL A 460 41.73 -18.04 52.40
CA VAL A 460 42.06 -18.19 53.81
C VAL A 460 42.38 -19.63 54.21
N LYS A 461 42.11 -20.62 53.34
CA LYS A 461 42.41 -22.01 53.66
C LYS A 461 43.92 -22.19 53.87
N GLU A 462 44.67 -22.01 52.78
CA GLU A 462 46.12 -22.14 52.84
C GLU A 462 46.76 -21.01 53.64
N MET A 463 46.04 -19.89 53.82
CA MET A 463 46.59 -18.80 54.62
C MET A 463 46.45 -19.09 56.10
N ARG A 464 45.41 -19.84 56.49
CA ARG A 464 45.23 -20.20 57.89
C ARG A 464 46.12 -21.37 58.27
N GLU A 465 46.21 -22.39 57.41
CA GLU A 465 47.08 -23.50 57.75
C GLU A 465 48.56 -23.16 57.61
N ARG A 466 48.89 -22.04 56.96
CA ARG A 466 50.29 -21.63 56.81
C ARG A 466 50.89 -21.22 58.15
N TYR A 467 50.04 -20.71 59.06
CA TYR A 467 50.45 -20.27 60.39
C TYR A 467 49.80 -21.23 61.38
N THR A 468 50.53 -22.27 61.76
CA THR A 468 50.01 -23.27 62.69
C THR A 468 49.71 -22.65 64.04
N LYS A 469 48.44 -22.72 64.46
CA LYS A 469 48.03 -22.15 65.74
C LYS A 469 48.52 -23.00 66.90
N ILE A 470 49.11 -22.35 67.90
CA ILE A 470 49.61 -23.07 69.06
C ILE A 470 48.57 -23.02 70.18
N VAL A 471 48.40 -21.85 70.77
CA VAL A 471 47.45 -21.65 71.87
C VAL A 471 46.58 -20.44 71.55
N GLU A 472 45.28 -20.61 71.78
CA GLU A 472 44.27 -19.58 71.52
C GLU A 472 43.54 -19.23 72.81
N ILE A 473 42.83 -18.11 72.76
CA ILE A 473 42.01 -17.58 73.84
C ILE A 473 40.74 -17.04 73.18
N PRO A 474 39.58 -17.71 73.38
CA PRO A 474 38.34 -17.24 72.76
C PRO A 474 37.82 -15.94 73.37
N PHE A 475 36.64 -15.51 72.94
CA PHE A 475 36.06 -14.27 73.46
C PHE A 475 35.70 -14.42 74.94
N ASN A 476 35.98 -13.38 75.72
CA ASN A 476 35.73 -13.36 77.15
C ASN A 476 34.42 -12.63 77.45
N SER A 477 33.78 -13.02 78.57
CA SER A 477 32.52 -12.40 78.96
C SER A 477 32.72 -10.94 79.36
N THR A 478 33.88 -10.62 79.93
CA THR A 478 34.23 -9.26 80.30
C THR A 478 35.57 -8.96 79.64
N ASN A 479 35.73 -7.72 79.17
CA ASN A 479 36.92 -7.32 78.42
C ASN A 479 37.07 -8.23 77.22
N LYS A 480 35.98 -8.37 76.45
CA LYS A 480 35.93 -9.27 75.29
C LYS A 480 37.12 -9.11 74.37
N TYR A 481 37.99 -10.11 74.41
CA TYR A 481 39.21 -10.16 73.61
C TYR A 481 39.37 -11.57 73.05
N GLN A 482 39.92 -11.67 71.85
CA GLN A 482 40.16 -12.96 71.22
C GLN A 482 41.58 -12.95 70.69
N LEU A 483 42.43 -13.82 71.22
CA LEU A 483 43.82 -13.85 70.80
C LEU A 483 44.26 -15.27 70.46
N SER A 484 45.41 -15.37 69.78
CA SER A 484 45.96 -16.66 69.41
C SER A 484 47.39 -16.45 68.93
N ILE A 485 48.23 -17.45 69.15
CA ILE A 485 49.63 -17.39 68.73
C ILE A 485 49.85 -18.45 67.65
N HIS A 486 50.63 -18.10 66.63
CA HIS A 486 50.91 -18.98 65.51
C HIS A 486 52.40 -18.98 65.16
N LYS A 487 52.80 -20.05 64.47
CA LYS A 487 54.17 -20.17 64.01
C LYS A 487 54.36 -19.26 62.79
N ASN A 488 55.60 -18.86 62.55
CA ASN A 488 55.89 -17.96 61.44
C ASN A 488 56.57 -18.69 60.31
N PRO A 489 55.97 -18.73 59.12
CA PRO A 489 56.57 -19.40 57.97
C PRO A 489 57.42 -18.52 57.06
N ASN A 490 57.67 -17.26 57.45
CA ASN A 490 58.50 -16.38 56.62
C ASN A 490 59.92 -16.92 56.53
N THR A 491 60.56 -16.67 55.39
CA THR A 491 61.92 -17.13 55.14
C THR A 491 62.98 -16.13 55.60
N ALA A 492 62.68 -15.34 56.62
CA ALA A 492 63.62 -14.38 57.15
C ALA A 492 63.53 -14.21 58.66
N GLU A 493 62.46 -14.68 59.28
CA GLU A 493 62.29 -14.54 60.72
C GLU A 493 61.50 -15.68 61.35
N PRO A 494 62.06 -16.37 62.33
CA PRO A 494 61.35 -17.47 63.00
C PRO A 494 60.59 -17.07 64.26
N ARG A 495 60.46 -15.78 64.55
CA ARG A 495 59.75 -15.33 65.74
C ARG A 495 58.27 -15.66 65.66
N HIS A 496 57.68 -16.01 66.81
CA HIS A 496 56.27 -16.37 66.87
C HIS A 496 55.38 -15.16 66.58
N LEU A 497 54.30 -15.38 65.84
CA LEU A 497 53.37 -14.31 65.48
C LEU A 497 52.14 -14.40 66.38
N LEU A 498 51.96 -13.42 67.26
CA LEU A 498 50.81 -13.39 68.16
C LEU A 498 49.83 -12.36 67.63
N VAL A 499 48.55 -12.70 67.60
CA VAL A 499 47.53 -11.80 67.09
C VAL A 499 46.36 -11.72 68.07
N MET A 500 45.68 -10.58 68.08
CA MET A 500 44.54 -10.37 68.96
C MET A 500 43.59 -9.35 68.37
N LYS A 501 42.29 -9.56 68.59
CA LYS A 501 41.24 -8.67 68.14
C LYS A 501 40.31 -8.40 69.31
N GLY A 502 39.57 -7.30 69.21
CA GLY A 502 38.64 -6.95 70.26
C GLY A 502 38.11 -5.55 70.08
N ALA A 503 37.28 -5.13 71.04
CA ALA A 503 36.72 -3.79 70.98
C ALA A 503 37.85 -2.76 71.05
N PRO A 504 37.73 -1.63 70.35
CA PRO A 504 38.82 -0.64 70.36
C PRO A 504 39.16 -0.09 71.73
N GLU A 505 38.20 -0.07 72.66
CA GLU A 505 38.48 0.42 74.00
C GLU A 505 39.24 -0.61 74.81
N ARG A 506 39.14 -1.89 74.44
CA ARG A 506 39.85 -2.97 75.10
C ARG A 506 41.26 -3.15 74.52
N ILE A 507 41.43 -2.79 73.24
CA ILE A 507 42.74 -2.92 72.60
C ILE A 507 43.59 -1.66 72.81
N LEU A 508 42.97 -0.48 72.94
CA LEU A 508 43.75 0.74 73.18
C LEU A 508 44.47 0.65 74.52
N ASP A 509 43.84 0.01 75.52
CA ASP A 509 44.44 -0.15 76.84
C ASP A 509 45.59 -1.16 76.82
N ARG A 510 45.67 -1.99 75.79
CA ARG A 510 46.71 -3.00 75.69
C ARG A 510 47.54 -2.82 74.43
N CYS A 511 47.93 -1.58 74.13
CA CYS A 511 48.74 -1.30 72.95
C CYS A 511 49.67 -0.12 73.22
N SER A 512 50.88 -0.22 72.66
CA SER A 512 51.88 0.83 72.77
C SER A 512 52.58 1.13 71.45
N SER A 513 52.67 0.16 70.55
CA SER A 513 53.29 0.33 69.24
C SER A 513 52.18 0.46 68.19
N ILE A 514 52.49 1.14 67.10
CA ILE A 514 51.55 1.38 66.01
C ILE A 514 52.26 1.09 64.68
N LEU A 515 51.63 0.27 63.84
CA LEU A 515 52.18 -0.07 62.55
C LEU A 515 51.85 1.01 61.52
N ILE A 516 52.81 1.31 60.66
CA ILE A 516 52.63 2.29 59.59
C ILE A 516 53.56 1.96 58.43
N HIS A 517 52.97 1.64 57.27
CA HIS A 517 53.68 1.31 56.03
C HIS A 517 54.73 0.21 56.19
N GLY A 518 54.71 -0.52 57.30
CA GLY A 518 55.67 -1.59 57.53
C GLY A 518 56.51 -1.43 58.78
N LYS A 519 56.69 -0.21 59.31
CA LYS A 519 57.51 -0.01 60.49
C LYS A 519 56.62 0.35 61.69
N GLU A 520 57.24 0.46 62.86
CA GLU A 520 56.50 0.77 64.08
C GLU A 520 56.81 2.17 64.60
N GLN A 521 55.90 2.66 65.44
CA GLN A 521 56.00 3.98 66.05
C GLN A 521 55.35 3.93 67.43
N PRO A 522 55.64 4.91 68.31
CA PRO A 522 55.02 4.90 69.64
C PRO A 522 53.55 5.31 69.60
N LEU A 523 52.90 5.34 70.76
CA LEU A 523 51.49 5.72 70.84
C LEU A 523 51.31 7.23 71.03
N ASP A 524 51.94 8.01 70.15
CA ASP A 524 51.81 9.46 70.23
C ASP A 524 50.36 9.86 70.01
N GLU A 525 49.88 10.79 70.85
CA GLU A 525 48.49 11.23 70.78
C GLU A 525 48.15 11.97 69.49
N GLU A 526 49.15 12.43 68.72
CA GLU A 526 48.86 13.12 67.46
C GLU A 526 48.16 12.20 66.48
N LEU A 527 48.50 10.91 66.50
CA LEU A 527 47.84 9.92 65.65
C LEU A 527 46.89 9.04 66.44
N LYS A 528 47.05 8.97 67.78
CA LYS A 528 46.13 8.19 68.59
C LYS A 528 44.77 8.88 68.64
N ASP A 529 44.77 10.21 68.77
CA ASP A 529 43.51 10.94 68.75
C ASP A 529 42.92 10.87 67.34
N ALA A 530 43.78 10.77 66.32
CA ALA A 530 43.33 10.61 64.95
C ALA A 530 42.68 9.24 64.78
N PHE A 531 43.07 8.28 65.63
CA PHE A 531 42.45 6.96 65.63
C PHE A 531 41.11 7.04 66.35
N GLN A 532 41.03 7.86 67.40
CA GLN A 532 39.78 8.01 68.15
C GLN A 532 38.70 8.66 67.30
N ASN A 533 39.06 9.70 66.54
CA ASN A 533 38.05 10.33 65.69
C ASN A 533 37.62 9.38 64.58
N ALA A 534 38.55 8.52 64.10
CA ALA A 534 38.14 7.53 63.10
C ALA A 534 37.19 6.50 63.70
N TYR A 535 37.44 6.12 64.96
CA TYR A 535 36.56 5.18 65.63
C TYR A 535 35.16 5.76 65.78
N LEU A 536 35.07 7.04 66.16
CA LEU A 536 33.75 7.66 66.28
C LEU A 536 33.13 7.97 64.93
N GLU A 537 33.94 8.05 63.86
CA GLU A 537 33.38 8.26 62.53
C GLU A 537 32.72 6.99 62.03
N LEU A 538 33.44 5.86 62.12
CA LEU A 538 32.87 4.60 61.68
C LEU A 538 31.77 4.13 62.63
N GLY A 539 31.83 4.52 63.91
CA GLY A 539 30.81 4.14 64.85
C GLY A 539 29.56 4.97 64.70
N GLY A 540 29.72 6.29 64.56
CA GLY A 540 28.57 7.17 64.38
C GLY A 540 27.84 6.91 63.08
N LEU A 541 28.51 6.26 62.12
CA LEU A 541 27.91 5.90 60.85
C LEU A 541 27.01 4.68 60.97
N GLY A 542 26.66 4.28 62.20
CA GLY A 542 25.80 3.14 62.44
C GLY A 542 26.48 1.79 62.31
N GLU A 543 27.79 1.75 62.15
CA GLU A 543 28.53 0.50 61.99
C GLU A 543 29.16 0.04 63.29
N ARG A 544 29.49 -1.24 63.33
CA ARG A 544 30.13 -1.87 64.49
C ARG A 544 31.60 -2.05 64.12
N VAL A 545 32.48 -1.48 64.93
CA VAL A 545 33.92 -1.48 64.68
C VAL A 545 34.66 -2.41 65.64
N LEU A 546 35.73 -3.02 65.14
CA LEU A 546 36.60 -3.90 65.89
C LEU A 546 38.05 -3.47 65.63
N GLY A 547 38.93 -3.75 66.59
CA GLY A 547 40.34 -3.41 66.49
C GLY A 547 41.18 -4.66 66.40
N PHE A 548 42.21 -4.61 65.53
CA PHE A 548 43.11 -5.72 65.27
C PHE A 548 44.56 -5.32 65.52
N CYS A 549 45.27 -6.15 66.28
CA CYS A 549 46.66 -5.90 66.61
C CYS A 549 47.43 -7.20 66.60
N HIS A 550 48.75 -7.08 66.50
CA HIS A 550 49.62 -8.25 66.50
C HIS A 550 51.00 -7.83 67.01
N LEU A 551 51.82 -8.85 67.30
CA LEU A 551 53.16 -8.61 67.81
C LEU A 551 54.05 -9.82 67.53
N PHE A 552 55.33 -9.53 67.32
CA PHE A 552 56.33 -10.56 67.07
C PHE A 552 56.91 -10.97 68.41
N LEU A 553 56.65 -12.21 68.83
CA LEU A 553 57.19 -12.68 70.10
C LEU A 553 58.68 -12.97 69.94
N PRO A 554 59.54 -12.48 70.83
CA PRO A 554 60.99 -12.73 70.70
C PRO A 554 61.30 -14.20 70.89
N ASP A 555 61.88 -14.82 69.86
CA ASP A 555 62.25 -16.23 69.94
C ASP A 555 63.39 -16.49 70.92
N GLU A 556 63.97 -15.44 71.50
CA GLU A 556 65.03 -15.59 72.48
C GLU A 556 64.46 -15.77 73.89
N GLN A 557 63.31 -15.17 74.16
CA GLN A 557 62.63 -15.31 75.44
C GLN A 557 61.56 -16.39 75.39
N PHE A 558 61.13 -16.76 74.19
CA PHE A 558 60.13 -17.81 73.99
C PHE A 558 60.59 -18.58 72.75
N PRO A 559 61.47 -19.57 72.92
CA PRO A 559 61.98 -20.31 71.77
C PRO A 559 60.91 -21.15 71.09
N GLU A 560 61.31 -21.75 69.97
CA GLU A 560 60.40 -22.57 69.16
C GLU A 560 59.94 -23.83 69.86
N GLY A 561 60.59 -24.24 70.95
CA GLY A 561 60.20 -25.43 71.67
C GLY A 561 59.30 -25.15 72.86
N PHE A 562 59.37 -23.93 73.37
CA PHE A 562 58.56 -23.55 74.52
C PHE A 562 57.08 -23.58 74.17
N GLN A 563 56.27 -24.12 75.09
CA GLN A 563 54.82 -24.22 74.91
C GLN A 563 54.14 -23.28 75.89
N PHE A 564 53.42 -22.30 75.33
CA PHE A 564 52.72 -21.27 76.10
C PHE A 564 51.32 -21.76 76.46
N ASP A 565 51.26 -22.64 77.47
CA ASP A 565 49.97 -23.16 77.90
C ASP A 565 49.08 -22.04 78.40
N THR A 566 47.79 -22.10 78.05
CA THR A 566 46.86 -21.04 78.41
C THR A 566 46.52 -21.05 79.89
N ASP A 567 47.43 -20.49 80.71
CA ASP A 567 47.18 -20.40 82.14
C ASP A 567 47.61 -19.06 82.75
N ASP A 568 48.89 -18.72 82.55
CA ASP A 568 49.51 -17.52 83.09
C ASP A 568 49.92 -16.57 81.99
N VAL A 569 50.60 -15.49 82.38
CA VAL A 569 51.01 -14.46 81.44
C VAL A 569 52.21 -14.93 80.62
N ASN A 570 51.93 -15.63 79.53
CA ASN A 570 52.96 -16.11 78.62
C ASN A 570 53.15 -15.15 77.45
N PHE A 571 52.21 -14.23 77.24
CA PHE A 571 52.24 -13.25 76.18
C PHE A 571 52.12 -11.84 76.75
N PRO A 572 52.85 -10.88 76.20
CA PRO A 572 52.73 -9.50 76.71
C PRO A 572 51.40 -8.90 76.30
N LEU A 573 50.50 -8.69 77.28
CA LEU A 573 49.19 -8.11 76.97
C LEU A 573 49.35 -6.71 76.39
N ASP A 574 50.22 -5.89 76.96
CA ASP A 574 50.46 -4.55 76.48
C ASP A 574 51.62 -4.57 75.49
N ASN A 575 52.07 -3.39 75.07
CA ASN A 575 53.18 -3.21 74.14
C ASN A 575 52.98 -3.90 72.80
N LEU A 576 51.72 -4.11 72.41
CA LEU A 576 51.43 -4.77 71.14
C LEU A 576 51.50 -3.74 70.00
N CYS A 577 51.32 -4.20 68.77
CA CYS A 577 51.37 -3.34 67.60
C CYS A 577 49.98 -3.30 66.96
N PHE A 578 49.29 -2.18 67.13
CA PHE A 578 47.95 -1.98 66.56
C PHE A 578 48.09 -1.73 65.06
N VAL A 579 47.31 -2.46 64.26
CA VAL A 579 47.39 -2.30 62.81
C VAL A 579 46.22 -1.47 62.28
N GLY A 580 45.01 -1.72 62.77
CA GLY A 580 43.88 -0.95 62.31
C GLY A 580 42.52 -1.49 62.67
N LEU A 581 41.53 -0.60 62.64
CA LEU A 581 40.16 -0.96 62.94
C LEU A 581 39.51 -1.59 61.72
N ILE A 582 38.45 -2.36 61.96
CA ILE A 582 37.70 -2.99 60.87
C ILE A 582 36.23 -2.89 61.27
N SER A 583 35.48 -2.06 60.56
CA SER A 583 34.06 -1.91 60.85
C SER A 583 33.25 -2.87 59.99
N MET A 584 31.96 -2.96 60.28
CA MET A 584 31.09 -3.85 59.54
C MET A 584 29.64 -3.50 59.82
N ILE A 585 28.79 -3.80 58.84
CA ILE A 585 27.35 -3.55 58.95
C ILE A 585 26.67 -4.29 57.81
N ASP A 586 25.34 -4.44 57.91
CA ASP A 586 24.58 -5.04 56.84
C ASP A 586 24.47 -4.00 55.72
N PRO A 587 25.03 -4.22 54.55
CA PRO A 587 24.98 -3.20 53.51
C PRO A 587 23.71 -3.31 52.69
N PRO A 588 23.28 -2.21 52.08
CA PRO A 588 22.09 -2.25 51.23
C PRO A 588 22.39 -3.02 49.96
N ARG A 589 21.35 -3.48 49.29
CA ARG A 589 21.56 -4.24 48.06
C ARG A 589 22.11 -3.32 46.98
N ALA A 590 22.60 -3.92 45.89
CA ALA A 590 23.25 -3.20 44.81
C ALA A 590 22.43 -2.06 44.20
N ALA A 591 21.33 -2.37 43.53
CA ALA A 591 20.55 -1.30 42.91
C ALA A 591 19.59 -0.63 43.87
N VAL A 592 19.71 -0.82 45.17
CA VAL A 592 18.79 -0.19 46.13
C VAL A 592 18.92 1.34 46.16
N PRO A 593 20.12 1.94 46.33
CA PRO A 593 20.18 3.42 46.37
C PRO A 593 19.71 4.09 45.09
N ASP A 594 20.19 3.61 43.94
CA ASP A 594 19.79 4.19 42.68
C ASP A 594 18.28 4.08 42.48
N ALA A 595 17.70 2.91 42.82
CA ALA A 595 16.27 2.73 42.69
C ALA A 595 15.50 3.71 43.57
N VAL A 596 15.97 3.92 44.80
CA VAL A 596 15.30 4.87 45.68
C VAL A 596 15.35 6.26 45.06
N GLY A 597 16.48 6.60 44.44
CA GLY A 597 16.61 7.89 43.79
C GLY A 597 15.64 8.01 42.62
N LYS A 598 15.45 6.92 41.87
CA LYS A 598 14.53 6.95 40.74
C LYS A 598 13.10 7.15 41.23
N CYS A 599 12.75 6.51 42.35
CA CYS A 599 11.40 6.67 42.89
C CYS A 599 11.18 8.10 43.37
N ARG A 600 12.18 8.67 44.05
CA ARG A 600 12.05 10.06 44.49
C ARG A 600 11.97 10.99 43.30
N SER A 601 12.66 10.66 42.21
CA SER A 601 12.62 11.47 40.99
C SER A 601 11.21 11.48 40.42
N ALA A 602 10.51 10.36 40.52
CA ALA A 602 9.15 10.23 40.03
C ALA A 602 8.13 10.82 41.00
N GLY A 603 8.57 11.52 42.04
CA GLY A 603 7.66 12.12 42.99
C GLY A 603 7.06 11.15 43.98
N ILE A 604 7.71 10.02 44.24
CA ILE A 604 7.22 9.02 45.18
C ILE A 604 7.87 9.26 46.52
N LYS A 605 7.05 9.45 47.56
CA LYS A 605 7.58 9.65 48.90
C LYS A 605 8.07 8.32 49.43
N VAL A 606 9.35 8.26 49.79
CA VAL A 606 9.95 7.05 50.33
C VAL A 606 9.98 7.19 51.84
N ILE A 607 9.32 6.28 52.54
CA ILE A 607 9.26 6.28 54.01
C ILE A 607 9.74 4.94 54.51
N MET A 608 10.78 4.96 55.34
CA MET A 608 11.31 3.75 55.94
C MET A 608 10.48 3.37 57.15
N VAL A 609 10.11 2.10 57.23
CA VAL A 609 9.36 1.57 58.36
C VAL A 609 10.06 0.27 58.75
N THR A 610 10.78 0.29 59.87
CA THR A 610 11.51 -0.88 60.33
C THR A 610 11.53 -0.91 61.84
N GLY A 611 11.65 -2.13 62.38
CA GLY A 611 11.72 -2.34 63.81
C GLY A 611 13.14 -2.36 64.35
N ASP A 612 14.12 -2.10 63.51
CA ASP A 612 15.52 -2.11 63.91
C ASP A 612 15.82 -0.89 64.79
N HIS A 613 17.06 -0.83 65.29
CA HIS A 613 17.45 0.28 66.15
C HIS A 613 17.55 1.58 65.35
N PRO A 614 17.17 2.71 65.94
CA PRO A 614 17.22 3.98 65.19
C PRO A 614 18.61 4.43 64.79
N ILE A 615 19.63 4.10 65.59
CA ILE A 615 21.00 4.52 65.26
C ILE A 615 21.47 3.89 63.96
N THR A 616 20.96 2.71 63.62
CA THR A 616 21.33 2.04 62.38
C THR A 616 20.35 2.39 61.26
N ALA A 617 19.06 2.54 61.62
CA ALA A 617 18.05 2.88 60.63
C ALA A 617 18.33 4.25 60.01
N LYS A 618 18.73 5.22 60.83
CA LYS A 618 19.01 6.55 60.30
C LYS A 618 20.21 6.52 59.37
N ALA A 619 21.23 5.72 59.70
CA ALA A 619 22.41 5.61 58.85
C ALA A 619 22.07 4.98 57.51
N ILE A 620 21.29 3.89 57.53
CA ILE A 620 20.91 3.26 56.27
C ILE A 620 19.99 4.18 55.47
N ALA A 621 19.15 4.96 56.16
CA ALA A 621 18.26 5.89 55.47
C ALA A 621 19.08 6.93 54.72
N LYS A 622 20.08 7.51 55.37
CA LYS A 622 20.94 8.48 54.70
C LYS A 622 21.76 7.80 53.60
N GLY A 623 22.09 6.51 53.78
CA GLY A 623 22.87 5.78 52.80
C GLY A 623 22.14 5.34 51.55
N VAL A 624 20.82 5.18 51.61
CA VAL A 624 20.06 4.75 50.45
C VAL A 624 19.32 5.89 49.75
N GLY A 625 19.03 6.98 50.45
CA GLY A 625 18.33 8.11 49.84
C GLY A 625 17.05 8.51 50.53
N ILE A 626 16.61 7.81 51.57
CA ILE A 626 15.38 8.20 52.25
C ILE A 626 15.58 9.55 52.94
N ILE A 627 16.75 9.73 53.56
CA ILE A 627 17.11 10.98 54.21
C ILE A 627 18.19 11.60 53.32
N SER A 628 17.85 12.72 52.67
CA SER A 628 18.80 13.37 51.79
C SER A 628 19.92 14.00 52.60
N GLU A 629 21.15 13.92 52.06
CA GLU A 629 22.30 14.49 52.76
C GLU A 629 22.12 16.01 52.85
N GLY A 630 22.18 16.53 54.08
CA GLY A 630 22.00 17.94 54.31
C GLY A 630 20.76 18.19 55.16
N ASN A 631 19.71 17.41 54.94
CA ASN A 631 18.49 17.55 55.74
C ASN A 631 18.78 17.13 57.17
N GLU A 632 18.18 17.85 58.12
CA GLU A 632 18.40 17.60 59.55
C GLU A 632 17.13 17.19 60.27
N THR A 633 17.28 16.29 61.23
CA THR A 633 16.18 15.83 62.06
C THR A 633 15.91 16.86 63.15
N VAL A 634 14.86 16.61 63.94
CA VAL A 634 14.54 17.51 65.04
C VAL A 634 15.63 17.46 66.10
N GLU A 635 16.39 16.36 66.17
CA GLU A 635 17.49 16.20 67.11
C GLU A 635 18.80 16.77 66.58
N ASP A 636 19.00 16.70 65.27
CA ASP A 636 20.23 17.20 64.64
C ASP A 636 20.38 18.70 64.84
N ILE A 637 19.28 19.45 64.76
CA ILE A 637 19.37 20.90 64.95
C ILE A 637 19.72 21.23 66.39
N ALA A 638 19.13 20.50 67.34
CA ALA A 638 19.43 20.74 68.75
C ALA A 638 20.87 20.38 69.07
N ALA A 639 21.45 19.44 68.31
CA ALA A 639 22.84 19.08 68.55
C ALA A 639 23.79 20.06 67.88
N ARG A 640 23.40 20.63 66.73
CA ARG A 640 24.26 21.60 66.07
C ARG A 640 24.27 22.92 66.84
N LEU A 641 23.20 23.24 67.55
CA LEU A 641 23.14 24.49 68.31
C LEU A 641 23.46 24.31 69.79
N ASN A 642 23.68 23.07 70.26
CA ASN A 642 23.95 22.77 71.67
C ASN A 642 22.84 23.30 72.58
N ILE A 643 21.60 23.05 72.15
CA ILE A 643 20.41 23.49 72.87
C ILE A 643 19.49 22.30 73.07
N PRO A 644 18.57 22.38 74.03
CA PRO A 644 17.63 21.26 74.25
C PRO A 644 16.78 21.03 73.01
N VAL A 645 16.43 19.75 72.80
CA VAL A 645 15.62 19.38 71.65
C VAL A 645 14.21 19.94 71.73
N SER A 646 13.74 20.24 72.94
CA SER A 646 12.40 20.78 73.14
C SER A 646 12.26 22.22 72.67
N GLN A 647 13.37 22.88 72.32
CA GLN A 647 13.35 24.27 71.87
C GLN A 647 13.15 24.45 70.37
N VAL A 648 13.81 23.61 69.56
CA VAL A 648 13.74 23.75 68.12
C VAL A 648 12.33 23.54 67.58
N ASN A 649 11.96 24.37 66.63
CA ASN A 649 10.65 24.27 66.00
C ASN A 649 10.69 23.10 65.01
N PRO A 650 9.77 22.15 65.10
CA PRO A 650 9.79 21.01 64.15
C PRO A 650 9.66 21.43 62.70
N ARG A 651 9.17 22.64 62.42
CA ARG A 651 9.03 23.12 61.05
C ARG A 651 10.38 23.39 60.41
N ASP A 652 11.42 23.62 61.21
CA ASP A 652 12.75 23.85 60.67
C ASP A 652 13.47 22.54 60.33
N ALA A 653 12.86 21.40 60.65
CA ALA A 653 13.41 20.08 60.40
C ALA A 653 12.61 19.38 59.30
N LYS A 654 13.25 19.14 58.15
CA LYS A 654 12.57 18.48 57.04
C LYS A 654 12.37 17.00 57.32
N ALA A 655 13.43 16.30 57.73
CA ALA A 655 13.36 14.88 58.03
C ALA A 655 13.10 14.66 59.52
N CYS A 656 12.66 13.45 59.85
CA CYS A 656 12.37 13.13 61.24
C CYS A 656 12.41 11.62 61.48
N VAL A 657 12.93 11.25 62.64
CA VAL A 657 12.99 9.87 63.09
C VAL A 657 11.94 9.74 64.17
N VAL A 658 11.10 8.72 64.06
CA VAL A 658 10.03 8.49 65.03
C VAL A 658 10.28 7.13 65.65
N HIS A 659 10.48 7.11 66.96
CA HIS A 659 10.75 5.88 67.67
C HIS A 659 9.46 5.13 67.97
N GLY A 660 9.54 3.80 67.93
CA GLY A 660 8.36 2.97 68.20
C GLY A 660 7.84 3.14 69.60
N SER A 661 8.73 3.39 70.57
CA SER A 661 8.28 3.62 71.94
C SER A 661 7.39 4.84 72.00
N ASP A 662 7.74 5.88 71.24
CA ASP A 662 6.94 7.10 71.18
C ASP A 662 5.70 6.90 70.31
N LEU A 663 5.80 6.01 69.31
CA LEU A 663 4.67 5.75 68.40
C LEU A 663 3.49 5.12 69.11
N LYS A 664 3.74 4.35 70.18
CA LYS A 664 2.66 3.70 70.91
C LYS A 664 1.70 4.70 71.53
N ASP A 665 2.20 5.87 71.92
CA ASP A 665 1.39 6.92 72.55
C ASP A 665 0.97 7.99 71.55
N MET A 666 0.54 7.62 70.34
CA MET A 666 0.17 8.61 69.35
C MET A 666 -1.30 8.47 68.92
N THR A 667 -1.85 9.61 68.50
CA THR A 667 -3.22 9.70 68.04
C THR A 667 -3.24 9.74 66.52
N SER A 668 -4.45 9.83 65.95
CA SER A 668 -4.57 9.90 64.50
C SER A 668 -4.07 11.24 63.97
N GLU A 669 -4.45 12.33 64.63
CA GLU A 669 -4.05 13.67 64.21
C GLU A 669 -2.55 13.86 64.27
N GLN A 670 -1.91 13.34 65.32
CA GLN A 670 -0.46 13.48 65.46
C GLN A 670 0.27 12.77 64.33
N LEU A 671 -0.17 11.55 63.98
CA LEU A 671 0.46 10.84 62.88
C LEU A 671 0.21 11.56 61.56
N ASP A 672 -0.99 12.14 61.41
CA ASP A 672 -1.30 12.91 60.20
C ASP A 672 -0.34 14.07 60.07
N ASP A 673 -0.08 14.77 61.18
CA ASP A 673 0.85 15.90 61.15
C ASP A 673 2.27 15.42 60.90
N ILE A 674 2.63 14.23 61.39
CA ILE A 674 3.97 13.70 61.16
C ILE A 674 4.18 13.48 59.67
N LEU A 675 3.18 12.96 58.98
CA LEU A 675 3.32 12.74 57.55
C LEU A 675 3.14 14.01 56.72
N LYS A 676 2.36 14.98 57.21
CA LYS A 676 2.09 16.21 56.45
C LYS A 676 3.23 17.23 56.49
N TYR A 677 3.89 17.40 57.64
CA TYR A 677 4.93 18.41 57.76
C TYR A 677 6.35 17.90 57.62
N HIS A 678 6.56 16.58 57.62
CA HIS A 678 7.88 16.00 57.46
C HIS A 678 7.90 15.27 56.13
N THR A 679 8.86 15.61 55.28
CA THR A 679 8.97 15.03 53.94
C THR A 679 9.78 13.75 53.90
N GLU A 680 10.76 13.61 54.78
CA GLU A 680 11.61 12.43 54.85
C GLU A 680 11.41 11.87 56.25
N ILE A 681 10.68 10.76 56.35
CA ILE A 681 10.35 10.17 57.65
C ILE A 681 10.92 8.76 57.77
N VAL A 682 11.36 8.41 58.98
CA VAL A 682 11.89 7.09 59.26
C VAL A 682 11.29 6.61 60.58
N PHE A 683 10.49 5.54 60.50
CA PHE A 683 9.87 4.94 61.67
C PHE A 683 10.78 3.81 62.15
N ALA A 684 11.34 3.96 63.35
CA ALA A 684 12.24 2.97 63.92
C ALA A 684 11.62 2.30 65.14
N ARG A 685 12.03 1.05 65.36
CA ARG A 685 11.58 0.24 66.50
C ARG A 685 10.06 0.07 66.50
N THR A 686 9.46 -0.06 65.32
CA THR A 686 8.01 -0.22 65.19
C THR A 686 7.63 -1.68 65.04
N SER A 687 6.62 -2.10 65.80
CA SER A 687 6.11 -3.46 65.76
C SER A 687 5.30 -3.68 64.48
N PRO A 688 5.08 -4.95 64.08
CA PRO A 688 4.29 -5.20 62.85
C PRO A 688 2.92 -4.56 62.90
N GLN A 689 2.28 -4.58 64.08
CA GLN A 689 0.99 -3.95 64.24
C GLN A 689 1.13 -2.45 64.02
N GLN A 690 2.24 -1.87 64.48
CA GLN A 690 2.46 -0.46 64.25
C GLN A 690 2.75 -0.20 62.78
N LYS A 691 3.39 -1.16 62.10
CA LYS A 691 3.61 -1.02 60.66
C LYS A 691 2.27 -0.87 59.97
N LEU A 692 1.31 -1.71 60.36
CA LEU A 692 -0.04 -1.62 59.79
C LEU A 692 -0.68 -0.27 60.12
N ILE A 693 -0.47 0.21 61.35
CA ILE A 693 -1.02 1.52 61.73
C ILE A 693 -0.42 2.62 60.86
N ILE A 694 0.87 2.50 60.53
CA ILE A 694 1.55 3.48 59.68
C ILE A 694 1.00 3.42 58.26
N VAL A 695 0.80 2.21 57.74
CA VAL A 695 0.26 2.07 56.38
C VAL A 695 -1.13 2.70 56.31
N GLU A 696 -1.94 2.46 57.35
CA GLU A 696 -3.28 3.06 57.39
C GLU A 696 -3.17 4.58 57.49
N GLY A 697 -2.19 5.09 58.24
CA GLY A 697 -2.01 6.53 58.34
C GLY A 697 -1.66 7.14 57.00
N CYS A 698 -0.88 6.40 56.19
CA CYS A 698 -0.55 6.89 54.86
C CYS A 698 -1.77 6.88 53.96
N GLN A 699 -2.59 5.83 54.08
CA GLN A 699 -3.81 5.73 53.26
C GLN A 699 -4.85 6.78 53.65
N ARG A 700 -4.81 7.28 54.89
CA ARG A 700 -5.77 8.30 55.30
C ARG A 700 -5.58 9.58 54.50
N GLN A 701 -4.36 9.84 54.03
CA GLN A 701 -4.10 11.02 53.23
C GLN A 701 -4.75 10.92 51.86
N GLY A 702 -5.02 9.71 51.38
CA GLY A 702 -5.61 9.48 50.09
C GLY A 702 -4.62 9.14 49.00
N ALA A 703 -3.40 8.73 49.36
CA ALA A 703 -2.36 8.39 48.41
C ALA A 703 -2.19 6.88 48.29
N ILE A 704 -1.78 6.45 47.09
CA ILE A 704 -1.58 5.02 46.83
C ILE A 704 -0.33 4.56 47.56
N VAL A 705 -0.43 3.45 48.28
CA VAL A 705 0.66 2.93 49.09
C VAL A 705 1.16 1.57 48.61
N ALA A 706 2.48 1.43 48.62
CA ALA A 706 3.18 0.20 48.25
C ALA A 706 4.14 -0.14 49.38
N VAL A 707 3.99 -1.32 49.96
CA VAL A 707 4.85 -1.77 51.05
C VAL A 707 5.82 -2.80 50.49
N THR A 708 7.12 -2.58 50.67
CA THR A 708 8.15 -3.49 50.17
C THR A 708 8.85 -4.15 51.36
N GLY A 709 8.65 -5.46 51.53
CA GLY A 709 9.26 -6.18 52.64
C GLY A 709 9.67 -7.63 52.41
N ASP A 710 10.15 -8.25 53.49
CA ASP A 710 10.57 -9.64 53.45
C ASP A 710 10.15 -10.48 54.66
N GLY A 711 10.26 -9.92 55.89
CA GLY A 711 9.96 -10.67 57.09
C GLY A 711 8.48 -10.81 57.41
N VAL A 712 8.19 -11.66 58.41
CA VAL A 712 6.82 -11.90 58.82
C VAL A 712 6.18 -10.61 59.34
N ASN A 713 7.00 -9.66 59.83
CA ASN A 713 6.48 -8.40 60.31
C ASN A 713 5.91 -7.55 59.16
N ASP A 714 6.23 -7.90 57.92
CA ASP A 714 5.73 -7.21 56.75
C ASP A 714 4.43 -7.81 56.23
N SER A 715 3.96 -8.90 56.85
CA SER A 715 2.70 -9.51 56.39
C SER A 715 1.51 -8.58 56.64
N PRO A 716 1.26 -8.08 57.86
CA PRO A 716 0.12 -7.17 58.04
C PRO A 716 0.30 -5.85 57.33
N ALA A 717 1.54 -5.52 56.95
CA ALA A 717 1.79 -4.28 56.24
C ALA A 717 1.63 -4.48 54.73
N SER A 718 2.06 -5.64 54.22
CA SER A 718 1.89 -5.90 52.78
C SER A 718 0.44 -6.17 52.45
N LYS A 719 -0.31 -6.75 53.38
CA LYS A 719 -1.71 -7.07 53.12
C LYS A 719 -2.58 -5.82 53.00
N LYS A 720 -2.51 -4.92 53.99
CA LYS A 720 -3.34 -3.72 53.98
C LYS A 720 -2.89 -2.67 52.97
N ALA A 721 -1.67 -2.75 52.47
CA ALA A 721 -1.19 -1.77 51.50
C ALA A 721 -1.90 -1.95 50.17
N ASP A 722 -1.95 -0.85 49.39
CA ASP A 722 -2.58 -0.92 48.06
C ASP A 722 -1.83 -1.96 47.22
N ILE A 723 -0.53 -2.15 47.47
CA ILE A 723 0.21 -3.21 46.80
C ILE A 723 1.41 -3.58 47.66
N GLY A 724 1.56 -4.88 47.91
CA GLY A 724 2.66 -5.40 48.70
C GLY A 724 3.69 -6.05 47.79
N VAL A 725 4.96 -5.89 48.14
CA VAL A 725 6.08 -6.43 47.38
C VAL A 725 6.91 -7.27 48.32
N ALA A 726 6.97 -8.57 48.06
CA ALA A 726 7.76 -9.44 48.91
C ALA A 726 9.02 -9.88 48.18
N MET A 727 10.08 -10.13 48.96
CA MET A 727 11.32 -10.61 48.36
C MET A 727 11.16 -12.10 48.10
N GLY A 728 11.50 -12.55 46.89
CA GLY A 728 11.31 -13.93 46.49
C GLY A 728 12.13 -14.98 47.20
N ILE A 729 13.26 -14.60 47.80
CA ILE A 729 14.08 -15.60 48.50
C ILE A 729 14.39 -15.16 49.92
N ALA A 730 14.80 -13.90 50.10
CA ALA A 730 15.13 -13.39 51.43
C ALA A 730 13.88 -13.05 52.24
N GLY A 731 12.70 -13.38 51.73
CA GLY A 731 11.46 -13.11 52.42
C GLY A 731 10.85 -14.33 53.10
N SER A 732 9.94 -14.06 54.03
CA SER A 732 9.24 -15.10 54.76
C SER A 732 8.00 -15.50 53.96
N ASP A 733 7.54 -16.74 54.20
CA ASP A 733 6.39 -17.27 53.46
C ASP A 733 5.10 -16.52 53.74
N VAL A 734 4.88 -16.08 54.98
CA VAL A 734 3.63 -15.38 55.32
C VAL A 734 3.55 -14.03 54.62
N SER A 735 4.62 -13.24 54.68
CA SER A 735 4.60 -11.96 54.01
C SER A 735 4.62 -12.13 52.50
N LYS A 736 5.11 -13.27 52.03
CA LYS A 736 5.13 -13.55 50.60
C LYS A 736 3.73 -13.87 50.10
N GLN A 737 2.92 -14.57 50.92
CA GLN A 737 1.56 -14.90 50.53
C GLN A 737 0.62 -13.71 50.70
N ALA A 738 0.79 -12.95 51.78
CA ALA A 738 -0.06 -11.79 52.03
C ALA A 738 0.26 -10.62 51.13
N ALA A 739 1.29 -10.74 50.30
CA ALA A 739 1.68 -9.68 49.38
C ALA A 739 0.90 -9.85 48.07
N ASP A 740 1.04 -8.85 47.19
CA ASP A 740 0.38 -8.88 45.90
C ASP A 740 1.37 -8.98 44.74
N MET A 741 2.67 -8.82 44.99
CA MET A 741 3.70 -8.95 43.97
C MET A 741 4.94 -9.57 44.61
N ILE A 742 5.59 -10.47 43.87
CA ILE A 742 6.77 -11.19 44.32
C ILE A 742 7.96 -10.84 43.45
N LEU A 743 9.12 -10.64 44.07
CA LEU A 743 10.37 -10.34 43.37
C LEU A 743 11.22 -11.60 43.48
N LEU A 744 11.07 -12.49 42.50
CA LEU A 744 11.80 -13.76 42.51
C LEU A 744 13.32 -13.60 42.44
N ASP A 745 13.83 -12.45 42.01
CA ASP A 745 15.26 -12.21 41.93
C ASP A 745 15.77 -11.30 43.04
N ASP A 746 14.88 -10.77 43.88
CA ASP A 746 15.17 -9.86 44.99
C ASP A 746 15.83 -8.57 44.51
N ASN A 747 15.83 -8.31 43.20
CA ASN A 747 16.38 -7.08 42.66
C ASN A 747 15.41 -5.96 42.97
N PHE A 748 15.77 -5.10 43.93
CA PHE A 748 14.89 -4.01 44.31
C PHE A 748 14.64 -3.01 43.18
N ALA A 749 15.46 -3.03 42.13
CA ALA A 749 15.24 -2.14 40.99
C ALA A 749 13.95 -2.49 40.25
N SER A 750 13.44 -3.71 40.47
CA SER A 750 12.20 -4.12 39.86
C SER A 750 11.06 -3.21 40.28
N ILE A 751 11.19 -2.55 41.44
CA ILE A 751 10.17 -1.59 41.86
C ILE A 751 10.14 -0.41 40.91
N VAL A 752 11.32 0.04 40.46
CA VAL A 752 11.39 1.12 39.50
C VAL A 752 10.80 0.66 38.17
N THR A 753 11.14 -0.55 37.75
CA THR A 753 10.56 -1.06 36.51
C THR A 753 9.04 -1.11 36.63
N GLY A 754 8.54 -1.53 37.79
CA GLY A 754 7.11 -1.61 38.00
C GLY A 754 6.41 -0.26 37.98
N VAL A 755 6.99 0.73 38.66
CA VAL A 755 6.38 2.06 38.66
C VAL A 755 6.43 2.66 37.26
N GLU A 756 7.37 2.22 36.43
CA GLU A 756 7.38 2.74 35.06
C GLU A 756 6.29 2.08 34.23
N GLU A 757 6.22 0.75 34.30
CA GLU A 757 5.21 0.00 33.54
C GLU A 757 3.80 0.36 33.97
N GLY A 758 3.59 0.61 35.27
CA GLY A 758 2.26 0.97 35.76
C GLY A 758 1.73 2.25 35.15
N ARG A 759 2.63 3.17 34.82
CA ARG A 759 2.22 4.41 34.17
C ARG A 759 2.09 4.19 32.66
N LEU A 760 3.01 3.38 32.11
CA LEU A 760 3.02 3.08 30.68
C LEU A 760 1.72 2.41 30.25
N ILE A 761 1.37 1.30 30.91
CA ILE A 761 0.15 0.59 30.56
C ILE A 761 -1.06 1.45 30.88
N PHE A 762 -0.96 2.37 31.87
CA PHE A 762 -2.10 3.24 32.13
C PHE A 762 -2.39 4.12 30.92
N ASP A 763 -1.36 4.78 30.39
CA ASP A 763 -1.54 5.63 29.21
C ASP A 763 -1.99 4.80 28.01
N ASN A 764 -1.41 3.60 27.83
CA ASN A 764 -1.79 2.78 26.69
C ASN A 764 -3.24 2.30 26.82
N LEU A 765 -3.69 2.04 28.04
CA LEU A 765 -5.09 1.67 28.24
C LEU A 765 -5.96 2.83 27.84
N LYS A 766 -5.53 4.05 28.15
CA LYS A 766 -6.30 5.23 27.76
C LYS A 766 -6.45 5.28 26.24
N LYS A 767 -5.34 5.09 25.51
CA LYS A 767 -5.38 5.12 24.05
C LYS A 767 -6.31 4.04 23.49
N SER A 768 -6.14 2.80 23.97
CA SER A 768 -6.94 1.69 23.46
C SER A 768 -8.42 1.86 23.80
N ILE A 769 -8.72 2.39 24.99
CA ILE A 769 -10.11 2.62 25.36
C ILE A 769 -10.72 3.69 24.46
N ALA A 770 -9.97 4.76 24.17
CA ALA A 770 -10.50 5.79 23.26
C ALA A 770 -10.72 5.20 21.87
N TYR A 771 -9.92 4.20 21.51
CA TYR A 771 -10.09 3.56 20.21
C TYR A 771 -11.40 2.78 20.15
N THR A 772 -11.61 1.88 21.13
CA THR A 772 -12.85 1.10 21.14
C THR A 772 -14.07 1.98 21.37
N LEU A 773 -13.92 3.08 22.13
CA LEU A 773 -15.02 3.99 22.40
C LEU A 773 -15.30 4.93 21.24
N THR A 774 -14.41 4.97 20.24
CA THR A 774 -14.64 5.83 19.08
C THR A 774 -15.60 5.17 18.08
N SER A 775 -15.45 3.87 17.87
CA SER A 775 -16.30 3.14 16.93
C SER A 775 -17.75 3.03 17.35
N ASN A 776 -18.11 3.46 18.57
CA ASN A 776 -19.49 3.32 19.02
C ASN A 776 -20.46 4.24 18.27
N ILE A 777 -20.02 5.46 17.95
CA ILE A 777 -20.89 6.39 17.24
C ILE A 777 -21.34 5.85 15.88
N PRO A 778 -20.45 5.39 14.99
CA PRO A 778 -20.94 4.85 13.72
C PRO A 778 -21.61 3.51 13.87
N GLU A 779 -21.53 2.89 15.04
CA GLU A 779 -22.21 1.61 15.28
C GLU A 779 -23.65 1.83 15.69
N ILE A 780 -23.95 2.96 16.34
CA ILE A 780 -25.30 3.23 16.84
C ILE A 780 -26.05 4.24 15.98
N THR A 781 -25.38 5.26 15.43
CA THR A 781 -26.06 6.26 14.61
C THR A 781 -26.93 5.68 13.49
N PRO A 782 -26.56 4.58 12.82
CA PRO A 782 -27.48 4.03 11.80
C PRO A 782 -28.83 3.70 12.37
N PHE A 783 -28.88 3.07 13.54
CA PHE A 783 -30.15 2.73 14.16
C PHE A 783 -30.88 3.98 14.63
N LEU A 784 -30.15 4.97 15.13
CA LEU A 784 -30.77 6.21 15.58
C LEU A 784 -31.51 6.92 14.45
N ILE A 785 -30.80 7.19 13.34
CA ILE A 785 -31.47 7.85 12.23
C ILE A 785 -32.46 6.91 11.55
N PHE A 786 -32.30 5.60 11.76
CA PHE A 786 -33.24 4.62 11.23
C PHE A 786 -34.58 4.81 11.94
N ILE A 787 -34.54 5.15 13.23
CA ILE A 787 -35.74 5.42 13.98
C ILE A 787 -36.29 6.80 13.62
N ILE A 788 -35.41 7.79 13.47
CA ILE A 788 -35.84 9.15 13.15
C ILE A 788 -36.26 9.36 11.70
N ALA A 789 -35.30 9.23 10.78
CA ALA A 789 -35.54 9.48 9.36
C ALA A 789 -36.35 8.41 8.64
N ASN A 790 -36.61 7.26 9.27
CA ASN A 790 -37.37 6.17 8.67
C ASN A 790 -36.77 5.73 7.33
N ILE A 791 -35.45 5.52 7.35
CA ILE A 791 -34.70 5.10 6.17
C ILE A 791 -34.37 3.62 6.36
N PRO A 792 -33.97 2.88 5.31
CA PRO A 792 -33.60 1.47 5.51
C PRO A 792 -32.39 1.38 6.42
N LEU A 793 -32.27 0.27 7.13
CA LEU A 793 -31.18 0.07 8.08
C LEU A 793 -29.81 0.17 7.41
N PRO A 794 -28.98 1.16 7.76
CA PRO A 794 -27.67 1.28 7.11
C PRO A 794 -26.64 0.26 7.54
N LEU A 795 -26.61 -0.13 8.81
CA LEU A 795 -25.62 -1.06 9.33
C LEU A 795 -26.29 -2.23 10.04
N GLY A 796 -25.81 -3.45 9.75
CA GLY A 796 -26.37 -4.66 10.34
C GLY A 796 -25.71 -5.07 11.65
N THR A 797 -26.36 -6.00 12.34
CA THR A 797 -25.87 -6.48 13.63
C THR A 797 -24.64 -7.37 13.49
N VAL A 798 -24.71 -8.38 12.61
CA VAL A 798 -23.57 -9.29 12.43
C VAL A 798 -22.34 -8.53 11.95
N THR A 799 -22.55 -7.47 11.16
CA THR A 799 -21.43 -6.65 10.72
C THR A 799 -20.82 -5.92 11.92
N ILE A 800 -21.67 -5.45 12.83
CA ILE A 800 -21.20 -4.78 14.04
C ILE A 800 -20.35 -5.75 14.84
N LEU A 801 -20.75 -7.02 14.87
CA LEU A 801 -19.96 -8.04 15.55
C LEU A 801 -18.62 -8.21 14.84
N CYS A 802 -18.63 -8.14 13.51
CA CYS A 802 -17.39 -8.27 12.75
C CYS A 802 -16.47 -7.07 12.96
N ILE A 803 -16.99 -5.96 13.49
CA ILE A 803 -16.14 -4.79 13.74
C ILE A 803 -15.63 -4.81 15.17
N ASP A 804 -16.54 -4.90 16.14
CA ASP A 804 -16.17 -4.89 17.56
C ASP A 804 -15.31 -6.08 17.95
N LEU A 805 -15.70 -7.29 17.53
CA LEU A 805 -14.99 -8.50 17.90
C LEU A 805 -14.20 -9.14 16.78
N GLY A 806 -14.21 -8.54 15.60
CA GLY A 806 -13.52 -9.06 14.43
C GLY A 806 -12.26 -8.31 14.09
N THR A 807 -12.44 -7.26 13.28
CA THR A 807 -11.31 -6.46 12.82
C THR A 807 -10.61 -5.69 13.94
N ASP A 808 -11.34 -4.81 14.63
CA ASP A 808 -10.77 -3.94 15.67
C ASP A 808 -9.99 -4.63 16.78
N MET A 809 -10.12 -5.94 16.96
CA MET A 809 -9.41 -6.58 18.08
C MET A 809 -7.89 -6.48 17.95
N VAL A 810 -7.34 -6.73 16.76
CA VAL A 810 -5.89 -6.66 16.60
C VAL A 810 -5.38 -5.22 16.76
N PRO A 811 -6.01 -4.20 16.16
CA PRO A 811 -5.51 -2.83 16.40
C PRO A 811 -5.55 -2.43 17.86
N ALA A 812 -6.67 -2.68 18.55
CA ALA A 812 -6.78 -2.32 19.96
C ALA A 812 -5.75 -3.07 20.80
N ILE A 813 -5.45 -4.32 20.45
CA ILE A 813 -4.44 -5.08 21.18
C ILE A 813 -3.06 -4.48 20.93
N SER A 814 -2.81 -4.05 19.69
CA SER A 814 -1.52 -3.44 19.33
C SER A 814 -1.32 -2.09 20.00
N LEU A 815 -2.39 -1.39 20.37
CA LEU A 815 -2.27 -0.09 21.01
C LEU A 815 -1.64 -0.18 22.40
N ALA A 816 -1.46 -1.40 22.92
CA ALA A 816 -0.81 -1.59 24.21
C ALA A 816 0.70 -1.49 24.08
N TYR A 817 1.23 -1.84 22.91
CA TYR A 817 2.66 -1.83 22.65
C TYR A 817 3.23 -0.44 22.41
N GLU A 818 2.44 0.62 22.54
CA GLU A 818 2.97 1.95 22.34
C GLU A 818 3.95 2.30 23.46
N GLN A 819 4.98 3.05 23.11
CA GLN A 819 6.01 3.42 24.08
C GLN A 819 5.73 4.80 24.65
N ALA A 820 6.65 5.28 25.49
CA ALA A 820 6.51 6.58 26.12
C ALA A 820 6.64 7.70 25.11
N GLU A 821 5.80 8.73 25.25
CA GLU A 821 5.87 9.88 24.36
C GLU A 821 6.89 10.88 24.87
N SER A 822 6.97 11.01 26.19
CA SER A 822 7.93 11.84 26.90
C SER A 822 8.48 10.94 28.01
N ASP A 823 9.22 11.48 28.95
CA ASP A 823 9.75 10.65 30.04
C ASP A 823 8.66 10.49 31.08
N ILE A 824 8.18 9.26 31.27
CA ILE A 824 7.13 9.05 32.26
C ILE A 824 7.74 9.00 33.65
N MET A 825 8.99 8.54 33.77
CA MET A 825 9.59 8.51 35.10
C MET A 825 9.98 9.89 35.59
N LYS A 826 9.64 10.94 34.83
CA LYS A 826 9.89 12.33 35.19
C LYS A 826 8.65 13.01 35.77
N ARG A 827 7.49 12.72 35.21
CA ARG A 827 6.25 13.33 35.69
C ARG A 827 5.87 12.77 37.05
N GLN A 828 5.10 13.57 37.80
CA GLN A 828 4.66 13.21 39.14
C GLN A 828 3.59 12.11 39.09
N PRO A 829 3.40 11.37 40.19
CA PRO A 829 2.38 10.32 40.19
C PRO A 829 1.00 10.89 39.95
N ARG A 830 0.19 10.14 39.22
CA ARG A 830 -1.16 10.61 38.90
C ARG A 830 -2.01 10.79 40.15
N ASN A 831 -2.76 11.88 40.18
CA ASN A 831 -3.65 12.12 41.31
C ASN A 831 -4.88 11.24 41.13
N PRO A 832 -5.26 10.45 42.13
CA PRO A 832 -6.44 9.58 41.95
C PRO A 832 -7.74 10.35 41.80
N LYS A 833 -7.86 11.51 42.45
CA LYS A 833 -9.09 12.29 42.33
C LYS A 833 -9.14 13.14 41.08
N THR A 834 -8.04 13.27 40.34
CA THR A 834 -8.01 14.10 39.14
C THR A 834 -7.78 13.33 37.84
N ASP A 835 -6.69 12.59 37.72
CA ASP A 835 -6.35 11.87 36.49
C ASP A 835 -7.06 10.53 36.40
N LYS A 836 -8.31 10.56 35.93
CA LYS A 836 -9.06 9.34 35.76
C LYS A 836 -8.64 8.66 34.46
N LEU A 837 -8.76 7.33 34.45
CA LEU A 837 -8.41 6.57 33.25
C LEU A 837 -9.26 7.00 32.07
N VAL A 838 -10.52 7.34 32.32
CA VAL A 838 -11.44 7.81 31.29
C VAL A 838 -12.08 9.11 31.79
N ASN A 839 -11.60 10.23 31.29
CA ASN A 839 -12.09 11.58 31.64
C ASN A 839 -12.98 12.10 30.52
N GLU A 840 -13.59 13.28 30.76
CA GLU A 840 -14.50 13.84 29.75
C GLU A 840 -13.78 14.29 28.49
N GLN A 841 -12.45 14.26 28.46
CA GLN A 841 -11.74 14.64 27.25
C GLN A 841 -11.72 13.47 26.27
N LEU A 842 -11.85 12.25 26.81
CA LEU A 842 -11.90 11.07 25.97
C LEU A 842 -13.32 10.89 25.44
N ILE A 843 -14.32 11.20 26.27
CA ILE A 843 -15.69 11.13 25.79
C ILE A 843 -15.91 12.22 24.75
N SER A 844 -15.32 13.40 24.98
CA SER A 844 -15.45 14.47 24.01
C SER A 844 -14.73 14.15 22.71
N MET A 845 -13.71 13.29 22.75
CA MET A 845 -13.00 12.93 21.51
C MET A 845 -13.66 11.76 20.78
N ALA A 846 -13.76 10.61 21.44
CA ALA A 846 -14.34 9.42 20.83
C ALA A 846 -15.81 9.62 20.46
N TYR A 847 -16.66 9.85 21.46
CA TYR A 847 -18.08 10.02 21.19
C TYR A 847 -18.39 11.34 20.50
N GLY A 848 -17.65 12.39 20.82
CA GLY A 848 -17.92 13.69 20.27
C GLY A 848 -17.37 14.09 18.91
N GLN A 849 -16.08 13.85 18.68
CA GLN A 849 -15.45 14.31 17.45
C GLN A 849 -15.06 13.24 16.45
N ILE A 850 -14.29 12.22 16.84
CA ILE A 850 -13.84 11.23 15.86
C ILE A 850 -14.98 10.29 15.46
N GLY A 851 -15.70 9.74 16.43
CA GLY A 851 -16.80 8.84 16.11
C GLY A 851 -17.85 9.51 15.25
N MET A 852 -18.02 10.81 15.41
CA MET A 852 -18.99 11.55 14.62
C MET A 852 -18.60 11.53 13.14
N ILE A 853 -17.32 11.80 12.86
CA ILE A 853 -16.84 11.78 11.49
C ILE A 853 -16.97 10.37 10.92
N GLN A 854 -16.64 9.35 11.72
CA GLN A 854 -16.76 7.99 11.23
C GLN A 854 -18.20 7.65 10.88
N ALA A 855 -19.16 8.15 11.67
CA ALA A 855 -20.57 7.90 11.39
C ALA A 855 -20.99 8.59 10.10
N LEU A 856 -20.50 9.81 9.88
CA LEU A 856 -20.85 10.50 8.64
C LEU A 856 -20.26 9.77 7.44
N GLY A 857 -19.04 9.25 7.57
CA GLY A 857 -18.44 8.49 6.47
C GLY A 857 -19.23 7.24 6.15
N GLY A 858 -19.71 6.56 7.19
CA GLY A 858 -20.51 5.37 6.96
C GLY A 858 -21.80 5.71 6.23
N PHE A 859 -22.47 6.79 6.66
CA PHE A 859 -23.70 7.20 5.98
C PHE A 859 -23.42 7.65 4.55
N PHE A 860 -22.22 8.18 4.31
CA PHE A 860 -21.88 8.60 2.96
C PHE A 860 -21.80 7.39 2.04
N THR A 861 -21.04 6.36 2.45
CA THR A 861 -20.97 5.16 1.64
C THR A 861 -22.36 4.54 1.47
N TYR A 862 -23.19 4.65 2.52
CA TYR A 862 -24.56 4.15 2.46
C TYR A 862 -25.36 4.82 1.36
N PHE A 863 -25.39 6.17 1.37
CA PHE A 863 -26.13 6.90 0.36
C PHE A 863 -25.56 6.67 -1.03
N VAL A 864 -24.25 6.45 -1.13
CA VAL A 864 -23.66 6.17 -2.44
C VAL A 864 -24.20 4.86 -2.99
N ILE A 865 -24.21 3.82 -2.15
CA ILE A 865 -24.70 2.51 -2.57
C ILE A 865 -26.16 2.59 -3.00
N LEU A 866 -26.99 3.29 -2.22
CA LEU A 866 -28.41 3.33 -2.60
C LEU A 866 -28.69 4.26 -3.79
N ALA A 867 -28.01 5.40 -3.88
CA ALA A 867 -28.26 6.31 -5.00
C ALA A 867 -27.75 5.73 -6.31
N GLU A 868 -26.65 4.96 -6.26
CA GLU A 868 -26.12 4.36 -7.47
C GLU A 868 -26.97 3.18 -7.95
N ASN A 869 -27.64 2.48 -7.04
CA ASN A 869 -28.48 1.34 -7.38
C ASN A 869 -29.92 1.74 -7.68
N GLY A 870 -30.23 3.04 -7.72
CA GLY A 870 -31.56 3.52 -8.06
C GLY A 870 -32.33 4.25 -6.98
N PHE A 871 -31.91 4.22 -5.72
CA PHE A 871 -32.65 4.90 -4.65
C PHE A 871 -31.92 6.17 -4.25
N LEU A 872 -32.33 7.30 -4.81
CA LEU A 872 -31.71 8.58 -4.48
C LEU A 872 -31.87 8.83 -2.97
N PRO A 873 -30.91 9.51 -2.35
CA PRO A 873 -30.99 9.73 -0.89
C PRO A 873 -32.24 10.47 -0.45
N ILE A 874 -32.70 11.45 -1.22
CA ILE A 874 -33.91 12.18 -0.83
C ILE A 874 -35.12 11.24 -0.82
N HIS A 875 -35.12 10.24 -1.70
CA HIS A 875 -36.21 9.27 -1.79
C HIS A 875 -36.19 8.25 -0.67
N LEU A 876 -35.09 8.14 0.08
CA LEU A 876 -34.99 7.16 1.16
C LEU A 876 -35.76 7.54 2.43
N LEU A 877 -36.36 8.72 2.48
CA LEU A 877 -37.10 9.15 3.66
C LEU A 877 -38.47 8.49 3.72
N GLY A 878 -38.81 7.94 4.89
CA GLY A 878 -40.09 7.28 5.06
C GLY A 878 -40.23 6.02 4.24
N LEU A 879 -39.12 5.51 3.69
CA LEU A 879 -39.11 4.33 2.85
C LEU A 879 -39.05 3.03 3.63
N ARG A 880 -38.50 3.04 4.85
CA ARG A 880 -38.38 1.81 5.63
C ARG A 880 -39.73 1.17 5.95
N VAL A 881 -40.80 1.96 5.96
CA VAL A 881 -42.12 1.42 6.28
C VAL A 881 -42.44 0.27 5.33
N ASN A 882 -42.30 0.52 4.04
CA ASN A 882 -42.54 -0.48 3.01
C ASN A 882 -41.28 -1.25 2.66
N TRP A 883 -40.10 -0.70 3.00
CA TRP A 883 -38.85 -1.38 2.69
C TRP A 883 -38.72 -2.67 3.50
N ASP A 884 -38.98 -2.59 4.81
CA ASP A 884 -38.88 -3.76 5.67
C ASP A 884 -40.02 -4.76 5.45
N ASP A 885 -41.09 -4.37 4.77
CA ASP A 885 -42.20 -5.29 4.52
C ASP A 885 -41.71 -6.46 3.67
N ARG A 886 -42.09 -7.67 4.09
CA ARG A 886 -41.66 -8.91 3.44
C ARG A 886 -42.56 -9.35 2.28
N TRP A 887 -43.63 -8.63 1.99
CA TRP A 887 -44.53 -9.04 0.92
C TRP A 887 -44.76 -8.00 -0.17
N ILE A 888 -44.46 -6.72 0.08
CA ILE A 888 -44.62 -5.71 -0.94
C ILE A 888 -43.43 -5.85 -1.89
N ASN A 889 -43.58 -6.64 -2.95
CA ASN A 889 -42.49 -6.85 -3.88
C ASN A 889 -42.45 -5.86 -5.03
N ASP A 890 -43.12 -4.71 -4.88
CA ASP A 890 -43.11 -3.66 -5.90
C ASP A 890 -42.90 -2.35 -5.14
N VAL A 891 -41.64 -2.08 -4.78
CA VAL A 891 -41.25 -0.87 -4.05
C VAL A 891 -40.56 0.03 -5.06
N GLU A 892 -41.18 1.16 -5.37
CA GLU A 892 -40.63 2.09 -6.34
C GLU A 892 -39.41 2.84 -5.81
N ASP A 893 -38.37 2.89 -6.62
CA ASP A 893 -37.13 3.61 -6.33
C ASP A 893 -37.31 5.02 -6.87
N SER A 894 -36.22 5.69 -7.21
CA SER A 894 -36.32 7.04 -7.78
C SER A 894 -36.48 7.04 -9.29
N TYR A 895 -36.23 5.91 -9.95
CA TYR A 895 -36.34 5.79 -11.40
C TYR A 895 -37.61 5.07 -11.83
N GLY A 896 -38.52 4.80 -10.89
CA GLY A 896 -39.75 4.11 -11.22
C GLY A 896 -39.67 2.61 -11.29
N GLN A 897 -38.51 2.02 -10.99
CA GLN A 897 -38.35 0.58 -11.04
C GLN A 897 -39.01 -0.09 -9.85
N GLN A 898 -39.43 -1.33 -10.03
CA GLN A 898 -40.09 -2.11 -8.99
C GLN A 898 -39.12 -3.13 -8.42
N TRP A 899 -38.88 -3.04 -7.12
CA TRP A 899 -37.96 -3.93 -6.42
C TRP A 899 -38.71 -4.94 -5.57
N THR A 900 -38.31 -6.21 -5.67
CA THR A 900 -38.91 -7.27 -4.88
C THR A 900 -38.36 -7.18 -3.44
N TYR A 901 -38.77 -8.10 -2.58
CA TYR A 901 -38.29 -8.06 -1.20
C TYR A 901 -36.82 -8.46 -1.11
N GLU A 902 -36.50 -9.65 -1.59
CA GLU A 902 -35.12 -10.12 -1.51
C GLU A 902 -34.15 -9.27 -2.31
N GLN A 903 -34.58 -8.69 -3.42
CA GLN A 903 -33.68 -7.84 -4.21
C GLN A 903 -33.22 -6.64 -3.39
N ARG A 904 -34.19 -5.89 -2.84
CA ARG A 904 -33.83 -4.72 -2.04
C ARG A 904 -33.14 -5.14 -0.74
N LYS A 905 -33.46 -6.33 -0.20
CA LYS A 905 -32.77 -6.78 1.00
C LYS A 905 -31.33 -7.12 0.67
N ILE A 906 -31.08 -7.64 -0.54
CA ILE A 906 -29.73 -7.91 -0.99
C ILE A 906 -28.97 -6.61 -1.06
N VAL A 907 -29.64 -5.55 -1.50
CA VAL A 907 -28.99 -4.24 -1.54
C VAL A 907 -28.73 -3.72 -0.14
N GLU A 908 -29.67 -3.93 0.79
CA GLU A 908 -29.47 -3.48 2.17
C GLU A 908 -28.30 -4.21 2.83
N PHE A 909 -28.17 -5.51 2.59
CA PHE A 909 -27.08 -6.26 3.20
C PHE A 909 -25.76 -5.95 2.50
N THR A 910 -25.80 -5.77 1.17
CA THR A 910 -24.61 -5.40 0.43
C THR A 910 -24.31 -3.92 0.65
N CYS A 911 -25.14 -3.27 1.48
CA CYS A 911 -24.99 -1.91 1.95
C CYS A 911 -24.51 -1.91 3.39
N HIS A 912 -24.72 -3.02 4.10
CA HIS A 912 -24.20 -3.17 5.44
C HIS A 912 -22.70 -3.51 5.35
N THR A 913 -22.35 -4.35 4.37
CA THR A 913 -20.96 -4.74 4.17
C THR A 913 -20.03 -3.55 3.92
N PRO A 914 -20.34 -2.59 3.04
CA PRO A 914 -19.43 -1.44 2.86
C PRO A 914 -19.47 -0.52 4.04
N PHE A 915 -20.56 -0.50 4.80
CA PHE A 915 -20.59 0.32 6.01
C PHE A 915 -19.53 -0.21 6.97
N PHE A 916 -19.44 -1.55 7.05
CA PHE A 916 -18.43 -2.22 7.87
C PHE A 916 -17.03 -1.94 7.33
N VAL A 917 -16.89 -1.96 6.00
CA VAL A 917 -15.60 -1.66 5.39
C VAL A 917 -15.22 -0.21 5.67
N THR A 918 -16.20 0.69 5.60
CA THR A 918 -15.99 2.10 5.91
C THR A 918 -15.50 2.26 7.33
N ILE A 919 -16.05 1.44 8.24
CA ILE A 919 -15.59 1.47 9.63
C ILE A 919 -14.11 1.14 9.68
N VAL A 920 -13.70 0.09 8.96
CA VAL A 920 -12.28 -0.27 8.95
C VAL A 920 -11.43 0.86 8.38
N VAL A 921 -11.89 1.48 7.30
CA VAL A 921 -11.14 2.55 6.65
C VAL A 921 -10.95 3.74 7.59
N VAL A 922 -12.00 4.14 8.31
CA VAL A 922 -11.82 5.26 9.24
C VAL A 922 -11.07 4.81 10.49
N GLN A 923 -11.08 3.51 10.79
CA GLN A 923 -10.35 3.03 11.96
C GLN A 923 -8.87 3.07 11.68
N TRP A 924 -8.47 3.09 10.41
CA TRP A 924 -7.04 3.24 10.11
C TRP A 924 -6.52 4.55 10.70
N ALA A 925 -7.20 5.65 10.35
CA ALA A 925 -6.84 6.96 10.83
C ALA A 925 -7.07 7.09 12.33
N ASP A 926 -8.15 6.51 12.85
CA ASP A 926 -8.40 6.61 14.29
C ASP A 926 -7.33 5.88 15.09
N LEU A 927 -6.81 4.76 14.56
CA LEU A 927 -5.76 4.02 15.24
C LEU A 927 -4.45 4.79 15.21
N VAL A 928 -4.14 5.40 14.07
CA VAL A 928 -2.90 6.15 13.97
C VAL A 928 -2.93 7.39 14.86
N ILE A 929 -4.08 8.05 14.96
CA ILE A 929 -4.13 9.24 15.82
C ILE A 929 -4.25 8.86 17.28
N CYS A 930 -4.90 7.73 17.62
CA CYS A 930 -5.00 7.30 19.00
C CYS A 930 -3.67 6.76 19.50
N LYS A 931 -2.79 6.35 18.58
CA LYS A 931 -1.48 5.83 18.96
C LYS A 931 -0.67 6.87 19.72
N THR A 932 -0.84 8.15 19.39
CA THR A 932 -0.13 9.24 20.03
C THR A 932 -1.16 10.16 20.70
N ARG A 933 -0.90 10.52 21.96
CA ARG A 933 -1.81 11.39 22.69
C ARG A 933 -1.42 12.86 22.61
N ARG A 934 -0.14 13.17 22.54
CA ARG A 934 0.37 14.53 22.45
C ARG A 934 1.37 14.72 21.33
N ASN A 935 2.24 13.75 21.09
CA ASN A 935 3.24 13.81 20.04
C ASN A 935 2.57 13.72 18.66
N SER A 936 3.36 14.00 17.63
CA SER A 936 2.89 13.86 16.27
C SER A 936 3.22 12.46 15.80
N VAL A 937 2.44 11.95 14.84
CA VAL A 937 2.68 10.60 14.34
C VAL A 937 4.05 10.46 13.69
N PHE A 938 4.66 11.57 13.29
CA PHE A 938 6.00 11.48 12.73
C PHE A 938 7.04 11.57 13.83
N GLN A 939 6.75 12.29 14.90
CA GLN A 939 7.68 12.37 16.01
C GLN A 939 7.80 11.00 16.66
N GLN A 940 6.66 10.40 17.04
CA GLN A 940 6.62 9.08 17.63
C GLN A 940 7.08 8.06 16.58
N GLY A 941 6.29 7.88 15.51
CA GLY A 941 6.64 6.99 14.42
C GLY A 941 5.96 5.64 14.36
N MET A 942 5.64 5.19 13.14
CA MET A 942 4.99 3.89 12.93
C MET A 942 6.00 2.75 13.06
N LYS A 943 6.62 2.68 14.24
CA LYS A 943 7.59 1.66 14.55
C LYS A 943 6.95 0.46 15.24
N ASN A 944 5.66 0.55 15.54
CA ASN A 944 4.90 -0.51 16.21
C ASN A 944 4.55 -1.56 15.16
N LYS A 945 5.29 -2.66 15.16
CA LYS A 945 5.07 -3.72 14.17
C LYS A 945 3.73 -4.43 14.41
N ILE A 946 3.31 -4.56 15.67
CA ILE A 946 2.03 -5.18 15.93
C ILE A 946 0.92 -4.31 15.38
N LEU A 947 1.11 -2.99 15.39
CA LEU A 947 0.11 -2.08 14.84
C LEU A 947 0.08 -2.16 13.31
N ILE A 948 1.26 -2.30 12.69
CA ILE A 948 1.32 -2.43 11.24
C ILE A 948 0.57 -3.70 10.82
N PHE A 949 0.87 -4.81 11.51
CA PHE A 949 0.15 -6.05 11.22
C PHE A 949 -1.32 -5.89 11.56
N GLY A 950 -1.64 -5.06 12.56
CA GLY A 950 -3.02 -4.83 12.90
C GLY A 950 -3.78 -4.23 11.75
N LEU A 951 -3.18 -3.25 11.08
CA LEU A 951 -3.86 -2.64 9.94
C LEU A 951 -3.92 -3.60 8.74
N PHE A 952 -2.84 -4.36 8.49
CA PHE A 952 -2.85 -5.28 7.36
C PHE A 952 -3.88 -6.39 7.56
N GLU A 953 -3.90 -7.00 8.76
CA GLU A 953 -4.85 -8.06 9.05
C GLU A 953 -6.28 -7.52 9.10
N GLU A 954 -6.47 -6.34 9.68
CA GLU A 954 -7.78 -5.72 9.76
C GLU A 954 -8.37 -5.55 8.36
N THR A 955 -7.59 -4.96 7.45
CA THR A 955 -8.08 -4.75 6.09
C THR A 955 -8.26 -6.08 5.34
N ALA A 956 -7.31 -7.00 5.48
CA ALA A 956 -7.43 -8.28 4.78
C ALA A 956 -8.64 -9.07 5.27
N LEU A 957 -8.91 -9.01 6.58
CA LEU A 957 -10.05 -9.71 7.14
C LEU A 957 -11.35 -9.07 6.68
N ALA A 958 -11.41 -7.74 6.65
CA ALA A 958 -12.62 -7.07 6.19
C ALA A 958 -12.89 -7.41 4.74
N ALA A 959 -11.84 -7.50 3.93
CA ALA A 959 -12.02 -7.87 2.52
C ALA A 959 -12.45 -9.33 2.39
N PHE A 960 -11.91 -10.20 3.24
CA PHE A 960 -12.26 -11.62 3.20
C PHE A 960 -13.72 -11.83 3.56
N LEU A 961 -14.22 -11.12 4.57
CA LEU A 961 -15.62 -11.28 4.97
C LEU A 961 -16.58 -10.91 3.86
N SER A 962 -16.17 -10.02 2.94
CA SER A 962 -17.04 -9.61 1.85
C SER A 962 -16.89 -10.48 0.61
N TYR A 963 -15.68 -10.93 0.27
CA TYR A 963 -15.48 -11.71 -0.95
C TYR A 963 -15.29 -13.20 -0.73
N CYS A 964 -15.55 -13.71 0.47
CA CYS A 964 -15.42 -15.15 0.61
C CYS A 964 -16.69 -15.79 0.05
N PRO A 965 -16.57 -16.91 -0.66
CA PRO A 965 -17.78 -17.54 -1.22
C PRO A 965 -18.73 -18.02 -0.13
N GLY A 966 -19.98 -17.60 -0.21
CA GLY A 966 -20.97 -18.00 0.76
C GLY A 966 -21.12 -17.11 1.97
N MET A 967 -20.68 -15.85 1.92
CA MET A 967 -20.84 -14.96 3.06
C MET A 967 -22.18 -14.26 3.03
N GLY A 968 -22.72 -14.01 1.83
CA GLY A 968 -24.03 -13.43 1.72
C GLY A 968 -25.11 -14.41 2.11
N VAL A 969 -24.70 -15.65 2.36
CA VAL A 969 -25.57 -16.73 2.79
C VAL A 969 -25.42 -16.96 4.29
N ALA A 970 -24.18 -17.07 4.77
CA ALA A 970 -23.91 -17.29 6.18
C ALA A 970 -24.05 -16.00 6.99
N LEU A 971 -23.20 -15.02 6.72
CA LEU A 971 -23.24 -13.75 7.45
C LEU A 971 -24.05 -12.68 6.74
N ARG A 972 -24.63 -12.97 5.59
CA ARG A 972 -25.41 -12.01 4.81
C ARG A 972 -24.57 -10.80 4.43
N MET A 973 -23.26 -11.00 4.24
CA MET A 973 -22.32 -9.96 3.82
C MET A 973 -22.02 -10.26 2.36
N TYR A 974 -22.44 -9.38 1.47
CA TYR A 974 -22.29 -9.57 0.03
C TYR A 974 -21.05 -8.88 -0.51
N PRO A 975 -20.56 -9.32 -1.68
CA PRO A 975 -19.37 -8.68 -2.27
C PRO A 975 -19.63 -7.23 -2.63
N LEU A 976 -18.55 -6.46 -2.61
CA LEU A 976 -18.58 -5.03 -2.89
C LEU A 976 -18.00 -4.68 -4.24
N LYS A 977 -18.62 -3.68 -4.87
CA LYS A 977 -18.10 -3.14 -6.11
C LYS A 977 -16.90 -2.29 -5.68
N PRO A 978 -15.72 -2.45 -6.31
CA PRO A 978 -14.52 -1.76 -5.82
C PRO A 978 -14.61 -0.28 -5.53
N THR A 979 -15.47 0.46 -6.22
CA THR A 979 -15.52 1.89 -5.91
C THR A 979 -16.01 2.16 -4.49
N TRP A 980 -16.71 1.19 -3.88
CA TRP A 980 -17.17 1.37 -2.50
C TRP A 980 -15.99 1.55 -1.56
N TRP A 981 -14.90 0.83 -1.82
CA TRP A 981 -13.72 0.90 -0.95
C TRP A 981 -13.12 2.29 -0.91
N PHE A 982 -13.47 3.17 -1.85
CA PHE A 982 -12.90 4.51 -1.85
C PHE A 982 -13.88 5.57 -1.35
N CYS A 983 -15.11 5.19 -0.99
CA CYS A 983 -16.05 6.18 -0.49
C CYS A 983 -15.68 6.67 0.91
N ALA A 984 -14.87 5.90 1.65
CA ALA A 984 -14.50 6.26 3.02
C ALA A 984 -13.12 6.91 3.15
N PHE A 985 -12.30 6.91 2.10
CA PHE A 985 -10.97 7.51 2.18
C PHE A 985 -10.95 8.97 2.62
N PRO A 986 -11.77 9.89 2.06
CA PRO A 986 -11.68 11.29 2.52
C PRO A 986 -12.01 11.47 3.99
N TYR A 987 -12.94 10.69 4.53
CA TYR A 987 -13.26 10.83 5.95
C TYR A 987 -12.08 10.42 6.82
N SER A 988 -11.38 9.34 6.45
CA SER A 988 -10.21 8.91 7.21
C SER A 988 -9.13 9.98 7.15
N LEU A 989 -8.85 10.49 5.96
CA LEU A 989 -7.83 11.53 5.84
C LEU A 989 -8.22 12.75 6.68
N LEU A 990 -9.51 13.10 6.70
CA LEU A 990 -9.96 14.22 7.51
C LEU A 990 -9.72 13.97 8.99
N ILE A 991 -10.04 12.75 9.45
CA ILE A 991 -9.85 12.39 10.85
C ILE A 991 -8.38 12.56 11.24
N PHE A 992 -7.49 12.02 10.40
CA PHE A 992 -6.05 12.09 10.65
C PHE A 992 -5.56 13.54 10.70
N VAL A 993 -5.98 14.37 9.73
CA VAL A 993 -5.53 15.76 9.70
C VAL A 993 -6.07 16.56 10.89
N TYR A 994 -7.33 16.33 11.26
CA TYR A 994 -7.92 17.05 12.38
C TYR A 994 -7.17 16.72 13.67
N ASP A 995 -7.01 15.44 13.98
CA ASP A 995 -6.30 15.08 15.20
C ASP A 995 -4.83 15.51 15.14
N GLU A 996 -4.24 15.57 13.94
CA GLU A 996 -2.85 15.99 13.86
C GLU A 996 -2.71 17.47 14.22
N VAL A 997 -3.60 18.31 13.70
CA VAL A 997 -3.51 19.72 14.07
C VAL A 997 -3.90 19.89 15.54
N ARG A 998 -4.71 18.95 16.06
CA ARG A 998 -5.07 18.99 17.47
C ARG A 998 -3.81 18.82 18.32
N LYS A 999 -3.05 17.76 18.04
CA LYS A 999 -1.82 17.51 18.78
C LYS A 999 -0.78 18.60 18.49
N LEU A 1000 -0.89 19.29 17.35
CA LEU A 1000 0.05 20.37 17.06
C LEU A 1000 -0.24 21.58 17.94
N ILE A 1001 -1.52 21.88 18.15
CA ILE A 1001 -1.84 23.01 19.02
C ILE A 1001 -1.55 22.62 20.46
N ILE A 1002 -1.68 21.33 20.78
CA ILE A 1002 -1.35 20.87 22.14
C ILE A 1002 0.14 21.06 22.39
N ARG A 1003 0.96 20.79 21.37
CA ARG A 1003 2.41 20.96 21.51
C ARG A 1003 2.79 22.43 21.60
N ARG A 1004 2.42 23.22 20.59
CA ARG A 1004 2.80 24.64 20.55
C ARG A 1004 2.16 25.44 21.67
N ARG A 1005 0.89 25.19 21.97
CA ARG A 1005 0.19 25.93 23.02
C ARG A 1005 -0.17 24.98 24.16
N PRO A 1006 0.71 24.76 25.12
CA PRO A 1006 0.38 23.89 26.24
C PRO A 1006 -0.46 24.57 27.31
N GLY A 1007 -1.05 25.73 27.03
CA GLY A 1007 -1.81 26.35 28.09
C GLY A 1007 -3.09 25.67 28.48
N GLY A 1008 -4.21 25.92 27.81
CA GLY A 1008 -5.41 25.22 28.24
C GLY A 1008 -6.49 24.73 27.29
N TRP A 1009 -6.77 25.47 26.22
CA TRP A 1009 -7.88 25.11 25.33
C TRP A 1009 -7.81 23.70 24.74
N VAL A 1010 -6.84 23.45 23.87
CA VAL A 1010 -6.72 22.14 23.25
C VAL A 1010 -6.30 21.10 24.28
N GLU A 1011 -5.63 21.52 25.34
CA GLU A 1011 -5.14 20.60 26.35
C GLU A 1011 -6.21 20.20 27.36
N LYS A 1012 -6.88 21.17 27.97
CA LYS A 1012 -7.89 20.84 28.98
C LYS A 1012 -9.24 20.42 28.39
N GLU A 1013 -9.44 20.51 27.08
CA GLU A 1013 -10.71 20.11 26.50
C GLU A 1013 -10.65 18.83 25.70
N THR A 1014 -9.58 18.60 24.93
CA THR A 1014 -9.45 17.41 24.11
C THR A 1014 -8.35 16.46 24.54
N TYR A 1015 -7.19 16.95 24.98
CA TYR A 1015 -6.10 16.09 25.42
C TYR A 1015 -6.58 15.24 26.60
N TYR A 1016 -6.75 13.95 26.37
CA TYR A 1016 -7.24 13.02 27.41
C TYR A 1016 -6.16 12.11 28.01
N LYS B 13 -21.07 13.76 46.44
CA LYS B 13 -20.18 14.09 45.33
C LYS B 13 -20.99 14.32 44.05
N LYS B 14 -22.31 14.17 44.13
CA LYS B 14 -23.17 14.37 42.97
C LYS B 14 -24.08 15.59 43.10
N PHE B 15 -23.63 16.59 43.85
CA PHE B 15 -24.30 17.87 43.99
C PHE B 15 -23.38 19.00 43.51
N ILE B 16 -22.56 18.69 42.51
CA ILE B 16 -21.60 19.61 41.88
C ILE B 16 -22.37 20.59 40.98
N TRP B 17 -23.71 20.54 41.06
CA TRP B 17 -24.58 21.39 40.26
C TRP B 17 -24.07 22.82 40.15
N ASN B 18 -23.98 23.49 41.29
CA ASN B 18 -23.53 24.87 41.38
C ASN B 18 -22.72 25.05 42.66
N SER B 19 -22.17 26.25 42.79
CA SER B 19 -21.37 26.68 43.93
C SER B 19 -21.36 28.20 43.83
N GLU B 20 -20.81 28.85 44.85
CA GLU B 20 -20.78 30.30 44.74
C GLU B 20 -19.68 30.79 43.82
N LYS B 21 -18.79 29.90 43.40
CA LYS B 21 -17.71 30.22 42.48
C LYS B 21 -18.03 29.78 41.04
N LYS B 22 -19.32 29.62 40.74
CA LYS B 22 -19.90 29.26 39.43
C LYS B 22 -19.49 27.93 38.79
N GLU B 23 -20.51 27.12 38.49
CA GLU B 23 -20.50 25.83 37.79
C GLU B 23 -21.95 25.45 37.58
N PHE B 24 -22.29 24.93 36.39
CA PHE B 24 -23.65 24.48 36.09
C PHE B 24 -23.53 23.12 35.42
N LEU B 25 -24.14 22.10 36.04
CA LEU B 25 -24.14 20.72 35.56
C LEU B 25 -22.72 20.14 35.54
N GLY B 26 -21.74 20.90 36.02
CA GLY B 26 -20.36 20.45 36.05
C GLY B 26 -19.31 21.49 35.74
N ARG B 27 -19.61 22.48 34.90
CA ARG B 27 -18.65 23.51 34.54
C ARG B 27 -19.29 24.89 34.66
N THR B 28 -18.48 25.93 34.54
CA THR B 28 -18.95 27.30 34.67
C THR B 28 -19.79 27.73 33.46
N GLY B 29 -20.20 29.00 33.47
CA GLY B 29 -20.99 29.57 32.39
C GLY B 29 -20.11 29.91 31.21
N GLY B 30 -18.99 30.58 31.49
CA GLY B 30 -18.06 30.94 30.42
C GLY B 30 -17.45 29.72 29.76
N SER B 31 -17.42 28.59 30.47
CA SER B 31 -16.90 27.36 29.89
C SER B 31 -17.97 26.68 29.04
N TRP B 32 -19.22 26.76 29.49
CA TRP B 32 -20.33 26.19 28.73
C TRP B 32 -20.45 26.89 27.39
N PHE B 33 -20.28 28.22 27.38
CA PHE B 33 -20.37 28.95 26.12
C PHE B 33 -19.22 28.61 25.19
N LYS B 34 -18.00 28.46 25.75
CA LYS B 34 -16.86 28.11 24.88
C LYS B 34 -17.06 26.73 24.23
N ILE B 35 -17.42 25.74 25.03
CA ILE B 35 -17.63 24.40 24.49
C ILE B 35 -18.78 24.37 23.49
N LEU B 36 -19.92 25.00 23.84
CA LEU B 36 -21.06 25.01 22.93
C LEU B 36 -20.72 25.70 21.62
N LEU B 37 -20.00 26.83 21.67
CA LEU B 37 -19.61 27.53 20.45
C LEU B 37 -18.69 26.65 19.62
N PHE B 38 -17.75 25.96 20.27
CA PHE B 38 -16.85 25.08 19.53
C PHE B 38 -17.62 23.95 18.86
N TYR B 39 -18.49 23.28 19.60
CA TYR B 39 -19.27 22.19 19.04
C TYR B 39 -20.17 22.66 17.91
N VAL B 40 -20.71 23.88 18.00
CA VAL B 40 -21.55 24.38 16.93
C VAL B 40 -20.72 24.62 15.67
N ILE B 41 -19.53 25.21 15.82
CA ILE B 41 -18.69 25.43 14.64
C ILE B 41 -18.18 24.11 14.07
N PHE B 42 -17.75 23.20 14.95
CA PHE B 42 -17.24 21.90 14.53
C PHE B 42 -18.30 21.10 13.79
N TYR B 43 -19.46 20.89 14.41
CA TYR B 43 -20.52 20.14 13.78
C TYR B 43 -21.03 20.86 12.53
N GLY B 44 -20.97 22.20 12.50
CA GLY B 44 -21.38 22.91 11.31
C GLY B 44 -20.46 22.59 10.14
N CYS B 45 -19.15 22.54 10.41
CA CYS B 45 -18.20 22.19 9.37
C CYS B 45 -18.42 20.75 8.93
N LEU B 46 -18.68 19.86 9.89
CA LEU B 46 -18.94 18.46 9.55
C LEU B 46 -20.15 18.35 8.62
N ALA B 47 -21.21 19.11 8.94
CA ALA B 47 -22.42 19.10 8.13
C ALA B 47 -22.13 19.62 6.73
N GLY B 48 -21.36 20.71 6.62
CA GLY B 48 -21.04 21.24 5.31
C GLY B 48 -20.18 20.30 4.49
N ILE B 49 -19.28 19.56 5.14
CA ILE B 49 -18.43 18.61 4.43
C ILE B 49 -19.26 17.45 3.92
N PHE B 50 -20.11 16.87 4.78
CA PHE B 50 -20.97 15.77 4.37
C PHE B 50 -21.87 16.20 3.22
N ILE B 51 -22.39 17.43 3.28
CA ILE B 51 -23.26 17.91 2.22
C ILE B 51 -22.48 18.10 0.91
N GLY B 52 -21.25 18.64 0.99
CA GLY B 52 -20.48 18.81 -0.22
C GLY B 52 -20.12 17.49 -0.90
N THR B 53 -19.74 16.50 -0.09
CA THR B 53 -19.41 15.20 -0.67
C THR B 53 -20.66 14.52 -1.20
N ILE B 54 -21.79 14.66 -0.51
CA ILE B 54 -23.01 14.05 -1.00
C ILE B 54 -23.45 14.74 -2.29
N GLN B 55 -23.05 16.01 -2.47
CA GLN B 55 -23.37 16.71 -3.71
C GLN B 55 -22.53 16.17 -4.85
N VAL B 56 -21.24 15.92 -4.59
CA VAL B 56 -20.39 15.33 -5.63
C VAL B 56 -20.96 13.97 -6.02
N MET B 57 -21.44 13.22 -5.01
CA MET B 57 -22.07 11.93 -5.29
C MET B 57 -23.29 12.11 -6.17
N LEU B 58 -24.07 13.16 -5.94
CA LEU B 58 -25.23 13.41 -6.79
C LEU B 58 -24.79 13.78 -8.21
N LEU B 59 -23.62 14.40 -8.34
CA LEU B 59 -23.12 14.75 -9.67
C LEU B 59 -22.53 13.56 -10.41
N THR B 60 -22.30 12.44 -9.74
CA THR B 60 -21.77 11.25 -10.39
C THR B 60 -22.85 10.34 -10.99
N ILE B 61 -24.13 10.66 -10.78
CA ILE B 61 -25.23 9.88 -11.32
C ILE B 61 -26.02 10.76 -12.28
N SER B 62 -26.66 10.13 -13.27
CA SER B 62 -27.46 10.84 -14.25
C SER B 62 -28.94 10.84 -13.87
N GLU B 63 -29.75 11.57 -14.64
CA GLU B 63 -31.18 11.66 -14.39
C GLU B 63 -32.01 10.69 -15.22
N PHE B 64 -31.43 10.10 -16.26
CA PHE B 64 -32.16 9.21 -17.14
C PHE B 64 -31.78 7.74 -17.01
N LYS B 65 -30.86 7.39 -16.10
CA LYS B 65 -30.47 5.98 -15.99
C LYS B 65 -29.71 5.66 -14.71
N PRO B 66 -30.07 4.58 -14.01
CA PRO B 66 -29.31 4.20 -12.82
C PRO B 66 -28.01 3.56 -13.25
N THR B 67 -26.92 3.89 -12.54
CA THR B 67 -25.61 3.38 -12.92
C THR B 67 -25.51 1.86 -12.78
N TYR B 68 -25.92 1.31 -11.65
CA TYR B 68 -25.87 -0.13 -11.45
C TYR B 68 -27.28 -0.69 -11.58
N GLN B 69 -27.49 -1.63 -12.51
CA GLN B 69 -28.80 -2.24 -12.70
C GLN B 69 -28.73 -3.76 -12.58
N ASP B 70 -27.65 -4.33 -12.05
CA ASP B 70 -27.54 -5.78 -11.96
C ASP B 70 -28.32 -6.38 -10.80
N ARG B 71 -28.70 -5.60 -9.79
CA ARG B 71 -29.44 -6.14 -8.65
C ARG B 71 -30.93 -6.36 -8.93
N VAL B 72 -31.39 -6.08 -10.15
CA VAL B 72 -32.79 -6.29 -10.53
C VAL B 72 -32.82 -7.09 -11.81
N ALA B 73 -31.79 -7.94 -12.01
CA ALA B 73 -31.66 -8.78 -13.20
C ALA B 73 -32.95 -9.57 -13.47
N PRO B 74 -33.42 -10.46 -12.58
CA PRO B 74 -34.67 -11.15 -12.86
C PRO B 74 -35.84 -10.32 -12.37
N PRO B 75 -36.68 -9.79 -13.27
CA PRO B 75 -37.81 -8.99 -12.81
C PRO B 75 -38.79 -9.81 -11.99
N GLY B 76 -39.50 -9.12 -11.09
CA GLY B 76 -40.46 -9.76 -10.22
C GLY B 76 -41.80 -9.99 -10.89
N LEU B 77 -42.72 -10.59 -10.14
CA LEU B 77 -44.06 -10.90 -10.62
C LEU B 77 -45.02 -10.66 -9.46
N THR B 78 -45.61 -9.47 -9.41
CA THR B 78 -46.51 -9.13 -8.31
C THR B 78 -47.97 -9.28 -8.72
N GLN B 79 -48.85 -9.08 -7.74
CA GLN B 79 -50.29 -9.19 -7.93
C GLN B 79 -50.98 -7.94 -7.39
N ILE B 80 -52.27 -7.82 -7.69
CA ILE B 80 -53.06 -6.68 -7.23
C ILE B 80 -53.42 -6.79 -5.75
N PRO B 81 -53.95 -7.93 -5.23
CA PRO B 81 -54.25 -7.96 -3.80
C PRO B 81 -52.99 -8.19 -2.97
N GLN B 82 -52.31 -7.11 -2.61
CA GLN B 82 -51.09 -7.21 -1.81
C GLN B 82 -51.50 -7.69 -0.43
N SER B 83 -51.65 -9.01 -0.32
CA SER B 83 -52.05 -9.66 0.92
C SER B 83 -50.94 -9.61 1.95
N GLN B 84 -51.33 -9.74 3.22
CA GLN B 84 -50.34 -9.73 4.30
C GLN B 84 -49.41 -10.93 4.24
N LYS B 85 -49.88 -12.06 3.69
CA LYS B 85 -49.06 -13.26 3.56
C LYS B 85 -49.31 -13.96 2.23
N THR B 86 -49.67 -13.18 1.20
CA THR B 86 -49.97 -13.68 -0.15
C THR B 86 -51.12 -14.68 -0.10
N GLU B 87 -52.02 -14.50 0.87
CA GLU B 87 -53.16 -15.38 1.07
C GLU B 87 -54.45 -14.61 0.85
N ILE B 88 -55.40 -15.25 0.18
CA ILE B 88 -56.70 -14.65 -0.13
C ILE B 88 -57.75 -15.49 0.59
N SER B 89 -58.12 -15.05 1.80
CA SER B 89 -59.12 -15.72 2.63
C SER B 89 -60.25 -14.74 2.88
N PHE B 90 -61.46 -15.11 2.46
CA PHE B 90 -62.63 -14.25 2.62
C PHE B 90 -63.87 -15.13 2.58
N ARG B 91 -65.03 -14.48 2.68
CA ARG B 91 -66.32 -15.16 2.64
C ARG B 91 -67.08 -14.71 1.40
N PRO B 92 -67.60 -15.64 0.60
CA PRO B 92 -68.35 -15.24 -0.60
C PRO B 92 -69.60 -14.44 -0.32
N ASN B 93 -70.07 -14.39 0.93
CA ASN B 93 -71.28 -13.66 1.30
C ASN B 93 -70.98 -12.30 1.92
N ASP B 94 -70.21 -12.29 3.02
CA ASP B 94 -69.86 -11.07 3.75
C ASP B 94 -69.11 -10.07 2.88
N PRO B 95 -69.71 -8.90 2.58
CA PRO B 95 -69.00 -7.92 1.74
C PRO B 95 -67.81 -7.28 2.45
N GLN B 96 -67.84 -7.20 3.78
CA GLN B 96 -66.73 -6.60 4.52
C GLN B 96 -65.53 -7.54 4.63
N SER B 97 -65.73 -8.84 4.42
CA SER B 97 -64.63 -9.79 4.52
C SER B 97 -63.63 -9.59 3.38
N TYR B 98 -64.10 -9.26 2.18
CA TYR B 98 -63.23 -9.06 1.04
C TYR B 98 -63.06 -7.57 0.67
N GLU B 99 -63.37 -6.67 1.61
CA GLU B 99 -63.23 -5.24 1.34
C GLU B 99 -61.76 -4.86 1.15
N SER B 100 -60.87 -5.44 1.96
CA SER B 100 -59.44 -5.12 1.87
C SER B 100 -58.87 -5.50 0.50
N TYR B 101 -59.46 -6.48 -0.17
CA TYR B 101 -58.99 -6.89 -1.48
C TYR B 101 -59.48 -5.91 -2.55
N VAL B 102 -60.80 -5.76 -2.67
CA VAL B 102 -61.42 -4.87 -3.66
C VAL B 102 -60.88 -3.46 -3.57
N VAL B 103 -60.67 -2.95 -2.35
CA VAL B 103 -60.15 -1.59 -2.18
C VAL B 103 -58.81 -1.43 -2.91
N SER B 104 -57.91 -2.41 -2.72
CA SER B 104 -56.62 -2.34 -3.38
C SER B 104 -56.74 -2.54 -4.88
N ILE B 105 -57.72 -3.33 -5.33
CA ILE B 105 -57.85 -3.53 -6.78
C ILE B 105 -58.36 -2.26 -7.46
N VAL B 106 -59.35 -1.61 -6.86
CA VAL B 106 -59.89 -0.37 -7.43
C VAL B 106 -58.83 0.73 -7.41
N ARG B 107 -58.11 0.87 -6.29
CA ARG B 107 -57.07 1.89 -6.25
C ARG B 107 -55.97 1.61 -7.27
N PHE B 108 -55.63 0.33 -7.48
CA PHE B 108 -54.60 0.01 -8.47
C PHE B 108 -55.05 0.36 -9.87
N LEU B 109 -56.28 -0.04 -10.24
CA LEU B 109 -56.81 0.23 -11.57
C LEU B 109 -57.42 1.62 -11.72
N GLU B 110 -57.28 2.49 -10.72
CA GLU B 110 -57.83 3.85 -10.82
C GLU B 110 -57.12 4.69 -11.87
N LYS B 111 -55.89 4.35 -12.22
CA LYS B 111 -55.13 5.08 -13.22
C LYS B 111 -55.26 4.48 -14.63
N TYR B 112 -56.05 3.42 -14.78
CA TYR B 112 -56.26 2.77 -16.06
C TYR B 112 -57.61 3.08 -16.69
N LYS B 113 -58.42 3.92 -16.05
CA LYS B 113 -59.73 4.25 -16.60
C LYS B 113 -59.58 5.05 -17.89
N ASP B 114 -60.63 5.00 -18.72
CA ASP B 114 -60.60 5.72 -20.00
C ASP B 114 -60.47 7.21 -19.80
N LEU B 115 -60.94 7.74 -18.67
CA LEU B 115 -60.83 9.16 -18.41
C LEU B 115 -59.41 9.56 -17.99
N ALA B 116 -58.69 8.65 -17.32
CA ALA B 116 -57.32 8.94 -16.89
C ALA B 116 -56.39 9.05 -18.09
N GLN B 117 -56.58 8.20 -19.10
CA GLN B 117 -55.77 8.22 -20.31
C GLN B 117 -56.60 8.95 -21.37
N LYS B 118 -56.58 10.27 -21.31
CA LYS B 118 -57.33 11.09 -22.26
C LYS B 118 -56.47 12.02 -23.08
N ASP B 119 -55.32 12.45 -22.56
CA ASP B 119 -54.47 13.36 -23.32
C ASP B 119 -53.77 12.60 -24.44
N ASP B 120 -53.86 13.14 -25.66
CA ASP B 120 -53.21 12.52 -26.82
C ASP B 120 -51.76 12.93 -26.96
N MET B 121 -51.31 13.91 -26.17
CA MET B 121 -49.93 14.37 -26.22
C MET B 121 -48.98 13.51 -25.41
N ILE B 122 -49.50 12.60 -24.57
CA ILE B 122 -48.65 11.76 -23.74
C ILE B 122 -49.06 10.29 -23.86
N PHE B 123 -50.17 10.03 -24.55
CA PHE B 123 -50.67 8.67 -24.74
C PHE B 123 -50.69 8.33 -26.23
N GLU B 124 -50.42 7.06 -26.52
CA GLU B 124 -50.38 6.54 -27.88
C GLU B 124 -51.15 5.23 -27.95
N ASP B 125 -52.07 5.12 -28.89
CA ASP B 125 -52.86 3.89 -29.04
C ASP B 125 -52.00 2.84 -29.72
N CYS B 126 -51.50 1.89 -28.93
CA CYS B 126 -50.65 0.82 -29.44
C CYS B 126 -51.38 -0.06 -30.44
N GLY B 127 -52.42 -0.76 -30.00
CA GLY B 127 -53.16 -1.62 -30.90
C GLY B 127 -53.87 -2.74 -30.18
N ASN B 128 -54.84 -3.33 -30.89
CA ASN B 128 -55.64 -4.43 -30.37
C ASN B 128 -54.93 -5.77 -30.46
N VAL B 129 -53.75 -5.82 -31.07
CA VAL B 129 -52.97 -7.05 -31.23
C VAL B 129 -51.56 -6.81 -30.73
N PRO B 130 -51.01 -7.71 -29.92
CA PRO B 130 -49.63 -7.50 -29.43
C PRO B 130 -48.63 -7.50 -30.57
N SER B 131 -47.83 -6.44 -30.64
CA SER B 131 -46.83 -6.27 -31.69
C SER B 131 -45.43 -6.27 -31.09
N GLU B 132 -44.45 -5.98 -31.94
CA GLU B 132 -43.04 -5.94 -31.56
C GLU B 132 -42.76 -4.79 -30.60
N LEU B 133 -41.54 -4.80 -30.07
CA LEU B 133 -41.11 -3.76 -29.12
C LEU B 133 -41.10 -2.39 -29.78
N LYS B 134 -41.35 -1.37 -28.96
CA LYS B 134 -41.40 0.02 -29.41
C LYS B 134 -40.27 0.81 -28.76
N GLU B 135 -39.19 1.02 -29.49
CA GLU B 135 -38.04 1.75 -29.00
C GLU B 135 -38.17 3.21 -29.42
N ARG B 136 -38.26 4.11 -28.44
CA ARG B 136 -38.39 5.54 -28.69
C ARG B 136 -37.02 6.22 -28.53
N GLY B 137 -36.15 5.96 -29.50
CA GLY B 137 -34.82 6.55 -29.52
C GLY B 137 -33.96 6.13 -28.35
N GLU B 138 -33.00 6.99 -28.00
CA GLU B 138 -32.09 6.74 -26.91
C GLU B 138 -32.70 7.24 -25.59
N TYR B 139 -32.01 7.01 -24.49
CA TYR B 139 -32.48 7.40 -23.16
C TYR B 139 -32.08 8.82 -22.77
N ASN B 140 -31.44 9.58 -23.65
CA ASN B 140 -31.04 10.93 -23.32
C ASN B 140 -32.25 11.88 -23.33
N ASN B 141 -31.99 13.15 -23.07
CA ASN B 141 -33.04 14.16 -23.05
C ASN B 141 -33.10 14.96 -24.36
N GLU B 142 -32.38 14.52 -25.40
CA GLU B 142 -32.42 15.22 -26.68
C GLU B 142 -33.83 15.23 -27.25
N ARG B 143 -34.59 14.17 -27.02
CA ARG B 143 -35.97 14.07 -27.45
C ARG B 143 -36.87 14.54 -26.31
N GLY B 144 -38.09 14.92 -26.66
CA GLY B 144 -39.01 15.38 -25.64
C GLY B 144 -39.51 14.28 -24.74
N GLU B 145 -40.61 14.52 -24.04
CA GLU B 145 -41.18 13.50 -23.16
C GLU B 145 -41.82 12.43 -24.02
N ARG B 146 -41.29 11.20 -23.94
CA ARG B 146 -41.78 10.08 -24.73
C ARG B 146 -43.26 9.81 -24.46
N LYS B 147 -43.87 9.03 -25.35
CA LYS B 147 -45.27 8.65 -25.24
C LYS B 147 -45.38 7.30 -24.54
N VAL B 148 -46.52 7.09 -23.88
CA VAL B 148 -46.81 5.86 -23.16
C VAL B 148 -48.01 5.20 -23.83
N CYS B 149 -47.85 3.94 -24.20
CA CYS B 149 -48.94 3.22 -24.86
C CYS B 149 -50.09 2.98 -23.89
N ARG B 150 -51.31 3.20 -24.37
CA ARG B 150 -52.51 3.03 -23.58
C ARG B 150 -52.81 1.56 -23.33
N PHE B 151 -53.54 1.32 -22.23
CA PHE B 151 -53.95 -0.03 -21.83
C PHE B 151 -55.28 0.12 -21.10
N ARG B 152 -56.38 -0.04 -21.84
CA ARG B 152 -57.70 0.09 -21.26
C ARG B 152 -58.04 -1.15 -20.45
N LEU B 153 -58.91 -0.97 -19.45
CA LEU B 153 -59.30 -2.08 -18.59
C LEU B 153 -60.06 -3.16 -19.34
N GLU B 154 -60.63 -2.84 -20.50
CA GLU B 154 -61.39 -3.83 -21.27
C GLU B 154 -60.56 -5.03 -21.67
N TRP B 155 -59.24 -4.88 -21.75
CA TRP B 155 -58.38 -6.00 -22.14
C TRP B 155 -58.48 -7.15 -21.16
N LEU B 156 -58.69 -6.86 -19.87
CA LEU B 156 -58.83 -7.91 -18.85
C LEU B 156 -60.31 -8.27 -18.76
N GLY B 157 -60.74 -9.17 -19.64
CA GLY B 157 -62.14 -9.58 -19.64
C GLY B 157 -62.51 -10.33 -18.37
N ASN B 158 -63.78 -10.19 -17.99
CA ASN B 158 -64.37 -10.83 -16.82
C ASN B 158 -63.71 -10.41 -15.50
N CYS B 159 -62.75 -9.49 -15.56
CA CYS B 159 -62.09 -8.95 -14.38
C CYS B 159 -61.94 -7.44 -14.52
N SER B 160 -62.82 -6.82 -15.32
CA SER B 160 -62.80 -5.38 -15.47
C SER B 160 -64.20 -4.83 -15.31
N GLY B 161 -65.10 -5.20 -16.22
CA GLY B 161 -66.48 -4.77 -16.16
C GLY B 161 -66.64 -3.28 -16.44
N LEU B 162 -67.89 -2.83 -16.39
CA LEU B 162 -68.24 -1.43 -16.55
C LEU B 162 -68.96 -1.01 -15.29
N ASN B 163 -68.42 -1.45 -14.15
CA ASN B 163 -68.99 -1.16 -12.85
C ASN B 163 -68.87 0.32 -12.53
N ASP B 164 -69.51 0.70 -11.43
CA ASP B 164 -69.52 2.06 -10.91
C ASP B 164 -68.21 2.32 -10.19
N GLU B 165 -68.21 3.28 -9.25
CA GLU B 165 -67.00 3.61 -8.50
C GLU B 165 -66.38 2.39 -7.83
N THR B 166 -67.20 1.39 -7.47
CA THR B 166 -66.72 0.16 -6.86
C THR B 166 -66.83 -0.97 -7.88
N TYR B 167 -65.68 -1.55 -8.24
CA TYR B 167 -65.65 -2.64 -9.20
C TYR B 167 -66.17 -3.90 -8.54
N GLY B 168 -67.44 -4.22 -8.78
CA GLY B 168 -68.00 -5.43 -8.21
C GLY B 168 -67.25 -6.57 -8.84
N TYR B 169 -66.33 -7.18 -8.09
CA TYR B 169 -65.55 -8.26 -8.64
C TYR B 169 -66.20 -9.62 -8.41
N LYS B 170 -65.41 -10.65 -8.51
CA LYS B 170 -65.90 -12.00 -8.40
C LYS B 170 -65.85 -12.45 -6.95
N ASP B 171 -67.03 -12.75 -6.40
CA ASP B 171 -67.14 -13.25 -5.03
C ASP B 171 -66.76 -14.72 -5.09
N GLY B 172 -67.52 -15.48 -5.85
CA GLY B 172 -67.15 -16.85 -6.12
C GLY B 172 -66.23 -16.76 -7.32
N LYS B 173 -65.23 -17.66 -7.38
CA LYS B 173 -64.28 -17.67 -8.50
C LYS B 173 -63.57 -16.32 -8.59
N PRO B 174 -62.70 -15.96 -7.63
CA PRO B 174 -62.08 -14.63 -7.65
C PRO B 174 -61.08 -14.40 -8.79
N CYS B 175 -60.71 -13.13 -8.93
CA CYS B 175 -59.77 -12.63 -9.93
C CYS B 175 -58.49 -12.15 -9.26
N VAL B 176 -57.35 -12.45 -9.86
CA VAL B 176 -56.04 -12.02 -9.37
C VAL B 176 -55.18 -11.68 -10.58
N ILE B 177 -55.00 -10.38 -10.86
CA ILE B 177 -54.19 -9.99 -12.01
C ILE B 177 -52.72 -9.99 -11.59
N ILE B 178 -51.86 -10.19 -12.56
CA ILE B 178 -50.43 -10.22 -12.35
C ILE B 178 -49.78 -9.05 -13.08
N LYS B 179 -48.64 -8.60 -12.58
CA LYS B 179 -47.93 -7.48 -13.16
C LYS B 179 -46.43 -7.78 -13.16
N LEU B 180 -45.77 -7.38 -14.24
CA LEU B 180 -44.34 -7.56 -14.41
C LEU B 180 -43.63 -6.33 -13.85
N ASN B 181 -42.62 -6.58 -13.03
CA ASN B 181 -41.85 -5.50 -12.39
C ASN B 181 -41.25 -4.55 -13.40
N ARG B 182 -41.69 -3.29 -13.33
CA ARG B 182 -41.21 -2.24 -14.23
C ARG B 182 -39.71 -2.05 -14.06
N VAL B 183 -38.96 -2.30 -15.15
CA VAL B 183 -37.51 -2.15 -15.16
C VAL B 183 -37.12 -1.25 -16.32
N LEU B 184 -36.21 -0.30 -16.06
CA LEU B 184 -35.76 0.62 -17.09
C LEU B 184 -34.90 -0.08 -18.13
N GLY B 185 -35.20 0.18 -19.40
CA GLY B 185 -34.47 -0.40 -20.51
C GLY B 185 -34.56 -1.91 -20.64
N PHE B 186 -35.39 -2.56 -19.83
CA PHE B 186 -35.52 -4.01 -19.91
C PHE B 186 -36.34 -4.40 -21.13
N LYS B 187 -35.80 -5.32 -21.93
CA LYS B 187 -36.48 -5.79 -23.13
C LYS B 187 -36.89 -7.24 -22.92
N PRO B 188 -38.16 -7.53 -22.67
CA PRO B 188 -38.57 -8.92 -22.46
C PRO B 188 -38.35 -9.77 -23.72
N LYS B 189 -37.85 -10.98 -23.50
CA LYS B 189 -37.57 -11.91 -24.59
C LYS B 189 -38.31 -13.21 -24.27
N PRO B 190 -39.43 -13.48 -24.93
CA PRO B 190 -40.18 -14.71 -24.67
C PRO B 190 -39.38 -15.92 -25.10
N PRO B 191 -39.73 -17.12 -24.63
CA PRO B 191 -38.97 -18.31 -25.02
C PRO B 191 -39.10 -18.60 -26.51
N LYS B 192 -38.12 -19.32 -27.03
CA LYS B 192 -38.10 -19.67 -28.44
C LYS B 192 -39.30 -20.56 -28.78
N ASN B 193 -39.54 -20.75 -30.08
CA ASN B 193 -40.64 -21.61 -30.49
C ASN B 193 -40.38 -23.03 -30.00
N GLU B 194 -39.11 -23.34 -29.72
CA GLU B 194 -38.67 -24.59 -29.13
C GLU B 194 -38.93 -24.44 -27.64
N SER B 195 -40.22 -24.47 -27.28
CA SER B 195 -40.63 -24.29 -25.88
C SER B 195 -40.45 -25.61 -25.13
N LEU B 196 -39.63 -25.58 -24.09
CA LEU B 196 -39.34 -26.77 -23.29
C LEU B 196 -40.47 -27.09 -22.31
N GLU B 197 -41.58 -27.62 -22.86
CA GLU B 197 -42.73 -28.04 -22.04
C GLU B 197 -43.29 -26.91 -21.19
N THR B 198 -44.01 -25.96 -21.81
CA THR B 198 -44.56 -24.82 -21.08
C THR B 198 -46.07 -24.91 -20.89
N TYR B 199 -46.61 -26.14 -20.76
CA TYR B 199 -48.04 -26.41 -20.52
C TYR B 199 -48.92 -25.86 -21.63
N PRO B 200 -50.25 -25.99 -21.57
CA PRO B 200 -51.10 -25.39 -22.63
C PRO B 200 -50.87 -23.90 -22.71
N VAL B 201 -50.51 -23.43 -23.91
CA VAL B 201 -50.26 -22.03 -24.16
C VAL B 201 -50.57 -21.77 -25.63
N MET B 202 -50.97 -20.54 -25.94
CA MET B 202 -51.33 -20.20 -27.30
C MET B 202 -50.09 -20.10 -28.20
N LYS B 203 -50.33 -20.12 -29.50
CA LYS B 203 -49.25 -20.03 -30.49
C LYS B 203 -48.76 -18.61 -30.71
N TYR B 204 -49.11 -17.66 -29.86
CA TYR B 204 -48.64 -16.28 -30.04
C TYR B 204 -47.33 -16.09 -29.30
N ASN B 205 -46.44 -17.05 -29.53
CA ASN B 205 -45.12 -17.04 -28.89
C ASN B 205 -44.22 -15.83 -29.18
N PRO B 206 -44.21 -15.18 -30.39
CA PRO B 206 -43.23 -14.10 -30.58
C PRO B 206 -43.49 -12.72 -29.98
N TYR B 207 -44.72 -12.25 -29.83
CA TYR B 207 -44.85 -10.89 -29.32
C TYR B 207 -45.62 -10.77 -28.00
N VAL B 208 -45.34 -11.65 -27.04
CA VAL B 208 -45.98 -11.58 -25.73
C VAL B 208 -45.18 -12.46 -24.78
N LEU B 209 -44.99 -11.97 -23.56
CA LEU B 209 -44.27 -12.67 -22.51
C LEU B 209 -45.26 -13.61 -21.85
N PRO B 210 -45.10 -14.92 -22.04
CA PRO B 210 -46.02 -15.89 -21.46
C PRO B 210 -45.92 -15.98 -19.95
N VAL B 211 -47.06 -16.26 -19.32
CA VAL B 211 -47.18 -16.41 -17.87
C VAL B 211 -48.19 -17.53 -17.65
N HIS B 212 -47.76 -18.61 -16.98
CA HIS B 212 -48.65 -19.74 -16.74
C HIS B 212 -48.72 -20.02 -15.25
N CYS B 213 -49.93 -20.19 -14.74
CA CYS B 213 -50.16 -20.49 -13.35
C CYS B 213 -50.42 -21.99 -13.19
N THR B 214 -50.21 -22.47 -11.96
CA THR B 214 -50.42 -23.90 -11.67
C THR B 214 -50.40 -24.07 -10.16
N GLY B 215 -50.66 -25.28 -9.69
CA GLY B 215 -50.62 -25.53 -8.26
C GLY B 215 -49.17 -25.64 -7.82
N LYS B 216 -48.94 -26.31 -6.69
CA LYS B 216 -47.57 -26.49 -6.22
C LYS B 216 -47.19 -27.94 -6.01
N ARG B 217 -48.15 -28.81 -5.71
CA ARG B 217 -47.89 -30.21 -5.49
C ARG B 217 -49.06 -31.00 -6.07
N ASP B 218 -49.04 -32.32 -5.86
CA ASP B 218 -50.11 -33.17 -6.35
C ASP B 218 -51.48 -32.82 -5.75
N GLU B 219 -51.49 -32.20 -4.57
CA GLU B 219 -52.74 -31.83 -3.91
C GLU B 219 -53.32 -30.52 -4.45
N ASP B 220 -52.48 -29.47 -4.48
CA ASP B 220 -52.92 -28.17 -4.98
C ASP B 220 -53.34 -28.22 -6.44
N LYS B 221 -52.59 -28.96 -7.26
CA LYS B 221 -52.92 -29.05 -8.69
C LYS B 221 -54.27 -29.72 -8.91
N GLU B 222 -54.69 -30.59 -7.98
CA GLU B 222 -55.98 -31.25 -8.13
C GLU B 222 -57.12 -30.39 -7.60
N LYS B 223 -56.90 -29.68 -6.48
CA LYS B 223 -57.96 -28.84 -5.94
C LYS B 223 -58.33 -27.70 -6.89
N VAL B 224 -57.34 -27.10 -7.56
CA VAL B 224 -57.58 -26.01 -8.50
C VAL B 224 -58.09 -26.64 -9.79
N GLY B 225 -59.40 -26.55 -10.02
CA GLY B 225 -60.01 -27.13 -11.20
C GLY B 225 -59.73 -26.45 -12.53
N THR B 226 -60.25 -25.25 -12.73
CA THR B 226 -60.06 -24.54 -14.00
C THR B 226 -59.64 -23.10 -13.76
N MET B 227 -58.73 -22.62 -14.60
CA MET B 227 -58.22 -21.25 -14.55
C MET B 227 -58.43 -20.61 -15.91
N GLU B 228 -58.86 -19.36 -15.91
CA GLU B 228 -59.12 -18.60 -17.13
C GLU B 228 -58.25 -17.35 -17.11
N TYR B 229 -57.40 -17.20 -18.12
CA TYR B 229 -56.50 -16.07 -18.25
C TYR B 229 -57.10 -15.00 -19.15
N PHE B 230 -56.70 -13.75 -18.91
CA PHE B 230 -57.18 -12.62 -19.69
C PHE B 230 -56.04 -11.66 -19.96
N GLY B 231 -55.92 -11.20 -21.20
CA GLY B 231 -54.87 -10.28 -21.56
C GLY B 231 -55.22 -9.46 -22.78
N LEU B 232 -54.18 -8.87 -23.38
CA LEU B 232 -54.35 -8.04 -24.58
C LEU B 232 -54.74 -8.95 -25.74
N GLY B 233 -55.95 -8.77 -26.25
CA GLY B 233 -56.43 -9.58 -27.34
C GLY B 233 -56.72 -11.02 -26.98
N GLY B 234 -56.65 -11.38 -25.71
CA GLY B 234 -56.92 -12.73 -25.27
C GLY B 234 -55.70 -13.60 -25.04
N TYR B 235 -54.52 -13.01 -24.86
CA TYR B 235 -53.31 -13.79 -24.66
C TYR B 235 -52.84 -13.70 -23.21
N PRO B 236 -52.48 -14.83 -22.60
CA PRO B 236 -52.01 -14.85 -21.20
C PRO B 236 -50.57 -14.39 -21.03
N GLY B 237 -50.35 -13.09 -21.14
CA GLY B 237 -49.02 -12.57 -21.00
C GLY B 237 -48.97 -11.06 -21.15
N PHE B 238 -47.75 -10.57 -21.35
CA PHE B 238 -47.54 -9.13 -21.50
C PHE B 238 -47.08 -8.80 -22.91
N PRO B 239 -47.73 -7.85 -23.60
CA PRO B 239 -47.31 -7.53 -24.98
C PRO B 239 -45.99 -6.78 -25.02
N LEU B 240 -45.18 -7.11 -26.03
CA LEU B 240 -43.87 -6.48 -26.20
C LEU B 240 -43.97 -5.03 -26.67
N GLN B 241 -45.14 -4.58 -27.13
CA GLN B 241 -45.30 -3.22 -27.61
C GLN B 241 -45.26 -2.19 -26.48
N TYR B 242 -45.23 -2.62 -25.23
CA TYR B 242 -45.19 -1.72 -24.08
C TYR B 242 -43.80 -1.59 -23.46
N TYR B 243 -42.79 -2.22 -24.04
CA TYR B 243 -41.44 -2.19 -23.51
C TYR B 243 -40.46 -1.63 -24.54
N PRO B 244 -39.31 -1.08 -24.09
CA PRO B 244 -38.83 -0.95 -22.71
C PRO B 244 -39.26 0.32 -21.96
N TYR B 245 -38.96 0.37 -20.67
CA TYR B 245 -39.28 1.51 -19.82
C TYR B 245 -38.16 2.53 -19.90
N TYR B 246 -38.52 3.82 -19.94
CA TYR B 246 -37.56 4.91 -20.06
C TYR B 246 -37.52 5.80 -18.81
N GLY B 247 -37.69 5.20 -17.63
CA GLY B 247 -37.64 5.94 -16.39
C GLY B 247 -38.84 6.82 -16.10
N LYS B 248 -39.03 7.16 -14.82
CA LYS B 248 -40.15 8.00 -14.41
C LYS B 248 -39.98 9.43 -14.89
N LEU B 249 -38.73 9.91 -14.98
CA LEU B 249 -38.49 11.28 -15.42
C LEU B 249 -38.90 11.48 -16.87
N LEU B 250 -38.55 10.54 -17.74
CA LEU B 250 -38.88 10.67 -19.16
C LEU B 250 -40.26 10.12 -19.51
N GLN B 251 -40.80 9.16 -18.76
CA GLN B 251 -42.11 8.59 -19.05
C GLN B 251 -43.01 8.56 -17.83
N PRO B 252 -43.52 9.72 -17.40
CA PRO B 252 -44.43 9.74 -16.25
C PRO B 252 -45.81 9.25 -16.69
N LYS B 253 -46.56 8.75 -15.71
CA LYS B 253 -47.91 8.22 -15.95
C LYS B 253 -47.87 7.04 -16.92
N TYR B 254 -46.81 6.23 -16.81
CA TYR B 254 -46.64 5.06 -17.66
C TYR B 254 -47.51 3.93 -17.13
N LEU B 255 -48.09 3.16 -18.04
CA LEU B 255 -48.96 2.04 -17.67
C LEU B 255 -48.37 0.71 -18.14
N GLN B 256 -47.76 -0.01 -17.22
CA GLN B 256 -47.18 -1.30 -17.55
C GLN B 256 -48.29 -2.30 -17.91
N PRO B 257 -47.98 -3.31 -18.71
CA PRO B 257 -49.02 -4.27 -19.09
C PRO B 257 -49.56 -5.06 -17.90
N LEU B 258 -50.81 -5.47 -18.02
CA LEU B 258 -51.49 -6.24 -16.99
C LEU B 258 -52.09 -7.49 -17.63
N MET B 259 -52.32 -8.51 -16.80
CA MET B 259 -52.88 -9.78 -17.26
C MET B 259 -53.61 -10.40 -16.07
N ALA B 260 -54.91 -10.62 -16.21
CA ALA B 260 -55.69 -11.18 -15.12
C ALA B 260 -55.76 -12.71 -15.18
N VAL B 261 -56.03 -13.31 -14.02
CA VAL B 261 -56.14 -14.75 -13.86
C VAL B 261 -57.31 -15.02 -12.93
N GLN B 262 -58.28 -15.81 -13.38
CA GLN B 262 -59.46 -16.16 -12.60
C GLN B 262 -59.45 -17.66 -12.32
N PHE B 263 -59.78 -18.05 -11.11
CA PHE B 263 -59.81 -19.46 -10.71
C PHE B 263 -61.28 -19.85 -10.56
N THR B 264 -61.82 -20.44 -11.63
CA THR B 264 -63.23 -20.81 -11.65
C THR B 264 -63.56 -22.00 -10.74
N ASN B 265 -62.97 -23.16 -11.00
CA ASN B 265 -63.31 -24.34 -10.22
C ASN B 265 -62.37 -24.54 -9.04
N LEU B 266 -62.70 -23.87 -7.93
CA LEU B 266 -61.92 -24.01 -6.71
C LEU B 266 -62.70 -24.83 -5.69
N THR B 267 -61.97 -25.42 -4.75
CA THR B 267 -62.57 -26.22 -3.69
C THR B 267 -62.79 -25.28 -2.52
N MET B 268 -64.03 -24.81 -2.36
CA MET B 268 -64.37 -23.88 -1.30
C MET B 268 -64.03 -24.45 0.08
N ASP B 269 -63.69 -23.53 1.00
CA ASP B 269 -63.31 -23.86 2.37
C ASP B 269 -62.04 -24.72 2.42
N THR B 270 -61.11 -24.42 1.53
CA THR B 270 -59.84 -25.15 1.44
C THR B 270 -58.75 -24.21 0.94
N GLU B 271 -57.66 -24.12 1.71
CA GLU B 271 -56.53 -23.27 1.35
C GLU B 271 -55.63 -24.02 0.39
N ILE B 272 -55.51 -23.51 -0.84
CA ILE B 272 -54.69 -24.12 -1.87
C ILE B 272 -53.65 -23.13 -2.37
N ARG B 273 -52.46 -23.67 -2.68
CA ARG B 273 -51.33 -22.90 -3.14
C ARG B 273 -51.24 -22.87 -4.66
N ILE B 274 -51.04 -21.68 -5.21
CA ILE B 274 -50.93 -21.42 -6.64
C ILE B 274 -49.59 -20.74 -6.90
N GLU B 275 -48.91 -21.17 -7.95
CA GLU B 275 -47.63 -20.64 -8.38
C GLU B 275 -47.77 -20.19 -9.83
N CYS B 276 -47.75 -18.88 -10.04
CA CYS B 276 -47.85 -18.29 -11.37
C CYS B 276 -46.42 -18.00 -11.81
N LYS B 277 -45.91 -18.82 -12.72
CA LYS B 277 -44.53 -18.69 -13.20
C LYS B 277 -44.52 -18.04 -14.58
N ALA B 278 -43.78 -16.94 -14.69
CA ALA B 278 -43.63 -16.22 -15.94
C ALA B 278 -42.44 -16.83 -16.66
N TYR B 279 -42.61 -17.17 -17.93
CA TYR B 279 -41.55 -17.81 -18.69
C TYR B 279 -40.92 -16.85 -19.69
N GLY B 280 -39.65 -17.10 -19.96
CA GLY B 280 -38.89 -16.28 -20.90
C GLY B 280 -37.40 -16.46 -20.67
N GLU B 281 -36.63 -16.02 -21.66
CA GLU B 281 -35.18 -16.12 -21.57
C GLU B 281 -34.61 -15.05 -20.65
N ASN B 282 -35.12 -13.83 -20.76
CA ASN B 282 -34.66 -12.73 -19.92
C ASN B 282 -35.36 -12.71 -18.56
N ILE B 283 -36.04 -13.79 -18.22
CA ILE B 283 -36.76 -13.90 -16.95
C ILE B 283 -36.05 -14.96 -16.12
N GLY B 284 -35.40 -14.53 -15.05
CA GLY B 284 -34.69 -15.43 -14.16
C GLY B 284 -35.57 -15.86 -13.00
N TYR B 285 -35.03 -16.78 -12.20
CA TYR B 285 -35.72 -17.30 -11.03
C TYR B 285 -34.77 -17.27 -9.85
N SER B 286 -35.29 -17.64 -8.67
CA SER B 286 -34.46 -17.63 -7.46
C SER B 286 -35.10 -18.52 -6.41
N GLU B 287 -34.31 -19.44 -5.86
CA GLU B 287 -34.82 -20.31 -4.81
C GLU B 287 -34.97 -19.58 -3.49
N LYS B 288 -34.36 -18.39 -3.37
CA LYS B 288 -34.43 -17.57 -2.17
C LYS B 288 -35.51 -16.50 -2.26
N ASP B 289 -35.76 -15.99 -3.47
CA ASP B 289 -36.78 -14.98 -3.73
C ASP B 289 -37.86 -15.66 -4.55
N ARG B 290 -38.96 -16.03 -3.89
CA ARG B 290 -40.08 -16.69 -4.56
C ARG B 290 -40.85 -15.74 -5.48
N PHE B 291 -40.44 -14.49 -5.57
CA PHE B 291 -41.08 -13.50 -6.42
C PHE B 291 -40.31 -13.21 -7.70
N GLN B 292 -39.01 -13.49 -7.75
CA GLN B 292 -38.22 -13.26 -8.95
C GLN B 292 -38.66 -14.23 -10.04
N GLY B 293 -39.34 -13.71 -11.05
CA GLY B 293 -39.81 -14.56 -12.14
C GLY B 293 -41.12 -15.25 -11.83
N ARG B 294 -41.17 -16.00 -10.73
CA ARG B 294 -42.37 -16.70 -10.34
C ARG B 294 -43.21 -15.85 -9.38
N PHE B 295 -44.29 -16.44 -8.86
CA PHE B 295 -45.20 -15.74 -7.96
C PHE B 295 -46.10 -16.76 -7.26
N ASP B 296 -46.29 -16.60 -5.95
CA ASP B 296 -47.10 -17.54 -5.17
C ASP B 296 -48.31 -16.87 -4.54
N VAL B 297 -49.34 -17.68 -4.27
CA VAL B 297 -50.59 -17.19 -3.67
C VAL B 297 -51.26 -18.35 -2.96
N LYS B 298 -51.95 -18.06 -1.86
CA LYS B 298 -52.67 -19.06 -1.06
C LYS B 298 -54.15 -18.66 -1.03
N ILE B 299 -54.94 -19.20 -1.95
CA ILE B 299 -56.35 -18.85 -2.02
C ILE B 299 -57.20 -19.80 -1.19
N GLU B 300 -58.21 -19.24 -0.52
CA GLU B 300 -59.13 -20.03 0.31
C GLU B 300 -60.46 -19.28 0.37
N VAL B 301 -61.43 -19.72 -0.43
CA VAL B 301 -62.75 -19.10 -0.46
C VAL B 301 -63.62 -19.89 0.52
N LYS B 302 -63.54 -19.53 1.79
CA LYS B 302 -64.30 -20.21 2.84
C LYS B 302 -65.70 -19.60 2.93
N SER B 303 -66.72 -20.44 2.75
CA SER B 303 -68.11 -19.99 2.81
C SER B 303 -68.66 -20.10 4.23
N ASP C 17 -25.61 -7.26 -21.97
CA ASP C 17 -26.68 -6.55 -21.28
C ASP C 17 -26.16 -5.84 -20.04
N PRO C 18 -26.75 -4.68 -19.71
CA PRO C 18 -26.33 -3.96 -18.49
C PRO C 18 -26.87 -4.59 -17.22
N PHE C 19 -27.62 -5.69 -17.35
CA PHE C 19 -28.21 -6.41 -16.23
C PHE C 19 -27.32 -7.55 -15.75
N TYR C 20 -26.02 -7.42 -15.94
CA TYR C 20 -25.03 -8.41 -15.57
C TYR C 20 -23.78 -7.75 -15.00
N TYR C 21 -23.24 -8.33 -13.93
CA TYR C 21 -22.05 -7.83 -13.26
C TYR C 21 -21.07 -8.99 -13.06
N ASP C 22 -19.83 -8.79 -13.50
CA ASP C 22 -18.79 -9.81 -13.32
C ASP C 22 -18.40 -9.83 -11.85
N TYR C 23 -19.21 -10.50 -11.03
CA TYR C 23 -18.93 -10.58 -9.61
C TYR C 23 -17.82 -11.56 -9.29
N GLU C 24 -17.58 -12.53 -10.16
CA GLU C 24 -16.54 -13.52 -9.87
C GLU C 24 -15.15 -12.93 -9.95
N THR C 25 -14.90 -12.04 -10.92
CA THR C 25 -13.58 -11.43 -11.02
C THR C 25 -13.32 -10.48 -9.85
N VAL C 26 -14.31 -9.69 -9.47
CA VAL C 26 -14.14 -8.78 -8.33
C VAL C 26 -13.93 -9.58 -7.05
N ARG C 27 -14.74 -10.65 -6.88
CA ARG C 27 -14.61 -11.52 -5.71
C ARG C 27 -13.23 -12.17 -5.65
N ASN C 28 -12.75 -12.64 -6.81
CA ASN C 28 -11.44 -13.26 -6.88
C ASN C 28 -10.34 -12.27 -6.55
N GLY C 29 -10.45 -11.05 -7.07
CA GLY C 29 -9.46 -10.02 -6.76
C GLY C 29 -9.44 -9.68 -5.29
N GLY C 30 -10.62 -9.62 -4.67
CA GLY C 30 -10.69 -9.32 -3.25
C GLY C 30 -10.08 -10.43 -2.41
N LEU C 31 -10.28 -11.68 -2.82
CA LEU C 31 -9.68 -12.78 -2.08
C LEU C 31 -8.16 -12.80 -2.25
N ILE C 32 -7.67 -12.42 -3.43
CA ILE C 32 -6.23 -12.37 -3.61
C ILE C 32 -5.64 -11.23 -2.79
N PHE C 33 -6.35 -10.10 -2.74
CA PHE C 33 -5.89 -8.98 -1.94
C PHE C 33 -5.83 -9.37 -0.47
N ALA C 34 -6.88 -10.05 0.01
CA ALA C 34 -6.92 -10.49 1.41
C ALA C 34 -5.80 -11.48 1.71
N ALA C 35 -5.45 -12.33 0.74
CA ALA C 35 -4.37 -13.29 0.98
C ALA C 35 -3.00 -12.60 1.02
N LEU C 36 -2.75 -11.71 0.06
CA LEU C 36 -1.47 -11.02 0.00
C LEU C 36 -1.27 -10.08 1.18
N ALA C 37 -2.29 -9.32 1.56
CA ALA C 37 -2.12 -8.39 2.68
C ALA C 37 -1.85 -9.15 3.97
N PHE C 38 -2.46 -10.34 4.14
CA PHE C 38 -2.22 -11.09 5.36
C PHE C 38 -0.81 -11.71 5.38
N ILE C 39 -0.36 -12.25 4.25
CA ILE C 39 0.99 -12.82 4.28
C ILE C 39 2.03 -11.71 4.39
N VAL C 40 1.77 -10.54 3.82
CA VAL C 40 2.71 -9.42 3.95
C VAL C 40 2.76 -8.98 5.41
N GLY C 41 1.59 -8.88 6.07
CA GLY C 41 1.59 -8.51 7.47
C GLY C 41 2.34 -9.52 8.32
N LEU C 42 2.25 -10.80 7.95
CA LEU C 42 3.00 -11.82 8.68
C LEU C 42 4.50 -11.60 8.50
N ILE C 43 4.91 -11.19 7.30
CA ILE C 43 6.32 -10.90 7.09
C ILE C 43 6.71 -9.69 7.94
N ILE C 44 5.76 -8.76 8.13
CA ILE C 44 6.02 -7.56 8.92
C ILE C 44 6.28 -7.92 10.39
N ILE C 45 5.51 -8.84 10.94
CA ILE C 45 5.72 -9.20 12.35
C ILE C 45 6.80 -10.26 12.54
N LEU C 46 7.47 -10.67 11.46
CA LEU C 46 8.58 -11.62 11.51
C LEU C 46 9.76 -10.87 10.91
N SER C 47 10.39 -10.02 11.73
CA SER C 47 11.48 -9.17 11.26
C SER C 47 12.81 -9.90 11.04
N LYS C 48 12.95 -11.14 11.50
CA LYS C 48 14.19 -11.91 11.32
C LYS C 48 15.46 -11.16 11.76
N LYS D 21 17.98 14.70 -64.98
CA LYS D 21 16.82 14.89 -65.84
C LYS D 21 15.85 13.71 -65.69
N GLU D 22 15.88 13.06 -64.52
CA GLU D 22 14.97 11.94 -64.29
C GLU D 22 13.52 12.38 -64.16
N ARG D 23 13.29 13.69 -64.00
CA ARG D 23 11.93 14.20 -63.89
C ARG D 23 11.11 13.85 -65.13
N ASP D 24 11.69 14.08 -66.32
CA ASP D 24 10.99 13.73 -67.55
C ASP D 24 10.83 12.22 -67.68
N MET D 25 11.81 11.46 -67.19
CA MET D 25 11.71 10.00 -67.25
C MET D 25 10.51 9.53 -66.45
N ASP D 26 10.26 10.16 -65.30
CA ASP D 26 9.12 9.79 -64.48
C ASP D 26 7.81 10.31 -65.07
N GLU D 27 7.86 11.49 -65.71
CA GLU D 27 6.65 12.05 -66.31
C GLU D 27 6.18 11.19 -67.47
N LEU D 28 7.12 10.68 -68.27
CA LEU D 28 6.74 9.80 -69.37
C LEU D 28 6.26 8.45 -68.88
N LYS D 29 6.31 8.22 -67.57
CA LYS D 29 5.83 7.01 -66.94
C LYS D 29 4.53 7.24 -66.20
N LYS D 30 4.17 8.51 -65.93
CA LYS D 30 2.90 8.83 -65.30
C LYS D 30 1.77 8.91 -66.32
N GLU D 31 2.09 8.92 -67.61
CA GLU D 31 1.11 9.01 -68.68
C GLU D 31 0.65 7.61 -69.10
N VAL D 32 -0.62 7.51 -69.49
CA VAL D 32 -1.16 6.22 -69.93
C VAL D 32 -0.45 5.79 -71.21
N SER D 33 -0.24 4.49 -71.35
CA SER D 33 0.49 3.94 -72.49
C SER D 33 -0.23 4.08 -73.82
N MET D 34 0.57 4.04 -74.88
CA MET D 34 0.13 4.11 -76.27
C MET D 34 0.57 2.82 -76.96
N ASP D 35 0.12 2.61 -78.20
CA ASP D 35 0.47 1.39 -78.92
C ASP D 35 0.22 1.55 -80.42
N ASP D 36 0.54 0.46 -81.14
CA ASP D 36 0.36 0.32 -82.59
C ASP D 36 -0.37 -0.99 -82.87
N HIS D 37 -1.24 -1.40 -81.93
CA HIS D 37 -1.96 -2.65 -82.07
C HIS D 37 -2.89 -2.66 -83.28
N LYS D 38 -3.56 -1.54 -83.56
CA LYS D 38 -4.49 -1.45 -84.67
C LYS D 38 -3.72 -1.42 -85.99
N LEU D 39 -3.27 -2.60 -86.41
CA LEU D 39 -2.52 -2.72 -87.65
C LEU D 39 -2.83 -4.05 -88.33
N SER D 40 -2.91 -4.02 -89.65
CA SER D 40 -3.16 -5.24 -90.41
C SER D 40 -1.93 -6.14 -90.24
N LEU D 41 -2.15 -7.45 -90.39
CA LEU D 41 -1.05 -8.41 -90.23
C LEU D 41 0.08 -8.11 -91.21
N ASP D 42 -0.26 -7.57 -92.39
CA ASP D 42 0.77 -7.26 -93.38
C ASP D 42 1.60 -6.06 -92.95
N GLU D 43 0.94 -4.99 -92.49
CA GLU D 43 1.70 -3.82 -92.06
C GLU D 43 2.50 -4.14 -90.80
N LEU D 44 1.96 -5.00 -89.93
CA LEU D 44 2.66 -5.39 -88.72
C LEU D 44 3.93 -6.17 -89.07
N HIS D 45 3.80 -7.19 -89.92
CA HIS D 45 4.96 -7.97 -90.33
C HIS D 45 5.93 -7.13 -91.14
N ARG D 46 5.45 -6.07 -91.80
CA ARG D 46 6.33 -5.21 -92.58
C ARG D 46 7.14 -4.31 -91.65
N LYS D 47 6.50 -3.84 -90.57
CA LYS D 47 7.20 -2.98 -89.63
C LYS D 47 8.25 -3.74 -88.83
N TYR D 48 7.90 -4.94 -88.35
CA TYR D 48 8.86 -5.68 -87.54
C TYR D 48 9.76 -6.60 -88.34
N GLY D 49 9.35 -6.99 -89.55
CA GLY D 49 10.17 -7.88 -90.34
C GLY D 49 10.22 -9.25 -89.71
N THR D 50 9.07 -9.92 -89.69
CA THR D 50 8.95 -11.24 -89.08
C THR D 50 7.90 -12.05 -89.82
N ASP D 51 8.20 -13.33 -90.03
CA ASP D 51 7.26 -14.22 -90.70
C ASP D 51 6.11 -14.53 -89.75
N LEU D 52 4.88 -14.43 -90.24
CA LEU D 52 3.72 -14.68 -89.39
C LEU D 52 3.57 -16.15 -89.01
N SER D 53 4.16 -17.07 -89.78
CA SER D 53 4.05 -18.48 -89.47
C SER D 53 5.38 -19.15 -89.19
N ARG D 54 6.50 -18.44 -89.36
CA ARG D 54 7.82 -19.01 -89.10
C ARG D 54 8.65 -18.21 -88.12
N GLY D 55 8.20 -17.03 -87.71
CA GLY D 55 8.99 -16.21 -86.79
C GLY D 55 10.17 -15.63 -87.53
N LEU D 56 11.36 -15.82 -86.98
CA LEU D 56 12.57 -15.32 -87.61
C LEU D 56 13.71 -16.31 -87.37
N THR D 57 14.79 -16.10 -88.11
CA THR D 57 15.96 -16.96 -87.97
C THR D 57 16.58 -16.76 -86.59
N PRO D 58 17.12 -17.82 -85.97
CA PRO D 58 17.72 -17.66 -84.64
C PRO D 58 18.85 -16.65 -84.60
N ALA D 59 19.54 -16.42 -85.73
CA ALA D 59 20.61 -15.42 -85.75
C ALA D 59 20.02 -14.03 -85.52
N ARG D 60 18.86 -13.75 -86.12
CA ARG D 60 18.19 -12.47 -85.92
C ARG D 60 17.70 -12.34 -84.48
N ALA D 61 17.24 -13.46 -83.91
CA ALA D 61 16.77 -13.46 -82.53
C ALA D 61 17.92 -13.10 -81.59
N ALA D 62 19.08 -13.73 -81.78
CA ALA D 62 20.23 -13.41 -80.94
C ALA D 62 20.71 -11.98 -81.22
N GLU D 63 20.51 -11.51 -82.46
CA GLU D 63 20.89 -10.16 -82.83
C GLU D 63 20.08 -9.13 -82.08
N ILE D 64 18.84 -9.47 -81.71
CA ILE D 64 18.02 -8.55 -80.91
C ILE D 64 18.29 -8.74 -79.42
N LEU D 65 18.49 -10.02 -79.03
CA LEU D 65 18.76 -10.39 -77.65
C LEU D 65 19.98 -9.65 -77.11
N ALA D 66 21.03 -9.55 -77.91
CA ALA D 66 22.23 -8.84 -77.49
C ALA D 66 22.21 -7.39 -77.95
N ARG D 67 21.02 -6.87 -78.29
CA ARG D 67 20.85 -5.50 -78.74
C ARG D 67 20.06 -4.64 -77.77
N ASP D 68 18.94 -5.13 -77.24
CA ASP D 68 18.16 -4.29 -76.34
C ASP D 68 18.03 -4.81 -74.92
N GLY D 69 18.40 -6.06 -74.64
CA GLY D 69 18.30 -6.58 -73.29
C GLY D 69 17.34 -7.75 -73.20
N PRO D 70 17.65 -8.71 -72.33
CA PRO D 70 16.79 -9.89 -72.18
C PRO D 70 15.39 -9.51 -71.70
N ASN D 71 14.43 -10.35 -72.06
CA ASN D 71 13.02 -10.13 -71.69
C ASN D 71 12.83 -10.47 -70.21
N ALA D 72 13.18 -9.50 -69.37
CA ALA D 72 13.06 -9.61 -67.93
C ALA D 72 13.23 -8.22 -67.35
N LEU D 73 12.47 -7.93 -66.29
CA LEU D 73 12.54 -6.62 -65.65
C LEU D 73 13.89 -6.42 -64.98
N THR D 74 14.36 -5.17 -65.02
CA THR D 74 15.62 -4.83 -64.36
C THR D 74 15.46 -5.09 -62.86
N PRO D 75 16.43 -5.73 -62.21
CA PRO D 75 16.30 -6.02 -60.78
C PRO D 75 16.06 -4.76 -59.97
N PRO D 76 15.47 -4.88 -58.79
CA PRO D 76 15.22 -3.70 -57.96
C PRO D 76 16.53 -3.10 -57.46
N PRO D 77 16.51 -1.87 -56.96
CA PRO D 77 17.73 -1.26 -56.40
C PRO D 77 17.94 -1.84 -55.01
N THR D 78 19.01 -2.61 -54.85
CA THR D 78 19.28 -3.26 -53.57
C THR D 78 19.58 -2.24 -52.46
N THR D 79 18.99 -2.50 -51.29
CA THR D 79 19.12 -1.66 -50.09
C THR D 79 19.92 -2.40 -49.04
N PRO D 80 21.24 -2.15 -48.94
CA PRO D 80 22.06 -2.83 -47.93
C PRO D 80 21.54 -2.57 -46.53
N GLU D 81 21.83 -3.51 -45.62
CA GLU D 81 21.33 -3.43 -44.26
C GLU D 81 22.00 -2.36 -43.40
N TRP D 82 23.24 -1.94 -43.71
CA TRP D 82 23.84 -0.90 -42.89
C TRP D 82 23.21 0.45 -43.21
N VAL D 83 22.64 0.58 -44.40
CA VAL D 83 22.01 1.84 -44.79
C VAL D 83 20.80 2.11 -43.90
N LYS D 84 19.94 1.11 -43.70
CA LYS D 84 18.77 1.37 -42.86
C LYS D 84 19.13 1.38 -41.38
N PHE D 85 20.33 0.90 -41.00
CA PHE D 85 20.71 1.04 -39.60
C PHE D 85 21.12 2.49 -39.38
N CYS D 86 21.80 3.09 -40.36
CA CYS D 86 22.13 4.50 -40.23
C CYS D 86 20.86 5.33 -40.33
N ARG D 87 19.89 4.85 -41.11
CA ARG D 87 18.60 5.54 -41.22
C ARG D 87 17.90 5.55 -39.86
N GLN D 88 17.90 4.41 -39.17
CA GLN D 88 17.29 4.36 -37.85
C GLN D 88 18.10 5.19 -36.86
N LEU D 89 19.39 5.41 -37.13
CA LEU D 89 20.16 6.21 -36.21
C LEU D 89 19.92 7.71 -36.37
N PHE D 90 19.45 8.18 -37.52
CA PHE D 90 19.26 9.63 -37.58
C PHE D 90 17.83 10.09 -37.28
N GLY D 91 16.88 9.77 -38.16
CA GLY D 91 15.47 10.18 -38.01
C GLY D 91 15.31 11.64 -37.63
N GLY D 92 14.29 11.93 -36.81
CA GLY D 92 14.03 13.28 -36.34
C GLY D 92 14.20 13.45 -34.85
N PHE D 93 13.71 12.45 -34.09
CA PHE D 93 13.83 12.49 -32.64
C PHE D 93 15.26 12.20 -32.24
N SER D 94 15.85 11.18 -32.86
CA SER D 94 17.23 10.82 -32.62
C SER D 94 18.15 11.97 -33.02
N MET D 95 17.71 12.84 -33.94
CA MET D 95 18.54 13.98 -34.31
C MET D 95 18.60 14.99 -33.17
N LEU D 96 17.46 15.23 -32.50
CA LEU D 96 17.47 16.14 -31.37
C LEU D 96 18.35 15.56 -30.27
N LEU D 97 18.28 14.24 -30.07
CA LEU D 97 19.16 13.64 -29.05
C LEU D 97 20.62 13.70 -29.48
N TRP D 98 20.89 13.68 -30.79
CA TRP D 98 22.26 13.76 -31.26
C TRP D 98 22.83 15.16 -31.02
N ILE D 99 22.05 16.20 -31.35
CA ILE D 99 22.53 17.55 -31.11
C ILE D 99 22.66 17.78 -29.60
N GLY D 100 21.86 17.08 -28.79
CA GLY D 100 22.01 17.20 -27.36
C GLY D 100 23.33 16.62 -26.91
N ALA D 101 23.69 15.46 -27.47
CA ALA D 101 24.98 14.84 -27.13
C ALA D 101 26.13 15.74 -27.57
N ILE D 102 26.01 16.34 -28.76
CA ILE D 102 27.03 17.25 -29.26
C ILE D 102 27.21 18.41 -28.30
N LEU D 103 26.10 19.00 -27.87
CA LEU D 103 26.18 20.11 -26.91
C LEU D 103 26.78 19.66 -25.59
N CYS D 104 26.56 18.39 -25.21
CA CYS D 104 27.15 17.90 -23.98
C CYS D 104 28.67 17.82 -24.10
N PHE D 105 29.16 17.34 -25.24
CA PHE D 105 30.61 17.26 -25.41
C PHE D 105 31.23 18.63 -25.60
N LEU D 106 30.47 19.58 -26.18
CA LEU D 106 30.99 20.93 -26.32
C LEU D 106 31.11 21.58 -24.94
N ALA D 107 30.06 21.44 -24.12
CA ALA D 107 30.09 21.97 -22.77
C ALA D 107 31.20 21.34 -21.95
N TYR D 108 31.42 20.03 -22.15
CA TYR D 108 32.50 19.37 -21.43
C TYR D 108 33.86 19.83 -21.90
N GLY D 109 34.02 20.12 -23.20
CA GLY D 109 35.30 20.61 -23.69
C GLY D 109 35.60 21.97 -23.09
N ILE D 110 34.57 22.82 -23.00
CA ILE D 110 34.74 24.14 -22.39
C ILE D 110 35.13 23.99 -20.93
N GLN D 111 34.35 23.18 -20.19
CA GLN D 111 34.60 22.93 -18.78
C GLN D 111 35.93 22.24 -18.53
N ALA D 112 36.40 21.45 -19.49
CA ALA D 112 37.65 20.72 -19.34
C ALA D 112 38.85 21.66 -19.51
N ALA D 113 38.96 22.29 -20.67
CA ALA D 113 40.08 23.19 -20.90
C ALA D 113 40.08 24.41 -20.00
N THR D 114 38.93 24.81 -19.45
CA THR D 114 38.95 26.02 -18.64
C THR D 114 39.14 25.82 -17.13
N GLU D 115 38.68 24.73 -16.53
CA GLU D 115 38.84 24.63 -15.08
C GLU D 115 39.66 23.43 -14.63
N GLU D 116 40.10 23.53 -13.37
CA GLU D 116 40.88 22.50 -12.70
C GLU D 116 39.97 21.34 -12.30
N GLU D 117 40.53 20.12 -12.36
CA GLU D 117 39.87 18.86 -12.03
C GLU D 117 38.40 18.87 -12.43
N PRO D 118 38.11 18.97 -13.74
CA PRO D 118 36.71 19.03 -14.18
C PRO D 118 35.95 17.79 -13.74
N GLN D 119 34.66 17.97 -13.50
CA GLN D 119 33.85 16.83 -13.13
C GLN D 119 33.36 16.23 -14.42
N ASN D 120 33.15 14.92 -14.42
CA ASN D 120 32.77 14.22 -15.64
C ASN D 120 31.26 14.22 -15.91
N ASP D 121 30.52 15.09 -15.24
CA ASP D 121 29.07 15.25 -15.39
C ASP D 121 28.59 15.30 -16.84
N ASN D 122 29.00 16.34 -17.57
CA ASN D 122 28.57 16.51 -18.96
C ASN D 122 29.03 15.37 -19.85
N LEU D 123 30.21 14.82 -19.60
CA LEU D 123 30.69 13.72 -20.44
C LEU D 123 29.86 12.46 -20.20
N TYR D 124 29.53 12.20 -18.94
CA TYR D 124 28.72 11.06 -18.57
C TYR D 124 27.35 11.16 -19.24
N LEU D 125 26.78 12.37 -19.21
CA LEU D 125 25.47 12.59 -19.83
C LEU D 125 25.55 12.47 -21.34
N GLY D 126 26.64 12.95 -21.96
CA GLY D 126 26.76 12.86 -23.41
C GLY D 126 26.87 11.43 -23.89
N VAL D 127 27.69 10.61 -23.21
CA VAL D 127 27.79 9.23 -23.63
C VAL D 127 26.47 8.52 -23.37
N VAL D 128 25.73 8.94 -22.34
CA VAL D 128 24.43 8.32 -22.08
C VAL D 128 23.46 8.62 -23.22
N LEU D 129 23.42 9.87 -23.68
CA LEU D 129 22.52 10.20 -24.80
C LEU D 129 22.92 9.46 -26.07
N SER D 130 24.24 9.32 -26.30
CA SER D 130 24.70 8.59 -27.47
C SER D 130 24.26 7.14 -27.40
N ALA D 131 24.37 6.52 -26.21
CA ALA D 131 23.94 5.15 -26.04
C ALA D 131 22.43 5.03 -26.22
N VAL D 132 21.67 6.04 -25.78
CA VAL D 132 20.22 6.00 -25.93
C VAL D 132 19.86 5.94 -27.41
N VAL D 133 20.49 6.78 -28.22
CA VAL D 133 20.20 6.79 -29.65
C VAL D 133 20.63 5.48 -30.30
N ILE D 134 21.83 4.98 -29.98
CA ILE D 134 22.31 3.75 -30.60
C ILE D 134 21.42 2.55 -30.24
N ILE D 135 21.05 2.42 -28.97
CA ILE D 135 20.22 1.30 -28.54
C ILE D 135 18.83 1.38 -29.17
N THR D 136 18.23 2.58 -29.19
CA THR D 136 16.92 2.71 -29.83
C THR D 136 17.03 2.36 -31.30
N GLY D 137 18.13 2.76 -31.95
CA GLY D 137 18.33 2.44 -33.34
C GLY D 137 18.41 0.95 -33.57
N CYS D 138 19.15 0.23 -32.71
CA CYS D 138 19.25 -1.21 -32.85
C CYS D 138 17.90 -1.89 -32.66
N PHE D 139 17.11 -1.41 -31.70
CA PHE D 139 15.80 -2.02 -31.44
C PHE D 139 14.84 -1.81 -32.62
N SER D 140 14.71 -0.55 -33.07
CA SER D 140 13.82 -0.28 -34.20
C SER D 140 14.32 -0.97 -35.46
N TYR D 141 15.65 -1.04 -35.64
CA TYR D 141 16.21 -1.73 -36.79
C TYR D 141 15.89 -3.21 -36.73
N TYR D 142 15.97 -3.81 -35.53
CA TYR D 142 15.64 -5.22 -35.40
C TYR D 142 14.17 -5.46 -35.75
N GLN D 143 13.31 -4.50 -35.43
CA GLN D 143 11.89 -4.66 -35.77
C GLN D 143 11.66 -4.59 -37.28
N GLU D 144 12.20 -3.54 -37.92
CA GLU D 144 12.03 -3.41 -39.37
C GLU D 144 12.70 -4.57 -40.11
N ALA D 145 13.86 -5.01 -39.59
CA ALA D 145 14.58 -6.12 -40.19
C ALA D 145 13.80 -7.42 -40.04
N LYS D 146 13.13 -7.61 -38.89
CA LYS D 146 12.34 -8.83 -38.70
C LYS D 146 11.16 -8.84 -39.66
N SER D 147 10.54 -7.67 -39.88
CA SER D 147 9.43 -7.61 -40.82
C SER D 147 9.90 -7.97 -42.23
N SER D 148 11.02 -7.38 -42.66
CA SER D 148 11.54 -7.70 -43.99
C SER D 148 11.99 -9.16 -44.07
N LYS D 149 12.47 -9.70 -42.93
CA LYS D 149 12.92 -11.08 -42.87
C LYS D 149 11.77 -12.04 -43.16
N ILE D 150 10.65 -11.86 -42.45
CA ILE D 150 9.49 -12.72 -42.70
C ILE D 150 8.88 -12.41 -44.06
N MET D 151 9.17 -11.24 -44.64
CA MET D 151 8.64 -10.96 -45.96
C MET D 151 9.38 -11.72 -47.05
N GLU D 152 10.69 -11.96 -46.85
CA GLU D 152 11.44 -12.71 -47.85
C GLU D 152 10.97 -14.15 -47.97
N SER D 153 10.34 -14.69 -46.93
CA SER D 153 9.85 -16.07 -46.90
C SER D 153 8.59 -16.31 -47.75
N PHE D 154 8.13 -15.34 -48.54
CA PHE D 154 6.97 -15.50 -49.39
C PHE D 154 7.32 -15.46 -50.88
N LYS D 155 8.58 -15.18 -51.22
CA LYS D 155 9.05 -15.07 -52.59
C LYS D 155 9.46 -16.42 -53.18
N ASN D 156 8.64 -16.97 -54.07
CA ASN D 156 8.94 -18.24 -54.75
C ASN D 156 8.95 -18.00 -56.27
N MET D 157 10.01 -17.37 -56.76
CA MET D 157 10.16 -17.07 -58.19
C MET D 157 10.62 -18.32 -58.94
N VAL D 158 9.70 -18.97 -59.63
CA VAL D 158 9.97 -20.17 -60.41
C VAL D 158 10.19 -19.77 -61.86
N PRO D 159 11.30 -20.17 -62.49
CA PRO D 159 11.51 -19.83 -63.90
C PRO D 159 10.44 -20.48 -64.76
N GLN D 160 9.99 -19.75 -65.78
CA GLN D 160 8.94 -20.22 -66.68
C GLN D 160 9.44 -20.11 -68.10
N GLN D 161 9.63 -21.24 -68.76
CA GLN D 161 10.12 -21.26 -70.13
C GLN D 161 8.96 -21.08 -71.11
N ALA D 162 9.17 -20.20 -72.08
CA ALA D 162 8.20 -19.85 -73.11
C ALA D 162 8.38 -20.71 -74.35
N LEU D 163 7.27 -20.84 -75.09
CA LEU D 163 7.21 -21.60 -76.34
C LEU D 163 7.31 -20.60 -77.48
N VAL D 164 8.44 -20.60 -78.17
CA VAL D 164 8.71 -19.68 -79.28
C VAL D 164 8.84 -20.46 -80.57
N ILE D 165 8.25 -19.91 -81.63
CA ILE D 165 8.32 -20.50 -82.97
C ILE D 165 9.29 -19.64 -83.76
N ARG D 166 10.46 -20.21 -84.06
CA ARG D 166 11.50 -19.50 -84.80
C ARG D 166 11.98 -20.37 -85.96
N ASN D 167 12.22 -19.72 -87.09
CA ASN D 167 12.69 -20.36 -88.32
C ASN D 167 11.76 -21.48 -88.76
N GLY D 168 10.49 -21.41 -88.35
CA GLY D 168 9.50 -22.39 -88.71
C GLY D 168 9.40 -23.59 -87.78
N GLU D 169 10.04 -23.55 -86.62
CA GLU D 169 9.97 -24.68 -85.71
C GLU D 169 9.63 -24.22 -84.30
N LYS D 170 8.96 -25.11 -83.57
CA LYS D 170 8.54 -24.86 -82.20
C LYS D 170 9.66 -25.29 -81.26
N MET D 171 10.08 -24.36 -80.39
CA MET D 171 11.14 -24.61 -79.43
C MET D 171 10.76 -23.95 -78.10
N SER D 172 11.18 -24.55 -77.00
CA SER D 172 10.89 -24.04 -75.66
C SER D 172 12.17 -23.48 -75.07
N ILE D 173 12.24 -22.15 -74.95
CA ILE D 173 13.41 -21.48 -74.41
C ILE D 173 13.02 -20.69 -73.17
N ASN D 174 14.03 -20.27 -72.40
CA ASN D 174 13.79 -19.48 -71.20
C ASN D 174 13.12 -18.16 -71.55
N ALA D 175 12.34 -17.63 -70.61
CA ALA D 175 11.60 -16.38 -70.84
C ALA D 175 12.51 -15.19 -71.10
N GLU D 176 13.75 -15.21 -70.58
CA GLU D 176 14.66 -14.09 -70.81
C GLU D 176 15.25 -14.08 -72.21
N GLU D 177 15.21 -15.22 -72.90
CA GLU D 177 15.75 -15.37 -74.24
C GLU D 177 14.76 -14.99 -75.35
N VAL D 178 13.56 -14.50 -74.99
CA VAL D 178 12.57 -14.08 -75.97
C VAL D 178 12.89 -12.65 -76.38
N VAL D 179 12.76 -12.37 -77.68
CA VAL D 179 13.07 -11.04 -78.20
C VAL D 179 11.84 -10.42 -78.82
N VAL D 180 11.98 -9.20 -79.30
CA VAL D 180 10.89 -8.48 -79.94
C VAL D 180 10.66 -9.03 -81.34
N GLY D 181 9.41 -9.01 -81.77
CA GLY D 181 9.06 -9.45 -83.11
C GLY D 181 9.38 -10.86 -83.54
N ASP D 182 8.87 -11.85 -82.81
CA ASP D 182 9.06 -13.25 -83.17
C ASP D 182 7.79 -13.97 -82.74
N LEU D 183 7.41 -14.99 -83.52
CA LEU D 183 6.20 -15.74 -83.23
C LEU D 183 6.31 -16.53 -81.93
N VAL D 184 5.25 -16.45 -81.13
CA VAL D 184 5.17 -17.14 -79.84
C VAL D 184 3.78 -17.75 -79.71
N GLU D 185 3.74 -18.99 -79.24
CA GLU D 185 2.49 -19.72 -79.04
C GLU D 185 2.25 -19.92 -77.54
N VAL D 186 0.99 -19.80 -77.14
CA VAL D 186 0.61 -19.98 -75.74
C VAL D 186 -0.52 -21.00 -75.67
N LYS D 187 -0.48 -21.82 -74.63
CA LYS D 187 -1.45 -22.87 -74.35
C LYS D 187 -2.12 -22.59 -73.02
N GLY D 188 -3.37 -23.02 -72.88
CA GLY D 188 -4.11 -22.82 -71.65
C GLY D 188 -3.37 -23.35 -70.44
N GLY D 189 -2.86 -22.43 -69.62
CA GLY D 189 -2.09 -22.77 -68.44
C GLY D 189 -0.78 -22.01 -68.42
N ASP D 190 -0.20 -21.83 -69.59
CA ASP D 190 1.07 -21.10 -69.72
C ASP D 190 0.88 -19.63 -69.40
N ARG D 191 1.97 -18.97 -69.03
CA ARG D 191 1.97 -17.55 -68.71
C ARG D 191 2.47 -16.77 -69.91
N ILE D 192 1.82 -15.65 -70.21
CA ILE D 192 2.19 -14.80 -71.33
C ILE D 192 3.56 -14.22 -71.03
N PRO D 193 4.60 -14.53 -71.83
CA PRO D 193 5.94 -14.00 -71.51
C PRO D 193 6.09 -12.49 -71.59
N ALA D 194 6.09 -11.96 -72.81
CA ALA D 194 6.20 -10.54 -73.05
C ALA D 194 4.83 -10.04 -73.49
N ASP D 195 4.74 -8.82 -74.00
CA ASP D 195 3.48 -8.29 -74.49
C ASP D 195 3.32 -8.72 -75.94
N LEU D 196 2.30 -9.54 -76.21
CA LEU D 196 2.06 -10.08 -77.54
C LEU D 196 0.97 -9.33 -78.29
N ARG D 197 1.00 -9.50 -79.61
CA ARG D 197 0.02 -8.96 -80.56
C ARG D 197 -0.54 -10.22 -81.21
N ILE D 198 -1.75 -10.59 -80.79
CA ILE D 198 -2.41 -11.79 -81.28
C ILE D 198 -2.58 -11.75 -82.79
N ILE D 199 -2.35 -12.91 -83.42
CA ILE D 199 -2.52 -13.01 -84.88
C ILE D 199 -3.51 -14.13 -85.21
N SER D 200 -3.61 -15.12 -84.31
CA SER D 200 -4.52 -16.25 -84.51
C SER D 200 -4.85 -16.85 -83.16
N ALA D 201 -6.13 -16.89 -82.81
CA ALA D 201 -6.59 -17.44 -81.54
C ALA D 201 -7.60 -18.55 -81.76
N ASN D 202 -7.74 -19.42 -80.74
CA ASN D 202 -8.68 -20.53 -80.78
C ASN D 202 -9.35 -20.64 -79.40
N GLY D 203 -10.38 -19.83 -79.17
CA GLY D 203 -11.06 -19.81 -77.90
C GLY D 203 -10.10 -19.51 -76.77
N CYS D 204 -9.21 -18.55 -76.99
CA CYS D 204 -8.17 -18.20 -76.02
C CYS D 204 -8.67 -17.14 -75.07
N LYS D 205 -8.66 -17.44 -73.77
CA LYS D 205 -9.09 -16.52 -72.74
C LYS D 205 -7.92 -16.32 -71.80
N VAL D 206 -7.49 -15.07 -71.65
CA VAL D 206 -6.39 -14.73 -70.80
C VAL D 206 -6.93 -14.14 -69.50
N ASP D 207 -6.07 -13.97 -68.52
CA ASP D 207 -6.43 -13.43 -67.20
C ASP D 207 -5.70 -12.12 -66.97
N ASN D 208 -6.40 -11.01 -67.25
CA ASN D 208 -5.87 -9.67 -67.06
C ASN D 208 -6.23 -9.10 -65.70
N SER D 209 -6.35 -9.96 -64.68
CA SER D 209 -6.72 -9.49 -63.35
C SER D 209 -5.57 -8.83 -62.61
N SER D 210 -4.39 -9.46 -62.63
CA SER D 210 -3.25 -8.86 -61.93
C SER D 210 -2.78 -7.58 -62.59
N LEU D 211 -3.03 -7.38 -63.88
CA LEU D 211 -2.56 -6.16 -64.53
C LEU D 211 -3.65 -5.10 -64.73
N THR D 212 -4.68 -5.40 -65.51
CA THR D 212 -5.73 -4.41 -65.77
C THR D 212 -6.91 -4.55 -64.82
N GLY D 213 -6.84 -5.47 -63.86
CA GLY D 213 -7.93 -5.65 -62.92
C GLY D 213 -9.19 -6.26 -63.50
N GLU D 214 -9.17 -6.71 -64.75
CA GLU D 214 -10.35 -7.30 -65.37
C GLU D 214 -10.58 -8.67 -64.73
N SER D 215 -11.63 -8.77 -63.93
CA SER D 215 -11.95 -9.99 -63.18
C SER D 215 -12.21 -11.24 -64.02
N GLU D 216 -13.30 -11.25 -64.78
CA GLU D 216 -13.62 -12.43 -65.58
C GLU D 216 -12.53 -12.63 -66.63
N PRO D 217 -12.16 -13.89 -66.94
CA PRO D 217 -11.10 -14.12 -67.95
C PRO D 217 -11.47 -13.47 -69.27
N GLN D 218 -10.73 -12.43 -69.64
CA GLN D 218 -11.01 -11.72 -70.87
C GLN D 218 -10.46 -12.48 -72.05
N THR D 219 -11.32 -12.72 -73.04
CA THR D 219 -10.90 -13.44 -74.22
C THR D 219 -9.97 -12.57 -75.07
N ARG D 220 -9.24 -13.24 -75.95
CA ARG D 220 -8.30 -12.59 -76.84
C ARG D 220 -8.56 -13.04 -78.28
N SER D 221 -8.96 -12.09 -79.11
CA SER D 221 -9.22 -12.35 -80.51
C SER D 221 -8.21 -11.56 -81.34
N PRO D 222 -7.79 -12.07 -82.50
CA PRO D 222 -6.81 -11.34 -83.31
C PRO D 222 -7.31 -10.02 -83.88
N ASP D 223 -8.63 -9.82 -83.96
CA ASP D 223 -9.18 -8.58 -84.50
C ASP D 223 -9.15 -7.46 -83.47
N PHE D 224 -8.73 -6.27 -83.91
CA PHE D 224 -8.68 -5.11 -83.04
C PHE D 224 -10.11 -4.66 -82.74
N THR D 225 -10.43 -4.51 -81.45
CA THR D 225 -11.77 -4.14 -81.01
C THR D 225 -11.88 -2.77 -80.34
N ASN D 226 -10.89 -2.36 -79.54
CA ASN D 226 -10.96 -1.08 -78.86
C ASN D 226 -9.67 -0.29 -79.05
N GLU D 227 -9.81 1.04 -79.14
CA GLU D 227 -8.64 1.92 -79.30
C GLU D 227 -7.70 1.85 -78.11
N ASN D 228 -8.19 1.40 -76.95
CA ASN D 228 -7.36 1.30 -75.76
C ASN D 228 -6.61 -0.02 -75.79
N PRO D 229 -5.27 0.00 -75.71
CA PRO D 229 -4.51 -1.26 -75.76
C PRO D 229 -4.87 -2.25 -74.66
N LEU D 230 -5.33 -1.77 -73.50
CA LEU D 230 -5.69 -2.69 -72.43
C LEU D 230 -7.03 -3.39 -72.70
N GLU D 231 -7.97 -2.68 -73.32
CA GLU D 231 -9.30 -3.23 -73.60
C GLU D 231 -9.36 -4.11 -74.84
N THR D 232 -8.57 -3.81 -75.88
CA THR D 232 -8.63 -4.60 -77.10
C THR D 232 -8.25 -6.06 -76.84
N ARG D 233 -8.66 -6.93 -77.74
CA ARG D 233 -8.44 -8.36 -77.60
C ARG D 233 -7.24 -8.90 -78.38
N ASN D 234 -6.57 -8.07 -79.17
CA ASN D 234 -5.42 -8.52 -79.94
C ASN D 234 -4.10 -8.34 -79.20
N ILE D 235 -4.15 -8.14 -77.88
CA ILE D 235 -2.94 -7.92 -77.09
C ILE D 235 -2.93 -8.79 -75.84
N ALA D 236 -1.86 -9.55 -75.66
CA ALA D 236 -1.61 -10.34 -74.48
C ALA D 236 -0.66 -9.51 -73.62
N PHE D 237 -0.73 -9.68 -72.30
CA PHE D 237 0.09 -8.85 -71.41
C PHE D 237 1.10 -9.63 -70.57
N PHE D 238 2.18 -8.93 -70.22
CA PHE D 238 3.22 -9.50 -69.37
C PHE D 238 2.61 -9.85 -68.02
N SER D 239 2.97 -11.02 -67.50
CA SER D 239 2.54 -11.60 -66.23
C SER D 239 1.11 -12.11 -66.24
N THR D 240 0.45 -12.10 -67.40
CA THR D 240 -0.90 -12.65 -67.49
C THR D 240 -0.78 -14.12 -67.85
N ASN D 241 -1.78 -14.90 -67.48
CA ASN D 241 -1.78 -16.33 -67.73
C ASN D 241 -2.93 -16.73 -68.64
N CYS D 242 -2.60 -17.43 -69.73
CA CYS D 242 -3.59 -17.92 -70.68
C CYS D 242 -4.41 -19.00 -69.98
N VAL D 243 -5.67 -18.69 -69.64
CA VAL D 243 -6.51 -19.63 -68.91
C VAL D 243 -6.86 -20.85 -69.76
N GLU D 244 -7.57 -20.64 -70.86
CA GLU D 244 -8.01 -21.72 -71.72
C GLU D 244 -7.81 -21.36 -73.18
N GLY D 245 -7.74 -22.39 -74.01
CA GLY D 245 -7.54 -22.20 -75.43
C GLY D 245 -6.07 -21.99 -75.74
N THR D 246 -5.79 -21.82 -77.03
CA THR D 246 -4.43 -21.61 -77.50
C THR D 246 -4.41 -20.42 -78.45
N ALA D 247 -3.27 -19.74 -78.51
CA ALA D 247 -3.17 -18.59 -79.39
C ALA D 247 -1.73 -18.38 -79.82
N ARG D 248 -1.57 -17.53 -80.82
CA ARG D 248 -0.29 -17.16 -81.40
C ARG D 248 -0.12 -15.64 -81.27
N GLY D 249 1.11 -15.17 -81.46
CA GLY D 249 1.31 -13.73 -81.38
C GLY D 249 2.74 -13.27 -81.61
N ILE D 250 2.85 -12.00 -81.99
CA ILE D 250 4.15 -11.37 -82.24
C ILE D 250 4.54 -10.55 -81.01
N VAL D 251 5.76 -10.75 -80.53
CA VAL D 251 6.22 -10.02 -79.34
C VAL D 251 6.42 -8.56 -79.75
N VAL D 252 5.58 -7.67 -79.23
CA VAL D 252 5.67 -6.25 -79.54
C VAL D 252 6.54 -5.51 -78.53
N TYR D 253 6.31 -5.73 -77.24
CA TYR D 253 7.07 -5.09 -76.18
C TYR D 253 7.81 -6.14 -75.39
N THR D 254 9.05 -5.84 -75.00
CA THR D 254 9.90 -6.77 -74.28
C THR D 254 10.62 -6.07 -73.14
N GLY D 255 10.99 -6.87 -72.14
CA GLY D 255 11.74 -6.34 -70.99
C GLY D 255 10.96 -5.31 -70.19
N ASP D 256 11.66 -4.21 -69.87
CA ASP D 256 11.06 -3.14 -69.09
C ASP D 256 10.05 -2.32 -69.88
N ARG D 257 10.10 -2.38 -71.22
CA ARG D 257 9.17 -1.64 -72.06
C ARG D 257 7.76 -2.20 -72.03
N THR D 258 7.54 -3.31 -71.32
CA THR D 258 6.23 -3.91 -71.24
C THR D 258 5.30 -3.06 -70.38
N VAL D 259 4.02 -3.43 -70.38
CA VAL D 259 3.04 -2.67 -69.59
C VAL D 259 3.36 -2.76 -68.11
N MET D 260 3.43 -3.99 -67.59
CA MET D 260 3.78 -4.16 -66.18
C MET D 260 5.21 -3.72 -65.92
N GLY D 261 6.05 -3.65 -66.95
CA GLY D 261 7.41 -3.19 -66.76
C GLY D 261 7.42 -1.71 -66.43
N ARG D 262 6.62 -0.92 -67.17
CA ARG D 262 6.52 0.49 -66.87
C ARG D 262 5.84 0.69 -65.53
N ILE D 263 4.94 -0.23 -65.16
CA ILE D 263 4.26 -0.11 -63.87
C ILE D 263 5.24 -0.36 -62.73
N ALA D 264 6.07 -1.39 -62.83
CA ALA D 264 7.04 -1.70 -61.77
C ALA D 264 8.11 -0.62 -61.68
N THR D 265 8.60 -0.12 -62.82
CA THR D 265 9.60 0.94 -62.79
C THR D 265 9.00 2.22 -62.22
N LEU D 266 7.70 2.46 -62.47
CA LEU D 266 7.07 3.64 -61.90
C LEU D 266 6.93 3.48 -60.39
N ALA D 267 6.54 2.28 -59.94
CA ALA D 267 6.39 2.02 -58.52
C ALA D 267 7.71 2.21 -57.77
N SER D 268 8.79 1.66 -58.33
CA SER D 268 10.09 1.80 -57.67
C SER D 268 10.56 3.25 -57.61
N GLY D 269 10.31 4.00 -58.68
CA GLY D 269 10.73 5.39 -58.73
C GLY D 269 9.76 6.43 -58.22
N LEU D 270 9.04 6.14 -57.14
CA LEU D 270 8.11 7.09 -56.57
C LEU D 270 8.57 7.52 -55.18
N GLU D 271 8.02 8.63 -54.70
CA GLU D 271 8.36 9.18 -53.40
C GLU D 271 7.46 8.57 -52.33
N GLY D 272 8.05 8.26 -51.17
CA GLY D 272 7.27 7.67 -50.10
C GLY D 272 6.44 8.66 -49.32
N GLY D 273 6.89 9.90 -49.24
CA GLY D 273 6.16 10.92 -48.50
C GLY D 273 6.54 10.97 -47.04
N GLN D 274 5.72 11.68 -46.27
CA GLN D 274 5.93 11.81 -44.83
C GLN D 274 4.66 11.35 -44.11
N THR D 275 4.79 10.30 -43.31
CA THR D 275 3.67 9.75 -42.56
C THR D 275 3.12 10.80 -41.59
N PRO D 276 1.83 10.69 -41.22
CA PRO D 276 1.28 11.71 -40.29
C PRO D 276 1.93 11.71 -38.92
N ILE D 277 2.22 10.53 -38.38
CA ILE D 277 2.84 10.41 -37.07
C ILE D 277 4.23 11.05 -37.07
N ALA D 278 4.99 10.86 -38.15
CA ALA D 278 6.31 11.46 -38.22
C ALA D 278 6.21 12.98 -38.22
N ALA D 279 5.25 13.52 -38.98
CA ALA D 279 5.06 14.97 -39.01
C ALA D 279 4.61 15.46 -37.63
N GLU D 280 3.88 14.61 -36.90
CA GLU D 280 3.46 15.01 -35.56
C GLU D 280 4.65 15.05 -34.62
N ILE D 281 5.57 14.10 -34.76
CA ILE D 281 6.79 14.13 -33.94
C ILE D 281 7.57 15.37 -34.29
N GLU D 282 7.54 15.79 -35.56
CA GLU D 282 8.24 17.01 -35.97
C GLU D 282 7.65 18.22 -35.27
N HIS D 283 6.32 18.34 -35.27
CA HIS D 283 5.68 19.46 -34.58
C HIS D 283 5.94 19.39 -33.06
N PHE D 284 6.05 18.17 -32.53
CA PHE D 284 6.34 17.99 -31.12
C PHE D 284 7.73 18.54 -30.79
N ILE D 285 8.72 18.15 -31.58
CA ILE D 285 10.10 18.60 -31.37
C ILE D 285 10.18 20.10 -31.54
N HIS D 286 9.33 20.68 -32.40
CA HIS D 286 9.35 22.12 -32.55
C HIS D 286 9.00 22.82 -31.25
N ILE D 287 8.00 22.31 -30.52
CA ILE D 287 7.66 22.95 -29.24
C ILE D 287 8.70 22.65 -28.16
N ILE D 288 9.26 21.43 -28.16
CA ILE D 288 10.27 21.09 -27.18
C ILE D 288 11.47 22.02 -27.32
N THR D 289 12.01 22.12 -28.53
CA THR D 289 13.15 23.02 -28.76
C THR D 289 12.73 24.47 -28.64
N GLY D 290 11.45 24.80 -28.89
CA GLY D 290 10.98 26.15 -28.75
C GLY D 290 11.14 26.63 -27.32
N VAL D 291 10.57 25.87 -26.38
CA VAL D 291 10.72 26.28 -24.98
C VAL D 291 12.17 26.09 -24.54
N ALA D 292 12.89 25.13 -25.12
CA ALA D 292 14.28 24.92 -24.74
C ALA D 292 15.13 26.15 -25.04
N VAL D 293 15.00 26.71 -26.25
CA VAL D 293 15.78 27.88 -26.59
C VAL D 293 15.22 29.13 -25.93
N PHE D 294 13.92 29.16 -25.62
CA PHE D 294 13.39 30.34 -24.94
C PHE D 294 13.99 30.42 -23.53
N LEU D 295 13.94 29.31 -22.79
CA LEU D 295 14.53 29.29 -21.46
C LEU D 295 16.03 29.48 -21.51
N GLY D 296 16.71 28.80 -22.44
CA GLY D 296 18.15 28.93 -22.55
C GLY D 296 18.60 30.36 -22.79
N VAL D 297 17.99 31.03 -23.77
CA VAL D 297 18.40 32.39 -24.08
C VAL D 297 18.02 33.36 -22.96
N SER D 298 16.78 33.26 -22.46
CA SER D 298 16.36 34.17 -21.40
C SER D 298 17.21 33.99 -20.15
N PHE D 299 17.62 32.76 -19.84
CA PHE D 299 18.47 32.57 -18.66
C PHE D 299 19.92 32.88 -18.96
N PHE D 300 20.35 32.85 -20.22
CA PHE D 300 21.70 33.26 -20.54
C PHE D 300 21.81 34.76 -20.28
N ILE D 301 20.77 35.48 -20.69
CA ILE D 301 20.70 36.92 -20.47
C ILE D 301 20.55 37.22 -18.98
N LEU D 302 19.72 36.44 -18.28
CA LEU D 302 19.54 36.64 -16.84
C LEU D 302 20.82 36.38 -16.07
N SER D 303 21.54 35.30 -16.41
CA SER D 303 22.78 34.96 -15.72
C SER D 303 23.85 36.00 -16.00
N LEU D 304 23.91 36.52 -17.24
CA LEU D 304 24.90 37.56 -17.51
C LEU D 304 24.54 38.83 -16.75
N ILE D 305 23.24 39.10 -16.59
CA ILE D 305 22.82 40.27 -15.83
C ILE D 305 23.17 40.07 -14.36
N LEU D 306 23.21 38.82 -13.89
CA LEU D 306 23.53 38.67 -12.48
C LEU D 306 25.01 38.93 -12.19
N GLU D 307 25.88 37.95 -12.40
CA GLU D 307 27.30 38.16 -12.14
C GLU D 307 28.22 37.25 -12.95
N TYR D 308 27.70 36.12 -13.36
CA TYR D 308 28.48 35.08 -14.01
C TYR D 308 29.13 35.52 -15.31
N THR D 309 30.36 35.05 -15.51
CA THR D 309 31.15 35.35 -16.70
C THR D 309 30.58 34.62 -17.92
N TRP D 310 31.05 35.02 -19.10
CA TRP D 310 30.60 34.39 -20.33
C TRP D 310 30.92 32.90 -20.31
N LEU D 311 32.04 32.54 -19.69
CA LEU D 311 32.43 31.14 -19.56
C LEU D 311 31.37 30.36 -18.81
N GLU D 312 30.85 30.93 -17.72
CA GLU D 312 29.83 30.28 -16.92
C GLU D 312 28.45 30.37 -17.58
N ALA D 313 28.10 31.55 -18.11
CA ALA D 313 26.80 31.74 -18.74
C ALA D 313 26.62 30.82 -19.95
N VAL D 314 27.69 30.53 -20.68
CA VAL D 314 27.58 29.62 -21.83
C VAL D 314 27.23 28.23 -21.31
N ILE D 315 27.84 27.83 -20.19
CA ILE D 315 27.55 26.54 -19.59
C ILE D 315 26.12 26.51 -19.09
N PHE D 316 25.61 27.65 -18.61
CA PHE D 316 24.22 27.71 -18.15
C PHE D 316 23.26 27.56 -19.32
N LEU D 317 23.57 28.23 -20.45
CA LEU D 317 22.73 28.14 -21.63
C LEU D 317 22.65 26.70 -22.13
N ILE D 318 23.82 26.04 -22.22
CA ILE D 318 23.85 24.65 -22.67
C ILE D 318 23.13 23.75 -21.66
N GLY D 319 23.33 24.00 -20.37
CA GLY D 319 22.69 23.18 -19.36
C GLY D 319 21.18 23.26 -19.39
N ILE D 320 20.64 24.47 -19.58
CA ILE D 320 19.20 24.63 -19.61
C ILE D 320 18.60 24.04 -20.88
N ILE D 321 19.26 24.21 -22.03
CA ILE D 321 18.69 23.65 -23.26
C ILE D 321 18.79 22.12 -23.24
N VAL D 322 19.95 21.58 -22.86
CA VAL D 322 20.12 20.13 -22.80
C VAL D 322 19.17 19.52 -21.77
N ALA D 323 18.95 20.22 -20.66
CA ALA D 323 18.05 19.69 -19.63
C ALA D 323 16.61 19.57 -20.12
N ASN D 324 16.22 20.39 -21.10
CA ASN D 324 14.87 20.39 -21.64
C ASN D 324 14.69 19.38 -22.77
N VAL D 325 15.47 18.31 -22.79
CA VAL D 325 15.39 17.29 -23.84
C VAL D 325 14.92 15.99 -23.22
N PRO D 326 13.70 15.51 -23.54
CA PRO D 326 13.25 14.23 -22.98
C PRO D 326 14.12 13.11 -23.54
N GLU D 327 15.07 12.66 -22.70
CA GLU D 327 16.03 11.65 -23.10
C GLU D 327 15.39 10.28 -23.31
N GLY D 328 14.39 9.93 -22.50
CA GLY D 328 13.77 8.63 -22.62
C GLY D 328 12.51 8.55 -23.45
N LEU D 329 11.92 9.70 -23.80
CA LEU D 329 10.70 9.66 -24.59
C LEU D 329 10.90 8.95 -25.92
N LEU D 330 12.14 8.89 -26.42
CA LEU D 330 12.41 8.16 -27.65
C LEU D 330 12.24 6.66 -27.43
N ALA D 331 12.84 6.14 -26.37
CA ALA D 331 12.72 4.71 -26.08
C ALA D 331 11.28 4.34 -25.74
N THR D 332 10.58 5.22 -25.00
CA THR D 332 9.20 4.92 -24.65
C THR D 332 8.29 4.94 -25.87
N VAL D 333 8.45 5.96 -26.74
CA VAL D 333 7.61 6.02 -27.94
C VAL D 333 7.90 4.86 -28.87
N THR D 334 9.17 4.48 -29.01
CA THR D 334 9.50 3.35 -29.87
C THR D 334 8.88 2.06 -29.33
N VAL D 335 9.01 1.82 -28.01
CA VAL D 335 8.42 0.63 -27.44
C VAL D 335 6.90 0.66 -27.59
N CYS D 336 6.28 1.83 -27.41
CA CYS D 336 4.84 1.96 -27.55
C CYS D 336 4.38 1.56 -28.96
N LEU D 337 5.02 2.13 -29.99
CA LEU D 337 4.67 1.78 -31.36
C LEU D 337 4.91 0.30 -31.61
N THR D 338 6.02 -0.24 -31.12
CA THR D 338 6.30 -1.65 -31.32
C THR D 338 5.26 -2.53 -30.64
N LEU D 339 4.78 -2.15 -29.45
CA LEU D 339 3.76 -2.95 -28.78
C LEU D 339 2.49 -3.02 -29.62
N THR D 340 2.08 -1.88 -30.17
CA THR D 340 0.90 -1.92 -31.03
C THR D 340 1.18 -2.77 -32.28
N ALA D 341 2.41 -2.69 -32.81
CA ALA D 341 2.77 -3.52 -33.95
C ALA D 341 2.80 -5.00 -33.58
N LYS D 342 3.07 -5.30 -32.30
CA LYS D 342 3.05 -6.69 -31.83
C LYS D 342 1.63 -7.20 -31.97
N ARG D 343 0.68 -6.39 -31.50
CA ARG D 343 -0.73 -6.78 -31.63
C ARG D 343 -1.10 -6.89 -33.11
N MET D 344 -0.47 -6.09 -33.97
CA MET D 344 -0.75 -6.18 -35.41
C MET D 344 -0.25 -7.52 -35.97
N ALA D 345 0.95 -7.93 -35.55
CA ALA D 345 1.53 -9.19 -36.01
C ALA D 345 0.76 -10.39 -35.46
N ARG D 346 0.01 -10.20 -34.37
CA ARG D 346 -0.76 -11.32 -33.83
C ARG D 346 -1.92 -11.68 -34.75
N LYS D 347 -2.59 -10.67 -35.33
CA LYS D 347 -3.72 -10.88 -36.23
C LYS D 347 -3.30 -11.01 -37.69
N ASN D 348 -2.06 -11.43 -37.96
CA ASN D 348 -1.52 -11.62 -39.31
C ASN D 348 -1.59 -10.34 -40.14
N CYS D 349 -1.54 -9.19 -39.48
CA CYS D 349 -1.57 -7.87 -40.12
C CYS D 349 -0.19 -7.26 -39.88
N LEU D 350 0.77 -7.64 -40.72
CA LEU D 350 2.13 -7.17 -40.57
C LEU D 350 2.33 -5.78 -41.13
N VAL D 351 3.17 -5.00 -40.46
CA VAL D 351 3.54 -3.66 -40.89
C VAL D 351 5.04 -3.68 -41.18
N LYS D 352 5.44 -3.11 -42.32
CA LYS D 352 6.87 -3.07 -42.61
C LYS D 352 7.51 -1.89 -41.89
N ASN D 353 6.81 -0.76 -41.87
CA ASN D 353 7.23 0.46 -41.21
C ASN D 353 6.60 0.51 -39.83
N LEU D 354 7.36 0.97 -38.84
CA LEU D 354 6.85 1.03 -37.47
C LEU D 354 5.74 2.07 -37.32
N GLU D 355 6.01 3.31 -37.69
CA GLU D 355 5.00 4.34 -37.54
C GLU D 355 3.78 4.12 -38.42
N ALA D 356 3.87 3.20 -39.37
CA ALA D 356 2.73 2.89 -40.21
C ALA D 356 1.59 2.31 -39.38
N VAL D 357 1.88 1.87 -38.16
CA VAL D 357 0.83 1.33 -37.30
C VAL D 357 -0.19 2.40 -36.95
N GLU D 358 0.19 3.68 -36.98
CA GLU D 358 -0.73 4.75 -36.63
C GLU D 358 -1.51 5.33 -37.81
N THR D 359 -0.94 5.27 -39.02
CA THR D 359 -1.54 5.93 -40.18
C THR D 359 -2.99 5.54 -40.45
N LEU D 360 -3.38 4.30 -40.17
CA LEU D 360 -4.76 3.92 -40.40
C LEU D 360 -5.73 4.73 -39.56
N GLY D 361 -5.36 5.03 -38.31
CA GLY D 361 -6.24 5.80 -37.45
C GLY D 361 -6.53 7.19 -37.97
N SER D 362 -5.54 7.84 -38.58
CA SER D 362 -5.72 9.17 -39.11
C SER D 362 -6.35 9.19 -40.50
N THR D 363 -6.51 8.03 -41.13
CA THR D 363 -7.08 7.98 -42.48
C THR D 363 -8.54 8.43 -42.52
N SER D 364 -8.89 9.13 -43.60
CA SER D 364 -10.24 9.64 -43.82
C SER D 364 -10.73 9.42 -45.25
N THR D 365 -9.95 8.74 -46.09
CA THR D 365 -10.36 8.46 -47.47
C THR D 365 -9.64 7.19 -47.87
N ILE D 366 -10.39 6.10 -48.00
CA ILE D 366 -9.84 4.79 -48.35
C ILE D 366 -10.09 4.52 -49.83
N CYS D 367 -9.01 4.33 -50.57
CA CYS D 367 -9.10 3.99 -51.99
C CYS D 367 -8.89 2.49 -52.08
N SER D 368 -9.91 1.77 -52.49
CA SER D 368 -9.80 0.33 -52.59
C SER D 368 -9.87 -0.20 -54.01
N LYS D 370 -10.92 -3.38 -56.65
CA LYS D 370 -12.00 -4.37 -56.71
C LYS D 370 -11.52 -5.81 -56.84
N THR D 371 -10.91 -6.12 -57.98
CA THR D 371 -10.45 -7.47 -58.25
C THR D 371 -9.32 -7.89 -57.31
N GLY D 372 -9.59 -8.90 -56.50
CA GLY D 372 -8.62 -9.43 -55.57
C GLY D 372 -8.56 -8.75 -54.22
N THR D 373 -9.09 -7.54 -54.07
CA THR D 373 -9.07 -6.85 -52.78
C THR D 373 -10.48 -6.75 -52.21
N LEU D 374 -11.36 -6.01 -52.88
CA LEU D 374 -12.74 -5.93 -52.41
C LEU D 374 -13.44 -7.26 -52.65
N THR D 375 -12.99 -7.99 -53.65
CA THR D 375 -13.53 -9.27 -54.07
C THR D 375 -12.53 -10.40 -53.88
N GLN D 376 -12.98 -11.62 -54.13
CA GLN D 376 -12.16 -12.82 -54.00
C GLN D 376 -11.38 -13.17 -55.27
N ASN D 377 -11.63 -12.48 -56.38
CA ASN D 377 -10.99 -12.74 -57.68
C ASN D 377 -11.09 -14.24 -58.02
N ARG D 378 -12.33 -14.69 -58.14
CA ARG D 378 -12.62 -16.08 -58.45
C ARG D 378 -14.07 -16.24 -58.82
N MET D 379 -14.36 -16.85 -59.96
CA MET D 379 -15.74 -17.03 -60.37
C MET D 379 -16.45 -17.96 -59.39
N THR D 380 -17.64 -17.56 -58.94
CA THR D 380 -18.41 -18.33 -57.99
C THR D 380 -19.89 -18.25 -58.35
N VAL D 381 -20.59 -19.38 -58.19
CA VAL D 381 -22.01 -19.48 -58.48
C VAL D 381 -22.75 -18.55 -57.52
N ALA D 382 -23.25 -17.43 -58.04
CA ALA D 382 -23.95 -16.45 -57.22
C ALA D 382 -25.42 -16.81 -57.02
N HIS D 383 -26.19 -16.84 -58.11
CA HIS D 383 -27.61 -17.12 -58.06
C HIS D 383 -28.00 -18.22 -59.03
N MET D 384 -29.11 -18.87 -58.71
CA MET D 384 -29.68 -19.95 -59.49
C MET D 384 -31.15 -19.62 -59.75
N TRP D 385 -31.71 -20.22 -60.79
CA TRP D 385 -33.10 -20.02 -61.18
C TRP D 385 -33.80 -21.36 -61.16
N SER D 386 -34.96 -21.42 -60.51
CA SER D 386 -35.72 -22.65 -60.43
C SER D 386 -37.14 -22.32 -60.00
N ASP D 387 -38.12 -22.90 -60.70
CA ASP D 387 -39.54 -22.67 -60.41
C ASP D 387 -39.88 -21.19 -60.53
N ASN D 388 -39.26 -20.52 -61.52
CA ASN D 388 -39.42 -19.08 -61.76
C ASN D 388 -39.05 -18.28 -60.52
N GLN D 389 -38.18 -18.85 -59.68
CA GLN D 389 -37.75 -18.24 -58.43
C GLN D 389 -36.23 -18.17 -58.38
N ILE D 390 -35.71 -17.03 -57.96
CA ILE D 390 -34.28 -16.81 -57.84
C ILE D 390 -33.83 -17.33 -56.47
N HIS D 391 -32.80 -18.17 -56.46
CA HIS D 391 -32.25 -18.73 -55.23
C HIS D 391 -30.81 -18.26 -55.13
N GLU D 392 -30.51 -17.44 -54.12
CA GLU D 392 -29.17 -16.92 -53.94
C GLU D 392 -28.31 -17.92 -53.16
N ALA D 393 -27.18 -18.29 -53.73
CA ALA D 393 -26.26 -19.22 -53.09
C ALA D 393 -25.29 -18.47 -52.20
N ASP D 394 -24.73 -19.19 -51.23
CA ASP D 394 -23.76 -18.60 -50.32
C ASP D 394 -22.44 -18.46 -51.07
N THR D 395 -21.92 -17.23 -51.15
CA THR D 395 -20.69 -16.97 -51.86
C THR D 395 -19.56 -16.49 -50.95
N THR D 396 -19.61 -16.83 -49.67
CA THR D 396 -18.55 -16.43 -48.77
C THR D 396 -17.34 -17.33 -48.99
N GLU D 397 -16.15 -16.79 -48.73
CA GLU D 397 -14.93 -17.55 -48.93
C GLU D 397 -14.76 -18.68 -47.91
N ASN D 398 -15.37 -18.54 -46.73
CA ASN D 398 -15.28 -19.56 -45.69
C ASN D 398 -16.60 -20.29 -45.48
N GLN D 399 -17.59 -20.05 -46.34
CA GLN D 399 -18.91 -20.67 -46.27
C GLN D 399 -19.57 -20.45 -44.91
N SER D 400 -19.96 -19.20 -44.66
CA SER D 400 -20.62 -18.79 -43.43
C SER D 400 -21.83 -17.92 -43.75
N GLY D 401 -22.68 -18.41 -44.65
CA GLY D 401 -23.85 -17.66 -45.05
C GLY D 401 -25.14 -18.44 -45.17
N VAL D 402 -26.14 -17.82 -45.80
CA VAL D 402 -27.45 -18.43 -45.96
C VAL D 402 -27.41 -19.51 -47.04
N SER D 403 -27.98 -20.67 -46.72
CA SER D 403 -28.05 -21.80 -47.64
C SER D 403 -29.46 -21.85 -48.22
N PHE D 404 -29.55 -21.95 -49.55
CA PHE D 404 -30.83 -22.01 -50.22
C PHE D 404 -31.55 -23.33 -49.92
N ASP D 405 -32.77 -23.45 -50.45
CA ASP D 405 -33.57 -24.66 -50.26
C ASP D 405 -33.08 -25.72 -51.25
N LYS D 406 -32.57 -26.83 -50.72
CA LYS D 406 -32.04 -27.91 -51.54
C LYS D 406 -32.80 -29.22 -51.33
N THR D 407 -34.12 -29.15 -51.35
CA THR D 407 -34.96 -30.34 -51.16
C THR D 407 -36.01 -30.52 -52.25
N SER D 408 -36.04 -29.65 -53.26
CA SER D 408 -37.02 -29.74 -54.33
C SER D 408 -36.49 -30.60 -55.48
N ALA D 409 -37.41 -31.06 -56.33
CA ALA D 409 -37.00 -31.89 -57.47
C ALA D 409 -36.34 -31.07 -58.56
N THR D 410 -36.71 -29.79 -58.69
CA THR D 410 -36.09 -28.94 -59.70
C THR D 410 -34.60 -28.79 -59.42
N TRP D 411 -34.23 -28.66 -58.14
CA TRP D 411 -32.82 -28.56 -57.79
C TRP D 411 -32.13 -29.91 -57.99
N LEU D 412 -32.79 -31.00 -57.62
CA LEU D 412 -32.18 -32.32 -57.80
C LEU D 412 -31.93 -32.63 -59.27
N ALA D 413 -32.65 -31.97 -60.18
CA ALA D 413 -32.42 -32.16 -61.61
C ALA D 413 -31.37 -31.18 -62.13
N LEU D 414 -31.48 -29.91 -61.72
CA LEU D 414 -30.53 -28.88 -62.13
C LEU D 414 -29.12 -29.21 -61.67
N SER D 415 -28.99 -29.73 -60.45
CA SER D 415 -27.69 -30.09 -59.90
C SER D 415 -27.04 -31.18 -60.73
N ARG D 416 -27.84 -32.12 -61.25
CA ARG D 416 -27.27 -33.17 -62.08
C ARG D 416 -26.90 -32.62 -63.45
N ILE D 417 -27.69 -31.68 -63.97
CA ILE D 417 -27.35 -31.08 -65.26
C ILE D 417 -26.01 -30.36 -65.18
N ALA D 418 -25.78 -29.63 -64.09
CA ALA D 418 -24.52 -28.93 -63.93
C ALA D 418 -23.37 -29.85 -63.55
N GLY D 419 -23.60 -30.76 -62.60
CA GLY D 419 -22.55 -31.67 -62.15
C GLY D 419 -22.11 -32.67 -63.21
N LEU D 420 -22.99 -32.98 -64.17
CA LEU D 420 -22.65 -33.93 -65.23
C LEU D 420 -22.11 -33.22 -66.47
N CYS D 421 -22.91 -32.32 -67.06
CA CYS D 421 -22.49 -31.60 -68.26
C CYS D 421 -21.53 -30.48 -67.86
N ASN D 422 -20.28 -30.87 -67.58
CA ASN D 422 -19.24 -29.92 -67.20
C ASN D 422 -17.87 -30.59 -67.32
N ARG D 423 -16.96 -29.94 -68.02
CA ARG D 423 -15.60 -30.46 -68.20
C ARG D 423 -14.70 -29.89 -67.12
N ALA D 424 -15.05 -30.20 -65.87
CA ALA D 424 -14.31 -29.70 -64.72
C ALA D 424 -14.10 -30.83 -63.71
N VAL D 425 -12.85 -30.98 -63.27
CA VAL D 425 -12.50 -32.02 -62.31
C VAL D 425 -11.42 -31.51 -61.37
N PHE D 426 -11.41 -32.10 -60.17
CA PHE D 426 -10.41 -31.81 -59.16
C PHE D 426 -9.11 -32.48 -59.57
N GLN D 427 -8.01 -32.08 -58.93
CA GLN D 427 -6.71 -32.61 -59.27
C GLN D 427 -6.21 -33.64 -58.26
N ALA D 428 -4.91 -33.95 -58.32
CA ALA D 428 -4.30 -34.95 -57.45
C ALA D 428 -4.33 -34.63 -55.96
N ASN D 429 -3.60 -33.60 -55.52
CA ASN D 429 -3.56 -33.25 -54.10
C ASN D 429 -4.84 -32.60 -53.59
N GLN D 430 -5.86 -32.41 -54.43
CA GLN D 430 -7.10 -31.77 -53.98
C GLN D 430 -7.91 -32.76 -53.15
N GLU D 431 -7.46 -32.95 -51.90
CA GLU D 431 -8.20 -33.85 -51.01
C GLU D 431 -8.47 -33.21 -49.66
N ASN D 432 -7.39 -32.85 -48.95
CA ASN D 432 -7.49 -32.25 -47.63
C ASN D 432 -7.89 -30.78 -47.68
N LEU D 433 -7.67 -30.11 -48.81
CA LEU D 433 -8.01 -28.70 -48.95
C LEU D 433 -9.53 -28.52 -48.88
N PRO D 434 -10.00 -27.31 -48.52
CA PRO D 434 -11.44 -27.07 -48.46
C PRO D 434 -12.06 -27.18 -49.85
N ILE D 435 -13.39 -27.17 -49.88
CA ILE D 435 -14.12 -27.34 -51.14
C ILE D 435 -13.95 -26.13 -52.07
N LEU D 436 -13.74 -24.93 -51.51
CA LEU D 436 -13.60 -23.73 -52.34
C LEU D 436 -12.17 -23.39 -52.72
N LYS D 437 -11.27 -23.30 -51.74
CA LYS D 437 -9.89 -22.94 -52.00
C LYS D 437 -9.11 -23.99 -52.80
N ARG D 438 -9.64 -25.19 -52.96
CA ARG D 438 -8.92 -26.21 -53.72
C ARG D 438 -8.89 -25.85 -55.19
N ALA D 439 -7.87 -26.35 -55.89
CA ALA D 439 -7.67 -26.06 -57.30
C ALA D 439 -8.49 -26.99 -58.20
N VAL D 440 -9.03 -26.42 -59.26
CA VAL D 440 -9.85 -27.14 -60.25
C VAL D 440 -9.17 -26.99 -61.60
N ALA D 441 -9.13 -28.07 -62.39
CA ALA D 441 -8.48 -28.01 -63.68
C ALA D 441 -9.49 -27.65 -64.77
N GLY D 442 -9.30 -26.51 -65.41
CA GLY D 442 -10.20 -26.10 -66.47
C GLY D 442 -10.73 -24.68 -66.44
N ASP D 443 -11.92 -24.51 -67.05
CA ASP D 443 -12.59 -23.22 -67.12
C ASP D 443 -12.97 -22.72 -65.73
N ALA D 444 -12.96 -21.40 -65.57
CA ALA D 444 -13.33 -20.80 -64.30
C ALA D 444 -14.82 -21.00 -64.01
N SER D 445 -15.65 -20.86 -65.05
CA SER D 445 -17.09 -21.04 -64.88
C SER D 445 -17.41 -22.47 -64.46
N GLU D 446 -16.82 -23.44 -65.16
CA GLU D 446 -17.04 -24.85 -64.82
C GLU D 446 -16.47 -25.15 -63.44
N SER D 447 -15.42 -24.43 -63.04
CA SER D 447 -14.86 -24.63 -61.71
C SER D 447 -15.85 -24.17 -60.64
N ALA D 448 -16.48 -23.01 -60.87
CA ALA D 448 -17.46 -22.52 -59.92
C ALA D 448 -18.63 -23.48 -59.81
N LEU D 449 -19.09 -24.01 -60.96
CA LEU D 449 -20.20 -24.96 -60.95
C LEU D 449 -19.83 -26.23 -60.21
N LEU D 450 -18.63 -26.75 -60.48
CA LEU D 450 -18.18 -27.97 -59.82
C LEU D 450 -18.09 -27.78 -58.31
N LYS D 451 -17.58 -26.62 -57.87
CA LYS D 451 -17.48 -26.36 -56.43
C LYS D 451 -18.87 -26.23 -55.82
N CYS D 452 -19.82 -25.60 -56.52
CA CYS D 452 -21.16 -25.46 -55.97
C CYS D 452 -21.85 -26.81 -55.83
N ILE D 453 -21.66 -27.72 -56.79
CA ILE D 453 -22.31 -29.02 -56.67
C ILE D 453 -21.62 -29.86 -55.59
N GLU D 454 -20.28 -29.79 -55.53
CA GLU D 454 -19.53 -30.55 -54.53
C GLU D 454 -19.79 -30.03 -53.12
N LEU D 455 -20.27 -28.79 -52.98
CA LEU D 455 -20.54 -28.19 -51.70
C LEU D 455 -22.00 -28.27 -51.26
N CYS D 456 -22.94 -27.97 -52.15
CA CYS D 456 -24.35 -27.98 -51.80
C CYS D 456 -25.12 -29.21 -52.26
N CYS D 457 -24.47 -30.18 -52.89
CA CYS D 457 -25.17 -31.37 -53.36
C CYS D 457 -24.34 -32.64 -53.14
N GLY D 458 -23.80 -32.82 -51.94
CA GLY D 458 -23.01 -34.00 -51.64
C GLY D 458 -21.65 -34.07 -52.29
N SER D 459 -21.51 -34.93 -53.31
CA SER D 459 -20.24 -35.10 -54.01
C SER D 459 -20.50 -35.29 -55.49
N VAL D 460 -19.57 -34.81 -56.32
CA VAL D 460 -19.68 -34.92 -57.78
C VAL D 460 -18.88 -36.09 -58.33
N LYS D 461 -18.03 -36.74 -57.52
CA LYS D 461 -17.25 -37.88 -57.98
C LYS D 461 -18.18 -39.02 -58.37
N GLU D 462 -18.87 -39.55 -57.35
CA GLU D 462 -19.81 -40.64 -57.54
C GLU D 462 -21.05 -40.20 -58.29
N MET D 463 -21.33 -38.90 -58.31
CA MET D 463 -22.49 -38.39 -59.05
C MET D 463 -22.19 -38.33 -60.54
N ARG D 464 -20.93 -38.12 -60.90
CA ARG D 464 -20.54 -38.09 -62.31
C ARG D 464 -20.38 -39.49 -62.85
N GLU D 465 -19.72 -40.38 -62.09
CA GLU D 465 -19.57 -41.74 -62.60
C GLU D 465 -20.86 -42.55 -62.51
N ARG D 466 -21.87 -42.06 -61.79
CA ARG D 466 -23.15 -42.77 -61.70
C ARG D 466 -23.88 -42.74 -63.03
N TYR D 467 -23.69 -41.68 -63.81
CA TYR D 467 -24.32 -41.49 -65.12
C TYR D 467 -23.19 -41.58 -66.13
N THR D 468 -22.95 -42.79 -66.64
CA THR D 468 -21.88 -43.01 -67.60
C THR D 468 -22.12 -42.20 -68.87
N LYS D 469 -21.16 -41.32 -69.18
CA LYS D 469 -21.29 -40.47 -70.37
C LYS D 469 -21.08 -41.28 -71.64
N ILE D 470 -21.97 -41.08 -72.61
CA ILE D 470 -21.86 -41.79 -73.87
C ILE D 470 -21.17 -40.93 -74.92
N VAL D 471 -21.88 -39.91 -75.41
CA VAL D 471 -21.37 -39.01 -76.44
C VAL D 471 -21.58 -37.58 -75.97
N GLU D 472 -20.54 -36.76 -76.13
CA GLU D 472 -20.53 -35.36 -75.73
C GLU D 472 -20.30 -34.45 -76.92
N ILE D 473 -20.57 -33.18 -76.70
CA ILE D 473 -20.40 -32.08 -77.65
C ILE D 473 -19.86 -30.91 -76.83
N PRO D 474 -18.56 -30.56 -76.98
CA PRO D 474 -17.98 -29.44 -76.23
C PRO D 474 -18.48 -28.08 -76.70
N PHE D 475 -17.93 -27.00 -76.15
CA PHE D 475 -18.36 -25.66 -76.53
C PHE D 475 -18.01 -25.39 -77.99
N ASN D 476 -18.96 -24.76 -78.70
CA ASN D 476 -18.83 -24.42 -80.10
C ASN D 476 -18.39 -22.99 -80.30
N SER D 477 -17.72 -22.73 -81.43
CA SER D 477 -17.23 -21.38 -81.73
C SER D 477 -18.39 -20.42 -81.98
N THR D 478 -19.49 -20.91 -82.55
CA THR D 478 -20.69 -20.14 -82.81
C THR D 478 -21.84 -20.91 -82.19
N ASN D 479 -22.79 -20.19 -81.58
CA ASN D 479 -23.92 -20.81 -80.88
C ASN D 479 -23.39 -21.73 -79.80
N LYS D 480 -22.53 -21.18 -78.93
CA LYS D 480 -21.87 -21.95 -77.88
C LYS D 480 -22.83 -22.76 -77.03
N TYR D 481 -22.79 -24.07 -77.23
CA TYR D 481 -23.63 -25.03 -76.53
C TYR D 481 -22.75 -26.21 -76.13
N GLN D 482 -23.04 -26.79 -74.97
CA GLN D 482 -22.30 -27.94 -74.47
C GLN D 482 -23.31 -28.98 -74.04
N LEU D 483 -23.30 -30.13 -74.71
CA LEU D 483 -24.27 -31.18 -74.38
C LEU D 483 -23.57 -32.52 -74.23
N SER D 484 -24.29 -33.46 -73.62
CA SER D 484 -23.77 -34.81 -73.44
C SER D 484 -24.92 -35.71 -73.02
N ILE D 485 -24.83 -36.98 -73.39
CA ILE D 485 -25.85 -37.96 -73.05
C ILE D 485 -25.25 -38.99 -72.11
N HIS D 486 -26.03 -39.38 -71.09
CA HIS D 486 -25.59 -40.32 -70.08
C HIS D 486 -26.65 -41.38 -69.82
N LYS D 487 -26.17 -42.50 -69.25
CA LYS D 487 -27.05 -43.60 -68.88
C LYS D 487 -27.78 -43.24 -67.59
N ASN D 488 -28.95 -43.85 -67.40
CA ASN D 488 -29.78 -43.57 -66.24
C ASN D 488 -29.74 -44.71 -65.23
N PRO D 489 -29.28 -44.46 -63.99
CA PRO D 489 -29.24 -45.50 -62.97
C PRO D 489 -30.46 -45.55 -62.05
N ASN D 490 -31.51 -44.78 -62.33
CA ASN D 490 -32.70 -44.80 -61.49
C ASN D 490 -33.37 -46.17 -61.56
N THR D 491 -33.97 -46.58 -60.44
CA THR D 491 -34.63 -47.88 -60.37
C THR D 491 -36.11 -47.81 -60.76
N ALA D 492 -36.46 -46.90 -61.65
CA ALA D 492 -37.83 -46.76 -62.10
C ALA D 492 -37.93 -46.42 -63.59
N GLU D 493 -36.86 -45.90 -64.19
CA GLU D 493 -36.87 -45.52 -65.59
C GLU D 493 -35.51 -45.69 -66.25
N PRO D 494 -35.42 -46.48 -67.31
CA PRO D 494 -34.14 -46.68 -68.01
C PRO D 494 -33.89 -45.75 -69.19
N ARG D 495 -34.70 -44.71 -69.38
CA ARG D 495 -34.53 -43.80 -70.49
C ARG D 495 -33.22 -43.02 -70.37
N HIS D 496 -32.61 -42.74 -71.52
CA HIS D 496 -31.34 -42.02 -71.55
C HIS D 496 -31.53 -40.57 -71.12
N LEU D 497 -30.57 -40.06 -70.33
CA LEU D 497 -30.62 -38.69 -69.82
C LEU D 497 -29.71 -37.80 -70.66
N LEU D 498 -30.29 -36.88 -71.41
CA LEU D 498 -29.52 -35.95 -72.24
C LEU D 498 -29.52 -34.61 -71.53
N VAL D 499 -28.34 -33.98 -71.43
CA VAL D 499 -28.22 -32.70 -70.74
C VAL D 499 -27.46 -31.72 -71.62
N MET D 500 -27.78 -30.43 -71.47
CA MET D 500 -27.13 -29.39 -72.24
C MET D 500 -27.18 -28.06 -71.51
N LYS D 501 -26.12 -27.28 -71.69
CA LYS D 501 -26.01 -25.95 -71.12
C LYS D 501 -25.55 -24.99 -72.21
N GLY D 502 -25.79 -23.70 -71.97
CA GLY D 502 -25.40 -22.70 -72.93
C GLY D 502 -26.00 -21.35 -72.60
N ALA D 503 -25.72 -20.38 -73.46
CA ALA D 503 -26.27 -19.04 -73.25
C ALA D 503 -27.79 -19.10 -73.25
N PRO D 504 -28.47 -18.29 -72.43
CA PRO D 504 -29.94 -18.37 -72.36
C PRO D 504 -30.63 -18.07 -73.69
N GLU D 505 -30.02 -17.30 -74.59
CA GLU D 505 -30.64 -17.03 -75.88
C GLU D 505 -30.53 -18.23 -76.82
N ARG D 506 -29.54 -19.10 -76.61
CA ARG D 506 -29.39 -20.28 -77.43
C ARG D 506 -30.24 -21.43 -76.91
N ILE D 507 -30.50 -21.45 -75.60
CA ILE D 507 -31.31 -22.50 -75.02
C ILE D 507 -32.80 -22.15 -75.12
N LEU D 508 -33.13 -20.85 -75.11
CA LEU D 508 -34.52 -20.45 -75.26
C LEU D 508 -35.02 -20.84 -76.64
N ASP D 509 -34.14 -20.77 -77.65
CA ASP D 509 -34.47 -21.13 -79.02
C ASP D 509 -34.58 -22.64 -79.23
N ARG D 510 -34.02 -23.45 -78.31
CA ARG D 510 -34.06 -24.90 -78.44
C ARG D 510 -34.73 -25.55 -77.23
N CYS D 511 -35.86 -25.01 -76.80
CA CYS D 511 -36.58 -25.56 -75.67
C CYS D 511 -38.08 -25.37 -75.83
N SER D 512 -38.86 -26.36 -75.38
CA SER D 512 -40.31 -26.30 -75.45
C SER D 512 -40.98 -26.68 -74.13
N SER D 513 -40.37 -27.54 -73.33
CA SER D 513 -40.92 -27.96 -72.04
C SER D 513 -40.16 -27.21 -70.94
N ILE D 514 -40.85 -26.99 -69.82
CA ILE D 514 -40.28 -26.29 -68.67
C ILE D 514 -40.61 -27.10 -67.41
N LEU D 515 -39.59 -27.38 -66.61
CA LEU D 515 -39.78 -28.15 -65.39
C LEU D 515 -40.30 -27.27 -64.26
N ILE D 516 -41.15 -27.87 -63.43
CA ILE D 516 -41.70 -27.20 -62.26
C ILE D 516 -42.04 -28.27 -61.21
N HIS D 517 -41.36 -28.19 -60.06
CA HIS D 517 -41.52 -29.10 -58.91
C HIS D 517 -41.45 -30.58 -59.26
N GLY D 518 -40.98 -30.92 -60.45
CA GLY D 518 -40.88 -32.32 -60.83
C GLY D 518 -41.60 -32.67 -62.12
N LYS D 519 -42.64 -31.93 -62.49
CA LYS D 519 -43.37 -32.22 -63.72
C LYS D 519 -43.03 -31.18 -64.79
N GLU D 520 -43.58 -31.36 -65.98
CA GLU D 520 -43.31 -30.48 -67.10
C GLU D 520 -44.52 -29.63 -67.47
N GLN D 521 -44.26 -28.56 -68.20
CA GLN D 521 -45.27 -27.62 -68.67
C GLN D 521 -44.83 -27.06 -70.02
N PRO D 522 -45.74 -26.48 -70.80
CA PRO D 522 -45.34 -25.91 -72.09
C PRO D 522 -44.58 -24.60 -71.93
N LEU D 523 -44.17 -23.99 -73.04
CA LEU D 523 -43.44 -22.73 -73.00
C LEU D 523 -44.39 -21.52 -73.03
N ASP D 524 -45.34 -21.51 -72.09
CA ASP D 524 -46.29 -20.42 -72.00
C ASP D 524 -45.54 -19.12 -71.71
N GLU D 525 -45.90 -18.06 -72.43
CA GLU D 525 -45.21 -16.78 -72.27
C GLU D 525 -45.44 -16.14 -70.90
N GLU D 526 -46.45 -16.60 -70.16
CA GLU D 526 -46.70 -16.03 -68.82
C GLU D 526 -45.52 -16.31 -67.90
N LEU D 527 -44.85 -17.45 -68.09
CA LEU D 527 -43.66 -17.80 -67.32
C LEU D 527 -42.40 -17.65 -68.14
N LYS D 528 -42.51 -17.62 -69.48
CA LYS D 528 -41.33 -17.42 -70.31
C LYS D 528 -40.84 -15.98 -70.19
N ASP D 529 -41.77 -15.02 -70.18
CA ASP D 529 -41.35 -13.63 -69.99
C ASP D 529 -40.85 -13.45 -68.55
N ALA D 530 -41.39 -14.25 -67.62
CA ALA D 530 -40.92 -14.21 -66.24
C ALA D 530 -39.50 -14.78 -66.16
N PHE D 531 -39.14 -15.61 -67.15
CA PHE D 531 -37.78 -16.12 -67.26
C PHE D 531 -36.89 -15.04 -67.86
N GLN D 532 -37.44 -14.27 -68.80
CA GLN D 532 -36.67 -13.20 -69.43
C GLN D 532 -36.34 -12.08 -68.45
N ASN D 533 -37.30 -11.69 -67.61
CA ASN D 533 -36.99 -10.65 -66.64
C ASN D 533 -36.00 -11.16 -65.61
N ALA D 534 -36.06 -12.47 -65.29
CA ALA D 534 -35.07 -13.02 -64.36
C ALA D 534 -33.69 -13.02 -64.99
N TYR D 535 -33.62 -13.32 -66.30
CA TYR D 535 -32.34 -13.29 -66.99
C TYR D 535 -31.77 -11.89 -66.99
N LEU D 536 -32.62 -10.88 -67.23
CA LEU D 536 -32.12 -9.51 -67.23
C LEU D 536 -31.84 -9.03 -65.80
N GLU D 537 -32.43 -9.66 -64.79
CA GLU D 537 -32.14 -9.30 -63.41
C GLU D 537 -30.75 -9.79 -63.03
N LEU D 538 -30.46 -11.06 -63.32
CA LEU D 538 -29.14 -11.61 -63.01
C LEU D 538 -28.06 -11.07 -63.94
N GLY D 539 -28.42 -10.70 -65.18
CA GLY D 539 -27.46 -10.16 -66.12
C GLY D 539 -27.13 -8.71 -65.80
N GLY D 540 -28.17 -7.92 -65.53
CA GLY D 540 -27.96 -6.52 -65.17
C GLY D 540 -27.27 -6.36 -63.83
N LEU D 541 -27.29 -7.41 -63.01
CA LEU D 541 -26.65 -7.43 -61.69
C LEU D 541 -25.14 -7.59 -61.82
N GLY D 542 -24.60 -7.43 -63.03
CA GLY D 542 -23.18 -7.56 -63.25
C GLY D 542 -22.68 -8.98 -63.27
N GLU D 543 -23.57 -9.97 -63.23
CA GLU D 543 -23.21 -11.37 -63.23
C GLU D 543 -23.36 -11.98 -64.62
N ARG D 544 -22.67 -13.11 -64.82
CA ARG D 544 -22.71 -13.84 -66.08
C ARG D 544 -23.59 -15.07 -65.86
N VAL D 545 -24.63 -15.20 -66.68
CA VAL D 545 -25.62 -16.26 -66.54
C VAL D 545 -25.53 -17.30 -67.65
N LEU D 546 -25.86 -18.54 -67.29
CA LEU D 546 -25.91 -19.69 -68.18
C LEU D 546 -27.25 -20.38 -67.96
N GLY D 547 -27.71 -21.09 -68.98
CA GLY D 547 -28.97 -21.81 -68.94
C GLY D 547 -28.70 -23.30 -68.99
N PHE D 548 -29.46 -24.06 -68.19
CA PHE D 548 -29.32 -25.50 -68.08
C PHE D 548 -30.65 -26.20 -68.39
N CYS D 549 -30.59 -27.21 -69.26
CA CYS D 549 -31.76 -27.95 -69.65
C CYS D 549 -31.40 -29.41 -69.85
N HIS D 550 -32.42 -30.27 -69.85
CA HIS D 550 -32.22 -31.69 -70.05
C HIS D 550 -33.50 -32.28 -70.63
N LEU D 551 -33.39 -33.53 -71.08
CA LEU D 551 -34.53 -34.23 -71.66
C LEU D 551 -34.31 -35.72 -71.56
N PHE D 552 -35.41 -36.45 -71.38
CA PHE D 552 -35.39 -37.90 -71.27
C PHE D 552 -35.52 -38.47 -72.69
N LEU D 553 -34.48 -39.13 -73.17
CA LEU D 553 -34.55 -39.71 -74.50
C LEU D 553 -35.42 -40.96 -74.45
N PRO D 554 -36.40 -41.12 -75.33
CA PRO D 554 -37.26 -42.31 -75.29
C PRO D 554 -36.48 -43.55 -75.66
N ASP D 555 -36.44 -44.51 -74.73
CA ASP D 555 -35.73 -45.77 -74.94
C ASP D 555 -36.41 -46.66 -75.98
N GLU D 556 -37.58 -46.26 -76.48
CA GLU D 556 -38.28 -47.00 -77.52
C GLU D 556 -37.81 -46.59 -78.91
N GLN D 557 -37.41 -45.33 -79.06
CA GLN D 557 -36.87 -44.80 -80.32
C GLN D 557 -35.35 -44.78 -80.32
N PHE D 558 -34.74 -44.87 -79.14
CA PHE D 558 -33.29 -44.91 -78.97
C PHE D 558 -33.04 -45.93 -77.87
N PRO D 559 -32.99 -47.22 -78.23
CA PRO D 559 -32.80 -48.27 -77.22
C PRO D 559 -31.46 -48.27 -76.52
N GLU D 560 -31.31 -49.17 -75.55
CA GLU D 560 -30.08 -49.30 -74.77
C GLU D 560 -28.90 -49.79 -75.59
N GLY D 561 -29.13 -50.31 -76.80
CA GLY D 561 -28.04 -50.78 -77.63
C GLY D 561 -27.60 -49.77 -78.67
N PHE D 562 -28.49 -48.85 -79.05
CA PHE D 562 -28.16 -47.85 -80.05
C PHE D 562 -27.08 -46.90 -79.55
N GLN D 563 -26.13 -46.59 -80.43
CA GLN D 563 -25.02 -45.69 -80.12
C GLN D 563 -25.19 -44.44 -80.97
N PHE D 564 -25.39 -43.31 -80.29
CA PHE D 564 -25.62 -42.01 -80.93
C PHE D 564 -24.30 -41.32 -81.24
N ASP D 565 -23.66 -41.78 -82.31
CA ASP D 565 -22.38 -41.20 -82.73
C ASP D 565 -22.56 -39.74 -83.13
N THR D 566 -21.62 -38.90 -82.73
CA THR D 566 -21.67 -37.47 -82.97
C THR D 566 -21.43 -37.07 -84.43
N ASP D 567 -22.50 -37.14 -85.24
CA ASP D 567 -22.41 -36.71 -86.64
C ASP D 567 -23.67 -36.01 -87.14
N ASP D 568 -24.82 -36.65 -86.92
CA ASP D 568 -26.12 -36.17 -87.39
C ASP D 568 -27.06 -35.94 -86.21
N VAL D 569 -28.31 -35.65 -86.52
CA VAL D 569 -29.31 -35.36 -85.51
C VAL D 569 -29.78 -36.63 -84.82
N ASN D 570 -29.05 -37.05 -83.78
CA ASN D 570 -29.40 -38.21 -82.99
C ASN D 570 -30.17 -37.80 -81.72
N PHE D 571 -30.16 -36.52 -81.39
CA PHE D 571 -30.82 -35.95 -80.24
C PHE D 571 -31.74 -34.82 -80.67
N PRO D 572 -32.92 -34.68 -80.06
CA PRO D 572 -33.81 -33.57 -80.42
C PRO D 572 -33.28 -32.25 -79.88
N LEU D 573 -32.85 -31.35 -80.79
CA LEU D 573 -32.35 -30.06 -80.36
C LEU D 573 -33.42 -29.26 -79.64
N ASP D 574 -34.63 -29.25 -80.17
CA ASP D 574 -35.75 -28.56 -79.57
C ASP D 574 -36.51 -29.54 -78.67
N ASN D 575 -37.67 -29.11 -78.17
CA ASN D 575 -38.54 -29.92 -77.32
C ASN D 575 -37.85 -30.36 -76.03
N LEU D 576 -36.84 -29.62 -75.59
CA LEU D 576 -36.13 -29.96 -74.37
C LEU D 576 -36.88 -29.42 -73.16
N CYS D 577 -36.36 -29.76 -71.97
CA CYS D 577 -36.94 -29.33 -70.71
C CYS D 577 -35.96 -28.39 -70.01
N PHE D 578 -36.27 -27.10 -70.03
CA PHE D 578 -35.44 -26.10 -69.37
C PHE D 578 -35.65 -26.21 -67.88
N VAL D 579 -34.58 -26.31 -67.10
CA VAL D 579 -34.73 -26.42 -65.65
C VAL D 579 -34.46 -25.10 -64.96
N GLY D 580 -33.44 -24.38 -65.39
CA GLY D 580 -33.14 -23.10 -64.78
C GLY D 580 -31.80 -22.49 -65.13
N LEU D 581 -31.72 -21.18 -64.94
CA LEU D 581 -30.51 -20.42 -65.19
C LEU D 581 -29.56 -20.53 -64.00
N ILE D 582 -28.28 -20.29 -64.24
CA ILE D 582 -27.28 -20.30 -63.18
C ILE D 582 -26.32 -19.17 -63.46
N SER D 583 -26.33 -18.14 -62.61
CA SER D 583 -25.43 -17.02 -62.77
C SER D 583 -24.17 -17.25 -61.95
N MET D 584 -23.19 -16.38 -62.14
CA MET D 584 -21.93 -16.48 -61.42
C MET D 584 -21.17 -15.19 -61.59
N ILE D 585 -20.31 -14.90 -60.61
CA ILE D 585 -19.50 -13.69 -60.62
C ILE D 585 -18.42 -13.84 -59.56
N ASP D 586 -17.41 -12.98 -59.63
CA ASP D 586 -16.33 -12.92 -58.65
C ASP D 586 -16.98 -12.23 -57.44
N PRO D 587 -17.21 -12.93 -56.35
CA PRO D 587 -17.90 -12.34 -55.19
C PRO D 587 -16.96 -11.67 -54.21
N PRO D 588 -17.49 -10.77 -53.37
CA PRO D 588 -16.65 -10.13 -52.35
C PRO D 588 -16.24 -11.12 -51.28
N ARG D 589 -15.18 -10.75 -50.54
CA ARG D 589 -14.70 -11.61 -49.47
C ARG D 589 -15.69 -11.60 -48.31
N ALA D 590 -15.47 -12.52 -47.36
CA ALA D 590 -16.38 -12.69 -46.23
C ALA D 590 -16.66 -11.44 -45.41
N ALA D 591 -15.67 -10.91 -44.70
CA ALA D 591 -15.88 -9.75 -43.86
C ALA D 591 -15.74 -8.41 -44.59
N VAL D 592 -15.76 -8.41 -45.93
CA VAL D 592 -15.62 -7.17 -46.70
C VAL D 592 -16.80 -6.21 -46.48
N PRO D 593 -18.07 -6.63 -46.60
CA PRO D 593 -19.17 -5.66 -46.39
C PRO D 593 -19.17 -5.05 -45.00
N ASP D 594 -19.00 -5.89 -43.97
CA ASP D 594 -18.97 -5.38 -42.61
C ASP D 594 -17.84 -4.38 -42.42
N ALA D 595 -16.64 -4.70 -42.95
CA ALA D 595 -15.50 -3.81 -42.82
C ALA D 595 -15.75 -2.47 -43.50
N VAL D 596 -16.34 -2.49 -44.70
CA VAL D 596 -16.63 -1.23 -45.39
C VAL D 596 -17.64 -0.42 -44.59
N GLY D 597 -18.64 -1.09 -44.02
CA GLY D 597 -19.63 -0.39 -43.21
C GLY D 597 -19.02 0.24 -41.97
N LYS D 598 -18.09 -0.48 -41.33
CA LYS D 598 -17.44 0.06 -40.14
C LYS D 598 -16.55 1.25 -40.48
N CYS D 599 -15.85 1.19 -41.63
CA CYS D 599 -15.02 2.32 -42.01
C CYS D 599 -15.88 3.54 -42.31
N ARG D 600 -17.02 3.33 -42.98
CA ARG D 600 -17.93 4.45 -43.24
C ARG D 600 -18.50 4.97 -41.93
N SER D 601 -18.69 4.08 -40.94
CA SER D 601 -19.21 4.49 -39.65
C SER D 601 -18.25 5.45 -38.95
N ALA D 602 -16.95 5.22 -39.13
CA ALA D 602 -15.96 6.10 -38.52
C ALA D 602 -15.76 7.38 -39.32
N GLY D 603 -16.60 7.64 -40.30
CA GLY D 603 -16.47 8.85 -41.10
C GLY D 603 -15.39 8.80 -42.15
N ILE D 604 -15.05 7.60 -42.63
CA ILE D 604 -14.02 7.42 -43.65
C ILE D 604 -14.70 7.30 -45.01
N LYS D 605 -14.30 8.14 -45.95
CA LYS D 605 -14.86 8.08 -47.30
C LYS D 605 -14.24 6.91 -48.05
N VAL D 606 -15.08 5.99 -48.51
CA VAL D 606 -14.63 4.80 -49.23
C VAL D 606 -14.82 5.05 -50.73
N ILE D 607 -13.74 4.89 -51.48
CA ILE D 607 -13.76 5.10 -52.93
C ILE D 607 -13.18 3.89 -53.63
N MET D 608 -13.97 3.26 -54.50
CA MET D 608 -13.47 2.11 -55.25
C MET D 608 -12.67 2.64 -56.45
N VAL D 609 -11.47 2.10 -56.64
CA VAL D 609 -10.61 2.48 -57.77
C VAL D 609 -10.16 1.19 -58.40
N THR D 610 -10.71 0.87 -59.57
CA THR D 610 -10.39 -0.37 -60.26
C THR D 610 -10.44 -0.19 -61.76
N GLY D 611 -9.70 -1.05 -62.46
CA GLY D 611 -9.65 -1.07 -63.90
C GLY D 611 -10.68 -1.98 -64.53
N ASP D 612 -11.56 -2.57 -63.71
CA ASP D 612 -12.58 -3.49 -64.18
C ASP D 612 -13.69 -2.75 -64.94
N HIS D 613 -14.62 -3.53 -65.49
CA HIS D 613 -15.74 -2.98 -66.24
C HIS D 613 -16.73 -2.28 -65.32
N PRO D 614 -17.40 -1.22 -65.81
CA PRO D 614 -18.33 -0.49 -64.95
C PRO D 614 -19.57 -1.26 -64.54
N ILE D 615 -20.10 -2.12 -65.43
CA ILE D 615 -21.32 -2.86 -65.14
C ILE D 615 -21.13 -3.80 -63.96
N THR D 616 -19.91 -4.29 -63.74
CA THR D 616 -19.62 -5.17 -62.62
C THR D 616 -19.15 -4.38 -61.41
N ALA D 617 -18.40 -3.30 -61.65
CA ALA D 617 -17.89 -2.48 -60.57
C ALA D 617 -19.02 -1.85 -59.77
N LYS D 618 -20.05 -1.35 -60.46
CA LYS D 618 -21.17 -0.74 -59.73
C LYS D 618 -21.92 -1.79 -58.91
N ALA D 619 -22.05 -3.01 -59.44
CA ALA D 619 -22.74 -4.06 -58.70
C ALA D 619 -21.97 -4.44 -57.44
N ILE D 620 -20.64 -4.56 -57.55
CA ILE D 620 -19.84 -4.90 -56.37
C ILE D 620 -19.89 -3.74 -55.36
N ALA D 621 -19.92 -2.50 -55.88
CA ALA D 621 -19.99 -1.33 -55.01
C ALA D 621 -21.26 -1.34 -54.18
N LYS D 622 -22.41 -1.57 -54.84
CA LYS D 622 -23.65 -1.64 -54.08
C LYS D 622 -23.65 -2.86 -53.14
N GLY D 623 -22.96 -3.93 -53.53
CA GLY D 623 -22.93 -5.12 -52.72
C GLY D 623 -22.07 -5.06 -51.48
N VAL D 624 -21.06 -4.20 -51.44
CA VAL D 624 -20.21 -4.15 -50.25
C VAL D 624 -20.54 -2.96 -49.36
N GLY D 625 -21.12 -1.90 -49.90
CA GLY D 625 -21.47 -0.75 -49.09
C GLY D 625 -20.89 0.56 -49.55
N ILE D 626 -20.06 0.56 -50.59
CA ILE D 626 -19.51 1.82 -51.08
C ILE D 626 -20.62 2.69 -51.64
N ILE D 627 -21.52 2.10 -52.41
CA ILE D 627 -22.66 2.79 -53.00
C ILE D 627 -23.89 2.33 -52.22
N SER D 628 -24.49 3.26 -51.48
CA SER D 628 -25.65 2.95 -50.66
C SER D 628 -26.87 2.64 -51.51
N GLU D 629 -27.68 1.70 -51.02
CA GLU D 629 -28.89 1.29 -51.71
C GLU D 629 -29.86 2.46 -51.81
N GLY D 630 -30.27 2.76 -53.04
CA GLY D 630 -31.19 3.86 -53.27
C GLY D 630 -30.54 5.02 -54.00
N ASN D 631 -29.27 5.28 -53.69
CA ASN D 631 -28.57 6.37 -54.35
C ASN D 631 -28.42 6.06 -55.83
N GLU D 632 -28.60 7.07 -56.65
CA GLU D 632 -28.54 6.91 -58.09
C GLU D 632 -27.42 7.75 -58.69
N THR D 633 -26.79 7.21 -59.72
CA THR D 633 -25.73 7.90 -60.42
C THR D 633 -26.35 8.92 -61.37
N VAL D 634 -25.49 9.65 -62.08
CA VAL D 634 -25.98 10.62 -63.05
C VAL D 634 -26.73 9.88 -64.16
N GLU D 635 -26.42 8.61 -64.36
CA GLU D 635 -27.06 7.79 -65.39
C GLU D 635 -28.35 7.13 -64.91
N ASP D 636 -28.43 6.74 -63.63
CA ASP D 636 -29.65 6.10 -63.14
C ASP D 636 -30.85 7.04 -63.21
N ILE D 637 -30.65 8.33 -62.90
CA ILE D 637 -31.75 9.27 -62.98
C ILE D 637 -32.17 9.47 -64.43
N ALA D 638 -31.18 9.52 -65.33
CA ALA D 638 -31.45 9.68 -66.76
C ALA D 638 -32.19 8.48 -67.32
N ALA D 639 -31.98 7.29 -66.74
CA ALA D 639 -32.67 6.10 -67.21
C ALA D 639 -34.07 5.98 -66.60
N ARG D 640 -34.22 6.42 -65.35
CA ARG D 640 -35.52 6.38 -64.70
C ARG D 640 -36.47 7.41 -65.28
N LEU D 641 -35.94 8.49 -65.85
CA LEU D 641 -36.78 9.53 -66.43
C LEU D 641 -36.97 9.37 -67.95
N ASN D 642 -36.29 8.40 -68.57
CA ASN D 642 -36.37 8.17 -70.01
C ASN D 642 -36.00 9.43 -70.80
N ILE D 643 -34.94 10.10 -70.35
CA ILE D 643 -34.46 11.33 -70.96
C ILE D 643 -32.97 11.21 -71.23
N PRO D 644 -32.43 12.05 -72.12
CA PRO D 644 -30.98 12.00 -72.39
C PRO D 644 -30.21 12.30 -71.11
N VAL D 645 -29.03 11.69 -71.01
CA VAL D 645 -28.20 11.85 -69.82
C VAL D 645 -27.67 13.26 -69.63
N SER D 646 -27.59 14.05 -70.70
CA SER D 646 -27.08 15.42 -70.60
C SER D 646 -28.02 16.38 -69.89
N GLN D 647 -29.25 15.97 -69.57
CA GLN D 647 -30.19 16.87 -68.92
C GLN D 647 -30.13 16.88 -67.39
N VAL D 648 -29.96 15.71 -66.76
CA VAL D 648 -29.96 15.65 -65.30
C VAL D 648 -28.80 16.44 -64.71
N ASN D 649 -29.09 17.16 -63.63
CA ASN D 649 -28.12 17.98 -62.92
C ASN D 649 -27.23 17.08 -62.05
N PRO D 650 -25.91 17.18 -62.17
CA PRO D 650 -25.03 16.34 -61.33
C PRO D 650 -25.23 16.54 -59.84
N ARG D 651 -25.82 17.67 -59.43
CA ARG D 651 -26.08 17.91 -58.01
C ARG D 651 -27.18 17.01 -57.48
N ASP D 652 -28.06 16.51 -58.35
CA ASP D 652 -29.12 15.58 -57.97
C ASP D 652 -28.61 14.16 -57.86
N ALA D 653 -27.33 13.92 -58.19
CA ALA D 653 -26.73 12.59 -58.14
C ALA D 653 -25.74 12.56 -56.98
N LYS D 654 -26.05 11.77 -55.95
CA LYS D 654 -25.15 11.65 -54.81
C LYS D 654 -23.94 10.80 -55.17
N ALA D 655 -24.18 9.60 -55.70
CA ALA D 655 -23.11 8.71 -56.10
C ALA D 655 -22.78 8.92 -57.57
N CYS D 656 -21.60 8.45 -57.98
CA CYS D 656 -21.23 8.62 -59.38
C CYS D 656 -20.15 7.62 -59.79
N VAL D 657 -20.27 7.14 -61.02
CA VAL D 657 -19.32 6.21 -61.63
C VAL D 657 -18.55 7.01 -62.67
N VAL D 658 -17.24 6.84 -62.69
CA VAL D 658 -16.38 7.55 -63.63
C VAL D 658 -15.60 6.54 -64.47
N HIS D 659 -15.78 6.60 -65.78
CA HIS D 659 -15.09 5.69 -66.69
C HIS D 659 -13.67 6.17 -66.96
N GLY D 660 -12.77 5.21 -67.14
CA GLY D 660 -11.38 5.55 -67.45
C GLY D 660 -11.27 6.26 -68.77
N SER D 661 -12.17 5.97 -69.72
CA SER D 661 -12.17 6.65 -71.00
C SER D 661 -12.39 8.14 -70.81
N ASP D 662 -13.30 8.50 -69.91
CA ASP D 662 -13.56 9.90 -69.62
C ASP D 662 -12.48 10.48 -68.71
N LEU D 663 -11.88 9.64 -67.86
CA LEU D 663 -10.87 10.11 -66.92
C LEU D 663 -9.61 10.61 -67.63
N LYS D 664 -9.27 10.06 -68.80
CA LYS D 664 -8.08 10.53 -69.50
C LYS D 664 -8.22 11.98 -69.94
N ASP D 665 -9.43 12.41 -70.28
CA ASP D 665 -9.69 13.79 -70.71
C ASP D 665 -10.18 14.66 -69.55
N MET D 666 -9.49 14.61 -68.41
CA MET D 666 -9.88 15.38 -67.24
C MET D 666 -8.75 16.29 -66.77
N THR D 667 -9.13 17.37 -66.10
CA THR D 667 -8.21 18.32 -65.52
C THR D 667 -8.15 18.10 -64.02
N SER D 668 -7.31 18.89 -63.34
CA SER D 668 -7.21 18.77 -61.89
C SER D 668 -8.47 19.27 -61.21
N GLU D 669 -8.98 20.42 -61.67
CA GLU D 669 -10.18 21.02 -61.09
C GLU D 669 -11.41 20.13 -61.26
N GLN D 670 -11.55 19.48 -62.42
CA GLN D 670 -12.70 18.61 -62.63
C GLN D 670 -12.67 17.44 -61.66
N LEU D 671 -11.49 16.85 -61.43
CA LEU D 671 -11.39 15.75 -60.47
C LEU D 671 -11.68 16.26 -59.08
N ASP D 672 -11.23 17.49 -58.78
CA ASP D 672 -11.51 18.09 -57.48
C ASP D 672 -13.01 18.22 -57.28
N ASP D 673 -13.74 18.66 -58.32
CA ASP D 673 -15.19 18.79 -58.22
C ASP D 673 -15.86 17.43 -58.12
N ILE D 674 -15.32 16.41 -58.78
CA ILE D 674 -15.91 15.08 -58.69
C ILE D 674 -15.85 14.57 -57.26
N LEU D 675 -14.71 14.79 -56.60
CA LEU D 675 -14.58 14.34 -55.21
C LEU D 675 -15.29 15.25 -54.22
N LYS D 676 -15.43 16.54 -54.55
CA LYS D 676 -16.04 17.49 -53.62
C LYS D 676 -17.56 17.39 -53.57
N TYR D 677 -18.22 17.15 -54.70
CA TYR D 677 -19.68 17.12 -54.73
C TYR D 677 -20.29 15.72 -54.75
N HIS D 678 -19.52 14.67 -54.95
CA HIS D 678 -20.03 13.30 -54.98
C HIS D 678 -19.47 12.56 -53.79
N THR D 679 -20.34 11.95 -52.99
CA THR D 679 -19.95 11.26 -51.77
C THR D 679 -19.58 9.79 -51.95
N GLU D 680 -20.21 9.07 -52.88
CA GLU D 680 -19.91 7.67 -53.13
C GLU D 680 -19.47 7.59 -54.58
N ILE D 681 -18.17 7.39 -54.79
CA ILE D 681 -17.58 7.38 -56.12
C ILE D 681 -16.96 6.03 -56.45
N VAL D 682 -17.07 5.63 -57.72
CA VAL D 682 -16.48 4.38 -58.20
C VAL D 682 -15.79 4.67 -59.53
N PHE D 683 -14.47 4.53 -59.57
CA PHE D 683 -13.67 4.76 -60.77
C PHE D 683 -13.45 3.41 -61.44
N ALA D 684 -14.01 3.24 -62.62
CA ALA D 684 -13.89 1.99 -63.37
C ALA D 684 -13.06 2.20 -64.63
N ARG D 685 -12.41 1.11 -65.07
CA ARG D 685 -11.58 1.08 -66.26
C ARG D 685 -10.44 2.11 -66.21
N THR D 686 -9.86 2.28 -65.02
CA THR D 686 -8.76 3.23 -64.83
C THR D 686 -7.43 2.49 -64.89
N SER D 687 -6.50 3.03 -65.67
CA SER D 687 -5.18 2.45 -65.81
C SER D 687 -4.39 2.69 -64.53
N PRO D 688 -3.30 1.92 -64.29
CA PRO D 688 -2.53 2.13 -63.04
C PRO D 688 -2.05 3.56 -62.88
N GLN D 689 -1.63 4.21 -63.97
CA GLN D 689 -1.21 5.59 -63.89
C GLN D 689 -2.38 6.46 -63.45
N GLN D 690 -3.59 6.13 -63.93
CA GLN D 690 -4.76 6.87 -63.51
C GLN D 690 -5.09 6.60 -62.06
N LYS D 691 -4.82 5.39 -61.57
CA LYS D 691 -5.04 5.09 -60.16
C LYS D 691 -4.19 6.03 -59.33
N LEU D 692 -2.92 6.20 -59.73
CA LEU D 692 -2.02 7.12 -59.04
C LEU D 692 -2.53 8.55 -59.13
N ILE D 693 -3.07 8.94 -60.28
CA ILE D 693 -3.62 10.28 -60.45
C ILE D 693 -4.78 10.51 -59.49
N ILE D 694 -5.62 9.48 -59.29
CA ILE D 694 -6.74 9.59 -58.38
C ILE D 694 -6.26 9.69 -56.93
N VAL D 695 -5.24 8.90 -56.58
CA VAL D 695 -4.69 8.97 -55.22
C VAL D 695 -4.16 10.37 -54.95
N GLU D 696 -3.46 10.94 -55.93
CA GLU D 696 -2.95 12.30 -55.80
C GLU D 696 -4.11 13.29 -55.68
N GLY D 697 -5.19 13.05 -56.44
CA GLY D 697 -6.34 13.93 -56.38
C GLY D 697 -6.97 13.92 -55.00
N CYS D 698 -6.94 12.76 -54.33
CA CYS D 698 -7.46 12.69 -52.98
C CYS D 698 -6.52 13.43 -52.02
N GLN D 699 -5.22 13.32 -52.27
CA GLN D 699 -4.23 13.98 -51.42
C GLN D 699 -4.29 15.50 -51.56
N ARG D 700 -4.74 16.01 -52.71
CA ARG D 700 -4.84 17.45 -52.89
C ARG D 700 -5.87 18.05 -51.94
N GLN D 701 -6.87 17.26 -51.55
CA GLN D 701 -7.89 17.73 -50.61
C GLN D 701 -7.31 17.96 -49.22
N GLY D 702 -6.19 17.31 -48.91
CA GLY D 702 -5.57 17.43 -47.61
C GLY D 702 -5.92 16.33 -46.65
N ALA D 703 -6.45 15.20 -47.14
CA ALA D 703 -6.85 14.07 -46.32
C ALA D 703 -5.88 12.90 -46.47
N ILE D 704 -5.79 12.11 -45.40
CA ILE D 704 -4.94 10.93 -45.37
C ILE D 704 -5.56 9.83 -46.21
N VAL D 705 -4.76 9.23 -47.10
CA VAL D 705 -5.23 8.20 -48.01
C VAL D 705 -4.55 6.85 -47.73
N ALA D 706 -5.36 5.80 -47.79
CA ALA D 706 -4.91 4.43 -47.60
C ALA D 706 -5.39 3.65 -48.81
N VAL D 707 -4.44 3.10 -49.57
CA VAL D 707 -4.77 2.34 -50.76
C VAL D 707 -4.66 0.86 -50.44
N THR D 708 -5.74 0.12 -50.66
CA THR D 708 -5.78 -1.32 -50.38
C THR D 708 -5.87 -2.07 -51.71
N GLY D 709 -4.81 -2.80 -52.05
CA GLY D 709 -4.81 -3.55 -53.30
C GLY D 709 -4.08 -4.88 -53.33
N ASP D 710 -4.07 -5.46 -54.53
CA ASP D 710 -3.40 -6.74 -54.73
C ASP D 710 -2.59 -6.84 -56.02
N GLY D 711 -3.13 -6.33 -57.14
CA GLY D 711 -2.48 -6.43 -58.43
C GLY D 711 -1.37 -5.44 -58.68
N VAL D 712 -0.63 -5.66 -59.77
CA VAL D 712 0.47 -4.77 -60.11
C VAL D 712 -0.04 -3.38 -60.38
N ASN D 713 -1.30 -3.24 -60.79
CA ASN D 713 -1.87 -1.92 -61.03
C ASN D 713 -2.00 -1.11 -59.74
N ASP D 714 -1.89 -1.77 -58.58
CA ASP D 714 -1.95 -1.11 -57.29
C ASP D 714 -0.58 -0.68 -56.79
N SER D 715 0.49 -1.00 -57.53
CA SER D 715 1.82 -0.59 -57.08
C SER D 715 1.98 0.94 -57.11
N PRO D 716 1.73 1.64 -58.23
CA PRO D 716 1.88 3.10 -58.21
C PRO D 716 0.83 3.80 -57.36
N ALA D 717 -0.26 3.11 -57.02
CA ALA D 717 -1.30 3.69 -56.18
C ALA D 717 -1.02 3.47 -54.71
N SER D 718 -0.49 2.30 -54.35
CA SER D 718 -0.15 2.04 -52.95
C SER D 718 1.11 2.78 -52.55
N LYS D 719 2.02 3.01 -53.49
CA LYS D 719 3.27 3.69 -53.17
C LYS D 719 3.06 5.14 -52.77
N LYS D 720 2.39 5.93 -53.62
CA LYS D 720 2.17 7.35 -53.34
C LYS D 720 1.14 7.60 -52.25
N ALA D 721 0.33 6.60 -51.88
CA ALA D 721 -0.66 6.80 -50.84
C ALA D 721 0.01 6.97 -49.49
N ASP D 722 -0.68 7.65 -48.56
CA ASP D 722 -0.12 7.83 -47.23
C ASP D 722 0.17 6.50 -46.58
N ILE D 723 -0.61 5.47 -46.92
CA ILE D 723 -0.32 4.12 -46.43
C ILE D 723 -0.91 3.11 -47.42
N GLY D 724 -0.07 2.17 -47.83
CA GLY D 724 -0.47 1.13 -48.76
C GLY D 724 -0.69 -0.17 -48.01
N VAL D 725 -1.73 -0.89 -48.41
CA VAL D 725 -2.12 -2.16 -47.81
C VAL D 725 -2.14 -3.17 -48.93
N ALA D 726 -1.25 -4.14 -48.85
CA ALA D 726 -1.19 -5.18 -49.87
C ALA D 726 -1.75 -6.48 -49.34
N MET D 727 -2.27 -7.29 -50.25
CA MET D 727 -2.79 -8.60 -49.85
C MET D 727 -1.60 -9.55 -49.75
N GLY D 728 -1.50 -10.27 -48.63
CA GLY D 728 -0.37 -11.15 -48.38
C GLY D 728 -0.24 -12.36 -49.26
N ILE D 729 -1.33 -12.82 -49.88
CA ILE D 729 -1.27 -14.00 -50.75
C ILE D 729 -1.88 -13.72 -52.12
N ALA D 730 -3.09 -13.17 -52.14
CA ALA D 730 -3.73 -12.87 -53.41
C ALA D 730 -3.20 -11.60 -54.06
N GLY D 731 -2.14 -11.01 -53.50
CA GLY D 731 -1.56 -9.81 -54.04
C GLY D 731 -0.32 -10.11 -54.86
N SER D 732 0.01 -9.18 -55.76
CA SER D 732 1.19 -9.34 -56.61
C SER D 732 2.41 -8.85 -55.85
N ASP D 733 3.58 -9.37 -56.22
CA ASP D 733 4.81 -9.04 -55.52
C ASP D 733 5.22 -7.58 -55.66
N VAL D 734 5.01 -6.96 -56.82
CA VAL D 734 5.44 -5.57 -56.97
C VAL D 734 4.59 -4.65 -56.09
N SER D 735 3.27 -4.81 -56.11
CA SER D 735 2.44 -3.99 -55.25
C SER D 735 2.59 -4.40 -53.79
N LYS D 736 3.04 -5.63 -53.53
CA LYS D 736 3.27 -6.07 -52.16
C LYS D 736 4.49 -5.38 -51.59
N GLN D 737 5.50 -5.15 -52.42
CA GLN D 737 6.71 -4.46 -51.99
C GLN D 737 6.47 -2.95 -51.89
N ALA D 738 5.68 -2.40 -52.83
CA ALA D 738 5.40 -0.96 -52.82
C ALA D 738 4.43 -0.56 -51.71
N ALA D 739 3.92 -1.51 -50.95
CA ALA D 739 3.00 -1.20 -49.85
C ALA D 739 3.78 -0.95 -48.56
N ASP D 740 3.07 -0.46 -47.55
CA ASP D 740 3.66 -0.19 -46.25
C ASP D 740 3.14 -1.14 -45.18
N MET D 741 2.07 -1.88 -45.47
CA MET D 741 1.45 -2.85 -44.58
C MET D 741 0.95 -4.02 -45.40
N ILE D 742 1.14 -5.23 -44.88
CA ILE D 742 0.76 -6.47 -45.52
C ILE D 742 -0.29 -7.18 -44.68
N LEU D 743 -1.30 -7.74 -45.35
CA LEU D 743 -2.36 -8.50 -44.69
C LEU D 743 -2.06 -9.96 -45.04
N LEU D 744 -1.30 -10.63 -44.17
CA LEU D 744 -0.89 -12.00 -44.42
C LEU D 744 -2.04 -12.99 -44.53
N ASP D 745 -3.22 -12.65 -44.00
CA ASP D 745 -4.38 -13.53 -44.09
C ASP D 745 -5.40 -13.03 -45.10
N ASP D 746 -5.15 -11.88 -45.71
CA ASP D 746 -6.02 -11.22 -46.68
C ASP D 746 -7.38 -10.85 -46.08
N ASN D 747 -7.51 -10.91 -44.76
CA ASN D 747 -8.75 -10.55 -44.08
C ASN D 747 -8.90 -9.04 -44.14
N PHE D 748 -9.83 -8.57 -44.98
CA PHE D 748 -10.05 -7.14 -45.14
C PHE D 748 -10.52 -6.48 -43.84
N ALA D 749 -11.03 -7.26 -42.88
CA ALA D 749 -11.46 -6.72 -41.60
C ALA D 749 -10.27 -6.21 -40.79
N SER D 750 -9.06 -6.67 -41.14
CA SER D 750 -7.87 -6.20 -40.46
C SER D 750 -7.72 -4.70 -40.64
N ILE D 751 -8.32 -4.14 -41.71
CA ILE D 751 -8.29 -2.70 -41.89
C ILE D 751 -9.08 -2.02 -40.79
N VAL D 752 -10.19 -2.64 -40.37
CA VAL D 752 -10.97 -2.09 -39.27
C VAL D 752 -10.15 -2.16 -37.99
N THR D 753 -9.50 -3.30 -37.76
CA THR D 753 -8.65 -3.41 -36.58
C THR D 753 -7.54 -2.37 -36.62
N GLY D 754 -6.96 -2.16 -37.80
CA GLY D 754 -5.90 -1.19 -37.96
C GLY D 754 -6.34 0.24 -37.71
N VAL D 755 -7.48 0.64 -38.29
CA VAL D 755 -7.98 1.99 -38.08
C VAL D 755 -8.34 2.20 -36.61
N GLU D 756 -8.65 1.11 -35.88
CA GLU D 756 -8.93 1.27 -34.46
C GLU D 756 -7.64 1.45 -33.67
N GLU D 757 -6.67 0.56 -33.90
CA GLU D 757 -5.40 0.63 -33.19
C GLU D 757 -4.66 1.93 -33.49
N GLY D 758 -4.75 2.43 -34.73
CA GLY D 758 -4.07 3.67 -35.09
C GLY D 758 -4.57 4.87 -34.28
N ARG D 759 -5.85 4.85 -33.89
CA ARG D 759 -6.39 5.92 -33.07
C ARG D 759 -6.08 5.68 -31.60
N LEU D 760 -6.17 4.41 -31.18
CA LEU D 760 -5.88 4.05 -29.80
C LEU D 760 -4.45 4.42 -29.43
N ILE D 761 -3.48 3.97 -30.22
CA ILE D 761 -2.08 4.26 -29.94
C ILE D 761 -1.84 5.76 -30.08
N PHE D 762 -2.62 6.47 -30.91
CA PHE D 762 -2.45 7.92 -31.00
C PHE D 762 -2.73 8.57 -29.64
N ASP D 763 -3.89 8.25 -29.07
CA ASP D 763 -4.24 8.81 -27.76
C ASP D 763 -3.27 8.37 -26.67
N ASN D 764 -2.86 7.09 -26.69
CA ASN D 764 -1.93 6.62 -25.67
C ASN D 764 -0.56 7.26 -25.82
N LEU D 765 -0.14 7.54 -27.05
CA LEU D 765 1.12 8.24 -27.25
C LEU D 765 1.02 9.62 -26.64
N LYS D 766 -0.14 10.27 -26.80
CA LYS D 766 -0.33 11.57 -26.18
C LYS D 766 -0.21 11.48 -24.66
N LYS D 767 -0.86 10.48 -24.06
CA LYS D 767 -0.81 10.29 -22.60
C LYS D 767 0.63 10.09 -22.12
N SER D 768 1.36 9.18 -22.78
CA SER D 768 2.73 8.88 -22.38
C SER D 768 3.63 10.10 -22.57
N ILE D 769 3.43 10.86 -23.65
CA ILE D 769 4.24 12.05 -23.87
C ILE D 769 3.96 13.07 -22.79
N ALA D 770 2.69 13.28 -22.43
CA ALA D 770 2.36 14.23 -21.38
C ALA D 770 2.98 13.80 -20.05
N TYR D 771 3.13 12.49 -19.85
CA TYR D 771 3.75 12.02 -18.62
C TYR D 771 5.23 12.38 -18.61
N THR D 772 5.95 12.02 -19.67
CA THR D 772 7.39 12.32 -19.70
C THR D 772 7.63 13.83 -19.73
N LEU D 773 6.73 14.61 -20.33
CA LEU D 773 6.86 16.06 -20.38
C LEU D 773 6.48 16.74 -19.09
N THR D 774 5.84 16.03 -18.15
CA THR D 774 5.51 16.68 -16.89
C THR D 774 6.72 16.71 -15.96
N SER D 775 7.52 15.65 -15.98
CA SER D 775 8.70 15.55 -15.12
C SER D 775 9.81 16.55 -15.47
N ASN D 776 9.67 17.29 -16.57
CA ASN D 776 10.75 18.22 -16.98
C ASN D 776 10.87 19.42 -16.05
N ILE D 777 9.74 19.97 -15.59
CA ILE D 777 9.78 21.14 -14.70
C ILE D 777 10.55 20.86 -13.42
N PRO D 778 10.26 19.81 -12.65
CA PRO D 778 11.05 19.58 -11.44
C PRO D 778 12.46 19.10 -11.75
N GLU D 779 12.76 18.77 -13.01
CA GLU D 779 14.10 18.36 -13.37
C GLU D 779 14.98 19.57 -13.66
N ILE D 780 14.41 20.67 -14.12
CA ILE D 780 15.19 21.86 -14.48
C ILE D 780 15.09 22.98 -13.44
N THR D 781 13.92 23.20 -12.84
CA THR D 781 13.80 24.27 -11.84
C THR D 781 14.87 24.24 -10.75
N PRO D 782 15.36 23.08 -10.28
CA PRO D 782 16.43 23.13 -9.29
C PRO D 782 17.64 23.89 -9.81
N PHE D 783 18.03 23.65 -11.06
CA PHE D 783 19.16 24.37 -11.63
C PHE D 783 18.85 25.84 -11.83
N LEU D 784 17.61 26.16 -12.23
CA LEU D 784 17.24 27.56 -12.44
C LEU D 784 17.38 28.36 -11.16
N ILE D 785 16.74 27.91 -10.07
CA ILE D 785 16.89 28.67 -8.84
C ILE D 785 18.28 28.51 -8.26
N PHE D 786 19.03 27.48 -8.68
CA PHE D 786 20.41 27.36 -8.23
C PHE D 786 21.21 28.52 -8.79
N ILE D 787 20.91 28.91 -10.02
CA ILE D 787 21.57 30.05 -10.64
C ILE D 787 21.05 31.36 -10.05
N ILE D 788 19.74 31.45 -9.83
CA ILE D 788 19.16 32.69 -9.33
C ILE D 788 19.39 32.96 -7.84
N ALA D 789 18.80 32.13 -6.98
CA ALA D 789 18.92 32.34 -5.53
C ALA D 789 20.29 32.02 -4.97
N ASN D 790 21.18 31.40 -5.76
CA ASN D 790 22.52 31.04 -5.32
C ASN D 790 22.47 30.13 -4.09
N ILE D 791 21.67 29.07 -4.20
CA ILE D 791 21.48 28.08 -3.14
C ILE D 791 22.23 26.81 -3.51
N PRO D 792 22.49 25.89 -2.57
CA PRO D 792 23.16 24.63 -2.96
C PRO D 792 22.26 23.87 -3.92
N LEU D 793 22.88 23.12 -4.82
CA LEU D 793 22.17 22.37 -5.86
C LEU D 793 21.13 21.41 -5.28
N PRO D 794 19.84 21.63 -5.55
CA PRO D 794 18.82 20.74 -4.98
C PRO D 794 18.75 19.36 -5.59
N LEU D 795 18.91 19.23 -6.91
CA LEU D 795 18.80 17.95 -7.61
C LEU D 795 20.04 17.66 -8.43
N GLY D 796 20.53 16.42 -8.36
CA GLY D 796 21.73 16.01 -9.08
C GLY D 796 21.44 15.46 -10.46
N THR D 797 22.53 15.33 -11.24
CA THR D 797 22.42 14.84 -12.61
C THR D 797 22.13 13.35 -12.68
N VAL D 798 22.94 12.53 -12.00
CA VAL D 798 22.73 11.08 -12.05
C VAL D 798 21.35 10.74 -11.51
N THR D 799 20.84 11.54 -10.58
CA THR D 799 19.48 11.31 -10.09
C THR D 799 18.48 11.59 -11.20
N ILE D 800 18.74 12.63 -12.01
CA ILE D 800 17.88 12.94 -13.13
C ILE D 800 17.86 11.76 -14.09
N LEU D 801 19.01 11.12 -14.27
CA LEU D 801 19.06 9.93 -15.12
C LEU D 801 18.23 8.81 -14.50
N CYS D 802 18.27 8.69 -13.17
CA CYS D 802 17.49 7.67 -12.49
C CYS D 802 15.99 7.97 -12.55
N ILE D 803 15.60 9.18 -12.91
CA ILE D 803 14.18 9.50 -13.01
C ILE D 803 13.73 9.33 -14.46
N ASP D 804 14.39 10.03 -15.38
CA ASP D 804 14.03 9.97 -16.80
C ASP D 804 14.21 8.57 -17.38
N LEU D 805 15.35 7.94 -17.11
CA LEU D 805 15.69 6.62 -17.64
C LEU D 805 15.63 5.49 -16.63
N GLY D 806 15.25 5.78 -15.40
CA GLY D 806 15.19 4.77 -14.36
C GLY D 806 13.79 4.36 -14.01
N THR D 807 13.21 5.09 -13.06
CA THR D 807 11.87 4.79 -12.57
C THR D 807 10.79 4.99 -13.64
N ASP D 808 10.66 6.22 -14.15
CA ASP D 808 9.61 6.60 -15.09
C ASP D 808 9.47 5.71 -16.33
N MET D 809 10.48 4.91 -16.69
CA MET D 809 10.38 4.11 -17.91
C MET D 809 9.24 3.10 -17.86
N VAL D 810 9.09 2.40 -16.75
CA VAL D 810 8.00 1.41 -16.67
C VAL D 810 6.65 2.12 -16.64
N PRO D 811 6.43 3.18 -15.85
CA PRO D 811 5.12 3.86 -15.92
C PRO D 811 4.80 4.41 -17.30
N ALA D 812 5.78 5.06 -17.95
CA ALA D 812 5.52 5.60 -19.28
C ALA D 812 5.20 4.49 -20.27
N ILE D 813 5.86 3.34 -20.14
CA ILE D 813 5.57 2.23 -21.05
C ILE D 813 4.19 1.66 -20.76
N SER D 814 3.82 1.58 -19.49
CA SER D 814 2.51 1.03 -19.12
C SER D 814 1.38 1.90 -19.61
N LEU D 815 1.61 3.20 -19.78
CA LEU D 815 0.54 4.07 -20.25
C LEU D 815 0.13 3.74 -21.69
N ALA D 816 0.92 2.90 -22.38
CA ALA D 816 0.57 2.50 -23.74
C ALA D 816 -0.54 1.46 -23.74
N TYR D 817 -0.63 0.65 -22.69
CA TYR D 817 -1.64 -0.40 -22.57
C TYR D 817 -3.02 0.11 -22.18
N GLU D 818 -3.21 1.42 -22.08
CA GLU D 818 -4.51 1.96 -21.73
C GLU D 818 -5.52 1.65 -22.82
N GLN D 819 -6.77 1.45 -22.41
CA GLN D 819 -7.83 1.17 -23.35
C GLN D 819 -8.63 2.44 -23.62
N ALA D 820 -9.65 2.30 -24.46
CA ALA D 820 -10.46 3.44 -24.85
C ALA D 820 -11.27 4.01 -23.69
N GLU D 821 -11.38 5.34 -23.67
CA GLU D 821 -12.17 6.04 -22.67
C GLU D 821 -13.62 6.16 -23.13
N SER D 822 -13.83 6.34 -24.43
CA SER D 822 -15.14 6.38 -25.05
C SER D 822 -15.02 5.53 -26.31
N ASP D 823 -16.02 5.59 -27.19
CA ASP D 823 -15.95 4.81 -28.42
C ASP D 823 -15.14 5.56 -29.46
N ILE D 824 -13.99 5.00 -29.86
CA ILE D 824 -13.15 5.65 -30.86
C ILE D 824 -13.66 5.35 -32.27
N MET D 825 -14.28 4.19 -32.47
CA MET D 825 -14.80 3.87 -33.79
C MET D 825 -16.09 4.66 -34.12
N LYS D 826 -16.45 5.58 -33.23
CA LYS D 826 -17.61 6.47 -33.36
C LYS D 826 -17.21 7.86 -33.84
N ARG D 827 -16.10 8.40 -33.35
CA ARG D 827 -15.65 9.74 -33.69
C ARG D 827 -15.09 9.83 -35.10
N GLN D 828 -15.12 11.05 -35.64
CA GLN D 828 -14.62 11.33 -36.97
C GLN D 828 -13.08 11.33 -36.95
N PRO D 829 -12.45 11.11 -38.11
CA PRO D 829 -10.98 11.13 -38.13
C PRO D 829 -10.47 12.51 -37.76
N ARG D 830 -9.34 12.52 -37.06
CA ARG D 830 -8.74 13.76 -36.58
C ARG D 830 -8.37 14.71 -37.72
N ASN D 831 -8.57 16.00 -37.47
CA ASN D 831 -8.18 17.01 -38.43
C ASN D 831 -6.68 17.16 -38.33
N PRO D 832 -5.92 17.03 -39.42
CA PRO D 832 -4.46 17.17 -39.30
C PRO D 832 -4.02 18.59 -38.98
N LYS D 833 -4.77 19.59 -39.40
CA LYS D 833 -4.42 20.98 -39.11
C LYS D 833 -4.90 21.44 -37.75
N THR D 834 -5.79 20.67 -37.10
CA THR D 834 -6.34 21.04 -35.81
C THR D 834 -5.90 20.11 -34.68
N ASP D 835 -6.15 18.81 -34.78
CA ASP D 835 -5.79 17.89 -33.70
C ASP D 835 -4.35 17.40 -33.84
N LYS D 836 -3.42 18.20 -33.33
CA LYS D 836 -1.99 17.85 -33.37
C LYS D 836 -1.66 16.90 -32.22
N LEU D 837 -0.60 16.10 -32.42
CA LEU D 837 -0.19 15.14 -31.39
C LEU D 837 0.17 15.82 -30.08
N VAL D 838 0.85 16.95 -30.13
CA VAL D 838 1.26 17.68 -28.92
C VAL D 838 0.85 19.13 -29.11
N ASN D 839 -0.22 19.54 -28.44
CA ASN D 839 -0.76 20.89 -28.51
C ASN D 839 -0.36 21.70 -27.29
N GLU D 840 -0.63 23.02 -27.35
CA GLU D 840 -0.30 23.88 -26.23
C GLU D 840 -1.21 23.61 -25.04
N GLN D 841 -2.24 22.79 -25.24
CA GLN D 841 -3.15 22.40 -24.17
C GLN D 841 -2.52 21.30 -23.33
N LEU D 842 -1.49 20.65 -23.87
CA LEU D 842 -0.69 19.64 -23.20
C LEU D 842 0.51 20.29 -22.52
N ILE D 843 1.11 21.26 -23.20
CA ILE D 843 2.23 21.99 -22.63
C ILE D 843 1.76 22.82 -21.45
N SER D 844 0.53 23.35 -21.54
CA SER D 844 -0.02 24.11 -20.42
C SER D 844 -0.24 23.23 -19.20
N MET D 845 -0.35 21.91 -19.39
CA MET D 845 -0.55 20.98 -18.29
C MET D 845 0.79 20.46 -17.75
N ALA D 846 1.57 19.82 -18.62
CA ALA D 846 2.87 19.26 -18.22
C ALA D 846 3.83 20.35 -17.77
N TYR D 847 4.21 21.24 -18.69
CA TYR D 847 5.12 22.33 -18.37
C TYR D 847 4.46 23.39 -17.50
N GLY D 848 3.17 23.62 -17.69
CA GLY D 848 2.49 24.66 -16.96
C GLY D 848 1.88 24.42 -15.58
N GLN D 849 1.06 23.39 -15.41
CA GLN D 849 0.40 23.21 -14.13
C GLN D 849 0.91 22.06 -13.28
N ILE D 850 1.00 20.85 -13.84
CA ILE D 850 1.42 19.70 -13.03
C ILE D 850 2.92 19.71 -12.73
N GLY D 851 3.76 19.94 -13.74
CA GLY D 851 5.20 19.97 -13.50
C GLY D 851 5.58 21.05 -12.50
N MET D 852 4.83 22.15 -12.47
CA MET D 852 5.10 23.23 -11.52
C MET D 852 4.89 22.75 -10.09
N ILE D 853 3.78 22.04 -9.85
CA ILE D 853 3.50 21.51 -8.52
C ILE D 853 4.57 20.49 -8.14
N GLN D 854 5.00 19.66 -9.11
CA GLN D 854 6.05 18.69 -8.82
C GLN D 854 7.34 19.39 -8.40
N ALA D 855 7.63 20.53 -9.03
CA ALA D 855 8.82 21.29 -8.66
C ALA D 855 8.68 21.85 -7.25
N LEU D 856 7.47 22.30 -6.89
CA LEU D 856 7.27 22.81 -5.53
C LEU D 856 7.46 21.72 -4.49
N GLY D 857 6.97 20.50 -4.78
CA GLY D 857 7.16 19.40 -3.85
C GLY D 857 8.62 19.07 -3.68
N GLY D 858 9.39 19.12 -4.79
CA GLY D 858 10.81 18.85 -4.70
C GLY D 858 11.52 19.87 -3.84
N PHE D 859 11.23 21.15 -4.05
CA PHE D 859 11.86 22.20 -3.25
C PHE D 859 11.44 22.10 -1.79
N PHE D 860 10.22 21.61 -1.52
CA PHE D 860 9.80 21.47 -0.13
C PHE D 860 10.63 20.41 0.58
N THR D 861 10.78 19.23 -0.04
CA THR D 861 11.62 18.20 0.59
C THR D 861 13.05 18.72 0.74
N TYR D 862 13.50 19.52 -0.23
CA TYR D 862 14.85 20.11 -0.18
C TYR D 862 15.03 20.96 1.09
N PHE D 863 14.12 21.92 1.29
CA PHE D 863 14.21 22.78 2.45
C PHE D 863 14.02 22.01 3.75
N VAL D 864 13.21 20.95 3.74
CA VAL D 864 13.03 20.16 4.96
C VAL D 864 14.35 19.50 5.34
N ILE D 865 15.01 18.87 4.35
CA ILE D 865 16.28 18.19 4.61
C ILE D 865 17.33 19.16 5.12
N LEU D 866 17.43 20.33 4.49
CA LEU D 866 18.47 21.27 4.92
C LEU D 866 18.13 21.92 6.26
N ALA D 867 16.85 22.23 6.49
CA ALA D 867 16.45 22.87 7.74
C ALA D 867 16.57 21.94 8.93
N GLU D 868 16.35 20.63 8.74
CA GLU D 868 16.47 19.74 9.90
C GLU D 868 17.94 19.48 10.25
N ASN D 869 18.86 19.60 9.30
CA ASN D 869 20.27 19.38 9.55
C ASN D 869 21.00 20.65 10.00
N GLY D 870 20.28 21.76 10.23
CA GLY D 870 20.90 22.98 10.69
C GLY D 870 20.91 24.14 9.73
N PHE D 871 20.54 23.94 8.47
CA PHE D 871 20.55 25.01 7.47
C PHE D 871 19.13 25.50 7.23
N LEU D 872 18.73 26.55 7.96
CA LEU D 872 17.41 27.11 7.80
C LEU D 872 17.25 27.59 6.36
N PRO D 873 16.03 27.54 5.81
CA PRO D 873 15.86 27.92 4.40
C PRO D 873 16.27 29.34 4.04
N ILE D 874 15.98 30.32 4.90
CA ILE D 874 16.33 31.71 4.61
C ILE D 874 17.84 31.89 4.52
N HIS D 875 18.59 31.12 5.31
CA HIS D 875 20.05 31.20 5.33
C HIS D 875 20.70 30.57 4.10
N LEU D 876 19.98 29.77 3.33
CA LEU D 876 20.54 29.12 2.16
C LEU D 876 20.75 30.05 0.98
N LEU D 877 20.32 31.31 1.05
CA LEU D 877 20.48 32.24 -0.05
C LEU D 877 21.92 32.75 -0.14
N GLY D 878 22.49 32.72 -1.35
CA GLY D 878 23.85 33.16 -1.56
C GLY D 878 24.90 32.28 -0.91
N LEU D 879 24.53 31.08 -0.49
CA LEU D 879 25.44 30.15 0.16
C LEU D 879 26.26 29.31 -0.82
N ARG D 880 25.76 29.10 -2.04
CA ARG D 880 26.44 28.26 -3.02
C ARG D 880 27.82 28.77 -3.38
N VAL D 881 28.07 30.08 -3.26
CA VAL D 881 29.38 30.62 -3.59
C VAL D 881 30.45 29.90 -2.79
N ASN D 882 30.24 29.80 -1.47
CA ASN D 882 31.17 29.10 -0.60
C ASN D 882 30.80 27.64 -0.40
N TRP D 883 29.54 27.27 -0.62
CA TRP D 883 29.13 25.88 -0.47
C TRP D 883 29.85 25.01 -1.49
N ASP D 884 29.89 25.47 -2.75
CA ASP D 884 30.56 24.73 -3.81
C ASP D 884 32.07 24.73 -3.65
N ASP D 885 32.62 25.64 -2.84
CA ASP D 885 34.07 25.68 -2.65
C ASP D 885 34.51 24.37 -2.01
N ARG D 886 35.58 23.79 -2.54
CA ARG D 886 36.11 22.52 -2.08
C ARG D 886 37.08 22.64 -0.91
N TRP D 887 37.39 23.85 -0.45
CA TRP D 887 38.36 24.00 0.62
C TRP D 887 37.86 24.76 1.85
N ILE D 888 36.73 25.47 1.75
CA ILE D 888 36.22 26.18 2.92
C ILE D 888 35.55 25.11 3.77
N ASN D 889 36.32 24.51 4.70
CA ASN D 889 35.80 23.45 5.55
C ASN D 889 35.17 23.97 6.83
N ASP D 890 34.83 25.26 6.86
CA ASP D 890 34.17 25.87 8.01
C ASP D 890 33.06 26.76 7.44
N VAL D 891 31.94 26.13 7.08
CA VAL D 891 30.79 26.82 6.54
C VAL D 891 29.75 26.88 7.64
N GLU D 892 29.50 28.09 8.14
CA GLU D 892 28.56 28.28 9.24
C GLU D 892 27.12 28.15 8.75
N ASP D 893 26.33 27.35 9.48
CA ASP D 893 24.92 27.14 9.19
C ASP D 893 24.11 28.20 9.94
N SER D 894 22.86 27.90 10.26
CA SER D 894 22.02 28.83 11.01
C SER D 894 22.17 28.65 12.51
N TYR D 895 22.80 27.57 12.95
CA TYR D 895 23.03 27.29 14.36
C TYR D 895 24.48 27.54 14.77
N GLY D 896 25.29 28.11 13.88
CA GLY D 896 26.68 28.38 14.18
C GLY D 896 27.62 27.21 14.02
N GLN D 897 27.14 26.06 13.57
CA GLN D 897 28.03 24.92 13.40
C GLN D 897 28.91 25.10 12.18
N GLN D 898 30.09 24.48 12.22
CA GLN D 898 31.05 24.54 11.12
C GLN D 898 31.01 23.21 10.39
N TRP D 899 30.69 23.27 9.09
CA TRP D 899 30.59 22.09 8.26
C TRP D 899 31.81 21.97 7.35
N THR D 900 32.36 20.78 7.26
CA THR D 900 33.51 20.55 6.38
C THR D 900 32.99 20.48 4.93
N TYR D 901 33.90 20.22 3.99
CA TYR D 901 33.46 20.15 2.60
C TYR D 901 32.62 18.91 2.34
N GLU D 902 33.17 17.72 2.62
CA GLU D 902 32.44 16.49 2.36
C GLU D 902 31.18 16.39 3.22
N GLN D 903 31.17 16.95 4.43
CA GLN D 903 29.96 16.88 5.27
C GLN D 903 28.79 17.59 4.59
N ARG D 904 29.01 18.84 4.16
CA ARG D 904 27.93 19.55 3.48
C ARG D 904 27.64 18.93 2.13
N LYS D 905 28.64 18.34 1.47
CA LYS D 905 28.37 17.68 0.19
C LYS D 905 27.55 16.43 0.41
N ILE D 906 27.77 15.73 1.52
CA ILE D 906 26.97 14.57 1.86
C ILE D 906 25.54 15.01 2.06
N VAL D 907 25.34 16.20 2.65
CA VAL D 907 23.98 16.69 2.80
C VAL D 907 23.37 17.05 1.44
N GLU D 908 24.16 17.65 0.55
CA GLU D 908 23.61 17.99 -0.78
C GLU D 908 23.24 16.74 -1.57
N PHE D 909 24.08 15.69 -1.48
CA PHE D 909 23.77 14.45 -2.20
C PHE D 909 22.61 13.72 -1.53
N THR D 910 22.55 13.76 -0.20
CA THR D 910 21.43 13.18 0.53
C THR D 910 20.22 14.09 0.44
N CYS D 911 20.35 15.18 -0.31
CA CYS D 911 19.27 16.09 -0.63
C CYS D 911 18.87 15.89 -2.09
N HIS D 912 19.75 15.28 -2.89
CA HIS D 912 19.44 14.92 -4.28
C HIS D 912 18.62 13.64 -4.29
N THR D 913 19.01 12.67 -3.47
CA THR D 913 18.27 11.42 -3.38
C THR D 913 16.80 11.61 -2.98
N PRO D 914 16.46 12.39 -1.93
CA PRO D 914 15.04 12.56 -1.61
C PRO D 914 14.33 13.41 -2.62
N PHE D 915 15.03 14.31 -3.32
CA PHE D 915 14.38 15.05 -4.39
C PHE D 915 13.93 14.07 -5.45
N PHE D 916 14.77 13.07 -5.73
CA PHE D 916 14.46 12.02 -6.68
C PHE D 916 13.28 11.17 -6.20
N VAL D 917 13.26 10.85 -4.90
CA VAL D 917 12.13 10.11 -4.35
C VAL D 917 10.87 10.94 -4.43
N THR D 918 10.99 12.24 -4.15
CA THR D 918 9.87 13.17 -4.24
C THR D 918 9.32 13.18 -5.66
N ILE D 919 10.21 13.12 -6.64
CA ILE D 919 9.78 13.05 -8.04
C ILE D 919 8.94 11.80 -8.25
N VAL D 920 9.41 10.68 -7.71
CA VAL D 920 8.64 9.43 -7.84
C VAL D 920 7.26 9.57 -7.20
N VAL D 921 7.22 10.20 -6.03
CA VAL D 921 5.95 10.37 -5.29
C VAL D 921 4.98 11.22 -6.09
N VAL D 922 5.44 12.33 -6.68
CA VAL D 922 4.52 13.14 -7.48
C VAL D 922 4.22 12.47 -8.81
N GLN D 923 5.11 11.58 -9.27
CA GLN D 923 4.87 10.87 -10.51
C GLN D 923 3.79 9.81 -10.35
N TRP D 924 3.53 9.37 -9.11
CA TRP D 924 2.42 8.44 -8.92
C TRP D 924 1.12 9.11 -9.35
N ALA D 925 0.86 10.30 -8.80
CA ALA D 925 -0.34 11.05 -9.15
C ALA D 925 -0.31 11.49 -10.61
N ASP D 926 0.86 11.87 -11.13
CA ASP D 926 0.92 12.28 -12.52
C ASP D 926 0.58 11.12 -13.45
N LEU D 927 1.01 9.91 -13.10
CA LEU D 927 0.71 8.75 -13.93
C LEU D 927 -0.78 8.41 -13.87
N VAL D 928 -1.37 8.50 -12.68
CA VAL D 928 -2.79 8.19 -12.56
C VAL D 928 -3.65 9.20 -13.31
N ILE D 929 -3.26 10.48 -13.28
CA ILE D 929 -4.07 11.47 -14.00
C ILE D 929 -3.79 11.46 -15.50
N CYS D 930 -2.55 11.15 -15.91
CA CYS D 930 -2.25 11.08 -17.33
C CYS D 930 -2.90 9.87 -17.96
N LYS D 931 -3.25 8.87 -17.14
CA LYS D 931 -3.91 7.68 -17.66
C LYS D 931 -5.26 8.00 -18.30
N THR D 932 -5.98 8.98 -17.76
CA THR D 932 -7.28 9.38 -18.30
C THR D 932 -7.25 10.82 -18.78
N ARG D 933 -7.78 11.05 -19.98
CA ARG D 933 -7.83 12.39 -20.55
C ARG D 933 -9.16 13.09 -20.31
N ARG D 934 -10.25 12.33 -20.23
CA ARG D 934 -11.57 12.91 -19.98
C ARG D 934 -12.31 12.22 -18.86
N ASN D 935 -12.18 10.90 -18.75
CA ASN D 935 -12.86 10.14 -17.73
C ASN D 935 -12.27 10.41 -16.35
N SER D 936 -13.00 9.94 -15.34
CA SER D 936 -12.58 10.01 -13.95
C SER D 936 -11.77 8.75 -13.67
N VAL D 937 -10.87 8.83 -12.69
CA VAL D 937 -10.08 7.66 -12.36
C VAL D 937 -10.99 6.55 -11.85
N PHE D 938 -12.21 6.92 -11.42
CA PHE D 938 -13.18 5.96 -10.95
C PHE D 938 -14.02 5.42 -12.10
N GLN D 939 -14.28 6.25 -13.12
CA GLN D 939 -15.02 5.79 -14.29
C GLN D 939 -14.17 4.79 -15.08
N GLN D 940 -12.95 5.19 -15.46
CA GLN D 940 -12.05 4.30 -16.18
C GLN D 940 -11.64 3.14 -15.27
N GLY D 941 -10.88 3.43 -14.21
CA GLY D 941 -10.49 2.42 -13.25
C GLY D 941 -9.07 1.91 -13.41
N MET D 942 -8.43 1.60 -12.28
CA MET D 942 -7.05 1.09 -12.27
C MET D 942 -7.00 -0.38 -12.70
N LYS D 943 -7.49 -0.65 -13.92
CA LYS D 943 -7.50 -2.02 -14.44
C LYS D 943 -6.23 -2.36 -15.22
N ASN D 944 -5.34 -1.39 -15.43
CA ASN D 944 -4.11 -1.64 -16.17
C ASN D 944 -3.12 -2.32 -15.25
N LYS D 945 -2.90 -3.63 -15.48
CA LYS D 945 -1.98 -4.37 -14.62
C LYS D 945 -0.53 -3.94 -14.80
N ILE D 946 -0.14 -3.57 -16.02
CA ILE D 946 1.22 -3.10 -16.23
C ILE D 946 1.41 -1.76 -15.53
N LEU D 947 0.34 -0.96 -15.41
CA LEU D 947 0.44 0.33 -14.71
C LEU D 947 0.62 0.12 -13.22
N ILE D 948 -0.12 -0.84 -12.64
CA ILE D 948 0.02 -1.13 -11.22
C ILE D 948 1.44 -1.61 -10.96
N PHE D 949 1.92 -2.51 -11.82
CA PHE D 949 3.30 -2.99 -11.69
C PHE D 949 4.27 -1.83 -11.90
N GLY D 950 3.91 -0.87 -12.75
CA GLY D 950 4.76 0.28 -12.97
C GLY D 950 4.94 1.06 -11.70
N LEU D 951 3.86 1.25 -10.95
CA LEU D 951 3.95 1.99 -9.70
C LEU D 951 4.73 1.21 -8.65
N PHE D 952 4.50 -0.11 -8.57
CA PHE D 952 5.22 -0.91 -7.59
C PHE D 952 6.71 -0.97 -7.90
N GLU D 953 7.06 -1.18 -9.17
CA GLU D 953 8.46 -1.22 -9.56
C GLU D 953 9.12 0.14 -9.40
N GLU D 954 8.40 1.21 -9.76
CA GLU D 954 8.92 2.57 -9.62
C GLU D 954 9.30 2.86 -8.17
N THR D 955 8.38 2.57 -7.24
CA THR D 955 8.65 2.81 -5.83
C THR D 955 9.74 1.89 -5.28
N ALA D 956 9.70 0.59 -5.64
CA ALA D 956 10.71 -0.34 -5.15
C ALA D 956 12.09 0.01 -5.67
N LEU D 957 12.18 0.47 -6.93
CA LEU D 957 13.47 0.84 -7.50
C LEU D 957 14.01 2.09 -6.84
N ALA D 958 13.15 3.09 -6.56
CA ALA D 958 13.63 4.29 -5.90
C ALA D 958 14.15 3.95 -4.50
N ALA D 959 13.44 3.07 -3.78
CA ALA D 959 13.88 2.68 -2.46
C ALA D 959 15.19 1.90 -2.53
N PHE D 960 15.34 1.04 -3.54
CA PHE D 960 16.57 0.28 -3.67
C PHE D 960 17.75 1.20 -3.96
N LEU D 961 17.58 2.16 -4.86
CA LEU D 961 18.66 3.08 -5.18
C LEU D 961 19.05 3.92 -3.98
N SER D 962 18.10 4.15 -3.06
CA SER D 962 18.47 4.95 -1.89
C SER D 962 19.12 4.11 -0.81
N TYR D 963 18.67 2.87 -0.60
CA TYR D 963 19.20 2.04 0.47
C TYR D 963 20.14 0.92 0.03
N CYS D 964 20.58 0.90 -1.21
CA CYS D 964 21.51 -0.18 -1.48
C CYS D 964 22.90 0.20 -0.96
N PRO D 965 23.62 -0.73 -0.33
CA PRO D 965 24.96 -0.39 0.16
C PRO D 965 25.88 -0.09 -1.01
N GLY D 966 26.57 1.05 -0.93
CA GLY D 966 27.47 1.47 -1.98
C GLY D 966 26.86 2.40 -3.01
N MET D 967 25.72 3.02 -2.71
CA MET D 967 25.09 3.98 -3.62
C MET D 967 25.61 5.39 -3.36
N GLY D 968 25.98 5.68 -2.11
CA GLY D 968 26.57 6.96 -1.79
C GLY D 968 27.97 7.08 -2.32
N VAL D 969 28.50 5.99 -2.88
CA VAL D 969 29.81 5.95 -3.49
C VAL D 969 29.72 5.98 -5.01
N ALA D 970 28.91 5.09 -5.58
CA ALA D 970 28.76 5.01 -7.04
C ALA D 970 27.89 6.15 -7.59
N LEU D 971 26.62 6.19 -7.20
CA LEU D 971 25.74 7.24 -7.67
C LEU D 971 25.67 8.43 -6.72
N ARG D 972 26.44 8.40 -5.61
CA ARG D 972 26.43 9.45 -4.61
C ARG D 972 25.04 9.67 -4.03
N MET D 973 24.25 8.59 -3.98
CA MET D 973 22.90 8.64 -3.43
C MET D 973 22.95 7.97 -2.06
N TYR D 974 22.67 8.73 -1.04
CA TYR D 974 22.72 8.30 0.35
C TYR D 974 21.36 7.88 0.87
N PRO D 975 21.34 7.07 1.94
CA PRO D 975 20.05 6.65 2.50
C PRO D 975 19.26 7.82 3.03
N LEU D 976 17.95 7.69 3.01
CA LEU D 976 17.05 8.74 3.45
C LEU D 976 16.48 8.45 4.83
N LYS D 977 16.36 9.50 5.64
CA LYS D 977 15.71 9.37 6.93
C LYS D 977 14.24 9.20 6.56
N PRO D 978 13.55 8.20 7.11
CA PRO D 978 12.18 7.89 6.65
C PRO D 978 11.18 9.03 6.57
N THR D 979 11.27 10.08 7.39
CA THR D 979 10.26 11.12 7.25
C THR D 979 10.36 11.84 5.90
N TRP D 980 11.51 11.73 5.22
CA TRP D 980 11.64 12.36 3.92
C TRP D 980 10.64 11.79 2.93
N TRP D 981 10.40 10.48 3.01
CA TRP D 981 9.46 9.86 2.06
C TRP D 981 8.06 10.45 2.18
N PHE D 982 7.74 11.10 3.29
CA PHE D 982 6.40 11.64 3.43
C PHE D 982 6.33 13.14 3.19
N CYS D 983 7.45 13.80 2.89
CA CYS D 983 7.38 15.23 2.64
C CYS D 983 6.72 15.55 1.32
N ALA D 984 6.63 14.59 0.40
CA ALA D 984 6.04 14.81 -0.92
C ALA D 984 4.59 14.34 -1.04
N PHE D 985 4.06 13.65 -0.04
CA PHE D 985 2.67 13.18 -0.11
C PHE D 985 1.62 14.26 -0.36
N PRO D 986 1.60 15.39 0.36
CA PRO D 986 0.54 16.38 0.09
C PRO D 986 0.55 16.94 -1.31
N TYR D 987 1.73 17.14 -1.92
CA TYR D 987 1.76 17.67 -3.28
C TYR D 987 1.20 16.67 -4.26
N SER D 988 1.53 15.38 -4.10
CA SER D 988 1.01 14.36 -5.01
C SER D 988 -0.51 14.28 -4.88
N LEU D 989 -1.02 14.22 -3.64
CA LEU D 989 -2.46 14.17 -3.46
C LEU D 989 -3.12 15.41 -4.05
N LEU D 990 -2.47 16.58 -3.92
CA LEU D 990 -3.02 17.79 -4.51
C LEU D 990 -3.09 17.68 -6.02
N ILE D 991 -2.03 17.14 -6.63
CA ILE D 991 -2.01 16.95 -8.08
C ILE D 991 -3.19 16.09 -8.50
N PHE D 992 -3.40 14.98 -7.78
CA PHE D 992 -4.50 14.07 -8.10
C PHE D 992 -5.86 14.75 -7.98
N VAL D 993 -6.11 15.46 -6.88
CA VAL D 993 -7.42 16.09 -6.70
C VAL D 993 -7.63 17.22 -7.71
N TYR D 994 -6.57 17.99 -8.01
CA TYR D 994 -6.71 19.07 -8.98
C TYR D 994 -7.07 18.53 -10.35
N ASP D 995 -6.30 17.56 -10.86
CA ASP D 995 -6.63 17.02 -12.17
C ASP D 995 -7.98 16.32 -12.15
N GLU D 996 -8.39 15.80 -11.00
CA GLU D 996 -9.69 15.14 -10.91
C GLU D 996 -10.83 16.13 -11.09
N VAL D 997 -10.75 17.29 -10.41
CA VAL D 997 -11.80 18.27 -10.60
C VAL D 997 -11.70 18.86 -11.99
N ARG D 998 -10.50 18.83 -12.58
CA ARG D 998 -10.35 19.32 -13.95
C ARG D 998 -11.15 18.46 -14.91
N LYS D 999 -10.93 17.14 -14.86
CA LYS D 999 -11.66 16.22 -15.72
C LYS D 999 -13.15 16.18 -15.36
N LEU D 1000 -13.50 16.53 -14.12
CA LEU D 1000 -14.91 16.57 -13.76
C LEU D 1000 -15.60 17.76 -14.41
N ILE D 1001 -14.90 18.89 -14.48
CA ILE D 1001 -15.51 20.05 -15.14
C ILE D 1001 -15.49 19.81 -16.65
N ILE D 1002 -14.52 19.04 -17.16
CA ILE D 1002 -14.51 18.72 -18.59
C ILE D 1002 -15.76 17.90 -18.92
N ARG D 1003 -16.15 17.00 -18.02
CA ARG D 1003 -17.35 16.20 -18.25
C ARG D 1003 -18.62 17.04 -18.13
N ARG D 1004 -18.83 17.67 -16.95
CA ARG D 1004 -20.06 18.44 -16.71
C ARG D 1004 -20.17 19.67 -17.61
N ARG D 1005 -19.06 20.37 -17.87
CA ARG D 1005 -19.10 21.57 -18.73
C ARG D 1005 -18.35 21.27 -20.02
N PRO D 1006 -19.01 20.71 -21.04
CA PRO D 1006 -18.31 20.46 -22.29
C PRO D 1006 -18.22 21.69 -23.19
N GLY D 1007 -18.51 22.88 -22.67
CA GLY D 1007 -18.43 24.02 -23.56
C GLY D 1007 -17.06 24.50 -23.99
N GLY D 1008 -16.39 25.36 -23.22
CA GLY D 1008 -15.08 25.78 -23.68
C GLY D 1008 -13.89 26.06 -22.79
N TRP D 1009 -14.10 26.60 -21.59
CA TRP D 1009 -12.96 26.97 -20.74
C TRP D 1009 -12.04 25.83 -20.37
N VAL D 1010 -12.53 24.89 -19.56
CA VAL D 1010 -11.70 23.75 -19.16
C VAL D 1010 -11.38 22.85 -20.33
N GLU D 1011 -12.23 22.85 -21.36
CA GLU D 1011 -12.02 21.96 -22.50
C GLU D 1011 -11.04 22.53 -23.53
N LYS D 1012 -11.24 23.77 -23.96
CA LYS D 1012 -10.34 24.32 -24.98
C LYS D 1012 -9.01 24.82 -24.41
N GLU D 1013 -8.84 24.84 -23.09
CA GLU D 1013 -7.59 25.30 -22.49
C GLU D 1013 -6.74 24.21 -21.88
N THR D 1014 -7.34 23.22 -21.24
CA THR D 1014 -6.57 22.15 -20.61
C THR D 1014 -6.72 20.79 -21.24
N TYR D 1015 -7.91 20.43 -21.76
CA TYR D 1015 -8.10 19.14 -22.41
C TYR D 1015 -7.16 19.02 -23.61
N TYR D 1016 -6.17 18.15 -23.51
CA TYR D 1016 -5.22 17.98 -24.60
C TYR D 1016 -5.44 16.68 -25.37
N LYS E 13 2.97 33.43 -44.64
CA LYS E 13 2.21 32.27 -44.20
C LYS E 13 2.41 32.05 -42.70
N LYS E 14 3.29 32.85 -42.10
CA LYS E 14 3.61 32.78 -40.69
C LYS E 14 3.23 34.09 -40.00
N PHE E 15 2.16 34.73 -40.47
CA PHE E 15 1.69 35.98 -39.91
C PHE E 15 0.52 35.75 -38.96
N ILE E 16 0.56 34.63 -38.22
CA ILE E 16 -0.48 34.29 -37.26
C ILE E 16 -0.34 35.26 -36.08
N TRP E 17 0.65 36.17 -36.18
CA TRP E 17 0.89 37.21 -35.20
C TRP E 17 -0.42 37.91 -34.88
N ASN E 18 -1.00 38.51 -35.92
CA ASN E 18 -2.23 39.25 -35.88
C ASN E 18 -3.03 38.97 -37.15
N SER E 19 -4.24 39.50 -37.16
CA SER E 19 -5.17 39.40 -38.26
C SER E 19 -6.22 40.47 -38.00
N GLU E 20 -7.12 40.69 -38.96
CA GLU E 20 -8.11 41.72 -38.66
C GLU E 20 -9.20 41.21 -37.73
N LYS E 21 -9.24 39.90 -37.45
CA LYS E 21 -10.20 39.30 -36.55
C LYS E 21 -9.60 39.04 -35.17
N LYS E 22 -8.52 39.76 -34.83
CA LYS E 22 -7.78 39.72 -33.56
C LYS E 22 -7.15 38.39 -33.13
N GLU E 23 -5.84 38.46 -32.90
CA GLU E 23 -4.91 37.44 -32.40
C GLU E 23 -3.58 38.11 -32.18
N PHE E 24 -2.91 37.82 -31.06
CA PHE E 24 -1.58 38.35 -30.75
C PHE E 24 -0.73 37.19 -30.29
N LEU E 25 0.38 36.93 -30.99
CA LEU E 25 1.31 35.85 -30.68
C LEU E 25 0.65 34.47 -30.76
N GLY E 26 -0.62 34.42 -31.18
CA GLY E 26 -1.33 33.17 -31.29
C GLY E 26 -2.80 33.18 -30.90
N ARG E 27 -3.19 34.00 -29.91
CA ARG E 27 -4.58 34.06 -29.48
C ARG E 27 -5.02 35.52 -29.39
N THR E 28 -6.33 35.72 -29.22
CA THR E 28 -6.88 37.07 -29.15
C THR E 28 -6.48 37.77 -27.86
N GLY E 29 -6.99 38.98 -27.68
CA GLY E 29 -6.72 39.78 -26.51
C GLY E 29 -7.52 39.30 -25.32
N GLY E 30 -8.82 39.08 -25.56
CA GLY E 30 -9.69 38.59 -24.51
C GLY E 30 -9.29 37.21 -24.02
N SER E 31 -8.59 36.45 -24.86
CA SER E 31 -8.10 35.13 -24.47
C SER E 31 -6.80 35.27 -23.68
N TRP E 32 -5.96 36.24 -24.07
CA TRP E 32 -4.71 36.48 -23.35
C TRP E 32 -5.01 36.91 -21.92
N PHE E 33 -6.04 37.75 -21.74
CA PHE E 33 -6.37 38.17 -20.38
C PHE E 33 -6.94 37.03 -19.56
N LYS E 34 -7.79 36.17 -20.18
CA LYS E 34 -8.35 35.06 -19.42
C LYS E 34 -7.26 34.10 -18.95
N ILE E 35 -6.36 33.70 -19.86
CA ILE E 35 -5.29 32.78 -19.48
C ILE E 35 -4.37 33.42 -18.45
N LEU E 36 -3.97 34.67 -18.68
CA LEU E 36 -3.07 35.33 -17.73
C LEU E 36 -3.72 35.46 -16.35
N LEU E 37 -5.01 35.82 -16.30
CA LEU E 37 -5.68 35.92 -15.01
C LEU E 37 -5.74 34.57 -14.32
N PHE E 38 -6.01 33.50 -15.09
CA PHE E 38 -6.06 32.18 -14.49
C PHE E 38 -4.70 31.79 -13.94
N TYR E 39 -3.66 31.95 -14.74
CA TYR E 39 -2.31 31.59 -14.28
C TYR E 39 -1.90 32.44 -13.09
N VAL E 40 -2.34 33.70 -13.03
CA VAL E 40 -1.99 34.52 -11.87
C VAL E 40 -2.68 33.99 -10.63
N ILE E 41 -3.95 33.61 -10.73
CA ILE E 41 -4.66 33.08 -9.58
C ILE E 41 -4.10 31.71 -9.19
N PHE E 42 -3.85 30.86 -10.19
CA PHE E 42 -3.32 29.52 -9.96
C PHE E 42 -1.96 29.59 -9.29
N TYR E 43 -1.03 30.34 -9.89
CA TYR E 43 0.31 30.47 -9.30
C TYR E 43 0.26 31.19 -7.98
N GLY E 44 -0.72 32.09 -7.77
CA GLY E 44 -0.83 32.74 -6.48
C GLY E 44 -1.19 31.73 -5.42
N CYS E 45 -2.12 30.82 -5.75
CA CYS E 45 -2.49 29.77 -4.82
C CYS E 45 -1.31 28.82 -4.59
N LEU E 46 -0.58 28.48 -5.65
CA LEU E 46 0.58 27.60 -5.51
C LEU E 46 1.61 28.22 -4.59
N ALA E 47 1.88 29.51 -4.76
CA ALA E 47 2.84 30.21 -3.91
C ALA E 47 2.36 30.21 -2.47
N GLY E 48 1.07 30.49 -2.25
CA GLY E 48 0.53 30.49 -0.90
C GLY E 48 0.58 29.12 -0.26
N ILE E 49 0.38 28.06 -1.06
CA ILE E 49 0.42 26.70 -0.54
C ILE E 49 1.84 26.33 -0.13
N PHE E 50 2.81 26.60 -1.02
CA PHE E 50 4.20 26.30 -0.69
C PHE E 50 4.63 27.07 0.54
N ILE E 51 4.20 28.33 0.65
CA ILE E 51 4.56 29.14 1.81
C ILE E 51 3.90 28.59 3.07
N GLY E 52 2.64 28.15 2.99
CA GLY E 52 1.99 27.59 4.17
C GLY E 52 2.66 26.32 4.66
N THR E 53 3.04 25.45 3.73
CA THR E 53 3.72 24.21 4.12
C THR E 53 5.10 24.50 4.67
N ILE E 54 5.81 25.44 4.05
CA ILE E 54 7.14 25.77 4.56
C ILE E 54 7.03 26.46 5.92
N GLN E 55 5.91 27.12 6.21
CA GLN E 55 5.73 27.75 7.52
C GLN E 55 5.53 26.69 8.59
N VAL E 56 4.71 25.67 8.29
CA VAL E 56 4.54 24.58 9.25
C VAL E 56 5.89 23.90 9.47
N MET E 57 6.66 23.73 8.40
CA MET E 57 7.98 23.13 8.53
C MET E 57 8.85 24.00 9.43
N LEU E 58 8.71 25.32 9.33
CA LEU E 58 9.47 26.21 10.20
C LEU E 58 9.05 26.01 11.65
N LEU E 59 7.80 25.60 11.86
CA LEU E 59 7.33 25.33 13.22
C LEU E 59 7.83 23.98 13.72
N THR E 60 8.38 23.14 12.84
CA THR E 60 8.89 21.86 13.34
C THR E 60 10.30 21.98 13.92
N ILE E 61 10.98 23.10 13.73
CA ILE E 61 12.33 23.26 14.27
C ILE E 61 12.33 24.38 15.31
N SER E 62 13.25 24.27 16.27
CA SER E 62 13.39 25.24 17.34
C SER E 62 14.47 26.26 16.99
N GLU E 63 14.64 27.26 17.87
CA GLU E 63 15.64 28.29 17.67
C GLU E 63 16.94 28.03 18.41
N PHE E 64 16.94 27.09 19.36
CA PHE E 64 18.12 26.81 20.16
C PHE E 64 18.77 25.47 19.86
N LYS E 65 18.28 24.70 18.88
CA LYS E 65 18.92 23.42 18.61
C LYS E 65 18.49 22.81 17.28
N PRO E 66 19.44 22.31 16.49
CA PRO E 66 19.06 21.66 15.22
C PRO E 66 18.51 20.28 15.53
N THR E 67 17.45 19.91 14.82
CA THR E 67 16.82 18.61 15.07
C THR E 67 17.79 17.46 14.79
N TYR E 68 18.50 17.51 13.66
CA TYR E 68 19.50 16.49 13.32
C TYR E 68 20.91 17.06 13.42
N GLN E 69 21.77 16.36 14.16
CA GLN E 69 23.17 16.74 14.30
C GLN E 69 24.09 15.57 13.96
N ASP E 70 23.56 14.51 13.34
CA ASP E 70 24.37 13.33 13.03
C ASP E 70 25.27 13.50 11.82
N ARG E 71 24.98 14.45 10.93
CA ARG E 71 25.81 14.65 9.74
C ARG E 71 27.09 15.43 10.05
N VAL E 72 27.31 15.81 11.31
CA VAL E 72 28.50 16.54 11.73
C VAL E 72 29.11 15.79 12.90
N ALA E 73 28.92 14.45 12.93
CA ALA E 73 29.43 13.59 13.99
C ALA E 73 30.93 13.80 14.21
N PRO E 74 31.82 13.54 13.24
CA PRO E 74 33.24 13.79 13.48
C PRO E 74 33.57 15.23 13.13
N PRO E 75 33.91 16.06 14.12
CA PRO E 75 34.21 17.47 13.82
C PRO E 75 35.45 17.61 12.94
N GLY E 76 35.46 18.70 12.16
CA GLY E 76 36.56 18.98 11.27
C GLY E 76 37.73 19.64 11.98
N LEU E 77 38.78 19.88 11.19
CA LEU E 77 40.01 20.50 11.68
C LEU E 77 40.49 21.46 10.59
N THR E 78 40.15 22.74 10.74
CA THR E 78 40.53 23.73 9.73
C THR E 78 41.77 24.50 10.15
N GLN E 79 42.24 25.36 9.25
CA GLN E 79 43.41 26.18 9.47
C GLN E 79 43.09 27.63 9.13
N ILE E 80 44.02 28.52 9.47
CA ILE E 80 43.84 29.94 9.19
C ILE E 80 44.11 30.25 7.72
N PRO E 81 45.23 29.80 7.08
CA PRO E 81 45.41 30.14 5.66
C PRO E 81 44.57 29.24 4.76
N GLN E 82 43.32 29.62 4.52
CA GLN E 82 42.43 28.84 3.68
C GLN E 82 42.95 28.92 2.25
N SER E 83 43.94 28.07 1.98
CA SER E 83 44.59 28.02 0.67
C SER E 83 43.66 27.42 -0.38
N GLN E 84 43.96 27.75 -1.64
CA GLN E 84 43.17 27.25 -2.76
C GLN E 84 43.27 25.73 -2.90
N LYS E 85 44.40 25.14 -2.47
CA LYS E 85 44.57 23.69 -2.54
C LYS E 85 45.29 23.19 -1.30
N THR E 86 45.11 23.87 -0.16
CA THR E 86 45.76 23.55 1.12
C THR E 86 47.28 23.57 0.98
N GLU E 87 47.78 24.41 0.08
CA GLU E 87 49.20 24.53 -0.18
C GLU E 87 49.68 25.92 0.19
N ILE E 88 50.84 25.99 0.83
CA ILE E 88 51.44 27.25 1.26
C ILE E 88 52.74 27.42 0.48
N SER E 89 52.66 28.13 -0.64
CA SER E 89 53.80 28.40 -1.51
C SER E 89 53.99 29.91 -1.60
N PHE E 90 55.16 30.38 -1.18
CA PHE E 90 55.47 31.80 -1.19
C PHE E 90 56.98 31.97 -1.22
N ARG E 91 57.41 33.23 -1.19
CA ARG E 91 58.83 33.57 -1.19
C ARG E 91 59.17 34.26 0.12
N PRO E 92 60.23 33.83 0.81
CA PRO E 92 60.60 34.47 2.09
C PRO E 92 60.98 35.93 1.95
N ASN E 93 61.24 36.42 0.73
CA ASN E 93 61.64 37.80 0.50
C ASN E 93 60.49 38.68 0.03
N ASP E 94 59.85 38.31 -1.08
CA ASP E 94 58.75 39.09 -1.67
C ASP E 94 57.58 39.24 -0.70
N PRO E 95 57.30 40.47 -0.23
CA PRO E 95 56.18 40.65 0.70
C PRO E 95 54.83 40.43 0.04
N GLN E 96 54.72 40.66 -1.26
CA GLN E 96 53.46 40.46 -1.96
C GLN E 96 53.18 38.99 -2.23
N SER E 97 54.21 38.14 -2.16
CA SER E 97 54.02 36.72 -2.42
C SER E 97 53.18 36.06 -1.31
N TYR E 98 53.36 36.48 -0.07
CA TYR E 98 52.62 35.92 1.06
C TYR E 98 51.53 36.86 1.57
N GLU E 99 51.10 37.82 0.75
CA GLU E 99 50.05 38.74 1.18
C GLU E 99 48.72 38.03 1.37
N SER E 100 48.38 37.09 0.47
CA SER E 100 47.12 36.37 0.56
C SER E 100 47.01 35.56 1.86
N TYR E 101 48.14 35.13 2.41
CA TYR E 101 48.11 34.36 3.66
C TYR E 101 47.87 35.28 4.85
N VAL E 102 48.78 36.25 5.04
CA VAL E 102 48.71 37.20 6.14
C VAL E 102 47.37 37.91 6.19
N VAL E 103 46.82 38.27 5.03
CA VAL E 103 45.52 38.97 5.01
C VAL E 103 44.46 38.12 5.69
N SER E 104 44.41 36.82 5.37
CA SER E 104 43.42 35.95 6.00
C SER E 104 43.73 35.72 7.46
N ILE E 105 45.01 35.72 7.85
CA ILE E 105 45.31 35.50 9.27
C ILE E 105 44.86 36.69 10.10
N VAL E 106 45.14 37.91 9.60
CA VAL E 106 44.75 39.11 10.34
C VAL E 106 43.23 39.22 10.41
N ARG E 107 42.54 38.99 9.28
CA ARG E 107 41.07 39.08 9.32
C ARG E 107 40.49 38.02 10.25
N PHE E 108 41.09 36.83 10.29
CA PHE E 108 40.57 35.79 11.18
C PHE E 108 40.75 36.18 12.64
N LEU E 109 41.95 36.64 13.02
CA LEU E 109 42.22 37.01 14.40
C LEU E 109 41.77 38.43 14.74
N GLU E 110 41.06 39.13 13.84
CA GLU E 110 40.61 40.48 14.15
C GLU E 110 39.58 40.52 15.27
N LYS E 111 38.89 39.43 15.53
CA LYS E 111 37.89 39.36 16.58
C LYS E 111 38.47 38.85 17.91
N TYR E 112 39.77 38.57 17.95
CA TYR E 112 40.43 38.09 19.17
C TYR E 112 41.28 39.14 19.87
N LYS E 113 41.31 40.37 19.37
CA LYS E 113 42.10 41.41 20.00
C LYS E 113 41.53 41.75 21.38
N ASP E 114 42.40 42.31 22.23
CA ASP E 114 41.98 42.68 23.58
C ASP E 114 40.86 43.72 23.58
N LEU E 115 40.79 44.55 22.53
CA LEU E 115 39.73 45.54 22.43
C LEU E 115 38.40 44.91 22.03
N ALA E 116 38.43 43.84 21.24
CA ALA E 116 37.20 43.18 20.82
C ALA E 116 36.52 42.52 22.01
N GLN E 117 37.28 41.90 22.89
CA GLN E 117 36.74 41.25 24.09
C GLN E 117 36.97 42.21 25.26
N LYS E 118 36.08 43.19 25.35
CA LYS E 118 36.17 44.19 26.41
C LYS E 118 34.93 44.24 27.30
N ASP E 119 33.76 43.88 26.78
CA ASP E 119 32.56 43.91 27.60
C ASP E 119 32.59 42.75 28.59
N ASP E 120 32.37 43.06 29.87
CA ASP E 120 32.37 42.04 30.90
C ASP E 120 31.02 41.36 31.06
N MET E 121 29.98 41.87 30.39
CA MET E 121 28.64 41.30 30.46
C MET E 121 28.45 40.12 29.51
N ILE E 122 29.38 39.89 28.59
CA ILE E 122 29.26 38.79 27.63
C ILE E 122 30.54 37.96 27.58
N PHE E 123 31.58 38.40 28.27
CA PHE E 123 32.85 37.71 28.31
C PHE E 123 33.17 37.28 29.73
N GLU E 124 33.81 36.13 29.86
CA GLU E 124 34.19 35.55 31.15
C GLU E 124 35.62 35.07 31.09
N ASP E 125 36.44 35.51 32.04
CA ASP E 125 37.85 35.11 32.08
C ASP E 125 37.93 33.67 32.59
N CYS E 126 38.15 32.74 31.67
CA CYS E 126 38.25 31.33 32.02
C CYS E 126 39.43 31.06 32.94
N GLY E 127 40.63 31.28 32.46
CA GLY E 127 41.82 31.06 33.28
C GLY E 127 43.03 30.77 32.43
N ASN E 128 44.20 30.89 33.08
CA ASN E 128 45.48 30.64 32.43
C ASN E 128 45.82 29.15 32.33
N VAL E 129 45.01 28.28 32.91
CA VAL E 129 45.26 26.85 32.88
C VAL E 129 44.00 26.15 32.36
N PRO E 130 44.11 25.22 31.43
CA PRO E 130 42.92 24.53 30.91
C PRO E 130 42.23 23.71 32.00
N SER E 131 40.93 23.95 32.17
CA SER E 131 40.12 23.29 33.19
C SER E 131 39.04 22.42 32.55
N GLU E 132 38.18 21.88 33.39
CA GLU E 132 37.08 21.02 32.98
C GLU E 132 36.05 21.79 32.17
N LEU E 133 35.10 21.05 31.59
CA LEU E 133 34.05 21.66 30.79
C LEU E 133 33.19 22.60 31.60
N LYS E 134 32.67 23.64 30.95
CA LYS E 134 31.83 24.65 31.58
C LYS E 134 30.44 24.59 30.95
N GLU E 135 29.51 23.94 31.65
CA GLU E 135 28.15 23.81 31.18
C GLU E 135 27.29 24.91 31.79
N ARG E 136 26.73 25.77 30.93
CA ARG E 136 25.90 26.89 31.38
C ARG E 136 24.41 26.52 31.23
N GLY E 137 23.96 25.62 32.12
CA GLY E 137 22.59 25.15 32.16
C GLY E 137 22.14 24.40 30.92
N GLU E 138 20.83 24.43 30.67
CA GLU E 138 20.23 23.77 29.53
C GLU E 138 20.28 24.69 28.30
N TYR E 139 19.85 24.16 27.16
CA TYR E 139 19.86 24.91 25.91
C TYR E 139 18.61 25.73 25.67
N ASN E 140 17.67 25.78 26.62
CA ASN E 140 16.47 26.57 26.43
C ASN E 140 16.77 28.05 26.58
N ASN E 141 15.73 28.89 26.47
CA ASN E 141 15.87 30.32 26.61
C ASN E 141 15.48 30.80 28.00
N GLU E 142 15.28 29.88 28.95
CA GLU E 142 14.91 30.27 30.31
C GLU E 142 16.00 31.14 30.93
N ARG E 143 17.26 30.87 30.60
CA ARG E 143 18.38 31.68 31.06
C ARG E 143 18.69 32.73 30.01
N GLY E 144 19.37 33.79 30.43
CA GLY E 144 19.71 34.85 29.50
C GLY E 144 20.78 34.46 28.50
N GLU E 145 21.40 35.45 27.87
CA GLU E 145 22.45 35.19 26.91
C GLU E 145 23.69 34.70 27.67
N ARG E 146 24.09 33.45 27.40
CA ARG E 146 25.23 32.85 28.08
C ARG E 146 26.52 33.64 27.86
N LYS E 147 27.51 33.35 28.69
CA LYS E 147 28.81 34.01 28.60
C LYS E 147 29.75 33.17 27.76
N VAL E 148 30.70 33.86 27.12
CA VAL E 148 31.70 33.22 26.27
C VAL E 148 33.06 33.47 26.89
N CYS E 149 33.82 32.39 27.10
CA CYS E 149 35.13 32.53 27.69
C CYS E 149 36.11 33.22 26.73
N ARG E 150 36.90 34.14 27.28
CA ARG E 150 37.87 34.91 26.51
C ARG E 150 39.05 34.04 26.07
N PHE E 151 39.69 34.46 24.98
CA PHE E 151 40.86 33.78 24.43
C PHE E 151 41.73 34.84 23.75
N ARG E 152 42.70 35.37 24.50
CA ARG E 152 43.59 36.39 23.99
C ARG E 152 44.63 35.81 23.04
N LEU E 153 45.10 36.63 22.10
CA LEU E 153 46.09 36.19 21.12
C LEU E 153 47.42 35.82 21.75
N GLU E 154 47.68 36.28 22.98
CA GLU E 154 48.93 35.98 23.66
C GLU E 154 49.12 34.48 23.90
N TRP E 155 48.03 33.71 23.97
CA TRP E 155 48.14 32.28 24.19
C TRP E 155 48.91 31.59 23.08
N LEU E 156 48.77 32.07 21.85
CA LEU E 156 49.49 31.51 20.71
C LEU E 156 50.82 32.23 20.64
N GLY E 157 51.79 31.73 21.39
CA GLY E 157 53.11 32.36 21.39
C GLY E 157 53.78 32.24 20.03
N ASN E 158 54.57 33.26 19.71
CA ASN E 158 55.33 33.36 18.47
C ASN E 158 54.49 33.39 17.19
N CYS E 159 53.16 33.36 17.26
CA CYS E 159 52.32 33.39 16.07
C CYS E 159 51.12 34.33 16.27
N SER E 160 51.37 35.56 16.68
CA SER E 160 50.30 36.55 16.85
C SER E 160 50.68 37.93 16.36
N GLY E 161 51.97 38.23 16.29
CA GLY E 161 52.49 39.50 15.88
C GLY E 161 52.51 40.54 17.00
N GLY E 168 52.33 41.37 10.62
CA GLY E 168 53.70 40.99 10.91
C GLY E 168 53.81 39.55 11.37
N TYR E 169 53.53 38.64 10.44
CA TYR E 169 53.53 37.20 10.68
C TYR E 169 54.88 36.58 10.31
N LYS E 170 54.89 35.27 10.13
CA LYS E 170 56.10 34.51 9.85
C LYS E 170 56.33 34.26 8.35
N ASP E 171 57.50 34.68 7.86
CA ASP E 171 57.92 34.45 6.48
C ASP E 171 58.83 33.23 6.42
N GLY E 172 59.96 33.27 7.11
CA GLY E 172 60.79 32.09 7.23
C GLY E 172 60.17 31.36 8.41
N LYS E 173 60.11 30.02 8.33
CA LYS E 173 59.51 29.24 9.41
C LYS E 173 58.07 29.72 9.61
N PRO E 174 57.16 29.42 8.69
CA PRO E 174 55.78 29.94 8.80
C PRO E 174 54.98 29.33 9.94
N CYS E 175 53.86 30.00 10.22
CA CYS E 175 52.90 29.63 11.24
C CYS E 175 51.57 29.24 10.60
N VAL E 176 50.95 28.19 11.13
CA VAL E 176 49.66 27.71 10.66
C VAL E 176 48.87 27.29 11.89
N ILE E 177 47.89 28.11 12.31
CA ILE E 177 47.09 27.74 13.47
C ILE E 177 45.98 26.82 13.01
N ILE E 178 45.52 25.99 13.93
CA ILE E 178 44.45 25.03 13.65
C ILE E 178 43.26 25.40 14.52
N LYS E 179 42.07 25.02 14.07
CA LYS E 179 40.84 25.30 14.77
C LYS E 179 39.92 24.09 14.69
N LEU E 180 39.21 23.83 15.78
CA LEU E 180 38.26 22.73 15.87
C LEU E 180 36.89 23.22 15.42
N ASN E 181 36.25 22.45 14.54
CA ASN E 181 34.93 22.81 14.01
C ASN E 181 33.92 23.01 15.12
N ARG E 182 33.42 24.24 15.21
CA ARG E 182 32.42 24.61 16.20
C ARG E 182 31.16 23.79 16.00
N VAL E 183 30.79 22.98 16.99
CA VAL E 183 29.60 22.14 16.93
C VAL E 183 28.77 22.41 18.17
N LEU E 184 27.45 22.52 17.98
CA LEU E 184 26.55 22.80 19.09
C LEU E 184 26.44 21.60 20.02
N GLY E 185 26.56 21.87 21.33
CA GLY E 185 26.47 20.85 22.35
C GLY E 185 27.52 19.75 22.33
N PHE E 186 28.52 19.88 21.46
CA PHE E 186 29.56 18.87 21.38
C PHE E 186 30.51 18.99 22.57
N LYS E 187 30.74 17.88 23.25
CA LYS E 187 31.63 17.85 24.41
C LYS E 187 32.88 17.05 24.05
N PRO E 188 34.02 17.70 23.85
CA PRO E 188 35.24 16.96 23.49
C PRO E 188 35.67 16.01 24.59
N LYS E 189 36.09 14.81 24.18
CA LYS E 189 36.55 13.79 25.12
C LYS E 189 37.95 13.35 24.67
N PRO E 190 39.00 13.82 25.34
CA PRO E 190 40.35 13.43 24.97
C PRO E 190 40.58 11.96 25.26
N PRO E 191 41.60 11.35 24.66
CA PRO E 191 41.85 9.92 24.93
C PRO E 191 42.25 9.70 26.38
N LYS E 192 42.04 8.46 26.83
CA LYS E 192 42.36 8.06 28.19
C LYS E 192 43.86 8.19 28.46
N ASN E 193 44.23 8.09 29.74
CA ASN E 193 45.64 8.14 30.07
C ASN E 193 46.38 6.97 29.43
N GLU E 194 45.63 5.91 29.09
CA GLU E 194 46.14 4.75 28.38
C GLU E 194 46.13 5.14 26.89
N SER E 195 47.07 6.03 26.55
CA SER E 195 47.19 6.56 25.20
C SER E 195 47.95 5.59 24.32
N LEU E 196 47.31 5.14 23.24
CA LEU E 196 47.88 4.17 22.30
C LEU E 196 48.88 4.84 21.35
N GLU E 197 50.06 5.17 21.88
CA GLU E 197 51.14 5.76 21.10
C GLU E 197 50.75 7.05 20.38
N THR E 198 50.65 8.17 21.12
CA THR E 198 50.26 9.44 20.54
C THR E 198 51.41 10.42 20.38
N TYR E 199 52.62 9.92 20.09
CA TYR E 199 53.83 10.73 19.84
C TYR E 199 54.19 11.60 21.04
N PRO E 200 55.26 12.41 20.98
CA PRO E 200 55.55 13.31 22.12
C PRO E 200 54.40 14.25 22.39
N VAL E 201 53.90 14.23 23.62
CA VAL E 201 52.79 15.07 24.05
C VAL E 201 52.93 15.29 25.55
N MET E 202 52.43 16.43 26.02
CA MET E 202 52.54 16.75 27.44
C MET E 202 51.60 15.87 28.27
N LYS E 203 51.84 15.87 29.58
CA LYS E 203 51.08 15.10 30.55
C LYS E 203 49.75 15.74 30.91
N TYR E 204 49.26 16.69 30.11
CA TYR E 204 47.98 17.34 30.38
C TYR E 204 46.85 16.62 29.66
N ASN E 205 46.87 15.30 29.75
CA ASN E 205 45.85 14.47 29.12
C ASN E 205 44.40 14.74 29.51
N PRO E 206 44.03 15.10 30.79
CA PRO E 206 42.60 15.25 31.08
C PRO E 206 41.87 16.52 30.65
N TYR E 207 42.50 17.70 30.60
CA TYR E 207 41.67 18.84 30.23
C TYR E 207 42.08 19.59 28.97
N VAL E 208 42.41 18.86 27.91
CA VAL E 208 42.76 19.47 26.63
C VAL E 208 42.69 18.40 25.56
N LEU E 209 42.15 18.77 24.40
CA LEU E 209 41.99 17.88 23.26
C LEU E 209 43.32 17.92 22.51
N PRO E 210 44.08 16.82 22.55
CA PRO E 210 45.38 16.78 21.86
C PRO E 210 45.25 16.84 20.35
N VAL E 211 46.25 17.46 19.72
CA VAL E 211 46.35 17.60 18.28
C VAL E 211 47.82 17.46 17.93
N HIS E 212 48.18 16.45 17.13
CA HIS E 212 49.57 16.25 16.77
C HIS E 212 49.74 16.25 15.26
N CYS E 213 50.73 16.99 14.77
CA CYS E 213 51.05 17.08 13.36
C CYS E 213 52.22 16.15 13.06
N THR E 214 52.35 15.80 11.78
CA THR E 214 53.43 14.92 11.33
C THR E 214 53.44 14.97 9.80
N GLY E 215 54.39 14.30 9.19
CA GLY E 215 54.45 14.25 7.74
C GLY E 215 53.40 13.27 7.24
N LYS E 216 53.61 12.75 6.05
CA LYS E 216 52.68 11.78 5.49
C LYS E 216 53.34 10.47 5.08
N ARG E 217 54.62 10.50 4.74
CA ARG E 217 55.35 9.30 4.34
C ARG E 217 56.78 9.42 4.85
N ASP E 218 57.61 8.45 4.47
CA ASP E 218 59.01 8.45 4.90
C ASP E 218 59.78 9.67 4.40
N GLU E 219 59.32 10.29 3.31
CA GLU E 219 59.97 11.46 2.74
C GLU E 219 59.57 12.75 3.46
N ASP E 220 58.25 12.97 3.59
CA ASP E 220 57.75 14.17 4.26
C ASP E 220 58.17 14.23 5.72
N LYS E 221 58.13 13.09 6.41
CA LYS E 221 58.52 13.06 7.81
C LYS E 221 59.98 13.43 8.00
N GLU E 222 60.83 13.19 6.99
CA GLU E 222 62.24 13.54 7.12
C GLU E 222 62.51 15.00 6.74
N LYS E 223 61.82 15.51 5.72
CA LYS E 223 62.04 16.89 5.31
C LYS E 223 61.64 17.88 6.41
N VAL E 224 60.53 17.63 7.10
CA VAL E 224 60.05 18.50 8.18
C VAL E 224 60.92 18.22 9.41
N GLY E 225 61.86 19.12 9.69
CA GLY E 225 62.75 18.95 10.82
C GLY E 225 62.16 19.09 12.21
N THR E 226 61.75 20.29 12.59
CA THR E 226 61.21 20.54 13.92
C THR E 226 59.93 21.37 13.85
N MET E 227 58.97 21.02 14.71
CA MET E 227 57.69 21.70 14.81
C MET E 227 57.49 22.17 16.25
N GLU E 228 56.98 23.39 16.42
CA GLU E 228 56.71 23.96 17.73
C GLU E 228 55.24 24.32 17.81
N TYR E 229 54.55 23.74 18.79
CA TYR E 229 53.13 23.98 19.01
C TYR E 229 52.91 25.06 20.06
N PHE E 230 51.79 25.77 19.94
CA PHE E 230 51.44 26.83 20.88
C PHE E 230 49.97 26.77 21.21
N GLY E 231 49.64 26.88 22.50
CA GLY E 231 48.27 26.84 22.93
C GLY E 231 48.08 27.51 24.27
N LEU E 232 46.94 27.21 24.90
CA LEU E 232 46.60 27.78 26.21
C LEU E 232 47.55 27.21 27.25
N GLY E 233 48.38 28.08 27.83
CA GLY E 233 49.32 27.63 28.85
C GLY E 233 50.45 26.80 28.32
N GLY E 234 50.57 26.64 27.00
CA GLY E 234 51.62 25.84 26.42
C GLY E 234 51.25 24.42 26.05
N TYR E 235 49.97 24.11 25.91
CA TYR E 235 49.57 22.76 25.57
C TYR E 235 49.08 22.68 24.13
N PRO E 236 49.54 21.69 23.36
CA PRO E 236 49.14 21.54 21.94
C PRO E 236 47.75 20.94 21.76
N GLY E 237 46.73 21.75 22.02
CA GLY E 237 45.38 21.26 21.89
C GLY E 237 44.36 22.32 22.23
N PHE E 238 43.14 21.86 22.47
CA PHE E 238 42.03 22.75 22.81
C PHE E 238 41.56 22.54 24.24
N PRO E 239 41.49 23.60 25.06
CA PRO E 239 41.04 23.42 26.45
C PRO E 239 39.56 23.10 26.53
N LEU E 240 39.21 22.21 27.47
CA LEU E 240 37.83 21.81 27.67
C LEU E 240 36.97 22.89 28.31
N GLN E 241 37.58 23.96 28.84
CA GLN E 241 36.83 25.03 29.48
C GLN E 241 36.04 25.89 28.51
N TYR E 242 36.21 25.71 27.21
CA TYR E 242 35.50 26.50 26.20
C TYR E 242 34.33 25.77 25.56
N TYR E 243 34.01 24.57 26.00
CA TYR E 243 32.92 23.78 25.42
C TYR E 243 31.88 23.44 26.48
N PRO E 244 30.63 23.14 26.06
CA PRO E 244 30.10 23.07 24.69
C PRO E 244 29.57 24.39 24.13
N TYR E 245 29.24 24.37 22.84
CA TYR E 245 28.70 25.53 22.15
C TYR E 245 27.19 25.57 22.32
N TYR E 246 26.64 26.77 22.52
CA TYR E 246 25.21 26.94 22.74
C TYR E 246 24.52 27.69 21.60
N GLY E 247 24.96 27.44 20.37
CA GLY E 247 24.35 28.07 19.21
C GLY E 247 24.68 29.54 19.03
N LYS E 248 24.50 30.04 17.80
CA LYS E 248 24.78 31.45 17.53
C LYS E 248 23.75 32.36 18.18
N LEU E 249 22.51 31.88 18.31
CA LEU E 249 21.45 32.67 18.91
C LEU E 249 21.70 32.94 20.39
N LEU E 250 22.13 31.93 21.14
CA LEU E 250 22.38 32.09 22.57
C LEU E 250 23.78 32.56 22.93
N GLN E 251 24.78 32.32 22.09
CA GLN E 251 26.16 32.73 22.36
C GLN E 251 26.77 33.45 21.17
N PRO E 252 26.36 34.68 20.89
CA PRO E 252 26.97 35.42 19.78
C PRO E 252 28.34 35.91 20.20
N LYS E 253 29.20 36.14 19.20
CA LYS E 253 30.57 36.60 19.42
C LYS E 253 31.36 35.58 20.25
N TYR E 254 31.09 34.30 20.00
CA TYR E 254 31.77 33.21 20.70
C TYR E 254 33.13 32.99 20.07
N LEU E 255 34.13 32.69 20.90
CA LEU E 255 35.50 32.48 20.42
C LEU E 255 35.94 31.06 20.74
N GLN E 256 35.94 30.20 19.72
CA GLN E 256 36.37 28.83 19.87
C GLN E 256 37.88 28.80 20.14
N PRO E 257 38.38 27.77 20.82
CA PRO E 257 39.82 27.71 21.10
C PRO E 257 40.66 27.63 19.84
N LEU E 258 41.88 28.14 19.94
CA LEU E 258 42.83 28.13 18.83
C LEU E 258 44.14 27.52 19.31
N MET E 259 44.91 27.00 18.35
CA MET E 259 46.20 26.38 18.65
C MET E 259 47.07 26.52 17.41
N ALA E 260 48.20 27.19 17.56
CA ALA E 260 49.09 27.40 16.42
C ALA E 260 50.17 26.33 16.32
N VAL E 261 50.72 26.19 15.11
CA VAL E 261 51.76 25.23 14.79
C VAL E 261 52.78 25.92 13.88
N GLN E 262 54.04 25.94 14.29
CA GLN E 262 55.12 26.56 13.52
C GLN E 262 56.10 25.48 13.08
N PHE E 263 56.55 25.56 11.83
CA PHE E 263 57.49 24.60 11.27
C PHE E 263 58.84 25.28 11.14
N THR E 264 59.70 25.08 12.14
CA THR E 264 61.00 25.72 12.18
C THR E 264 61.97 25.16 11.13
N ASN E 265 62.29 23.87 11.23
CA ASN E 265 63.27 23.30 10.32
C ASN E 265 62.64 22.66 9.08
N LEU E 266 62.38 23.48 8.08
CA LEU E 266 61.83 23.01 6.83
C LEU E 266 62.91 23.02 5.75
N THR E 267 62.69 22.22 4.72
CA THR E 267 63.62 22.14 3.60
C THR E 267 63.11 23.13 2.56
N MET E 268 63.72 24.31 2.52
CA MET E 268 63.29 25.36 1.60
C MET E 268 63.35 24.88 0.15
N ASP E 269 62.45 25.44 -0.68
CA ASP E 269 62.31 25.10 -2.09
C ASP E 269 61.93 23.64 -2.27
N THR E 270 61.06 23.14 -1.38
CA THR E 270 60.61 21.76 -1.44
C THR E 270 59.20 21.68 -0.88
N GLU E 271 58.29 21.12 -1.67
CA GLU E 271 56.90 20.96 -1.25
C GLU E 271 56.77 19.70 -0.42
N ILE E 272 56.42 19.85 0.85
CA ILE E 272 56.28 18.74 1.77
C ILE E 272 54.86 18.72 2.34
N ARG E 273 54.36 17.50 2.52
CA ARG E 273 53.00 17.26 3.02
C ARG E 273 53.00 17.04 4.53
N ILE E 274 52.09 17.72 5.21
CA ILE E 274 51.92 17.66 6.66
C ILE E 274 50.47 17.26 6.95
N GLU E 275 50.30 16.36 7.92
CA GLU E 275 49.01 15.87 8.37
C GLU E 275 48.89 16.14 9.86
N CYS E 276 48.03 17.07 10.22
CA CYS E 276 47.77 17.43 11.61
C CYS E 276 46.53 16.65 12.02
N LYS E 277 46.73 15.59 12.79
CA LYS E 277 45.64 14.72 13.22
C LYS E 277 45.25 15.04 14.66
N ALA E 278 43.97 15.33 14.86
CA ALA E 278 43.42 15.62 16.19
C ALA E 278 42.99 14.29 16.79
N TYR E 279 43.41 14.02 18.02
CA TYR E 279 43.09 12.77 18.68
C TYR E 279 42.03 12.94 19.77
N GLY E 280 41.27 11.88 19.99
CA GLY E 280 40.22 11.87 20.99
C GLY E 280 39.22 10.78 20.71
N GLU E 281 38.38 10.51 21.72
CA GLU E 281 37.35 9.49 21.59
C GLU E 281 36.17 10.00 20.78
N ASN E 282 35.76 11.25 21.01
CA ASN E 282 34.66 11.87 20.29
C ASN E 282 35.10 12.48 18.98
N ILE E 283 36.30 12.17 18.52
CA ILE E 283 36.85 12.70 17.28
C ILE E 283 36.98 11.56 16.29
N GLY E 284 36.13 11.58 15.26
CA GLY E 284 36.15 10.57 14.24
C GLY E 284 37.02 10.98 13.06
N TYR E 285 37.17 10.06 12.12
CA TYR E 285 37.98 10.27 10.92
C TYR E 285 37.19 9.80 9.71
N SER E 286 37.77 10.00 8.52
CA SER E 286 37.09 9.61 7.29
C SER E 286 38.10 9.48 6.17
N GLU E 287 38.09 8.33 5.48
CA GLU E 287 38.99 8.12 4.35
C GLU E 287 38.54 8.90 3.13
N LYS E 288 37.30 9.38 3.13
CA LYS E 288 36.74 10.16 2.04
C LYS E 288 36.85 11.66 2.29
N ASP E 289 36.79 12.08 3.55
CA ASP E 289 36.89 13.48 3.96
C ASP E 289 38.21 13.60 4.72
N ARG E 290 39.24 14.14 4.06
CA ARG E 290 40.52 14.31 4.72
C ARG E 290 40.52 15.40 5.78
N PHE E 291 39.37 16.05 6.01
CA PHE E 291 39.27 17.11 7.01
C PHE E 291 38.56 16.67 8.28
N GLN E 292 37.77 15.59 8.25
CA GLN E 292 37.08 15.11 9.44
C GLN E 292 38.12 14.58 10.43
N GLY E 293 38.35 15.32 11.51
CA GLY E 293 39.31 14.92 12.51
C GLY E 293 40.73 15.29 12.17
N ARG E 294 41.20 14.86 11.00
CA ARG E 294 42.57 15.16 10.58
C ARG E 294 42.58 16.45 9.76
N PHE E 295 43.76 16.79 9.23
CA PHE E 295 43.95 18.00 8.45
C PHE E 295 45.27 17.91 7.68
N ASP E 296 45.26 18.28 6.40
CA ASP E 296 46.45 18.21 5.55
C ASP E 296 46.87 19.59 5.06
N VAL E 297 48.16 19.70 4.74
CA VAL E 297 48.75 20.94 4.24
C VAL E 297 49.98 20.60 3.41
N LYS E 298 50.23 21.40 2.36
CA LYS E 298 51.38 21.22 1.48
C LYS E 298 52.21 22.51 1.54
N ILE E 299 53.22 22.52 2.42
CA ILE E 299 54.05 23.72 2.59
C ILE E 299 55.27 23.66 1.67
N GLU E 300 55.63 24.82 1.11
CA GLU E 300 56.80 24.94 0.23
C GLU E 300 57.30 26.37 0.32
N VAL E 301 58.35 26.58 1.11
CA VAL E 301 58.94 27.92 1.28
C VAL E 301 60.07 28.01 0.26
N LYS E 302 59.71 28.38 -0.97
CA LYS E 302 60.66 28.51 -2.06
C LYS E 302 61.32 29.88 -2.04
N SER E 303 62.64 29.90 -1.94
CA SER E 303 63.40 31.15 -1.91
C SER E 303 63.79 31.61 -3.31
N ASP F 17 24.43 9.79 22.60
CA ASP F 17 24.73 11.10 22.06
C ASP F 17 23.85 11.40 20.85
N PRO F 18 23.50 12.67 20.63
CA PRO F 18 22.67 13.02 19.48
C PRO F 18 23.43 12.99 18.16
N PHE F 19 24.72 12.65 18.17
CA PHE F 19 25.55 12.61 16.98
C PHE F 19 25.64 11.23 16.35
N TYR F 20 24.62 10.39 16.53
CA TYR F 20 24.64 9.05 15.94
C TYR F 20 23.24 8.72 15.44
N TYR F 21 23.18 8.10 14.26
CA TYR F 21 21.94 7.72 13.62
C TYR F 21 22.04 6.25 13.22
N ASP F 22 21.06 5.45 13.63
CA ASP F 22 21.01 4.04 13.27
C ASP F 22 20.66 3.91 11.80
N TYR F 23 21.66 4.00 10.92
CA TYR F 23 21.43 3.92 9.48
C TYR F 23 21.23 2.49 8.98
N GLU F 24 21.74 1.49 9.69
CA GLU F 24 21.58 0.11 9.22
C GLU F 24 20.14 -0.36 9.35
N THR F 25 19.44 0.03 10.41
CA THR F 25 18.05 -0.40 10.58
C THR F 25 17.16 0.21 9.49
N VAL F 26 17.32 1.51 9.24
CA VAL F 26 16.53 2.18 8.21
C VAL F 26 16.88 1.65 6.82
N ARG F 27 18.18 1.49 6.54
CA ARG F 27 18.62 0.97 5.25
C ARG F 27 18.11 -0.45 5.00
N ASN F 28 18.18 -1.31 6.04
CA ASN F 28 17.71 -2.67 5.91
C ASN F 28 16.20 -2.70 5.68
N GLY F 29 15.46 -1.83 6.39
CA GLY F 29 14.03 -1.76 6.18
C GLY F 29 13.70 -1.34 4.77
N GLY F 30 14.51 -0.44 4.21
CA GLY F 30 14.28 0.01 2.84
C GLY F 30 14.51 -1.10 1.83
N LEU F 31 15.54 -1.91 2.05
CA LEU F 31 15.80 -3.01 1.11
C LEU F 31 14.69 -4.07 1.23
N ILE F 32 14.15 -4.26 2.44
CA ILE F 32 13.05 -5.22 2.60
C ILE F 32 11.79 -4.69 1.93
N PHE F 33 11.52 -3.38 2.06
CA PHE F 33 10.37 -2.80 1.38
C PHE F 33 10.49 -2.96 -0.12
N ALA F 34 11.70 -2.74 -0.65
CA ALA F 34 11.91 -2.89 -2.09
C ALA F 34 11.64 -4.32 -2.52
N ALA F 35 12.05 -5.29 -1.70
CA ALA F 35 11.80 -6.69 -2.05
C ALA F 35 10.31 -7.02 -2.04
N LEU F 36 9.59 -6.56 -1.01
CA LEU F 36 8.16 -6.87 -0.95
C LEU F 36 7.37 -6.17 -2.05
N ALA F 37 7.65 -4.89 -2.29
CA ALA F 37 6.93 -4.17 -3.33
C ALA F 37 7.22 -4.74 -4.70
N PHE F 38 8.45 -5.22 -4.93
CA PHE F 38 8.76 -5.79 -6.24
C PHE F 38 8.11 -7.15 -6.44
N ILE F 39 8.11 -8.01 -5.41
CA ILE F 39 7.46 -9.29 -5.63
C ILE F 39 5.95 -9.11 -5.72
N VAL F 40 5.39 -8.12 -5.00
CA VAL F 40 3.96 -7.88 -5.09
C VAL F 40 3.61 -7.42 -6.51
N GLY F 41 4.42 -6.51 -7.08
CA GLY F 41 4.16 -6.08 -8.45
C GLY F 41 4.28 -7.23 -9.44
N LEU F 42 5.23 -8.14 -9.18
CA LEU F 42 5.38 -9.29 -10.06
C LEU F 42 4.17 -10.21 -9.97
N ILE F 43 3.62 -10.37 -8.76
CA ILE F 43 2.42 -11.17 -8.61
C ILE F 43 1.26 -10.49 -9.31
N ILE F 44 1.26 -9.16 -9.33
CA ILE F 44 0.19 -8.41 -9.97
C ILE F 44 0.22 -8.62 -11.49
N ILE F 45 1.40 -8.67 -12.10
CA ILE F 45 1.35 -8.90 -13.54
C ILE F 45 1.14 -10.37 -13.86
N LEU F 46 1.22 -11.23 -12.85
CA LEU F 46 0.97 -12.66 -13.03
C LEU F 46 -0.37 -12.98 -12.40
N SER F 47 -1.42 -12.56 -13.11
CA SER F 47 -2.81 -12.70 -12.72
C SER F 47 -3.33 -14.11 -12.87
N LYS F 48 -2.47 -15.04 -13.30
CA LYS F 48 -2.81 -16.45 -13.48
C LYS F 48 -3.98 -16.63 -14.42
#